data_4LN6
#
_entry.id   4LN6
#
_cell.length_a   154.023
_cell.length_b   152.834
_cell.length_c   155.303
_cell.angle_alpha   90.00
_cell.angle_beta   90.00
_cell.angle_gamma   90.00
#
_symmetry.space_group_name_H-M   'P 21 21 21'
#
loop_
_entity.id
_entity.type
_entity.pdbx_description
1 polymer Hemagglutinin
2 polymer Hemagglutinin
3 branched 2-acetamido-2-deoxy-beta-D-glucopyranose-(1-4)-2-acetamido-2-deoxy-beta-D-glucopyranose
4 branched beta-D-mannopyranose-(1-4)-2-acetamido-2-deoxy-beta-D-glucopyranose-(1-4)-2-acetamido-2-deoxy-beta-D-glucopyranose
5 branched beta-D-mannopyranose-(1-4)-2-acetamido-2-deoxy-beta-D-glucopyranose-(1-4)-[alpha-L-fucopyranose-(1-6)]2-acetamido-2-deoxy-beta-D-glucopyranose
6 non-polymer 'CALCIUM ION'
7 non-polymer 2-acetamido-2-deoxy-beta-D-glucopyranose
8 water water
#
loop_
_entity_poly.entity_id
_entity_poly.type
_entity_poly.pdbx_seq_one_letter_code
_entity_poly.pdbx_strand_id
1 'polypeptide(L)'
;ADPGDKICLGHHAVSNGTKVNTLTERGVEVVNATETVERTNIPRICSKGKRTVDLGQCGLLGTITGPPQCDQFLEFSADL
IIERREGSDVCYPGKFVNEEALRQILRESGGIDKEAMGFTYSGIRTNGATSACRRSGSSFYAEMKWLLSNTDNAAFPQMT
KSYKNTRKSPALIVWGIHHSVSTAEQTKLYGSGNKLVTVGSSNYQQSFVPSPGARPQVNGLSGRIDFHWLMLNPNDTVTF
SFNGAFIAPDRASFLRGKSMGIQSGVQVDANCEGDCYHSGGTIISNLPFQNIDSRAVGKCPRYVKQRSLLLATGMKNVPE
IPKGR
;
A,C,E,G,I,K
2 'polypeptide(L)'
;GLFGAIAGFIENGWEGLIDGWYGFRHQNAQGEGTAADYKSTQSAIDQITGKLNRLIEKTNQQFELIDNEFNEVEKQIGNV
INWTRDSITEVWSYNAELLVAMENQHTIDLADSEMDKLYERVKRQLRENAEEDGTGCFEIFHKCDDDCMASIRNNTYDHS
KYREEAMQNRIQIDSGRLVPR
;
B,D,F,H,J,L
#
# COMPACT_ATOMS: atom_id res chain seq x y z
N ASP A 5 45.75 -0.52 37.48
CA ASP A 5 44.37 0.03 37.38
C ASP A 5 43.91 0.31 35.94
N LYS A 6 42.61 0.28 35.72
CA LYS A 6 42.15 0.49 34.37
C LYS A 6 40.73 0.95 34.26
N ILE A 7 40.44 1.60 33.15
CA ILE A 7 39.10 2.06 32.83
C ILE A 7 38.79 1.73 31.37
N CYS A 8 37.57 1.22 31.15
CA CYS A 8 37.12 0.76 29.87
C CYS A 8 35.96 1.58 29.43
N LEU A 9 35.86 1.78 28.12
CA LEU A 9 34.66 2.33 27.52
C LEU A 9 33.86 1.19 26.86
N GLY A 10 32.55 1.21 27.00
CA GLY A 10 31.70 0.17 26.46
C GLY A 10 30.31 0.66 26.18
N HIS A 11 29.51 -0.18 25.56
CA HIS A 11 28.16 0.13 25.23
C HIS A 11 27.28 -1.03 25.59
N HIS A 12 25.95 -0.77 25.67
CA HIS A 12 25.06 -1.82 26.07
C HIS A 12 24.83 -2.88 25.00
N ALA A 13 24.26 -3.98 25.46
CA ALA A 13 23.84 -5.08 24.60
C ALA A 13 22.72 -5.83 25.33
N VAL A 14 21.97 -6.63 24.60
CA VAL A 14 20.87 -7.43 25.19
C VAL A 14 21.00 -8.82 24.66
N SER A 15 20.37 -9.78 25.33
CA SER A 15 20.35 -11.14 24.80
C SER A 15 19.23 -11.27 23.73
N ASN A 16 18.09 -10.61 23.93
CA ASN A 16 16.98 -10.59 22.93
C ASN A 16 17.13 -9.52 21.81
N GLY A 17 18.07 -9.70 20.90
CA GLY A 17 18.31 -8.71 19.81
C GLY A 17 17.26 -8.80 18.73
N THR A 18 17.12 -7.79 17.88
CA THR A 18 16.15 -7.88 16.78
C THR A 18 16.87 -7.71 15.41
N LYS A 19 16.53 -8.56 14.42
CA LYS A 19 17.20 -8.53 13.12
C LYS A 19 16.60 -7.48 12.21
N VAL A 20 17.46 -6.76 11.49
CA VAL A 20 17.01 -5.73 10.55
C VAL A 20 17.95 -5.82 9.35
N ASN A 21 17.63 -5.07 8.30
CA ASN A 21 18.43 -5.10 7.07
C ASN A 21 19.06 -3.78 6.89
N THR A 22 20.24 -3.79 6.30
CA THR A 22 20.97 -2.54 6.05
C THR A 22 21.36 -2.60 4.61
N LEU A 23 22.09 -1.60 4.17
CA LEU A 23 22.64 -1.58 2.80
C LEU A 23 23.62 -2.74 2.47
N THR A 24 24.30 -3.26 3.46
CA THR A 24 25.35 -4.25 3.23
C THR A 24 25.03 -5.63 3.82
N GLU A 25 23.97 -5.74 4.63
CA GLU A 25 23.68 -7.01 5.30
C GLU A 25 22.24 -7.23 5.54
N ARG A 26 21.79 -8.47 5.32
CA ARG A 26 20.46 -8.91 5.76
C ARG A 26 20.56 -9.47 7.18
N GLY A 27 19.65 -9.08 8.05
CA GLY A 27 19.57 -9.74 9.34
C GLY A 27 20.68 -9.40 10.32
N VAL A 28 21.17 -8.16 10.31
CA VAL A 28 22.05 -7.72 11.40
C VAL A 28 21.24 -7.44 12.65
N GLU A 29 21.71 -7.89 13.81
CA GLU A 29 20.95 -7.75 15.06
C GLU A 29 21.17 -6.37 15.70
N VAL A 30 20.10 -5.67 16.06
CA VAL A 30 20.18 -4.40 16.74
C VAL A 30 19.49 -4.51 18.09
N VAL A 31 19.83 -3.59 18.97
CA VAL A 31 19.35 -3.60 20.33
C VAL A 31 17.85 -3.38 20.35
N ASN A 32 17.33 -2.59 19.43
CA ASN A 32 15.91 -2.32 19.37
C ASN A 32 15.49 -1.87 17.94
N ALA A 33 14.24 -2.11 17.60
CA ALA A 33 13.72 -1.78 16.29
C ALA A 33 12.21 -1.55 16.37
N THR A 34 11.62 -0.96 15.33
CA THR A 34 10.16 -0.65 15.28
C THR A 34 9.60 -0.80 13.86
N GLU A 35 8.35 -1.19 13.79
CA GLU A 35 7.70 -1.53 12.53
C GLU A 35 7.41 -0.26 11.76
N THR A 36 7.51 -0.32 10.46
CA THR A 36 7.25 0.79 9.61
C THR A 36 6.02 0.55 8.70
N VAL A 37 5.56 -0.72 8.64
CA VAL A 37 4.47 -1.09 7.80
C VAL A 37 3.32 -1.57 8.64
N GLU A 38 2.21 -0.82 8.55
CA GLU A 38 1.00 -1.15 9.30
C GLU A 38 0.30 -2.38 8.77
N ARG A 39 0.04 -3.33 9.66
CA ARG A 39 -0.80 -4.52 9.38
C ARG A 39 -2.10 -4.59 10.20
N THR A 40 -2.23 -3.76 11.21
CA THR A 40 -3.33 -3.92 12.13
C THR A 40 -4.55 -3.15 11.62
N ASN A 41 -5.63 -3.88 11.42
CA ASN A 41 -6.87 -3.32 10.93
C ASN A 41 -7.87 -3.19 12.05
N ILE A 42 -8.72 -2.19 12.04
CA ILE A 42 -9.91 -2.21 12.92
C ILE A 42 -11.14 -2.53 12.07
N PRO A 43 -11.83 -3.67 12.34
CA PRO A 43 -12.84 -4.13 11.43
C PRO A 43 -14.15 -3.38 11.62
N ARG A 44 -14.06 -2.05 11.72
CA ARG A 44 -15.23 -1.16 11.80
C ARG A 44 -14.95 0.11 11.05
N ILE A 45 -15.99 0.87 10.71
CA ILE A 45 -15.85 2.20 10.13
C ILE A 45 -15.91 3.24 11.24
N CYS A 46 -14.75 3.74 11.60
CA CYS A 46 -14.60 4.67 12.72
C CYS A 46 -15.06 6.04 12.31
N SER A 47 -16.28 6.36 12.68
CA SER A 47 -17.00 7.52 12.18
C SER A 47 -17.12 8.66 13.17
N LYS A 48 -16.39 8.60 14.29
CA LYS A 48 -16.51 9.64 15.29
C LYS A 48 -16.13 10.99 14.67
N GLY A 49 -16.94 11.99 14.94
CA GLY A 49 -16.71 13.37 14.50
C GLY A 49 -17.22 13.69 13.11
N LYS A 50 -17.92 12.75 12.51
CA LYS A 50 -18.38 12.91 11.14
C LYS A 50 -19.86 12.54 11.01
N ARG A 51 -20.63 13.37 10.32
CA ARG A 51 -22.01 13.01 10.02
C ARG A 51 -21.95 11.90 8.98
N THR A 52 -22.41 10.74 9.37
CA THR A 52 -22.26 9.53 8.58
C THR A 52 -23.58 8.99 8.09
N VAL A 53 -23.68 8.67 6.82
CA VAL A 53 -24.90 8.05 6.25
C VAL A 53 -24.57 6.67 5.72
N ASP A 54 -25.21 5.68 6.29
CA ASP A 54 -25.05 4.31 5.88
C ASP A 54 -26.21 3.98 4.97
N LEU A 55 -25.95 3.88 3.68
CA LEU A 55 -27.01 3.72 2.71
C LEU A 55 -27.76 2.38 2.74
N GLY A 56 -27.15 1.32 3.22
CA GLY A 56 -27.90 0.04 3.43
C GLY A 56 -28.37 -0.50 2.09
N GLN A 57 -29.66 -0.78 1.98
CA GLN A 57 -30.27 -1.25 0.68
C GLN A 57 -30.43 -0.15 -0.36
N CYS A 58 -30.21 1.11 -0.01
CA CYS A 58 -30.29 2.22 -1.00
C CYS A 58 -29.00 2.35 -1.80
N GLY A 59 -29.06 2.25 -3.11
CA GLY A 59 -27.88 2.52 -3.93
C GLY A 59 -27.73 4.03 -4.07
N LEU A 60 -26.50 4.47 -4.12
CA LEU A 60 -26.17 5.88 -4.11
C LEU A 60 -26.94 6.70 -5.23
N LEU A 61 -27.03 6.14 -6.44
CA LEU A 61 -27.71 6.81 -7.50
C LEU A 61 -29.26 6.89 -7.24
N GLY A 62 -29.78 5.95 -6.43
CA GLY A 62 -31.16 5.92 -6.02
C GLY A 62 -31.59 7.08 -5.18
N THR A 63 -30.64 7.73 -4.52
CA THR A 63 -30.97 8.88 -3.78
C THR A 63 -31.51 9.97 -4.69
N ILE A 64 -31.19 9.90 -5.98
CA ILE A 64 -31.55 10.97 -6.90
C ILE A 64 -32.92 10.67 -7.53
N THR A 65 -33.18 9.40 -7.85
CA THR A 65 -34.46 9.01 -8.51
C THR A 65 -35.52 8.58 -7.53
N GLY A 66 -35.11 7.95 -6.41
CA GLY A 66 -36.04 7.65 -5.35
C GLY A 66 -36.83 6.34 -5.45
N PRO A 67 -36.17 5.22 -5.68
CA PRO A 67 -36.91 3.95 -5.44
C PRO A 67 -37.19 3.77 -3.94
N PRO A 68 -38.08 2.84 -3.53
CA PRO A 68 -38.60 2.83 -2.13
C PRO A 68 -37.51 2.62 -1.09
N GLN A 69 -36.47 1.81 -1.39
CA GLN A 69 -35.28 1.64 -0.49
C GLN A 69 -34.60 2.91 -0.18
N CYS A 70 -34.79 3.95 -0.97
CA CYS A 70 -34.04 5.21 -0.80
C CYS A 70 -34.86 6.32 -0.19
N ASP A 71 -36.10 6.01 0.23
CA ASP A 71 -37.04 7.08 0.63
C ASP A 71 -36.50 7.96 1.75
N GLN A 72 -35.74 7.38 2.68
CA GLN A 72 -35.16 8.15 3.76
C GLN A 72 -33.97 8.99 3.39
N PHE A 73 -33.46 8.92 2.17
CA PHE A 73 -32.20 9.60 1.79
C PHE A 73 -32.35 10.56 0.65
N LEU A 74 -33.59 10.95 0.34
CA LEU A 74 -33.81 11.78 -0.82
C LEU A 74 -33.12 13.12 -0.75
N GLU A 75 -32.85 13.60 0.45
CA GLU A 75 -32.21 14.89 0.65
C GLU A 75 -31.09 14.77 1.67
N PHE A 76 -30.40 13.65 1.66
CA PHE A 76 -29.45 13.37 2.73
C PHE A 76 -28.30 14.38 2.77
N SER A 77 -27.72 14.46 3.96
CA SER A 77 -26.61 15.34 4.32
C SER A 77 -25.54 14.50 5.02
N ALA A 78 -24.28 14.59 4.61
CA ALA A 78 -23.24 13.83 5.28
C ALA A 78 -21.83 14.33 5.02
N ASP A 79 -20.90 13.97 5.94
CA ASP A 79 -19.44 14.08 5.76
C ASP A 79 -18.85 12.76 5.26
N LEU A 80 -19.46 11.67 5.61
CA LEU A 80 -18.98 10.34 5.25
C LEU A 80 -20.16 9.52 4.73
N ILE A 81 -20.08 9.06 3.48
CA ILE A 81 -21.15 8.26 2.85
C ILE A 81 -20.66 6.81 2.71
N ILE A 82 -21.43 5.85 3.17
CA ILE A 82 -21.07 4.46 3.05
C ILE A 82 -22.01 3.69 2.13
N GLU A 83 -21.49 3.13 1.04
CA GLU A 83 -22.27 2.25 0.18
C GLU A 83 -22.07 0.81 0.62
N ARG A 84 -23.10 0.00 0.39
CA ARG A 84 -23.11 -1.38 0.77
C ARG A 84 -23.36 -2.22 -0.43
N ARG A 85 -22.90 -3.46 -0.36
CA ARG A 85 -23.11 -4.39 -1.50
C ARG A 85 -24.60 -4.72 -1.80
N GLU A 86 -25.43 -4.75 -0.78
CA GLU A 86 -26.88 -4.92 -0.98
C GLU A 86 -27.55 -3.69 -1.56
N GLY A 87 -26.86 -2.55 -1.73
CA GLY A 87 -27.46 -1.36 -2.30
C GLY A 87 -27.90 -1.51 -3.78
N SER A 88 -29.15 -1.16 -4.10
CA SER A 88 -29.65 -1.07 -5.50
C SER A 88 -30.21 0.33 -5.78
N ASP A 89 -29.82 0.85 -6.95
CA ASP A 89 -30.23 2.14 -7.44
C ASP A 89 -31.67 2.15 -7.99
N VAL A 90 -32.26 0.99 -8.11
CA VAL A 90 -33.34 0.79 -9.03
C VAL A 90 -34.48 0.02 -8.39
N CYS A 91 -35.69 0.21 -8.92
CA CYS A 91 -36.80 -0.66 -8.57
C CYS A 91 -37.33 -1.25 -9.87
N TYR A 92 -37.89 -0.46 -10.76
CA TYR A 92 -38.08 -0.90 -12.13
C TYR A 92 -36.66 -1.07 -12.80
N PRO A 93 -36.46 -2.15 -13.53
CA PRO A 93 -35.09 -2.52 -13.93
C PRO A 93 -34.56 -1.53 -14.91
N GLY A 94 -33.30 -1.35 -14.84
CA GLY A 94 -32.62 -0.51 -15.79
C GLY A 94 -31.34 -0.06 -15.10
N LYS A 95 -30.78 1.02 -15.62
CA LYS A 95 -29.55 1.50 -15.03
C LYS A 95 -29.29 2.93 -15.52
N PHE A 96 -28.35 3.58 -14.86
CA PHE A 96 -27.84 4.87 -15.26
C PHE A 96 -26.78 4.77 -16.31
N VAL A 97 -26.93 5.59 -17.35
CA VAL A 97 -25.91 5.82 -18.33
C VAL A 97 -24.85 6.78 -17.75
N ASN A 98 -23.57 6.46 -18.03
CA ASN A 98 -22.44 7.12 -17.41
C ASN A 98 -22.41 7.07 -15.89
N GLU A 99 -22.67 5.90 -15.37
CA GLU A 99 -23.00 5.77 -13.99
C GLU A 99 -21.82 6.11 -13.05
N GLU A 100 -20.62 5.72 -13.40
CA GLU A 100 -19.54 5.80 -12.35
C GLU A 100 -19.13 7.21 -12.11
N ALA A 101 -19.11 8.01 -13.18
CA ALA A 101 -18.85 9.44 -13.03
C ALA A 101 -19.83 10.04 -12.05
N LEU A 102 -21.11 9.73 -12.22
CA LEU A 102 -22.12 10.26 -11.30
C LEU A 102 -21.90 9.75 -9.89
N ARG A 103 -21.53 8.48 -9.70
CA ARG A 103 -21.26 8.06 -8.29
C ARG A 103 -20.15 8.87 -7.69
N GLN A 104 -19.11 9.18 -8.50
CA GLN A 104 -17.97 9.89 -8.02
C GLN A 104 -18.31 11.35 -7.69
N ILE A 105 -19.17 12.00 -8.51
CA ILE A 105 -19.75 13.29 -8.16
C ILE A 105 -20.57 13.24 -6.82
N LEU A 106 -21.35 12.20 -6.63
CA LEU A 106 -22.22 12.14 -5.40
C LEU A 106 -21.46 11.74 -4.11
N ARG A 107 -20.42 10.91 -4.24
CA ARG A 107 -19.59 10.52 -3.05
C ARG A 107 -18.91 11.68 -2.38
N GLU A 108 -18.55 12.69 -3.15
CA GLU A 108 -17.89 13.89 -2.59
C GLU A 108 -18.87 15.10 -2.41
N SER A 109 -20.17 14.87 -2.56
CA SER A 109 -21.13 15.99 -2.66
C SER A 109 -21.51 16.67 -1.36
N GLY A 110 -21.31 15.99 -0.21
CA GLY A 110 -21.94 16.41 1.06
C GLY A 110 -23.41 16.04 1.16
N GLY A 111 -23.94 15.37 0.14
CA GLY A 111 -25.35 15.09 0.06
C GLY A 111 -26.02 16.00 -0.95
N ILE A 112 -27.35 15.98 -0.97
CA ILE A 112 -28.12 16.66 -1.99
C ILE A 112 -29.33 17.32 -1.37
N ASP A 113 -29.69 18.47 -1.92
CA ASP A 113 -30.87 19.24 -1.60
C ASP A 113 -31.73 19.22 -2.85
N LYS A 114 -32.96 18.75 -2.75
CA LYS A 114 -33.84 18.66 -3.92
C LYS A 114 -34.71 19.90 -4.11
N GLU A 115 -34.99 20.27 -5.35
CA GLU A 115 -35.87 21.42 -5.65
C GLU A 115 -36.91 21.00 -6.71
N ALA A 116 -38.15 21.32 -6.49
CA ALA A 116 -39.26 21.10 -7.46
C ALA A 116 -38.97 21.76 -8.80
N MET A 117 -39.21 21.03 -9.87
CA MET A 117 -38.91 21.56 -11.18
C MET A 117 -40.12 22.27 -11.77
N GLY A 118 -41.30 22.05 -11.19
CA GLY A 118 -42.51 22.81 -11.55
C GLY A 118 -43.28 22.30 -12.73
N PHE A 119 -43.02 21.08 -13.20
CA PHE A 119 -43.71 20.64 -14.41
C PHE A 119 -45.13 20.29 -14.06
N THR A 120 -46.09 20.68 -14.90
CA THR A 120 -47.48 20.18 -14.74
C THR A 120 -47.96 19.74 -16.12
N TYR A 121 -49.02 18.92 -16.17
CA TYR A 121 -49.36 18.23 -17.42
C TYR A 121 -50.88 18.30 -17.70
N SER A 122 -51.25 18.30 -18.96
CA SER A 122 -52.65 18.07 -19.31
C SER A 122 -52.73 17.17 -20.53
N GLY A 123 -53.83 16.44 -20.63
CA GLY A 123 -54.10 15.57 -21.81
C GLY A 123 -53.45 14.20 -21.68
N ILE A 124 -52.88 13.89 -20.53
CA ILE A 124 -52.15 12.63 -20.36
C ILE A 124 -52.38 12.09 -18.98
N ARG A 125 -52.04 10.83 -18.76
CA ARG A 125 -51.99 10.32 -17.42
C ARG A 125 -50.55 10.53 -16.91
N THR A 126 -50.43 10.57 -15.58
CA THR A 126 -49.18 10.86 -14.89
C THR A 126 -48.86 9.72 -13.90
N ASN A 127 -49.75 8.76 -13.83
CA ASN A 127 -49.77 7.79 -12.73
C ASN A 127 -49.18 6.41 -13.07
N GLY A 128 -48.27 6.31 -14.02
CA GLY A 128 -47.69 4.99 -14.31
C GLY A 128 -47.04 4.43 -13.04
N ALA A 129 -47.20 3.14 -12.83
CA ALA A 129 -46.86 2.50 -11.60
C ALA A 129 -46.51 1.08 -11.92
N THR A 130 -45.81 0.42 -11.02
CA THR A 130 -45.43 -0.97 -11.22
C THR A 130 -45.31 -1.69 -9.89
N SER A 131 -45.55 -2.99 -9.91
CA SER A 131 -45.37 -3.81 -8.73
C SER A 131 -43.89 -3.97 -8.33
N ALA A 132 -42.95 -3.64 -9.21
CA ALA A 132 -41.54 -3.65 -8.88
C ALA A 132 -41.17 -2.56 -7.89
N CYS A 133 -41.96 -1.48 -7.80
CA CYS A 133 -41.64 -0.35 -6.93
C CYS A 133 -42.76 -0.32 -5.87
N ARG A 134 -42.58 -1.07 -4.79
CA ARG A 134 -43.64 -1.31 -3.84
C ARG A 134 -43.62 -0.24 -2.75
N ARG A 135 -44.74 0.46 -2.57
CA ARG A 135 -45.00 1.25 -1.36
C ARG A 135 -46.36 0.81 -0.73
N SER A 136 -47.42 1.56 -0.90
CA SER A 136 -48.70 1.04 -0.43
C SER A 136 -49.41 0.43 -1.63
N GLY A 137 -48.87 -0.71 -2.08
CA GLY A 137 -49.15 -1.27 -3.40
C GLY A 137 -48.18 -0.76 -4.47
N SER A 138 -48.59 -0.95 -5.72
CA SER A 138 -47.82 -0.49 -6.86
C SER A 138 -47.51 0.98 -6.83
N SER A 139 -46.27 1.35 -7.15
CA SER A 139 -45.89 2.72 -7.11
C SER A 139 -44.74 2.92 -8.08
N PHE A 140 -43.94 3.95 -7.86
CA PHE A 140 -42.93 4.34 -8.80
C PHE A 140 -41.78 5.12 -8.12
N TYR A 141 -40.77 5.48 -8.86
CA TYR A 141 -39.71 6.35 -8.32
C TYR A 141 -40.30 7.62 -7.74
N ALA A 142 -39.91 7.98 -6.54
CA ALA A 142 -40.45 9.17 -5.84
C ALA A 142 -40.18 10.46 -6.56
N GLU A 143 -39.06 10.55 -7.25
CA GLU A 143 -38.66 11.81 -7.88
C GLU A 143 -39.04 11.93 -9.36
N MET A 144 -39.80 10.97 -9.91
CA MET A 144 -40.02 10.88 -11.36
C MET A 144 -41.48 10.62 -11.63
N LYS A 145 -41.92 10.85 -12.86
CA LYS A 145 -43.27 10.53 -13.23
C LYS A 145 -43.28 9.77 -14.49
N TRP A 146 -43.96 8.63 -14.45
CA TRP A 146 -44.16 7.81 -15.61
C TRP A 146 -45.40 8.32 -16.36
N LEU A 147 -45.15 9.09 -17.41
CA LEU A 147 -46.17 9.71 -18.23
C LEU A 147 -46.74 8.67 -19.24
N LEU A 148 -48.04 8.65 -19.37
CA LEU A 148 -48.81 7.72 -20.22
C LEU A 148 -49.83 8.49 -21.06
N SER A 149 -50.22 7.89 -22.18
CA SER A 149 -51.35 8.37 -22.91
C SER A 149 -52.58 8.27 -22.08
N ASN A 150 -53.51 9.17 -22.39
CA ASN A 150 -54.73 9.32 -21.58
C ASN A 150 -55.58 8.06 -21.41
N THR A 151 -55.59 7.26 -22.45
CA THR A 151 -56.22 5.96 -22.37
C THR A 151 -55.40 4.98 -23.22
N ASP A 152 -55.62 3.70 -23.03
CA ASP A 152 -54.80 2.70 -23.70
C ASP A 152 -54.80 2.95 -25.18
N ASN A 153 -53.65 2.87 -25.79
CA ASN A 153 -53.53 3.04 -27.28
C ASN A 153 -53.81 4.48 -27.79
N ALA A 154 -54.27 5.40 -26.95
CA ALA A 154 -54.46 6.76 -27.47
C ALA A 154 -53.16 7.48 -27.78
N ALA A 155 -53.25 8.48 -28.64
CA ALA A 155 -52.10 9.21 -29.05
C ALA A 155 -51.59 10.08 -27.90
N PHE A 156 -50.30 10.16 -27.79
CA PHE A 156 -49.67 10.94 -26.74
C PHE A 156 -49.30 12.26 -27.39
N PRO A 157 -49.85 13.37 -26.90
CA PRO A 157 -49.56 14.70 -27.48
C PRO A 157 -48.07 15.10 -27.39
N GLN A 158 -47.60 15.76 -28.42
CA GLN A 158 -46.26 16.24 -28.47
C GLN A 158 -46.15 17.26 -27.35
N MET A 159 -45.13 17.21 -26.53
CA MET A 159 -45.03 18.10 -25.38
C MET A 159 -43.65 18.67 -25.21
N THR A 160 -43.60 19.83 -24.56
CA THR A 160 -42.32 20.51 -24.24
C THR A 160 -42.38 21.04 -22.83
N LYS A 161 -41.32 20.81 -22.04
CA LYS A 161 -41.25 21.27 -20.66
C LYS A 161 -39.87 21.79 -20.45
N SER A 162 -39.77 22.91 -19.74
CA SER A 162 -38.45 23.59 -19.53
C SER A 162 -38.30 23.93 -18.05
N TYR A 163 -37.09 23.83 -17.56
CA TYR A 163 -36.76 24.23 -16.24
C TYR A 163 -35.48 25.06 -16.26
N LYS A 164 -35.51 26.18 -15.53
CA LYS A 164 -34.37 27.05 -15.39
C LYS A 164 -33.72 26.91 -14.02
N ASN A 165 -32.40 26.77 -13.98
CA ASN A 165 -31.67 26.78 -12.73
C ASN A 165 -31.44 28.25 -12.24
N THR A 166 -32.26 28.64 -11.26
CA THR A 166 -32.19 29.93 -10.54
C THR A 166 -31.09 30.05 -9.51
N ARG A 167 -30.46 28.94 -9.14
CA ARG A 167 -29.46 28.97 -8.07
C ARG A 167 -28.08 29.30 -8.57
N LYS A 168 -27.13 29.35 -7.65
CA LYS A 168 -25.75 29.76 -7.95
C LYS A 168 -24.85 28.59 -8.13
N SER A 169 -25.41 27.38 -8.09
CA SER A 169 -24.69 26.12 -8.18
C SER A 169 -25.23 25.26 -9.33
N PRO A 170 -24.42 24.35 -9.89
CA PRO A 170 -25.03 23.55 -10.98
C PRO A 170 -26.12 22.57 -10.46
N ALA A 171 -27.20 22.41 -11.21
CA ALA A 171 -28.26 21.49 -10.86
C ALA A 171 -28.00 20.14 -11.54
N LEU A 172 -28.11 19.07 -10.78
CA LEU A 172 -28.13 17.73 -11.36
C LEU A 172 -29.54 17.38 -11.86
N ILE A 173 -29.66 17.16 -13.15
CA ILE A 173 -30.93 16.86 -13.79
C ILE A 173 -30.92 15.44 -14.28
N VAL A 174 -31.93 14.68 -13.95
CA VAL A 174 -32.01 13.33 -14.36
C VAL A 174 -33.32 13.09 -15.08
N TRP A 175 -33.32 12.24 -16.10
CA TRP A 175 -34.59 11.76 -16.71
C TRP A 175 -34.42 10.31 -17.12
N GLY A 176 -35.51 9.73 -17.59
CA GLY A 176 -35.51 8.34 -18.02
C GLY A 176 -36.13 8.13 -19.41
N ILE A 177 -35.71 7.07 -20.07
CA ILE A 177 -36.31 6.60 -21.33
C ILE A 177 -36.80 5.21 -21.07
N HIS A 178 -38.08 4.94 -21.39
CA HIS A 178 -38.68 3.66 -21.16
C HIS A 178 -38.65 2.82 -22.44
N HIS A 179 -38.06 1.64 -22.32
CA HIS A 179 -37.93 0.67 -23.36
C HIS A 179 -38.87 -0.45 -23.03
N SER A 180 -40.00 -0.50 -23.74
CA SER A 180 -41.01 -1.47 -23.50
C SER A 180 -40.55 -2.85 -23.97
N VAL A 181 -41.24 -3.86 -23.46
CA VAL A 181 -40.98 -5.24 -23.82
C VAL A 181 -41.26 -5.55 -25.30
N SER A 182 -42.19 -4.81 -25.90
CA SER A 182 -42.68 -5.05 -27.27
C SER A 182 -43.32 -3.79 -27.85
N THR A 183 -43.45 -3.76 -29.17
CA THR A 183 -44.02 -2.58 -29.83
C THR A 183 -45.52 -2.55 -29.47
N ALA A 184 -46.14 -3.71 -29.26
CA ALA A 184 -47.53 -3.79 -28.70
C ALA A 184 -47.71 -3.04 -27.34
N GLU A 185 -46.85 -3.32 -26.34
CA GLU A 185 -46.83 -2.60 -25.05
C GLU A 185 -46.51 -1.12 -25.25
N GLN A 186 -45.55 -0.78 -26.09
CA GLN A 186 -45.20 0.63 -26.28
C GLN A 186 -46.41 1.42 -26.86
N THR A 187 -47.17 0.77 -27.73
CA THR A 187 -48.36 1.31 -28.27
C THR A 187 -49.50 1.46 -27.22
N LYS A 188 -49.72 0.44 -26.42
CA LYS A 188 -50.67 0.55 -25.35
C LYS A 188 -50.36 1.81 -24.49
N LEU A 189 -49.10 2.03 -24.13
CA LEU A 189 -48.76 3.02 -23.16
C LEU A 189 -48.77 4.41 -23.76
N TYR A 190 -48.27 4.54 -24.98
CA TYR A 190 -47.94 5.84 -25.52
C TYR A 190 -48.52 6.08 -26.92
N GLY A 191 -49.31 5.15 -27.42
CA GLY A 191 -49.93 5.33 -28.75
C GLY A 191 -48.93 4.92 -29.80
N SER A 192 -49.40 4.47 -30.95
CA SER A 192 -48.52 3.89 -31.98
C SER A 192 -47.73 5.01 -32.62
N GLY A 193 -46.74 4.62 -33.40
CA GLY A 193 -45.93 5.60 -34.10
C GLY A 193 -44.60 5.79 -33.42
N ASN A 194 -43.76 6.54 -34.11
CA ASN A 194 -42.39 6.70 -33.69
C ASN A 194 -42.31 7.62 -32.47
N LYS A 195 -41.53 7.19 -31.51
CA LYS A 195 -41.38 7.94 -30.28
C LYS A 195 -40.00 8.60 -30.28
N LEU A 196 -39.97 9.82 -29.74
CA LEU A 196 -38.78 10.60 -29.70
C LEU A 196 -38.74 11.48 -28.46
N VAL A 197 -37.62 11.49 -27.80
CA VAL A 197 -37.39 12.40 -26.67
C VAL A 197 -36.14 13.20 -27.00
N THR A 198 -36.27 14.51 -26.95
CA THR A 198 -35.09 15.39 -27.16
C THR A 198 -34.88 16.28 -25.93
N VAL A 199 -33.62 16.50 -25.60
CA VAL A 199 -33.25 17.17 -24.38
C VAL A 199 -32.20 18.16 -24.78
N GLY A 200 -32.43 19.43 -24.44
CA GLY A 200 -31.48 20.50 -24.76
C GLY A 200 -31.23 21.51 -23.67
N SER A 201 -29.97 21.87 -23.52
CA SER A 201 -29.62 23.05 -22.77
C SER A 201 -28.79 23.98 -23.70
N SER A 202 -28.08 24.93 -23.11
CA SER A 202 -27.24 25.82 -23.93
C SER A 202 -25.96 25.09 -24.34
N ASN A 203 -25.62 23.99 -23.66
CA ASN A 203 -24.37 23.23 -23.89
C ASN A 203 -24.54 21.72 -24.17
N TYR A 204 -25.77 21.26 -24.34
CA TYR A 204 -26.07 19.86 -24.43
C TYR A 204 -27.27 19.77 -25.36
N GLN A 205 -27.22 18.84 -26.32
CA GLN A 205 -28.45 18.38 -27.00
C GLN A 205 -28.25 16.95 -27.43
N GLN A 206 -29.29 16.17 -27.19
CA GLN A 206 -29.29 14.76 -27.51
C GLN A 206 -30.69 14.28 -27.70
N SER A 207 -30.79 13.25 -28.53
CA SER A 207 -32.03 12.61 -28.93
C SER A 207 -32.07 11.19 -28.42
N PHE A 208 -33.25 10.71 -28.06
CA PHE A 208 -33.39 9.34 -27.54
C PHE A 208 -34.62 8.74 -28.22
N VAL A 209 -34.45 7.52 -28.70
CA VAL A 209 -35.53 6.76 -29.30
C VAL A 209 -35.66 5.50 -28.46
N PRO A 210 -36.84 5.23 -27.89
CA PRO A 210 -36.98 3.98 -27.16
C PRO A 210 -36.90 2.77 -28.09
N SER A 211 -36.40 1.66 -27.57
CA SER A 211 -36.18 0.52 -28.41
C SER A 211 -36.85 -0.65 -27.74
N PRO A 212 -38.06 -0.86 -28.10
CA PRO A 212 -38.77 -1.96 -27.49
C PRO A 212 -38.21 -3.33 -27.90
N GLY A 213 -38.43 -4.34 -27.06
CA GLY A 213 -38.02 -5.68 -27.38
C GLY A 213 -37.85 -6.45 -26.12
N ALA A 214 -37.83 -7.76 -26.25
CA ALA A 214 -37.71 -8.63 -25.10
C ALA A 214 -36.26 -8.56 -24.53
N ARG A 215 -36.19 -8.52 -23.20
CA ARG A 215 -34.99 -8.56 -22.36
C ARG A 215 -35.33 -9.61 -21.31
N PRO A 216 -34.34 -10.24 -20.65
CA PRO A 216 -34.67 -11.19 -19.57
C PRO A 216 -35.39 -10.50 -18.42
N GLN A 217 -36.25 -11.24 -17.74
CA GLN A 217 -37.03 -10.75 -16.62
C GLN A 217 -36.07 -10.41 -15.52
N VAL A 218 -36.18 -9.19 -15.00
CA VAL A 218 -35.52 -8.78 -13.79
C VAL A 218 -36.67 -8.28 -12.91
N ASN A 219 -36.83 -8.89 -11.73
CA ASN A 219 -38.00 -8.66 -10.88
C ASN A 219 -39.32 -8.97 -11.61
N GLY A 220 -39.38 -10.06 -12.36
CA GLY A 220 -40.55 -10.39 -13.19
C GLY A 220 -40.85 -9.45 -14.36
N LEU A 221 -40.01 -8.42 -14.59
CA LEU A 221 -40.20 -7.49 -15.73
C LEU A 221 -39.13 -7.43 -16.81
N SER A 222 -39.61 -7.35 -18.04
CA SER A 222 -38.73 -7.45 -19.19
C SER A 222 -38.48 -6.11 -19.84
N GLY A 223 -39.19 -5.09 -19.40
CA GLY A 223 -38.91 -3.74 -19.81
C GLY A 223 -37.66 -3.19 -19.09
N ARG A 224 -37.17 -2.02 -19.55
CA ARG A 224 -36.08 -1.34 -18.90
C ARG A 224 -36.32 0.16 -18.92
N ILE A 225 -35.91 0.84 -17.86
CA ILE A 225 -35.91 2.27 -17.80
C ILE A 225 -34.49 2.64 -17.58
N ASP A 226 -33.89 3.27 -18.58
CA ASP A 226 -32.59 3.81 -18.38
C ASP A 226 -32.50 5.32 -18.13
N PHE A 227 -31.67 5.66 -17.16
CA PHE A 227 -31.55 6.96 -16.62
C PHE A 227 -30.35 7.70 -17.20
N HIS A 228 -30.58 8.96 -17.53
CA HIS A 228 -29.56 9.87 -18.06
C HIS A 228 -29.50 11.07 -17.21
N TRP A 229 -28.34 11.71 -17.18
CA TRP A 229 -28.19 12.91 -16.38
C TRP A 229 -27.35 13.97 -17.07
N LEU A 230 -27.49 15.21 -16.57
CA LEU A 230 -26.59 16.30 -16.98
C LEU A 230 -26.53 17.30 -15.85
N MET A 231 -25.51 18.12 -15.91
CA MET A 231 -25.29 19.21 -14.95
C MET A 231 -25.78 20.46 -15.63
N LEU A 232 -26.76 21.13 -15.04
CA LEU A 232 -27.32 22.34 -15.62
C LEU A 232 -26.72 23.57 -14.91
N ASN A 233 -25.99 24.35 -15.67
CA ASN A 233 -25.33 25.58 -15.11
C ASN A 233 -26.26 26.62 -14.54
N PRO A 234 -25.78 27.38 -13.55
CA PRO A 234 -26.54 28.53 -13.04
C PRO A 234 -27.06 29.38 -14.17
N ASN A 235 -28.33 29.79 -14.10
CA ASN A 235 -28.98 30.63 -15.07
C ASN A 235 -29.33 29.93 -16.42
N ASP A 236 -28.89 28.69 -16.65
CA ASP A 236 -29.20 27.99 -17.91
C ASP A 236 -30.58 27.27 -17.74
N THR A 237 -31.16 26.91 -18.86
CA THR A 237 -32.42 26.16 -18.95
C THR A 237 -32.20 24.82 -19.64
N VAL A 238 -32.90 23.81 -19.13
CA VAL A 238 -33.00 22.49 -19.80
C VAL A 238 -34.44 22.32 -20.34
N THR A 239 -34.55 21.88 -21.57
CA THR A 239 -35.82 21.75 -22.23
C THR A 239 -35.96 20.32 -22.75
N PHE A 240 -37.07 19.71 -22.41
CA PHE A 240 -37.38 18.35 -22.80
C PHE A 240 -38.48 18.43 -23.82
N SER A 241 -38.35 17.72 -24.93
CA SER A 241 -39.45 17.62 -25.91
C SER A 241 -39.74 16.16 -26.22
N PHE A 242 -41.00 15.74 -26.20
CA PHE A 242 -41.23 14.29 -26.21
C PHE A 242 -42.66 13.98 -26.56
N ASN A 243 -42.90 12.79 -27.07
CA ASN A 243 -44.25 12.32 -27.34
C ASN A 243 -44.48 10.91 -26.78
N GLY A 244 -43.71 10.54 -25.76
CA GLY A 244 -43.91 9.30 -25.02
C GLY A 244 -42.61 8.68 -24.62
N ALA A 245 -42.72 7.53 -23.91
CA ALA A 245 -41.55 6.78 -23.43
C ALA A 245 -40.60 7.58 -22.56
N PHE A 246 -41.16 8.60 -21.93
CA PHE A 246 -40.39 9.57 -21.16
C PHE A 246 -40.75 9.47 -19.70
N ILE A 247 -39.74 9.33 -18.88
CA ILE A 247 -39.89 9.28 -17.45
C ILE A 247 -39.38 10.61 -17.01
N ALA A 248 -40.31 11.47 -16.57
CA ALA A 248 -39.95 12.88 -16.30
C ALA A 248 -39.48 13.10 -14.87
N PRO A 249 -38.46 13.97 -14.65
CA PRO A 249 -38.14 14.41 -13.34
C PRO A 249 -39.22 15.32 -12.72
N ASP A 250 -39.45 15.13 -11.43
CA ASP A 250 -40.26 16.03 -10.62
C ASP A 250 -39.37 17.05 -9.92
N ARG A 251 -38.12 16.70 -9.63
CA ARG A 251 -37.21 17.56 -8.90
C ARG A 251 -35.76 17.51 -9.37
N ALA A 252 -35.05 18.64 -9.22
CA ALA A 252 -33.63 18.70 -9.46
C ALA A 252 -32.86 18.58 -8.16
N SER A 253 -31.59 18.17 -8.24
CA SER A 253 -30.73 18.03 -7.07
C SER A 253 -29.58 19.02 -7.10
N PHE A 254 -29.25 19.61 -5.95
CA PHE A 254 -28.09 20.47 -5.76
C PHE A 254 -27.19 19.89 -4.71
N LEU A 255 -25.89 19.94 -4.93
CA LEU A 255 -24.93 19.30 -4.06
C LEU A 255 -24.73 20.18 -2.88
N ARG A 256 -24.54 19.63 -1.70
CA ARG A 256 -24.52 20.43 -0.49
C ARG A 256 -23.18 21.02 -0.08
N GLY A 257 -22.08 20.31 -0.31
CA GLY A 257 -20.80 20.76 0.25
C GLY A 257 -19.71 19.79 -0.08
N LYS A 258 -19.20 19.09 0.93
CA LYS A 258 -18.02 18.23 0.78
C LYS A 258 -18.21 16.94 1.61
N SER A 259 -17.77 15.81 1.08
CA SER A 259 -17.84 14.55 1.80
C SER A 259 -16.80 13.61 1.19
N MET A 260 -16.71 12.45 1.80
CA MET A 260 -15.92 11.38 1.27
C MET A 260 -16.87 10.19 1.23
N GLY A 261 -16.73 9.36 0.21
CA GLY A 261 -17.55 8.18 0.07
C GLY A 261 -16.75 6.91 0.06
N ILE A 262 -17.21 5.89 0.81
CA ILE A 262 -16.53 4.59 0.76
C ILE A 262 -17.48 3.48 0.50
N GLN A 263 -16.89 2.33 0.19
CA GLN A 263 -17.62 1.10 0.03
C GLN A 263 -17.19 0.17 1.10
N SER A 264 -18.15 -0.42 1.82
CA SER A 264 -17.75 -1.25 2.97
C SER A 264 -18.68 -2.39 3.31
N GLY A 265 -18.11 -3.43 3.92
CA GLY A 265 -18.93 -4.56 4.47
C GLY A 265 -18.90 -4.69 5.99
N VAL A 266 -18.40 -3.71 6.75
CA VAL A 266 -18.39 -3.83 8.19
C VAL A 266 -19.15 -2.70 8.85
N GLN A 267 -19.50 -2.87 10.10
CA GLN A 267 -20.32 -1.88 10.86
C GLN A 267 -19.64 -0.58 11.16
N VAL A 268 -20.47 0.41 11.41
CA VAL A 268 -20.05 1.76 11.73
C VAL A 268 -19.80 1.74 13.22
N ASP A 269 -18.86 2.56 13.67
CA ASP A 269 -18.58 2.71 15.09
C ASP A 269 -18.29 4.17 15.38
N ALA A 270 -19.29 4.82 15.96
CA ALA A 270 -19.24 6.27 16.17
C ALA A 270 -18.41 6.65 17.35
N ASN A 271 -17.86 5.65 18.05
CA ASN A 271 -16.98 5.90 19.20
C ASN A 271 -15.48 5.96 18.91
N CYS A 272 -15.03 5.47 17.75
CA CYS A 272 -13.60 5.56 17.33
C CYS A 272 -13.45 6.54 16.16
N GLU A 273 -12.35 7.28 16.16
CA GLU A 273 -12.07 8.27 15.14
C GLU A 273 -11.10 7.70 14.11
N GLY A 274 -11.22 8.11 12.85
CA GLY A 274 -10.26 7.62 11.88
C GLY A 274 -10.44 8.32 10.58
N ASP A 275 -9.43 8.20 9.73
CA ASP A 275 -9.38 8.91 8.47
C ASP A 275 -8.97 8.08 7.26
N CYS A 276 -8.59 6.83 7.46
CA CYS A 276 -8.16 5.97 6.39
C CYS A 276 -9.07 4.74 6.42
N TYR A 277 -9.77 4.49 5.28
CA TYR A 277 -10.81 3.49 5.23
C TYR A 277 -10.61 2.57 4.06
N HIS A 278 -11.04 1.33 4.24
CA HIS A 278 -11.16 0.41 3.16
C HIS A 278 -12.36 -0.47 3.44
N SER A 279 -12.64 -1.43 2.58
CA SER A 279 -13.94 -2.12 2.71
C SER A 279 -14.02 -2.92 4.00
N GLY A 280 -12.86 -3.36 4.51
CA GLY A 280 -12.81 -4.24 5.68
C GLY A 280 -12.59 -3.43 6.96
N GLY A 281 -12.58 -2.09 6.90
CA GLY A 281 -12.47 -1.31 8.15
C GLY A 281 -11.70 -0.02 8.05
N THR A 282 -10.98 0.29 9.14
CA THR A 282 -10.32 1.54 9.33
C THR A 282 -8.88 1.24 9.72
N ILE A 283 -7.96 1.95 9.08
CA ILE A 283 -6.54 1.80 9.36
C ILE A 283 -6.14 3.01 10.22
N ILE A 284 -5.99 2.80 11.52
CA ILE A 284 -5.58 3.84 12.46
C ILE A 284 -4.09 3.60 12.72
N SER A 285 -3.28 4.51 12.27
CA SER A 285 -1.87 4.34 12.29
C SER A 285 -1.20 5.65 12.02
N ASN A 286 -0.01 5.81 12.60
CA ASN A 286 0.95 6.87 12.16
C ASN A 286 2.11 6.33 11.35
N LEU A 287 2.12 5.04 11.09
CA LEU A 287 3.23 4.50 10.31
C LEU A 287 3.17 5.03 8.90
N PRO A 288 4.32 5.12 8.24
CA PRO A 288 4.26 5.75 6.91
C PRO A 288 3.78 4.81 5.82
N PHE A 289 3.74 3.49 6.11
CA PHE A 289 3.37 2.50 5.13
C PHE A 289 2.35 1.54 5.68
N GLN A 290 1.61 0.86 4.77
CA GLN A 290 0.61 -0.12 5.18
C GLN A 290 0.54 -1.23 4.12
N ASN A 291 0.28 -2.43 4.58
CA ASN A 291 0.16 -3.59 3.71
C ASN A 291 -1.25 -4.25 3.84
N ILE A 292 -2.26 -3.44 4.13
CA ILE A 292 -3.63 -3.92 4.36
C ILE A 292 -4.47 -3.93 3.10
N ASP A 293 -4.55 -2.80 2.42
CA ASP A 293 -5.40 -2.69 1.23
C ASP A 293 -4.90 -1.60 0.32
N SER A 294 -4.53 -1.96 -0.89
CA SER A 294 -4.03 -0.99 -1.86
C SER A 294 -5.07 -0.01 -2.33
N ARG A 295 -6.34 -0.21 -1.98
CA ARG A 295 -7.36 0.72 -2.46
C ARG A 295 -7.92 1.54 -1.29
N ALA A 296 -7.24 1.53 -0.16
CA ALA A 296 -7.66 2.30 1.01
C ALA A 296 -7.82 3.76 0.59
N VAL A 297 -8.72 4.52 1.20
CA VAL A 297 -8.92 5.91 0.82
C VAL A 297 -9.04 6.78 2.05
N GLY A 298 -8.95 8.09 1.83
CA GLY A 298 -8.93 9.06 2.90
C GLY A 298 -7.45 9.54 2.99
N LYS A 299 -6.97 9.77 4.18
CA LYS A 299 -5.57 10.16 4.43
C LYS A 299 -4.88 8.94 5.02
N CYS A 300 -4.03 8.30 4.21
CA CYS A 300 -3.58 6.94 4.47
C CYS A 300 -2.04 6.82 4.42
N PRO A 301 -1.46 5.92 5.21
CA PRO A 301 -0.09 5.48 4.94
C PRO A 301 -0.04 4.97 3.51
N ARG A 302 1.12 4.89 2.91
CA ARG A 302 1.18 4.42 1.52
C ARG A 302 1.28 2.90 1.46
N TYR A 303 0.57 2.34 0.50
CA TYR A 303 0.45 0.88 0.34
C TYR A 303 1.76 0.31 -0.21
N VAL A 304 2.32 -0.66 0.48
CA VAL A 304 3.46 -1.31 -0.02
C VAL A 304 3.15 -2.79 -0.10
N LYS A 305 3.94 -3.47 -0.91
CA LYS A 305 3.85 -4.91 -1.08
C LYS A 305 4.39 -5.71 0.08
N GLN A 306 5.35 -5.14 0.82
CA GLN A 306 6.03 -5.96 1.86
C GLN A 306 5.15 -5.98 3.08
N ARG A 307 5.13 -7.09 3.82
CA ARG A 307 4.37 -7.15 5.07
C ARG A 307 5.08 -6.46 6.25
N SER A 308 6.39 -6.36 6.19
CA SER A 308 7.11 -5.84 7.32
C SER A 308 8.44 -5.25 6.91
N LEU A 309 8.78 -4.11 7.47
CA LEU A 309 10.13 -3.48 7.28
C LEU A 309 10.55 -2.81 8.59
N LEU A 310 11.53 -3.38 9.27
CA LEU A 310 11.90 -2.94 10.58
C LEU A 310 12.94 -1.85 10.51
N LEU A 311 12.66 -0.81 11.26
CA LEU A 311 13.52 0.39 11.38
C LEU A 311 14.29 0.29 12.69
N ALA A 312 15.62 0.26 12.61
CA ALA A 312 16.42 0.12 13.83
C ALA A 312 16.26 1.36 14.67
N THR A 313 16.09 1.17 15.96
CA THR A 313 16.00 2.29 16.91
C THR A 313 17.09 2.13 17.97
N GLY A 314 18.08 1.32 17.67
CA GLY A 314 19.21 1.18 18.59
C GLY A 314 20.43 0.81 17.84
N MET A 315 21.53 0.64 18.57
CA MET A 315 22.78 0.25 18.00
C MET A 315 22.89 -1.25 17.70
N LYS A 316 23.95 -1.63 16.96
CA LYS A 316 24.28 -3.07 16.72
C LYS A 316 24.37 -3.80 17.99
N ASN A 317 23.80 -5.00 18.03
CA ASN A 317 23.76 -5.76 19.28
C ASN A 317 24.91 -6.71 19.24
N VAL A 318 25.82 -6.58 20.19
CA VAL A 318 27.05 -7.38 20.17
C VAL A 318 27.15 -8.07 21.52
N PRO A 319 26.46 -9.20 21.68
CA PRO A 319 26.51 -9.86 23.00
C PRO A 319 27.87 -10.54 23.28
N GLU A 320 28.14 -10.92 24.53
CA GLU A 320 29.12 -12.00 24.70
C GLU A 320 28.42 -13.36 24.86
N ALA B 5 40.04 -9.66 33.28
CA ALA B 5 38.64 -10.05 33.32
C ALA B 5 37.79 -8.91 32.71
N ILE B 6 38.24 -7.66 32.75
CA ILE B 6 37.42 -6.52 32.27
C ILE B 6 37.81 -6.12 30.82
N ALA B 7 36.84 -5.86 29.94
CA ALA B 7 37.12 -5.39 28.56
C ALA B 7 36.08 -4.44 28.02
N GLY B 8 36.48 -3.71 26.95
CA GLY B 8 35.70 -2.65 26.39
C GLY B 8 34.95 -3.00 25.12
N PHE B 9 34.56 -1.94 24.41
CA PHE B 9 33.71 -2.05 23.24
C PHE B 9 34.35 -2.73 22.01
N ILE B 10 35.67 -2.83 21.92
CA ILE B 10 36.25 -3.53 20.80
C ILE B 10 35.95 -5.03 20.81
N GLU B 11 35.80 -5.63 21.99
CA GLU B 11 35.44 -7.03 22.10
C GLU B 11 33.94 -7.25 21.93
N ASN B 12 33.14 -6.59 22.75
CA ASN B 12 31.72 -6.75 22.68
C ASN B 12 30.98 -5.74 23.53
N GLY B 13 29.66 -5.82 23.50
CA GLY B 13 28.84 -4.96 24.34
C GLY B 13 28.63 -5.57 25.70
N TRP B 14 28.04 -4.80 26.60
CA TRP B 14 27.86 -5.16 28.00
C TRP B 14 26.38 -5.35 28.29
N GLU B 15 25.97 -6.60 28.54
CA GLU B 15 24.57 -6.87 28.89
C GLU B 15 24.20 -6.27 30.23
N GLY B 16 25.20 -6.07 31.09
CA GLY B 16 24.94 -5.51 32.42
C GLY B 16 24.77 -4.00 32.43
N LEU B 17 25.10 -3.31 31.35
CA LEU B 17 24.89 -1.87 31.31
C LEU B 17 23.38 -1.61 30.94
N ILE B 18 22.56 -1.33 31.94
CA ILE B 18 21.10 -1.18 31.78
C ILE B 18 20.60 0.25 31.98
N ASP B 19 21.46 1.15 32.49
CA ASP B 19 21.16 2.57 32.76
C ASP B 19 21.54 3.52 31.58
N GLY B 20 22.00 3.00 30.45
CA GLY B 20 22.45 3.86 29.38
C GLY B 20 22.92 3.08 28.17
N TRP B 21 23.30 3.81 27.12
CA TRP B 21 23.80 3.17 25.90
C TRP B 21 25.32 2.99 25.96
N TYR B 22 25.98 3.90 26.62
CA TYR B 22 27.42 3.92 26.70
C TYR B 22 27.79 4.11 28.13
N GLY B 23 28.99 3.66 28.48
CA GLY B 23 29.46 3.75 29.85
C GLY B 23 30.93 3.48 30.09
N PHE B 24 31.30 3.57 31.36
CA PHE B 24 32.64 3.29 31.88
C PHE B 24 32.63 2.14 32.85
N ARG B 25 33.62 1.28 32.72
CA ARG B 25 33.79 0.18 33.62
C ARG B 25 35.24 0.20 34.07
N HIS B 26 35.44 0.20 35.38
CA HIS B 26 36.79 0.42 35.93
C HIS B 26 37.13 -0.69 36.85
N GLN B 27 38.43 -0.81 37.08
CA GLN B 27 38.97 -1.74 38.00
C GLN B 27 40.11 -1.06 38.75
N ASN B 28 40.04 -1.10 40.07
CA ASN B 28 41.09 -0.57 40.97
C ASN B 28 41.06 -1.43 42.25
N ALA B 29 41.77 -1.02 43.26
CA ALA B 29 41.89 -1.74 44.52
C ALA B 29 40.48 -1.89 45.17
N GLN B 30 39.61 -0.90 45.01
CA GLN B 30 38.29 -0.95 45.61
C GLN B 30 37.30 -1.81 44.82
N GLY B 31 37.70 -2.29 43.65
CA GLY B 31 36.95 -3.36 42.98
C GLY B 31 36.60 -2.90 41.58
N GLU B 32 35.45 -3.33 41.11
CA GLU B 32 35.05 -3.09 39.76
C GLU B 32 33.74 -2.32 39.89
N GLY B 33 33.49 -1.46 38.92
CA GLY B 33 32.21 -0.77 38.83
C GLY B 33 31.98 -0.25 37.43
N THR B 34 30.73 0.03 37.17
CA THR B 34 30.25 0.42 35.88
C THR B 34 29.27 1.57 36.09
N ALA B 35 29.42 2.62 35.29
CA ALA B 35 28.45 3.72 35.28
C ALA B 35 28.18 4.17 33.83
N ALA B 36 26.93 4.52 33.57
CA ALA B 36 26.50 5.06 32.31
C ALA B 36 27.02 6.45 32.11
N ASP B 37 27.30 6.79 30.87
CA ASP B 37 27.57 8.19 30.48
C ASP B 37 26.29 8.81 29.93
N TYR B 38 25.81 9.83 30.62
CA TYR B 38 24.49 10.35 30.37
C TYR B 38 24.53 11.14 29.05
N LYS B 39 25.56 11.96 28.87
CA LYS B 39 25.63 12.83 27.70
C LYS B 39 25.67 12.10 26.36
N SER B 40 26.59 11.15 26.19
CA SER B 40 26.68 10.41 24.95
C SER B 40 25.37 9.60 24.72
N THR B 41 24.81 9.05 25.78
CA THR B 41 23.62 8.27 25.68
C THR B 41 22.52 9.17 25.10
N GLN B 42 22.41 10.37 25.62
CA GLN B 42 21.32 11.25 25.29
C GLN B 42 21.50 11.79 23.87
N SER B 43 22.74 12.04 23.51
CA SER B 43 23.05 12.45 22.14
C SER B 43 22.62 11.39 21.14
N ALA B 44 22.84 10.11 21.43
CA ALA B 44 22.41 9.05 20.52
C ALA B 44 20.86 8.94 20.50
N ILE B 45 20.24 8.95 21.65
CA ILE B 45 18.76 8.83 21.72
C ILE B 45 18.10 9.98 20.96
N ASP B 46 18.63 11.21 21.11
CA ASP B 46 18.07 12.36 20.42
C ASP B 46 18.19 12.24 18.88
N GLN B 47 19.27 11.66 18.37
CA GLN B 47 19.39 11.41 16.94
C GLN B 47 18.39 10.34 16.43
N ILE B 48 18.17 9.28 17.19
CA ILE B 48 17.13 8.30 16.86
C ILE B 48 15.69 8.91 16.93
N THR B 49 15.43 9.68 17.96
CA THR B 49 14.18 10.38 18.09
C THR B 49 13.98 11.33 16.89
N GLY B 50 15.04 12.00 16.45
CA GLY B 50 14.99 12.87 15.28
C GLY B 50 14.58 12.10 14.02
N LYS B 51 15.18 10.94 13.82
CA LYS B 51 14.76 10.05 12.74
C LYS B 51 13.29 9.68 12.84
N LEU B 52 12.86 9.32 14.02
CA LEU B 52 11.47 8.82 14.19
C LEU B 52 10.47 9.93 13.89
N ASN B 53 10.79 11.15 14.32
CA ASN B 53 9.97 12.31 14.03
C ASN B 53 9.79 12.51 12.53
N ARG B 54 10.87 12.39 11.78
CA ARG B 54 10.78 12.49 10.35
C ARG B 54 10.06 11.28 9.72
N LEU B 55 10.23 10.06 10.22
CA LEU B 55 9.72 8.88 9.48
C LEU B 55 8.31 8.46 9.88
N ILE B 56 7.91 8.81 11.10
CA ILE B 56 6.55 8.58 11.62
C ILE B 56 5.55 9.67 11.21
N GLU B 57 5.71 10.19 10.00
CA GLU B 57 4.86 11.23 9.45
C GLU B 57 3.60 10.55 8.87
N LYS B 58 2.54 11.36 8.76
CA LYS B 58 1.28 11.04 8.08
C LYS B 58 1.30 11.81 6.78
N THR B 59 0.81 11.25 5.66
CA THR B 59 0.48 12.19 4.56
C THR B 59 -0.72 13.02 4.96
N ASN B 60 -0.77 14.28 4.52
CA ASN B 60 -1.99 15.07 4.64
C ASN B 60 -2.88 15.02 3.37
N GLN B 61 -2.42 14.31 2.33
CA GLN B 61 -3.16 14.30 1.06
C GLN B 61 -4.29 13.28 1.16
N GLN B 62 -5.48 13.72 0.79
CA GLN B 62 -6.66 12.86 0.74
C GLN B 62 -6.79 12.26 -0.62
N PHE B 63 -7.04 10.97 -0.70
CA PHE B 63 -7.37 10.34 -1.97
C PHE B 63 -8.75 9.73 -1.92
N GLU B 64 -9.38 9.66 -3.08
CA GLU B 64 -10.75 9.18 -3.23
C GLU B 64 -10.78 7.96 -4.13
N LEU B 65 -11.90 7.27 -4.06
CA LEU B 65 -12.14 6.13 -4.94
C LEU B 65 -12.19 6.56 -6.44
N ILE B 66 -11.47 5.83 -7.29
CA ILE B 66 -11.60 6.02 -8.71
C ILE B 66 -12.06 4.71 -9.37
N ASP B 67 -12.33 3.76 -8.50
CA ASP B 67 -12.65 2.41 -8.79
C ASP B 67 -13.90 1.97 -8.08
N ASN B 68 -14.42 0.78 -8.39
CA ASN B 68 -15.66 0.29 -7.80
C ASN B 68 -15.62 -1.24 -7.54
N GLU B 69 -15.64 -1.59 -6.27
CA GLU B 69 -15.56 -2.98 -5.78
C GLU B 69 -16.89 -3.75 -5.93
N PHE B 70 -18.00 -3.07 -6.14
CA PHE B 70 -19.30 -3.79 -6.21
C PHE B 70 -19.77 -3.93 -7.63
N ASN B 71 -19.53 -2.90 -8.44
CA ASN B 71 -19.98 -2.84 -9.81
C ASN B 71 -18.79 -2.38 -10.68
N GLU B 72 -18.15 -3.34 -11.33
CA GLU B 72 -16.83 -3.12 -11.92
C GLU B 72 -16.88 -2.01 -12.97
N VAL B 73 -15.94 -1.10 -12.91
CA VAL B 73 -15.81 -0.11 -13.99
C VAL B 73 -15.51 -0.75 -15.36
N GLU B 74 -15.68 0.05 -16.39
CA GLU B 74 -15.44 -0.35 -17.79
C GLU B 74 -14.00 -0.86 -17.91
N LYS B 75 -13.79 -1.89 -18.71
CA LYS B 75 -12.53 -2.59 -18.65
C LYS B 75 -11.31 -1.78 -19.12
N GLN B 76 -11.47 -0.96 -20.16
CA GLN B 76 -10.33 -0.19 -20.65
C GLN B 76 -9.80 0.78 -19.59
N ILE B 77 -10.69 1.57 -19.01
CA ILE B 77 -10.32 2.49 -17.94
C ILE B 77 -9.87 1.74 -16.67
N GLY B 78 -10.47 0.59 -16.39
CA GLY B 78 -10.06 -0.23 -15.28
C GLY B 78 -8.62 -0.71 -15.40
N ASN B 79 -8.23 -1.16 -16.60
CA ASN B 79 -6.83 -1.65 -16.80
C ASN B 79 -5.88 -0.50 -16.72
N VAL B 80 -6.26 0.70 -17.22
CA VAL B 80 -5.34 1.89 -17.05
C VAL B 80 -5.15 2.22 -15.60
N ILE B 81 -6.26 2.31 -14.85
CA ILE B 81 -6.20 2.51 -13.39
C ILE B 81 -5.34 1.51 -12.70
N ASN B 82 -5.53 0.21 -13.01
CA ASN B 82 -4.74 -0.80 -12.28
C ASN B 82 -3.29 -0.79 -12.68
N TRP B 83 -3.01 -0.59 -13.96
CA TRP B 83 -1.57 -0.42 -14.33
C TRP B 83 -0.94 0.78 -13.59
N THR B 84 -1.67 1.85 -13.47
CA THR B 84 -1.12 3.04 -12.77
C THR B 84 -0.94 2.76 -11.30
N ARG B 85 -1.92 2.13 -10.71
CA ARG B 85 -1.84 1.81 -9.28
C ARG B 85 -0.64 0.89 -9.02
N ASP B 86 -0.49 -0.16 -9.81
CA ASP B 86 0.60 -1.15 -9.58
C ASP B 86 1.94 -0.49 -9.83
N SER B 87 2.00 0.48 -10.74
CA SER B 87 3.30 1.20 -10.94
C SER B 87 3.63 2.00 -9.71
N ILE B 88 2.61 2.65 -9.12
CA ILE B 88 2.79 3.49 -7.93
C ILE B 88 3.18 2.60 -6.76
N THR B 89 2.48 1.48 -6.61
CA THR B 89 2.91 0.53 -5.58
C THR B 89 4.38 0.10 -5.72
N GLU B 90 4.82 -0.16 -6.95
CA GLU B 90 6.26 -0.56 -7.11
C GLU B 90 7.18 0.51 -6.62
N VAL B 91 6.87 1.76 -6.94
CA VAL B 91 7.63 2.90 -6.48
C VAL B 91 7.71 3.00 -4.97
N TRP B 92 6.56 2.97 -4.32
CA TRP B 92 6.54 2.99 -2.85
C TRP B 92 7.15 1.79 -2.15
N SER B 93 6.96 0.59 -2.68
CA SER B 93 7.62 -0.58 -2.08
C SER B 93 9.15 -0.45 -2.14
N TYR B 94 9.64 0.05 -3.25
CA TYR B 94 11.08 0.24 -3.47
C TYR B 94 11.60 1.35 -2.55
N ASN B 95 10.85 2.44 -2.42
CA ASN B 95 11.28 3.57 -1.53
C ASN B 95 11.26 3.12 -0.07
N ALA B 96 10.25 2.34 0.32
CA ALA B 96 10.22 1.86 1.69
C ALA B 96 11.38 0.92 2.04
N GLU B 97 11.72 -0.01 1.16
CA GLU B 97 12.82 -0.91 1.42
C GLU B 97 14.13 -0.19 1.49
N LEU B 98 14.35 0.74 0.56
CA LEU B 98 15.52 1.56 0.57
C LEU B 98 15.60 2.51 1.77
N LEU B 99 14.48 3.13 2.11
CA LEU B 99 14.49 4.04 3.26
C LEU B 99 14.97 3.32 4.51
N VAL B 100 14.50 2.12 4.72
CA VAL B 100 14.85 1.41 5.93
C VAL B 100 16.29 0.87 5.88
N ALA B 101 16.71 0.34 4.78
CA ALA B 101 18.08 -0.17 4.71
C ALA B 101 19.08 0.99 4.88
N MET B 102 18.80 2.15 4.24
CA MET B 102 19.67 3.30 4.38
C MET B 102 19.67 3.87 5.77
N GLU B 103 18.48 4.10 6.34
CA GLU B 103 18.42 4.56 7.71
C GLU B 103 19.04 3.60 8.76
N ASN B 104 18.89 2.29 8.61
CA ASN B 104 19.49 1.37 9.56
C ASN B 104 21.05 1.37 9.46
N GLN B 105 21.57 1.40 8.25
CA GLN B 105 23.02 1.57 8.06
C GLN B 105 23.50 2.84 8.78
N HIS B 106 22.78 3.94 8.60
CA HIS B 106 23.18 5.20 9.25
C HIS B 106 23.06 5.16 10.77
N THR B 107 21.97 4.55 11.25
CA THR B 107 21.76 4.36 12.70
C THR B 107 22.87 3.57 13.36
N ILE B 108 23.23 2.49 12.75
CA ILE B 108 24.33 1.70 13.24
C ILE B 108 25.66 2.42 13.24
N ASP B 109 25.98 3.14 12.16
CA ASP B 109 27.28 3.87 12.08
C ASP B 109 27.31 5.01 13.06
N LEU B 110 26.18 5.66 13.23
CA LEU B 110 26.07 6.81 14.14
C LEU B 110 26.28 6.37 15.60
N ALA B 111 25.76 5.19 15.96
CA ALA B 111 25.93 4.73 17.32
C ALA B 111 27.40 4.39 17.62
N ASP B 112 28.08 3.74 16.69
CA ASP B 112 29.50 3.42 16.81
C ASP B 112 30.36 4.67 16.85
N SER B 113 30.01 5.64 16.03
CA SER B 113 30.69 6.92 16.05
C SER B 113 30.51 7.66 17.41
N GLU B 114 29.34 7.61 18.05
CA GLU B 114 29.27 8.19 19.40
C GLU B 114 30.20 7.45 20.38
N MET B 115 30.33 6.13 20.23
CA MET B 115 31.25 5.30 21.08
C MET B 115 32.70 5.74 20.88
N ASP B 116 33.11 5.93 19.62
CA ASP B 116 34.45 6.40 19.30
C ASP B 116 34.75 7.79 19.83
N LYS B 117 33.78 8.68 19.76
CA LYS B 117 33.93 10.03 20.31
C LYS B 117 34.17 9.97 21.81
N LEU B 118 33.40 9.15 22.54
CA LEU B 118 33.60 9.07 23.98
C LEU B 118 35.02 8.51 24.32
N TYR B 119 35.37 7.46 23.65
CA TYR B 119 36.67 6.84 23.83
C TYR B 119 37.81 7.80 23.57
N GLU B 120 37.71 8.53 22.46
CA GLU B 120 38.74 9.49 22.05
C GLU B 120 38.83 10.62 23.07
N ARG B 121 37.70 11.05 23.58
CA ARG B 121 37.70 12.06 24.63
C ARG B 121 38.48 11.58 25.89
N VAL B 122 38.20 10.38 26.35
CA VAL B 122 38.89 9.89 27.54
C VAL B 122 40.35 9.76 27.23
N LYS B 123 40.71 9.19 26.11
CA LYS B 123 42.14 9.15 25.73
C LYS B 123 42.83 10.50 25.87
N ARG B 124 42.17 11.57 25.43
CA ARG B 124 42.78 12.89 25.47
C ARG B 124 42.81 13.48 26.88
N GLN B 125 41.81 13.17 27.71
CA GLN B 125 41.91 13.55 29.12
C GLN B 125 43.15 12.91 29.78
N LEU B 126 43.39 11.64 29.48
CA LEU B 126 44.43 10.86 30.15
C LEU B 126 45.81 11.19 29.68
N ARG B 127 45.96 11.71 28.48
CA ARG B 127 47.26 12.26 28.01
C ARG B 127 48.34 11.18 28.15
N GLU B 128 49.39 11.47 28.90
CA GLU B 128 50.57 10.58 29.00
C GLU B 128 50.48 9.63 30.17
N ASN B 129 49.36 9.62 30.86
CA ASN B 129 49.28 8.83 32.07
C ASN B 129 48.75 7.39 31.88
N ALA B 130 48.35 7.06 30.67
CA ALA B 130 47.66 5.78 30.35
C ALA B 130 48.04 5.30 28.97
N GLU B 131 47.88 4.02 28.72
CA GLU B 131 48.07 3.45 27.40
C GLU B 131 46.87 2.61 27.03
N GLU B 132 46.60 2.51 25.75
CA GLU B 132 45.48 1.68 25.25
C GLU B 132 45.82 0.21 25.34
N ASP B 133 44.91 -0.64 25.78
CA ASP B 133 45.20 -2.09 25.80
C ASP B 133 44.72 -2.81 24.56
N GLY B 134 44.03 -2.11 23.67
CA GLY B 134 43.46 -2.74 22.46
C GLY B 134 42.07 -3.41 22.58
N THR B 135 41.42 -3.36 23.73
CA THR B 135 40.05 -3.89 23.84
C THR B 135 39.05 -2.78 24.11
N GLY B 136 39.51 -1.54 24.12
CA GLY B 136 38.68 -0.42 24.45
C GLY B 136 38.93 0.10 25.85
N CYS B 137 40.05 -0.32 26.47
CA CYS B 137 40.38 0.12 27.81
C CYS B 137 41.71 0.89 27.82
N PHE B 138 41.93 1.57 28.93
CA PHE B 138 43.14 2.27 29.22
C PHE B 138 43.72 1.66 30.44
N GLU B 139 44.98 1.27 30.34
CA GLU B 139 45.78 0.90 31.52
C GLU B 139 46.33 2.19 32.07
N ILE B 140 46.00 2.48 33.31
CA ILE B 140 46.33 3.76 33.93
C ILE B 140 47.57 3.48 34.75
N PHE B 141 48.61 4.26 34.56
CA PHE B 141 49.91 3.97 35.19
C PHE B 141 50.15 4.74 36.50
N HIS B 142 49.08 4.88 37.28
CA HIS B 142 49.15 5.41 38.62
C HIS B 142 47.94 4.86 39.37
N LYS B 143 47.96 4.90 40.70
CA LYS B 143 46.80 4.47 41.50
C LYS B 143 45.62 5.41 41.23
N CYS B 144 44.49 4.85 40.89
CA CYS B 144 43.36 5.68 40.55
C CYS B 144 42.16 5.18 41.29
N ASP B 145 41.88 5.79 42.46
CA ASP B 145 40.88 5.28 43.38
C ASP B 145 39.50 5.78 42.91
N ASP B 146 38.47 5.60 43.72
CA ASP B 146 37.12 5.78 43.21
C ASP B 146 36.86 7.22 42.85
N ASP B 147 37.43 8.11 43.63
CA ASP B 147 37.30 9.53 43.35
C ASP B 147 38.05 9.91 42.06
N CYS B 148 39.26 9.41 41.88
CA CYS B 148 39.96 9.59 40.63
C CYS B 148 39.18 9.05 39.38
N MET B 149 38.65 7.82 39.46
CA MET B 149 37.81 7.26 38.43
C MET B 149 36.58 8.17 38.12
N ALA B 150 35.87 8.62 39.16
CA ALA B 150 34.81 9.61 38.99
C ALA B 150 35.29 10.89 38.29
N SER B 151 36.50 11.35 38.55
CA SER B 151 37.00 12.59 37.87
C SER B 151 37.25 12.34 36.37
N ILE B 152 37.52 11.09 36.01
CA ILE B 152 37.67 10.75 34.60
C ILE B 152 36.29 10.75 33.97
N ARG B 153 35.34 10.09 34.61
CA ARG B 153 33.99 10.08 34.11
C ARG B 153 33.38 11.47 33.95
N ASN B 154 33.58 12.40 34.88
CA ASN B 154 32.90 13.69 34.78
C ASN B 154 33.80 14.80 34.17
N ASN B 155 34.93 14.41 33.60
CA ASN B 155 35.73 15.28 32.77
C ASN B 155 36.51 16.34 33.55
N THR B 156 36.90 16.04 34.78
CA THR B 156 37.69 16.97 35.59
C THR B 156 39.07 16.37 35.93
N TYR B 157 39.38 15.18 35.43
CA TYR B 157 40.66 14.56 35.69
C TYR B 157 41.75 15.48 35.17
N ASP B 158 42.72 15.76 36.03
CA ASP B 158 43.75 16.67 35.72
C ASP B 158 45.02 15.83 35.59
N HIS B 159 45.43 15.61 34.36
CA HIS B 159 46.55 14.77 34.09
C HIS B 159 47.85 15.23 34.77
N SER B 160 48.03 16.53 34.95
CA SER B 160 49.27 17.09 35.53
C SER B 160 49.51 16.59 36.91
N LYS B 161 48.45 16.37 37.65
CA LYS B 161 48.57 15.90 39.01
C LYS B 161 49.27 14.53 39.10
N TYR B 162 49.07 13.65 38.13
CA TYR B 162 49.60 12.31 38.23
C TYR B 162 50.76 12.03 37.26
N ARG B 163 51.13 13.00 36.48
CA ARG B 163 52.00 12.76 35.32
C ARG B 163 53.38 12.26 35.73
N GLU B 164 53.94 12.89 36.75
CA GLU B 164 55.28 12.54 37.26
C GLU B 164 55.34 11.07 37.61
N GLU B 165 54.42 10.62 38.45
CA GLU B 165 54.27 9.24 38.85
C GLU B 165 54.02 8.30 37.63
N ALA B 166 53.11 8.71 36.74
CA ALA B 166 52.68 7.84 35.66
C ALA B 166 53.82 7.63 34.67
N MET B 167 54.50 8.72 34.27
CA MET B 167 55.55 8.65 33.26
C MET B 167 56.72 7.81 33.71
N GLN B 168 57.04 7.91 34.99
CA GLN B 168 58.02 7.07 35.60
C GLN B 168 57.62 5.59 35.54
N ASN B 169 56.38 5.30 35.87
CA ASN B 169 55.88 3.91 35.80
C ASN B 169 55.84 3.37 34.40
N ARG B 170 55.58 4.20 33.40
CA ARG B 170 55.60 3.72 32.03
C ARG B 170 57.03 3.36 31.57
N ILE B 171 58.05 3.77 32.34
CA ILE B 171 59.44 3.17 32.27
C ILE B 171 59.93 2.69 33.66
N ASP C 5 63.60 -1.06 11.41
CA ASP C 5 62.66 -2.00 10.75
C ASP C 5 61.22 -1.44 10.68
N LYS C 6 60.43 -1.91 9.73
CA LYS C 6 59.14 -1.30 9.54
C LYS C 6 58.14 -2.14 8.91
N ILE C 7 56.87 -1.86 9.26
CA ILE C 7 55.74 -2.53 8.68
C ILE C 7 54.65 -1.54 8.25
N CYS C 8 54.12 -1.72 7.04
CA CYS C 8 53.22 -0.78 6.38
C CYS C 8 51.94 -1.48 6.09
N LEU C 9 50.86 -0.76 6.24
CA LEU C 9 49.52 -1.28 5.84
C LEU C 9 49.17 -0.64 4.51
N GLY C 10 48.57 -1.41 3.63
CA GLY C 10 48.17 -0.90 2.34
C GLY C 10 46.98 -1.63 1.78
N HIS C 11 46.52 -1.13 0.64
CA HIS C 11 45.42 -1.71 -0.07
C HIS C 11 45.75 -1.81 -1.52
N HIS C 12 45.03 -2.69 -2.22
CA HIS C 12 45.33 -2.87 -3.59
C HIS C 12 44.93 -1.71 -4.49
N ALA C 13 45.48 -1.77 -5.70
CA ALA C 13 45.18 -0.83 -6.79
C ALA C 13 45.49 -1.51 -8.11
N VAL C 14 44.95 -0.97 -9.19
CA VAL C 14 45.16 -1.52 -10.51
C VAL C 14 45.53 -0.34 -11.40
N SER C 15 46.14 -0.62 -12.54
CA SER C 15 46.41 0.45 -13.49
C SER C 15 45.09 0.72 -14.31
N ASN C 16 44.31 -0.32 -14.63
CA ASN C 16 43.02 -0.21 -15.41
C ASN C 16 41.79 0.07 -14.52
N GLY C 17 41.69 1.28 -13.97
CA GLY C 17 40.59 1.60 -13.06
C GLY C 17 39.28 1.82 -13.82
N THR C 18 38.14 1.85 -13.14
CA THR C 18 36.85 2.17 -13.83
C THR C 18 36.11 3.34 -13.17
N LYS C 19 35.65 4.29 -13.98
CA LYS C 19 35.08 5.53 -13.46
C LYS C 19 33.62 5.33 -13.05
N VAL C 20 33.21 5.91 -11.96
CA VAL C 20 31.81 5.83 -11.49
C VAL C 20 31.48 7.21 -10.90
N ASN C 21 30.24 7.40 -10.51
CA ASN C 21 29.77 8.65 -9.96
C ASN C 21 29.32 8.44 -8.56
N THR C 22 29.57 9.44 -7.73
CA THR C 22 29.22 9.41 -6.32
C THR C 22 28.41 10.63 -6.03
N LEU C 23 28.06 10.82 -4.79
CA LEU C 23 27.31 11.99 -4.38
C LEU C 23 28.08 13.31 -4.57
N THR C 24 29.40 13.24 -4.51
CA THR C 24 30.23 14.43 -4.53
C THR C 24 31.10 14.58 -5.77
N GLU C 25 31.20 13.54 -6.60
CA GLU C 25 32.14 13.56 -7.74
C GLU C 25 31.70 12.74 -8.90
N ARG C 26 31.86 13.28 -10.10
CA ARG C 26 31.67 12.53 -11.33
C ARG C 26 32.97 11.89 -11.71
N GLY C 27 32.95 10.62 -12.07
CA GLY C 27 34.14 10.03 -12.64
C GLY C 27 35.26 9.74 -11.66
N VAL C 28 34.94 9.37 -10.43
CA VAL C 28 35.99 8.84 -9.51
C VAL C 28 36.32 7.37 -9.89
N GLU C 29 37.60 7.03 -9.89
CA GLU C 29 38.03 5.73 -10.37
C GLU C 29 37.97 4.72 -9.24
N VAL C 30 37.37 3.56 -9.50
CA VAL C 30 37.35 2.49 -8.53
C VAL C 30 37.98 1.24 -9.15
N VAL C 31 38.35 0.31 -8.29
CA VAL C 31 39.12 -0.87 -8.69
C VAL C 31 38.27 -1.75 -9.55
N ASN C 32 37.00 -1.80 -9.25
CA ASN C 32 36.06 -2.62 -10.04
C ASN C 32 34.61 -2.05 -9.94
N ALA C 33 33.82 -2.32 -10.96
CA ALA C 33 32.46 -1.82 -11.04
C ALA C 33 31.63 -2.72 -11.94
N THR C 34 30.29 -2.57 -11.89
CA THR C 34 29.36 -3.43 -12.68
C THR C 34 28.14 -2.63 -13.15
N GLU C 35 27.58 -3.02 -14.29
CA GLU C 35 26.50 -2.34 -14.91
C GLU C 35 25.21 -2.58 -14.14
N THR C 36 24.36 -1.59 -14.09
CA THR C 36 23.06 -1.72 -13.45
C THR C 36 21.89 -1.58 -14.44
N VAL C 37 22.20 -1.10 -15.63
CA VAL C 37 21.22 -0.86 -16.65
C VAL C 37 21.45 -1.82 -17.79
N GLU C 38 20.47 -2.68 -18.01
CA GLU C 38 20.52 -3.65 -19.11
C GLU C 38 20.30 -3.04 -20.47
N ARG C 39 21.26 -3.31 -21.38
CA ARG C 39 21.17 -2.94 -22.80
C ARG C 39 21.16 -4.11 -23.74
N THR C 40 21.43 -5.30 -23.25
CA THR C 40 21.56 -6.44 -24.15
C THR C 40 20.19 -7.09 -24.41
N ASN C 41 19.78 -7.12 -25.65
CA ASN C 41 18.53 -7.72 -26.09
C ASN C 41 18.76 -9.05 -26.72
N ILE C 42 17.86 -10.00 -26.56
CA ILE C 42 17.88 -11.19 -27.43
C ILE C 42 16.75 -11.03 -28.47
N PRO C 43 17.08 -11.01 -29.77
CA PRO C 43 16.09 -10.70 -30.80
C PRO C 43 15.19 -11.87 -31.14
N ARG C 44 14.69 -12.56 -30.11
CA ARG C 44 13.78 -13.67 -30.28
C ARG C 44 12.81 -13.66 -29.11
N ILE C 45 11.69 -14.36 -29.27
CA ILE C 45 10.73 -14.56 -28.15
C ILE C 45 11.05 -15.88 -27.48
N CYS C 46 11.70 -15.77 -26.33
CA CYS C 46 12.14 -16.91 -25.58
C CYS C 46 10.98 -17.56 -24.87
N SER C 47 10.48 -18.64 -25.46
CA SER C 47 9.21 -19.25 -25.06
C SER C 47 9.35 -20.57 -24.29
N LYS C 48 10.56 -20.94 -23.87
CA LYS C 48 10.77 -22.26 -23.24
C LYS C 48 9.96 -22.37 -22.00
N GLY C 49 9.27 -23.50 -21.84
CA GLY C 49 8.42 -23.77 -20.68
C GLY C 49 7.00 -23.20 -20.78
N LYS C 50 6.63 -22.70 -21.95
CA LYS C 50 5.33 -22.03 -22.12
C LYS C 50 4.62 -22.44 -23.39
N ARG C 51 3.34 -22.76 -23.29
CA ARG C 51 2.58 -23.13 -24.48
C ARG C 51 2.35 -21.84 -25.23
N THR C 52 2.89 -21.77 -26.41
CA THR C 52 2.96 -20.52 -27.15
C THR C 52 2.14 -20.57 -28.43
N VAL C 53 1.27 -19.58 -28.67
CA VAL C 53 0.50 -19.50 -29.92
C VAL C 53 0.94 -18.24 -30.68
N ASP C 54 1.40 -18.46 -31.89
CA ASP C 54 1.84 -17.40 -32.77
C ASP C 54 0.73 -17.17 -33.78
N LEU C 55 -0.03 -16.09 -33.61
CA LEU C 55 -1.27 -15.90 -34.36
C LEU C 55 -1.08 -15.56 -35.84
N GLY C 56 0.09 -15.07 -36.22
CA GLY C 56 0.37 -15.00 -37.69
C GLY C 56 -0.59 -14.02 -38.37
N GLN C 57 -1.24 -14.43 -39.45
CA GLN C 57 -2.30 -13.66 -40.10
C GLN C 57 -3.61 -13.59 -39.39
N CYS C 58 -3.78 -14.35 -38.33
CA CYS C 58 -5.02 -14.25 -37.52
C CYS C 58 -4.95 -13.10 -36.52
N GLY C 59 -5.87 -12.14 -36.60
CA GLY C 59 -5.94 -11.10 -35.56
C GLY C 59 -6.61 -11.72 -34.33
N LEU C 60 -6.18 -11.28 -33.16
CA LEU C 60 -6.62 -11.83 -31.92
C LEU C 60 -8.18 -11.83 -31.79
N LEU C 61 -8.82 -10.74 -32.19
CA LEU C 61 -10.31 -10.68 -32.10
C LEU C 61 -10.99 -11.64 -33.08
N GLY C 62 -10.30 -11.97 -34.16
CA GLY C 62 -10.73 -12.99 -35.13
C GLY C 62 -10.83 -14.40 -34.59
N THR C 63 -10.13 -14.69 -33.51
CA THR C 63 -10.30 -15.99 -32.89
C THR C 63 -11.73 -16.20 -32.34
N ILE C 64 -12.42 -15.11 -32.10
CA ILE C 64 -13.76 -15.17 -31.56
C ILE C 64 -14.81 -15.26 -32.68
N THR C 65 -14.64 -14.50 -33.76
CA THR C 65 -15.63 -14.47 -34.84
C THR C 65 -15.34 -15.47 -35.96
N GLY C 66 -14.06 -15.72 -36.23
CA GLY C 66 -13.64 -16.81 -37.16
C GLY C 66 -13.59 -16.51 -38.64
N PRO C 67 -13.01 -15.39 -39.06
CA PRO C 67 -12.65 -15.33 -40.45
C PRO C 67 -11.65 -16.43 -40.83
N PRO C 68 -11.48 -16.72 -42.12
CA PRO C 68 -10.70 -17.91 -42.54
C PRO C 68 -9.24 -17.98 -42.06
N GLN C 69 -8.53 -16.86 -41.96
CA GLN C 69 -7.15 -16.82 -41.37
C GLN C 69 -7.14 -17.39 -39.97
N CYS C 70 -8.31 -17.43 -39.29
CA CYS C 70 -8.30 -17.78 -37.86
C CYS C 70 -8.85 -19.19 -37.61
N ASP C 71 -9.07 -19.93 -38.69
CA ASP C 71 -9.73 -21.26 -38.58
C ASP C 71 -9.01 -22.23 -37.65
N GLN C 72 -7.69 -22.18 -37.58
CA GLN C 72 -6.92 -23.03 -36.63
C GLN C 72 -6.92 -22.60 -35.21
N PHE C 73 -7.47 -21.42 -34.86
CA PHE C 73 -7.32 -20.87 -33.48
C PHE C 73 -8.66 -20.61 -32.81
N LEU C 74 -9.73 -21.23 -33.34
CA LEU C 74 -11.05 -20.94 -32.80
C LEU C 74 -11.17 -21.30 -31.36
N GLU C 75 -10.43 -22.30 -30.92
CA GLU C 75 -10.49 -22.79 -29.53
C GLU C 75 -9.08 -22.92 -28.97
N PHE C 76 -8.23 -22.00 -29.34
CA PHE C 76 -6.83 -22.09 -28.91
C PHE C 76 -6.63 -22.06 -27.40
N SER C 77 -5.49 -22.62 -27.03
CA SER C 77 -5.01 -22.70 -25.65
C SER C 77 -3.58 -22.21 -25.56
N ALA C 78 -3.24 -21.35 -24.58
CA ALA C 78 -1.87 -20.89 -24.48
C ALA C 78 -1.52 -20.22 -23.16
N ASP C 79 -0.22 -20.24 -22.83
CA ASP C 79 0.35 -19.41 -21.76
C ASP C 79 0.88 -18.09 -22.31
N LEU C 80 1.31 -18.11 -23.56
CA LEU C 80 1.92 -16.95 -24.18
C LEU C 80 1.30 -16.76 -25.58
N ILE C 81 0.68 -15.61 -25.83
CA ILE C 81 -0.01 -15.33 -27.10
C ILE C 81 0.76 -14.21 -27.83
N ILE C 82 1.12 -14.44 -29.08
CA ILE C 82 1.86 -13.46 -29.83
C ILE C 82 1.04 -12.92 -31.00
N GLU C 83 0.79 -11.62 -31.01
CA GLU C 83 0.17 -10.99 -32.16
C GLU C 83 1.24 -10.46 -33.09
N ARG C 84 0.90 -10.43 -34.37
CA ARG C 84 1.75 -10.02 -35.42
C ARG C 84 1.11 -8.95 -36.22
N ARG C 85 1.95 -8.11 -36.83
CA ARG C 85 1.44 -6.94 -37.60
C ARG C 85 0.55 -7.33 -38.76
N GLU C 86 0.85 -8.43 -39.41
CA GLU C 86 0.03 -8.89 -40.51
C GLU C 86 -1.35 -9.39 -40.03
N GLY C 87 -1.59 -9.52 -38.73
CA GLY C 87 -2.84 -10.09 -38.23
C GLY C 87 -4.08 -9.23 -38.58
N SER C 88 -5.13 -9.84 -39.11
CA SER C 88 -6.44 -9.12 -39.32
C SER C 88 -7.57 -9.90 -38.64
N ASP C 89 -8.42 -9.16 -37.94
CA ASP C 89 -9.57 -9.65 -37.21
C ASP C 89 -10.73 -9.92 -38.15
N VAL C 90 -10.61 -9.55 -39.41
CA VAL C 90 -11.79 -9.37 -40.22
C VAL C 90 -11.65 -10.05 -41.60
N CYS C 91 -12.76 -10.36 -42.24
CA CYS C 91 -12.77 -10.70 -43.67
C CYS C 91 -13.75 -9.77 -44.35
N TYR C 92 -15.02 -9.82 -44.06
CA TYR C 92 -15.91 -8.74 -44.43
C TYR C 92 -15.56 -7.48 -43.60
N PRO C 93 -15.54 -6.33 -44.23
CA PRO C 93 -14.86 -5.21 -43.61
C PRO C 93 -15.69 -4.71 -42.47
N GLY C 94 -15.00 -4.16 -41.50
CA GLY C 94 -15.67 -3.59 -40.36
C GLY C 94 -14.70 -3.64 -39.22
N LYS C 95 -15.21 -3.49 -38.02
CA LYS C 95 -14.35 -3.56 -36.84
C LYS C 95 -15.15 -3.82 -35.58
N PHE C 96 -14.44 -4.19 -34.53
CA PHE C 96 -15.01 -4.33 -33.20
C PHE C 96 -15.10 -3.02 -32.48
N VAL C 97 -16.28 -2.78 -31.88
CA VAL C 97 -16.50 -1.69 -31.01
C VAL C 97 -15.92 -2.07 -29.64
N ASN C 98 -15.31 -1.07 -29.02
CA ASN C 98 -14.54 -1.30 -27.78
C ASN C 98 -13.44 -2.34 -27.92
N GLU C 99 -12.71 -2.23 -28.99
CA GLU C 99 -11.82 -3.29 -29.40
C GLU C 99 -10.64 -3.51 -28.46
N GLU C 100 -10.11 -2.46 -27.86
CA GLU C 100 -8.84 -2.65 -27.12
C GLU C 100 -9.07 -3.30 -25.80
N ALA C 101 -10.17 -2.97 -25.13
CA ALA C 101 -10.56 -3.67 -23.93
C ALA C 101 -10.68 -5.18 -24.22
N LEU C 102 -11.31 -5.54 -25.31
CA LEU C 102 -11.47 -6.97 -25.63
C LEU C 102 -10.11 -7.59 -25.93
N ARG C 103 -9.24 -6.90 -26.64
CA ARG C 103 -7.91 -7.47 -26.83
C ARG C 103 -7.22 -7.73 -25.52
N GLN C 104 -7.33 -6.78 -24.58
CA GLN C 104 -6.70 -6.90 -23.27
C GLN C 104 -7.32 -8.09 -22.48
N ILE C 105 -8.63 -8.30 -22.60
CA ILE C 105 -9.29 -9.48 -21.99
C ILE C 105 -8.75 -10.78 -22.57
N LEU C 106 -8.55 -10.80 -23.87
CA LEU C 106 -8.14 -12.04 -24.53
C LEU C 106 -6.67 -12.36 -24.39
N ARG C 107 -5.82 -11.34 -24.34
CA ARG C 107 -4.39 -11.56 -24.12
C ARG C 107 -4.07 -12.32 -22.84
N GLU C 108 -4.85 -12.09 -21.80
CA GLU C 108 -4.60 -12.73 -20.50
C GLU C 108 -5.47 -14.01 -20.30
N SER C 109 -6.18 -14.44 -21.32
CA SER C 109 -7.31 -15.39 -21.13
C SER C 109 -6.90 -16.84 -20.92
N GLY C 110 -5.67 -17.19 -21.27
CA GLY C 110 -5.33 -18.64 -21.47
C GLY C 110 -5.83 -19.22 -22.78
N GLY C 111 -6.53 -18.41 -23.57
CA GLY C 111 -7.25 -18.99 -24.73
C GLY C 111 -8.73 -19.15 -24.43
N ILE C 112 -9.45 -19.75 -25.37
CA ILE C 112 -10.91 -19.75 -25.32
C ILE C 112 -11.41 -21.15 -25.67
N ASP C 113 -12.50 -21.52 -25.01
CA ASP C 113 -13.26 -22.76 -25.26
C ASP C 113 -14.63 -22.33 -25.74
N LYS C 114 -15.02 -22.79 -26.91
CA LYS C 114 -16.28 -22.31 -27.53
C LYS C 114 -17.43 -23.23 -27.16
N GLU C 115 -18.65 -22.67 -27.03
CA GLU C 115 -19.82 -23.50 -26.77
C GLU C 115 -20.97 -23.09 -27.67
N ALA C 116 -21.62 -24.05 -28.29
CA ALA C 116 -22.83 -23.81 -29.09
C ALA C 116 -23.88 -23.03 -28.33
N MET C 117 -24.51 -22.04 -28.97
CA MET C 117 -25.52 -21.26 -28.27
C MET C 117 -26.91 -21.78 -28.50
N GLY C 118 -27.07 -22.65 -29.50
CA GLY C 118 -28.32 -23.38 -29.71
C GLY C 118 -29.39 -22.63 -30.46
N PHE C 119 -29.06 -21.50 -31.12
CA PHE C 119 -30.11 -20.83 -31.90
C PHE C 119 -30.48 -21.59 -33.18
N THR C 120 -31.77 -21.69 -33.48
CA THR C 120 -32.21 -22.20 -34.77
C THR C 120 -33.26 -21.22 -35.30
N TYR C 121 -33.57 -21.33 -36.58
CA TYR C 121 -34.30 -20.30 -37.24
C TYR C 121 -35.34 -20.89 -38.14
N SER C 122 -36.41 -20.16 -38.31
CA SER C 122 -37.36 -20.52 -39.35
C SER C 122 -37.90 -19.24 -40.01
N GLY C 123 -38.33 -19.37 -41.25
CA GLY C 123 -38.86 -18.24 -42.00
C GLY C 123 -37.80 -17.28 -42.55
N ILE C 124 -36.51 -17.65 -42.46
CA ILE C 124 -35.46 -16.82 -42.99
C ILE C 124 -34.35 -17.66 -43.60
N ARG C 125 -33.42 -16.99 -44.29
CA ARG C 125 -32.22 -17.67 -44.76
C ARG C 125 -31.17 -17.40 -43.73
N THR C 126 -30.17 -18.25 -43.75
CA THR C 126 -29.15 -18.26 -42.77
C THR C 126 -27.77 -18.26 -43.47
N ASN C 127 -27.79 -18.35 -44.77
CA ASN C 127 -26.57 -18.68 -45.54
C ASN C 127 -25.89 -17.43 -46.14
N GLY C 128 -26.03 -16.25 -45.55
CA GLY C 128 -25.38 -15.08 -46.15
C GLY C 128 -23.88 -15.38 -46.26
N ALA C 129 -23.28 -15.00 -47.39
CA ALA C 129 -21.91 -15.37 -47.71
C ALA C 129 -21.33 -14.24 -48.55
N THR C 130 -19.99 -14.18 -48.64
CA THR C 130 -19.35 -13.11 -49.37
C THR C 130 -18.01 -13.59 -49.89
N SER C 131 -17.62 -13.06 -51.04
CA SER C 131 -16.32 -13.35 -51.64
C SER C 131 -15.15 -12.77 -50.86
N ALA C 132 -15.42 -11.86 -49.93
CA ALA C 132 -14.36 -11.39 -49.00
C ALA C 132 -13.92 -12.45 -47.99
N CYS C 133 -14.75 -13.48 -47.74
CA CYS C 133 -14.43 -14.50 -46.76
C CYS C 133 -14.32 -15.78 -47.53
N ARG C 134 -13.12 -16.07 -48.01
CA ARG C 134 -12.93 -17.17 -48.93
C ARG C 134 -12.57 -18.45 -48.19
N ARG C 135 -13.36 -19.50 -48.41
CA ARG C 135 -12.99 -20.89 -48.08
C ARG C 135 -13.10 -21.78 -49.31
N SER C 136 -14.14 -22.57 -49.44
CA SER C 136 -14.32 -23.29 -50.69
C SER C 136 -15.31 -22.49 -51.50
N GLY C 137 -14.83 -21.34 -51.99
CA GLY C 137 -15.70 -20.30 -52.53
C GLY C 137 -16.15 -19.33 -51.45
N SER C 138 -17.19 -18.58 -51.78
CA SER C 138 -17.75 -17.58 -50.88
C SER C 138 -18.22 -18.18 -49.56
N SER C 139 -17.94 -17.51 -48.46
CA SER C 139 -18.26 -18.08 -47.16
C SER C 139 -18.44 -16.92 -46.20
N PHE C 140 -18.25 -17.18 -44.93
CA PHE C 140 -18.49 -16.17 -43.88
C PHE C 140 -17.68 -16.47 -42.61
N TYR C 141 -17.74 -15.57 -41.62
CA TYR C 141 -17.23 -15.87 -40.30
C TYR C 141 -17.74 -17.26 -39.75
N ALA C 142 -16.82 -18.12 -39.31
CA ALA C 142 -17.16 -19.44 -38.86
C ALA C 142 -18.07 -19.45 -37.71
N GLU C 143 -18.01 -18.42 -36.85
CA GLU C 143 -18.76 -18.44 -35.61
C GLU C 143 -20.04 -17.68 -35.66
N MET C 144 -20.46 -17.22 -36.85
CA MET C 144 -21.57 -16.28 -36.96
C MET C 144 -22.44 -16.67 -38.09
N LYS C 145 -23.63 -16.12 -38.15
CA LYS C 145 -24.53 -16.41 -39.26
C LYS C 145 -25.13 -15.12 -39.75
N TRP C 146 -25.00 -14.91 -41.04
CA TRP C 146 -25.58 -13.76 -41.71
C TRP C 146 -27.02 -14.13 -42.06
N LEU C 147 -27.94 -13.65 -41.23
CA LEU C 147 -29.38 -13.85 -41.39
C LEU C 147 -29.99 -12.88 -42.42
N LEU C 148 -30.75 -13.44 -43.35
CA LEU C 148 -31.30 -12.77 -44.50
C LEU C 148 -32.83 -13.08 -44.56
N SER C 149 -33.58 -12.20 -45.21
CA SER C 149 -35.00 -12.51 -45.52
C SER C 149 -35.02 -13.71 -46.42
N ASN C 150 -36.13 -14.43 -46.35
CA ASN C 150 -36.28 -15.67 -47.11
C ASN C 150 -36.03 -15.57 -48.61
N THR C 151 -36.40 -14.43 -49.17
CA THR C 151 -36.18 -14.17 -50.57
C THR C 151 -35.92 -12.64 -50.71
N ASP C 152 -35.36 -12.22 -51.83
CA ASP C 152 -34.98 -10.80 -52.03
C ASP C 152 -36.17 -9.91 -51.75
N ASN C 153 -35.96 -8.87 -50.95
CA ASN C 153 -36.99 -7.90 -50.61
C ASN C 153 -38.06 -8.37 -49.68
N ALA C 154 -38.13 -9.66 -49.36
CA ALA C 154 -39.22 -10.07 -48.53
C ALA C 154 -39.05 -9.50 -47.14
N ALA C 155 -40.15 -9.43 -46.42
CA ALA C 155 -40.11 -9.00 -45.02
C ALA C 155 -39.41 -9.99 -44.06
N PHE C 156 -38.70 -9.45 -43.08
CA PHE C 156 -37.88 -10.23 -42.20
C PHE C 156 -38.65 -10.26 -40.90
N PRO C 157 -39.04 -11.46 -40.40
CA PRO C 157 -39.92 -11.55 -39.25
C PRO C 157 -39.24 -11.09 -37.98
N GLN C 158 -40.00 -10.49 -37.10
CA GLN C 158 -39.50 -9.99 -35.84
C GLN C 158 -39.10 -11.19 -35.01
N MET C 159 -37.89 -11.21 -34.44
CA MET C 159 -37.39 -12.44 -33.85
C MET C 159 -36.81 -12.16 -32.53
N THR C 160 -36.81 -13.18 -31.70
CA THR C 160 -36.17 -13.14 -30.40
C THR C 160 -35.43 -14.44 -30.10
N LYS C 161 -34.19 -14.33 -29.60
CA LYS C 161 -33.35 -15.53 -29.36
C LYS C 161 -32.64 -15.27 -28.06
N SER C 162 -32.60 -16.25 -27.21
CA SER C 162 -32.03 -16.11 -25.88
C SER C 162 -31.06 -17.23 -25.60
N TYR C 163 -30.02 -16.91 -24.86
CA TYR C 163 -29.06 -17.90 -24.46
C TYR C 163 -28.71 -17.69 -23.02
N LYS C 164 -28.74 -18.77 -22.25
CA LYS C 164 -28.34 -18.73 -20.85
C LYS C 164 -26.94 -19.30 -20.62
N ASN C 165 -26.12 -18.62 -19.81
CA ASN C 165 -24.79 -19.17 -19.40
C ASN C 165 -24.88 -20.12 -18.18
N THR C 166 -24.88 -21.42 -18.48
CA THR C 166 -24.95 -22.54 -17.54
C THR C 166 -23.66 -22.75 -16.81
N ARG C 167 -22.56 -22.15 -17.28
CA ARG C 167 -21.26 -22.46 -16.69
C ARG C 167 -20.94 -21.56 -15.53
N LYS C 168 -19.78 -21.78 -14.94
CA LYS C 168 -19.40 -21.10 -13.70
C LYS C 168 -18.51 -19.93 -13.94
N SER C 169 -18.29 -19.62 -15.22
CA SER C 169 -17.38 -18.57 -15.67
C SER C 169 -18.14 -17.58 -16.57
N PRO C 170 -17.67 -16.32 -16.69
CA PRO C 170 -18.44 -15.43 -17.58
C PRO C 170 -18.29 -15.81 -19.06
N ALA C 171 -19.37 -15.76 -19.83
CA ALA C 171 -19.31 -16.07 -21.23
C ALA C 171 -19.05 -14.79 -22.03
N LEU C 172 -18.15 -14.85 -22.97
CA LEU C 172 -17.96 -13.79 -23.99
C LEU C 172 -18.92 -13.97 -25.18
N ILE C 173 -19.82 -13.03 -25.34
CA ILE C 173 -20.86 -13.07 -26.35
C ILE C 173 -20.54 -11.97 -27.39
N VAL C 174 -20.49 -12.32 -28.66
CA VAL C 174 -20.25 -11.36 -29.75
C VAL C 174 -21.36 -11.42 -30.79
N TRP C 175 -21.76 -10.26 -31.33
CA TRP C 175 -22.71 -10.20 -32.41
C TRP C 175 -22.32 -9.06 -33.34
N GLY C 176 -22.98 -8.99 -34.45
CA GLY C 176 -22.67 -8.02 -35.44
C GLY C 176 -23.91 -7.24 -35.90
N ILE C 177 -23.67 -6.03 -36.41
CA ILE C 177 -24.69 -5.19 -37.09
C ILE C 177 -24.19 -4.86 -38.50
N HIS C 178 -25.03 -5.07 -39.50
CA HIS C 178 -24.64 -4.94 -40.87
C HIS C 178 -25.18 -3.62 -41.38
N HIS C 179 -24.26 -2.80 -41.82
CA HIS C 179 -24.52 -1.49 -42.41
C HIS C 179 -24.32 -1.64 -43.91
N SER C 180 -25.45 -1.73 -44.63
CA SER C 180 -25.44 -1.93 -46.04
C SER C 180 -24.93 -0.67 -46.78
N VAL C 181 -24.51 -0.87 -48.02
CA VAL C 181 -23.94 0.20 -48.85
C VAL C 181 -25.01 1.25 -49.18
N SER C 182 -26.30 0.85 -49.18
CA SER C 182 -27.44 1.71 -49.56
C SER C 182 -28.76 1.19 -48.96
N THR C 183 -29.76 2.03 -48.89
CA THR C 183 -31.06 1.60 -48.41
C THR C 183 -31.70 0.56 -49.36
N ALA C 184 -31.41 0.68 -50.65
CA ALA C 184 -31.75 -0.35 -51.64
C ALA C 184 -31.25 -1.76 -51.23
N GLU C 185 -29.95 -1.88 -50.99
CA GLU C 185 -29.33 -3.17 -50.60
C GLU C 185 -29.95 -3.64 -49.28
N GLN C 186 -30.13 -2.74 -48.32
CA GLN C 186 -30.66 -3.12 -47.05
C GLN C 186 -32.10 -3.71 -47.18
N THR C 187 -32.87 -3.14 -48.12
CA THR C 187 -34.18 -3.69 -48.54
C THR C 187 -34.11 -5.04 -49.25
N LYS C 188 -33.23 -5.19 -50.23
CA LYS C 188 -33.00 -6.47 -50.82
C LYS C 188 -32.75 -7.56 -49.73
N LEU C 189 -31.86 -7.30 -48.76
CA LEU C 189 -31.41 -8.32 -47.83
C LEU C 189 -32.40 -8.61 -46.77
N TYR C 190 -33.01 -7.59 -46.23
CA TYR C 190 -33.83 -7.72 -45.01
C TYR C 190 -35.27 -7.19 -45.13
N GLY C 191 -35.69 -6.78 -46.32
CA GLY C 191 -37.04 -6.20 -46.45
C GLY C 191 -37.07 -4.73 -46.02
N SER C 192 -37.95 -3.95 -46.61
CA SER C 192 -37.91 -2.49 -46.40
C SER C 192 -38.36 -2.20 -44.98
N GLY C 193 -38.20 -0.95 -44.57
CA GLY C 193 -38.67 -0.54 -43.26
C GLY C 193 -37.53 -0.34 -42.29
N ASN C 194 -37.89 0.17 -41.12
CA ASN C 194 -36.90 0.46 -40.09
C ASN C 194 -36.35 -0.79 -39.37
N LYS C 195 -35.05 -0.86 -39.24
CA LYS C 195 -34.39 -2.06 -38.72
C LYS C 195 -33.86 -1.75 -37.35
N LEU C 196 -34.00 -2.70 -36.46
CA LEU C 196 -33.65 -2.51 -35.05
C LEU C 196 -33.15 -3.78 -34.43
N VAL C 197 -32.08 -3.70 -33.64
CA VAL C 197 -31.57 -4.81 -32.95
C VAL C 197 -31.44 -4.38 -31.53
N THR C 198 -32.03 -5.15 -30.62
CA THR C 198 -31.84 -4.93 -29.20
C THR C 198 -31.20 -6.15 -28.51
N VAL C 199 -30.38 -5.85 -27.52
CA VAL C 199 -29.63 -6.83 -26.87
C VAL C 199 -29.71 -6.52 -25.41
N GLY C 200 -30.13 -7.52 -24.64
CA GLY C 200 -30.29 -7.36 -23.20
C GLY C 200 -29.84 -8.57 -22.37
N SER C 201 -29.14 -8.26 -21.30
CA SER C 201 -29.03 -9.17 -20.22
C SER C 201 -29.66 -8.56 -18.92
N SER C 202 -29.33 -9.15 -17.78
CA SER C 202 -29.80 -8.56 -16.53
C SER C 202 -28.98 -7.29 -16.20
N ASN C 203 -27.79 -7.13 -16.79
CA ASN C 203 -26.86 -6.00 -16.53
C ASN C 203 -26.43 -5.17 -17.72
N TYR C 204 -27.11 -5.34 -18.83
CA TYR C 204 -26.69 -4.73 -20.06
C TYR C 204 -27.95 -4.58 -20.86
N GLN C 205 -28.05 -3.40 -21.44
CA GLN C 205 -29.08 -3.14 -22.40
C GLN C 205 -28.49 -2.11 -23.41
N GLN C 206 -28.61 -2.39 -24.72
CA GLN C 206 -28.24 -1.47 -25.79
C GLN C 206 -29.03 -1.82 -27.04
N SER C 207 -29.28 -0.79 -27.80
CA SER C 207 -30.06 -0.81 -29.06
C SER C 207 -29.13 -0.42 -30.22
N PHE C 208 -29.37 -0.97 -31.41
CA PHE C 208 -28.55 -0.73 -32.60
C PHE C 208 -29.44 -0.58 -33.80
N VAL C 209 -29.21 0.48 -34.56
CA VAL C 209 -29.93 0.74 -35.79
C VAL C 209 -28.87 0.73 -36.89
N PRO C 210 -29.03 -0.12 -37.92
CA PRO C 210 -28.04 -0.03 -39.00
C PRO C 210 -28.11 1.35 -39.69
N SER C 211 -27.00 1.80 -40.23
CA SER C 211 -26.99 3.03 -40.98
C SER C 211 -26.38 2.77 -42.36
N PRO C 212 -27.21 2.60 -43.36
CA PRO C 212 -26.71 2.31 -44.69
C PRO C 212 -26.06 3.52 -45.30
N GLY C 213 -25.11 3.31 -46.19
CA GLY C 213 -24.50 4.42 -46.94
C GLY C 213 -23.16 3.97 -47.47
N ALA C 214 -22.66 4.74 -48.41
CA ALA C 214 -21.47 4.39 -49.11
C ALA C 214 -20.27 4.69 -48.20
N ARG C 215 -19.28 3.81 -48.29
CA ARG C 215 -17.93 4.06 -47.73
C ARG C 215 -16.94 3.45 -48.66
N PRO C 216 -15.61 3.68 -48.43
CA PRO C 216 -14.62 3.25 -49.42
C PRO C 216 -14.60 1.73 -49.47
N GLN C 217 -14.38 1.21 -50.66
CA GLN C 217 -14.28 -0.21 -50.90
C GLN C 217 -13.08 -0.70 -50.13
N VAL C 218 -13.32 -1.73 -49.33
CA VAL C 218 -12.26 -2.45 -48.65
C VAL C 218 -12.51 -3.86 -49.10
N ASN C 219 -11.51 -4.47 -49.74
CA ASN C 219 -11.67 -5.78 -50.40
C ASN C 219 -12.77 -5.76 -51.47
N GLY C 220 -12.88 -4.69 -52.24
CA GLY C 220 -14.00 -4.53 -53.19
C GLY C 220 -15.38 -4.27 -52.58
N LEU C 221 -15.52 -4.24 -51.25
CA LEU C 221 -16.83 -4.01 -50.60
C LEU C 221 -16.99 -2.72 -49.79
N SER C 222 -18.18 -2.13 -49.92
CA SER C 222 -18.46 -0.79 -49.34
C SER C 222 -19.40 -0.87 -48.16
N GLY C 223 -19.98 -2.04 -47.92
CA GLY C 223 -20.68 -2.29 -46.66
C GLY C 223 -19.70 -2.47 -45.50
N ARG C 224 -20.28 -2.49 -44.28
CA ARG C 224 -19.47 -2.76 -43.06
C ARG C 224 -20.24 -3.61 -42.07
N ILE C 225 -19.55 -4.48 -41.36
CA ILE C 225 -20.14 -5.25 -40.29
C ILE C 225 -19.37 -4.84 -39.09
N ASP C 226 -20.01 -4.11 -38.17
CA ASP C 226 -19.37 -3.88 -36.86
C ASP C 226 -19.81 -4.87 -35.71
N PHE C 227 -18.82 -5.32 -34.98
CA PHE C 227 -18.95 -6.30 -33.95
C PHE C 227 -19.03 -5.63 -32.59
N HIS C 228 -19.95 -6.12 -31.79
CA HIS C 228 -20.10 -5.71 -30.42
C HIS C 228 -20.03 -6.92 -29.50
N TRP C 229 -19.67 -6.70 -28.25
CA TRP C 229 -19.48 -7.81 -27.31
C TRP C 229 -19.96 -7.48 -25.92
N LEU C 230 -20.23 -8.51 -25.14
CA LEU C 230 -20.43 -8.35 -23.70
C LEU C 230 -19.97 -9.64 -22.96
N MET C 231 -19.78 -9.49 -21.66
CA MET C 231 -19.48 -10.56 -20.72
C MET C 231 -20.77 -10.99 -20.02
N LEU C 232 -21.21 -12.24 -20.22
CA LEU C 232 -22.46 -12.71 -19.66
C LEU C 232 -22.15 -13.54 -18.40
N ASN C 233 -22.63 -13.08 -17.25
CA ASN C 233 -22.40 -13.74 -15.96
C ASN C 233 -23.00 -15.13 -15.85
N PRO C 234 -22.35 -15.99 -15.05
CA PRO C 234 -22.91 -17.32 -14.71
C PRO C 234 -24.34 -17.22 -14.31
N ASN C 235 -25.19 -18.08 -14.86
CA ASN C 235 -26.60 -18.11 -14.59
C ASN C 235 -27.43 -16.99 -15.24
N ASP C 236 -26.81 -16.00 -15.88
CA ASP C 236 -27.54 -14.92 -16.53
C ASP C 236 -27.91 -15.31 -17.97
N THR C 237 -28.90 -14.63 -18.54
CA THR C 237 -29.34 -14.82 -19.92
C THR C 237 -29.10 -13.57 -20.73
N VAL C 238 -28.75 -13.78 -22.01
CA VAL C 238 -28.73 -12.69 -22.99
C VAL C 238 -29.83 -12.95 -24.02
N THR C 239 -30.53 -11.88 -24.40
CA THR C 239 -31.61 -11.95 -25.36
C THR C 239 -31.40 -10.94 -26.46
N PHE C 240 -31.56 -11.44 -27.68
CA PHE C 240 -31.38 -10.63 -28.89
C PHE C 240 -32.77 -10.52 -29.50
N SER C 241 -33.19 -9.32 -29.84
CA SER C 241 -34.43 -9.11 -30.54
C SER C 241 -34.14 -8.32 -31.80
N PHE C 242 -34.63 -8.72 -32.95
CA PHE C 242 -34.15 -8.09 -34.17
C PHE C 242 -35.12 -8.39 -35.30
N ASN C 243 -35.11 -7.54 -36.32
CA ASN C 243 -35.84 -7.75 -37.57
C ASN C 243 -34.99 -7.59 -38.80
N GLY C 244 -33.69 -7.78 -38.64
CA GLY C 244 -32.75 -7.73 -39.76
C GLY C 244 -31.53 -6.94 -39.42
N ALA C 245 -30.60 -6.97 -40.35
CA ALA C 245 -29.24 -6.39 -40.18
C ALA C 245 -28.48 -6.90 -39.01
N PHE C 246 -28.77 -8.12 -38.65
CA PHE C 246 -28.17 -8.76 -37.53
C PHE C 246 -27.27 -9.93 -37.99
N ILE C 247 -26.08 -9.95 -37.46
CA ILE C 247 -25.13 -11.05 -37.67
C ILE C 247 -25.10 -11.79 -36.34
N ALA C 248 -25.68 -12.99 -36.34
CA ALA C 248 -25.93 -13.72 -35.10
C ALA C 248 -24.73 -14.60 -34.71
N PRO C 249 -24.40 -14.68 -33.42
CA PRO C 249 -23.48 -15.67 -32.95
C PRO C 249 -24.04 -17.13 -33.03
N ASP C 250 -23.17 -18.04 -33.38
CA ASP C 250 -23.48 -19.46 -33.30
C ASP C 250 -22.94 -20.04 -31.98
N ARG C 251 -21.83 -19.49 -31.50
CA ARG C 251 -21.20 -19.96 -30.29
C ARG C 251 -20.75 -18.88 -29.33
N ALA C 252 -20.72 -19.22 -28.05
CA ALA C 252 -20.12 -18.36 -27.04
C ALA C 252 -18.72 -18.81 -26.73
N SER C 253 -17.93 -17.91 -26.13
CA SER C 253 -16.53 -18.21 -25.73
C SER C 253 -16.33 -18.11 -24.24
N PHE C 254 -15.64 -19.08 -23.65
CA PHE C 254 -15.23 -19.05 -22.25
C PHE C 254 -13.73 -18.99 -22.18
N LEU C 255 -13.21 -18.21 -21.25
CA LEU C 255 -11.79 -18.03 -21.11
C LEU C 255 -11.23 -19.20 -20.37
N ARG C 256 -10.05 -19.67 -20.74
CA ARG C 256 -9.53 -20.90 -20.19
C ARG C 256 -8.80 -20.76 -18.87
N GLY C 257 -8.05 -19.70 -18.66
CA GLY C 257 -7.18 -19.66 -17.48
C GLY C 257 -6.40 -18.36 -17.43
N LYS C 258 -5.10 -18.44 -17.67
CA LYS C 258 -4.21 -17.29 -17.55
C LYS C 258 -3.17 -17.32 -18.64
N SER C 259 -2.81 -16.15 -19.17
CA SER C 259 -1.78 -16.06 -20.15
C SER C 259 -1.25 -14.65 -20.14
N MET C 260 -0.25 -14.44 -20.96
CA MET C 260 0.27 -13.12 -21.18
C MET C 260 0.27 -12.96 -22.71
N GLY C 261 -0.03 -11.77 -23.18
CA GLY C 261 -0.03 -11.50 -24.62
C GLY C 261 0.93 -10.41 -25.03
N ILE C 262 1.61 -10.60 -26.15
CA ILE C 262 2.53 -9.57 -26.60
C ILE C 262 2.31 -9.32 -28.05
N GLN C 263 2.88 -8.22 -28.50
CA GLN C 263 2.94 -7.89 -29.88
C GLN C 263 4.38 -7.97 -30.29
N SER C 264 4.71 -8.69 -31.34
CA SER C 264 6.09 -8.84 -31.75
C SER C 264 6.34 -9.00 -33.24
N GLY C 265 7.54 -8.55 -33.67
CA GLY C 265 8.00 -8.75 -35.04
C GLY C 265 9.22 -9.72 -35.13
N VAL C 266 9.59 -10.48 -34.10
CA VAL C 266 10.70 -11.48 -34.25
C VAL C 266 10.24 -12.89 -33.99
N GLN C 267 11.04 -13.84 -34.37
CA GLN C 267 10.72 -15.25 -34.23
C GLN C 267 10.75 -15.81 -32.80
N VAL C 268 10.02 -16.90 -32.64
CA VAL C 268 9.87 -17.61 -31.39
C VAL C 268 11.07 -18.52 -31.27
N ASP C 269 11.54 -18.75 -30.05
CA ASP C 269 12.66 -19.66 -29.77
C ASP C 269 12.31 -20.42 -28.50
N ALA C 270 11.88 -21.65 -28.68
CA ALA C 270 11.45 -22.51 -27.60
C ALA C 270 12.62 -23.07 -26.78
N ASN C 271 13.85 -22.79 -27.17
CA ASN C 271 15.02 -23.25 -26.42
C ASN C 271 15.55 -22.29 -25.36
N CYS C 272 15.16 -21.00 -25.39
CA CYS C 272 15.58 -20.04 -24.35
C CYS C 272 14.38 -19.64 -23.48
N GLU C 273 14.62 -19.46 -22.18
CA GLU C 273 13.58 -19.12 -21.25
C GLU C 273 13.60 -17.62 -20.98
N GLY C 274 12.46 -17.02 -20.69
CA GLY C 274 12.46 -15.61 -20.41
C GLY C 274 11.10 -15.18 -19.96
N ASP C 275 11.04 -14.02 -19.32
CA ASP C 275 9.83 -13.47 -18.79
C ASP C 275 9.59 -12.03 -19.10
N CYS C 276 10.53 -11.36 -19.76
CA CYS C 276 10.39 -9.91 -20.08
C CYS C 276 10.45 -9.75 -21.57
N TYR C 277 9.36 -9.24 -22.18
CA TYR C 277 9.24 -9.22 -23.65
C TYR C 277 8.97 -7.85 -24.16
N HIS C 278 9.43 -7.58 -25.35
CA HIS C 278 8.98 -6.39 -26.06
C HIS C 278 8.87 -6.78 -27.52
N SER C 279 8.50 -5.83 -28.39
CA SER C 279 8.28 -6.24 -29.76
C SER C 279 9.54 -6.74 -30.46
N GLY C 280 10.70 -6.29 -30.02
CA GLY C 280 11.98 -6.67 -30.67
C GLY C 280 12.66 -7.89 -30.00
N GLY C 281 12.05 -8.52 -29.02
CA GLY C 281 12.67 -9.69 -28.37
C GLY C 281 12.44 -9.82 -26.92
N THR C 282 13.45 -10.34 -26.23
CA THR C 282 13.35 -10.78 -24.85
C THR C 282 14.50 -10.14 -24.11
N ILE C 283 14.21 -9.59 -22.95
CA ILE C 283 15.22 -9.03 -22.06
C ILE C 283 15.47 -10.08 -20.98
N ILE C 284 16.59 -10.78 -21.07
CA ILE C 284 17.02 -11.73 -20.06
C ILE C 284 18.11 -11.06 -19.20
N SER C 285 17.81 -10.85 -17.92
CA SER C 285 18.63 -10.00 -17.10
C SER C 285 18.18 -10.17 -15.71
N ASN C 286 19.13 -10.07 -14.79
CA ASN C 286 18.83 -9.75 -13.39
C ASN C 286 19.08 -8.31 -12.96
N LEU C 287 19.48 -7.46 -13.88
CA LEU C 287 19.77 -6.06 -13.48
C LEU C 287 18.46 -5.35 -13.12
N PRO C 288 18.54 -4.31 -12.28
CA PRO C 288 17.28 -3.75 -11.81
C PRO C 288 16.70 -2.77 -12.79
N PHE C 289 17.49 -2.34 -13.76
CA PHE C 289 17.04 -1.38 -14.73
C PHE C 289 17.33 -1.79 -16.14
N GLN C 290 16.60 -1.19 -17.11
CA GLN C 290 16.81 -1.46 -18.52
C GLN C 290 16.54 -0.22 -19.33
N ASN C 291 17.27 -0.08 -20.43
CA ASN C 291 17.16 1.04 -21.33
C ASN C 291 16.76 0.61 -22.75
N ILE C 292 16.06 -0.54 -22.87
CA ILE C 292 15.82 -1.17 -24.18
C ILE C 292 14.45 -0.74 -24.75
N ASP C 293 13.39 -0.85 -23.94
CA ASP C 293 12.04 -0.52 -24.42
C ASP C 293 11.10 -0.21 -23.28
N SER C 294 10.61 1.03 -23.24
CA SER C 294 9.75 1.44 -22.13
C SER C 294 8.42 0.73 -22.10
N ARG C 295 8.10 -0.01 -23.12
CA ARG C 295 6.77 -0.70 -23.12
C ARG C 295 6.94 -2.18 -22.90
N ALA C 296 8.13 -2.61 -22.48
CA ALA C 296 8.38 -4.02 -22.27
C ALA C 296 7.35 -4.53 -21.32
N VAL C 297 6.98 -5.80 -21.41
CA VAL C 297 5.98 -6.34 -20.46
C VAL C 297 6.37 -7.72 -19.97
N GLY C 298 5.70 -8.19 -18.93
CA GLY C 298 6.02 -9.41 -18.22
C GLY C 298 6.62 -8.94 -16.90
N LYS C 299 7.65 -9.63 -16.46
CA LYS C 299 8.38 -9.31 -15.20
C LYS C 299 9.71 -8.77 -15.62
N CYS C 300 9.86 -7.46 -15.50
CA CYS C 300 10.92 -6.70 -16.20
C CYS C 300 11.74 -5.80 -15.23
N PRO C 301 13.04 -5.61 -15.52
CA PRO C 301 13.78 -4.51 -14.89
C PRO C 301 13.00 -3.24 -15.18
N ARG C 302 13.18 -2.21 -14.38
CA ARG C 302 12.45 -0.98 -14.66
C ARG C 302 13.10 -0.20 -15.75
N TYR C 303 12.28 0.33 -16.67
CA TYR C 303 12.78 1.21 -17.76
C TYR C 303 13.33 2.53 -17.26
N VAL C 304 14.57 2.86 -17.66
CA VAL C 304 15.15 4.15 -17.33
C VAL C 304 15.65 4.79 -18.60
N LYS C 305 15.81 6.10 -18.54
CA LYS C 305 16.28 6.88 -19.65
C LYS C 305 17.80 6.73 -19.90
N GLN C 306 18.58 6.41 -18.87
CA GLN C 306 20.06 6.46 -19.00
C GLN C 306 20.49 5.18 -19.63
N ARG C 307 21.49 5.23 -20.47
CA ARG C 307 22.04 4.03 -21.08
C ARG C 307 22.97 3.22 -20.14
N SER C 308 23.60 3.89 -19.19
CA SER C 308 24.52 3.19 -18.29
C SER C 308 24.62 3.85 -16.94
N LEU C 309 24.61 3.05 -15.89
CA LEU C 309 24.90 3.53 -14.52
C LEU C 309 25.75 2.49 -13.82
N LEU C 310 27.03 2.79 -13.59
CA LEU C 310 27.95 1.82 -12.99
C LEU C 310 27.96 1.82 -11.48
N LEU C 311 27.83 0.62 -10.95
CA LEU C 311 27.83 0.40 -9.50
C LEU C 311 29.20 -0.08 -9.09
N ALA C 312 29.84 0.62 -8.15
CA ALA C 312 31.23 0.26 -7.73
C ALA C 312 31.18 -1.03 -6.97
N THR C 313 32.05 -1.97 -7.33
CA THR C 313 32.18 -3.23 -6.59
C THR C 313 33.58 -3.32 -5.96
N GLY C 314 34.26 -2.19 -5.85
CA GLY C 314 35.60 -2.17 -5.27
C GLY C 314 35.89 -0.81 -4.71
N MET C 315 37.06 -0.67 -4.09
CA MET C 315 37.45 0.51 -3.46
C MET C 315 37.92 1.56 -4.45
N LYS C 316 38.13 2.78 -3.96
CA LYS C 316 38.77 3.83 -4.74
C LYS C 316 40.14 3.37 -5.28
N ASN C 317 40.45 3.75 -6.52
CA ASN C 317 41.65 3.25 -7.12
C ASN C 317 42.64 4.33 -7.04
N VAL C 318 43.76 4.05 -6.36
CA VAL C 318 44.74 5.08 -6.08
C VAL C 318 46.10 4.55 -6.54
N PRO C 319 46.41 4.71 -7.83
CA PRO C 319 47.65 4.13 -8.33
C PRO C 319 48.86 4.96 -7.93
N GLU C 320 50.06 4.43 -8.07
CA GLU C 320 51.23 5.35 -8.16
C GLU C 320 51.62 5.58 -9.64
N ALA D 5 62.09 3.58 0.97
CA ALA D 5 61.47 3.20 -0.32
C ALA D 5 60.03 2.67 -0.07
N ILE D 6 59.73 2.06 1.09
CA ILE D 6 58.44 1.36 1.32
C ILE D 6 57.44 2.36 1.94
N ALA D 7 56.19 2.36 1.50
CA ALA D 7 55.15 3.26 2.03
C ALA D 7 53.75 2.61 2.03
N GLY D 8 52.86 3.17 2.84
CA GLY D 8 51.54 2.59 3.11
C GLY D 8 50.41 3.30 2.42
N PHE D 9 49.23 3.05 2.91
CA PHE D 9 47.99 3.54 2.28
C PHE D 9 47.77 5.05 2.22
N ILE D 10 48.40 5.82 3.07
CA ILE D 10 48.19 7.26 3.02
C ILE D 10 48.74 7.86 1.73
N GLU D 11 49.83 7.31 1.20
CA GLU D 11 50.37 7.75 -0.09
C GLU D 11 49.55 7.21 -1.29
N ASN D 12 49.43 5.90 -1.38
CA ASN D 12 48.72 5.27 -2.47
C ASN D 12 48.49 3.79 -2.26
N GLY D 13 47.85 3.17 -3.23
CA GLY D 13 47.60 1.76 -3.18
C GLY D 13 48.72 1.04 -3.83
N TRP D 14 48.72 -0.28 -3.68
CA TRP D 14 49.77 -1.15 -4.15
C TRP D 14 49.32 -1.98 -5.31
N GLU D 15 49.86 -1.74 -6.50
CA GLU D 15 49.50 -2.55 -7.68
C GLU D 15 49.98 -4.00 -7.55
N GLY D 16 51.03 -4.22 -6.75
CA GLY D 16 51.58 -5.56 -6.56
C GLY D 16 50.80 -6.43 -5.58
N LEU D 17 49.85 -5.86 -4.85
CA LEU D 17 49.01 -6.68 -3.96
C LEU D 17 47.86 -7.30 -4.76
N ILE D 18 48.02 -8.55 -5.15
CA ILE D 18 47.10 -9.21 -6.07
C ILE D 18 46.30 -10.34 -5.39
N ASP D 19 46.68 -10.72 -4.17
CA ASP D 19 46.03 -11.80 -3.36
C ASP D 19 44.93 -11.30 -2.43
N GLY D 20 44.64 -9.99 -2.42
CA GLY D 20 43.72 -9.43 -1.42
C GLY D 20 43.50 -7.94 -1.61
N TRP D 21 42.63 -7.38 -0.79
CA TRP D 21 42.30 -5.97 -0.88
C TRP D 21 43.18 -5.15 0.01
N TYR D 22 43.50 -5.72 1.17
CA TYR D 22 44.32 -5.08 2.19
C TYR D 22 45.46 -5.99 2.54
N GLY D 23 46.55 -5.40 3.01
CA GLY D 23 47.74 -6.17 3.30
C GLY D 23 48.83 -5.45 4.08
N PHE D 24 49.91 -6.17 4.32
CA PHE D 24 51.07 -5.74 5.07
C PHE D 24 52.29 -5.85 4.23
N ARG D 25 53.12 -4.83 4.29
CA ARG D 25 54.37 -4.78 3.60
C ARG D 25 55.46 -4.37 4.60
N HIS D 26 56.51 -5.17 4.69
CA HIS D 26 57.49 -5.02 5.74
C HIS D 26 58.85 -4.90 5.16
N GLN D 27 59.76 -4.41 5.99
CA GLN D 27 61.17 -4.30 5.63
C GLN D 27 61.98 -4.56 6.89
N ASN D 28 62.89 -5.52 6.80
CA ASN D 28 63.78 -5.93 7.88
C ASN D 28 65.11 -6.47 7.25
N ALA D 29 66.01 -7.01 8.06
CA ALA D 29 67.33 -7.46 7.61
C ALA D 29 67.16 -8.53 6.53
N GLN D 30 66.10 -9.35 6.63
CA GLN D 30 65.87 -10.39 5.64
C GLN D 30 65.19 -9.92 4.36
N GLY D 31 64.85 -8.65 4.27
CA GLY D 31 64.44 -8.03 3.00
C GLY D 31 63.03 -7.40 3.11
N GLU D 32 62.33 -7.37 2.02
CA GLU D 32 61.01 -6.77 1.95
C GLU D 32 60.06 -7.94 1.65
N GLY D 33 58.83 -7.82 2.10
CA GLY D 33 57.79 -8.75 1.70
C GLY D 33 56.40 -8.16 1.92
N THR D 34 55.43 -8.79 1.25
CA THR D 34 54.05 -8.32 1.25
C THR D 34 53.14 -9.53 1.43
N ALA D 35 52.13 -9.40 2.30
CA ALA D 35 51.13 -10.43 2.44
C ALA D 35 49.74 -9.83 2.64
N ALA D 36 48.76 -10.42 2.01
CA ALA D 36 47.37 -10.02 2.14
C ALA D 36 46.84 -10.35 3.52
N ASP D 37 45.92 -9.51 4.02
CA ASP D 37 45.15 -9.82 5.21
C ASP D 37 43.81 -10.38 4.74
N TYR D 38 43.54 -11.62 5.14
CA TYR D 38 42.42 -12.38 4.65
C TYR D 38 41.13 -11.85 5.30
N LYS D 39 41.15 -11.63 6.60
CA LYS D 39 39.98 -11.23 7.34
C LYS D 39 39.42 -9.86 6.88
N SER D 40 40.24 -8.80 6.82
CA SER D 40 39.75 -7.48 6.38
C SER D 40 39.27 -7.56 4.93
N THR D 41 40.01 -8.29 4.10
CA THR D 41 39.66 -8.48 2.71
C THR D 41 38.25 -9.10 2.62
N GLN D 42 37.99 -10.12 3.42
CA GLN D 42 36.75 -10.88 3.32
C GLN D 42 35.62 -10.06 3.86
N SER D 43 35.87 -9.31 4.92
CA SER D 43 34.89 -8.44 5.48
C SER D 43 34.45 -7.38 4.43
N ALA D 44 35.38 -6.81 3.67
CA ALA D 44 34.99 -5.90 2.61
C ALA D 44 34.23 -6.55 1.46
N ILE D 45 34.74 -7.67 0.97
CA ILE D 45 34.03 -8.39 -0.07
C ILE D 45 32.59 -8.76 0.36
N ASP D 46 32.40 -9.22 1.60
CA ASP D 46 31.08 -9.64 2.05
C ASP D 46 30.07 -8.47 2.06
N GLN D 47 30.53 -7.28 2.42
CA GLN D 47 29.67 -6.12 2.39
C GLN D 47 29.27 -5.70 0.97
N ILE D 48 30.19 -5.82 0.02
CA ILE D 48 29.88 -5.62 -1.39
C ILE D 48 28.93 -6.69 -1.94
N THR D 49 29.18 -7.94 -1.60
CA THR D 49 28.27 -9.04 -1.96
C THR D 49 26.87 -8.80 -1.40
N GLY D 50 26.81 -8.34 -0.16
CA GLY D 50 25.52 -7.97 0.46
C GLY D 50 24.78 -6.90 -0.35
N LYS D 51 25.51 -5.86 -0.79
CA LYS D 51 24.92 -4.82 -1.68
C LYS D 51 24.41 -5.37 -2.98
N LEU D 52 25.25 -6.17 -3.62
CA LEU D 52 24.85 -6.78 -4.85
C LEU D 52 23.55 -7.64 -4.70
N ASN D 53 23.47 -8.44 -3.63
CA ASN D 53 22.31 -9.30 -3.41
C ASN D 53 21.03 -8.42 -3.33
N ARG D 54 21.13 -7.29 -2.65
CA ARG D 54 20.01 -6.39 -2.55
C ARG D 54 19.71 -5.68 -3.90
N LEU D 55 20.74 -5.31 -4.67
CA LEU D 55 20.50 -4.46 -5.88
C LEU D 55 20.27 -5.22 -7.17
N ILE D 56 20.78 -6.46 -7.24
CA ILE D 56 20.53 -7.38 -8.37
C ILE D 56 19.20 -8.16 -8.28
N GLU D 57 18.18 -7.50 -7.74
CA GLU D 57 16.87 -8.11 -7.53
C GLU D 57 16.09 -8.01 -8.84
N LYS D 58 15.11 -8.90 -8.95
CA LYS D 58 14.08 -8.90 -10.00
C LYS D 58 12.82 -8.38 -9.34
N THR D 59 12.03 -7.52 -10.01
CA THR D 59 10.64 -7.39 -9.52
C THR D 59 9.91 -8.71 -9.79
N ASN D 60 8.99 -9.09 -8.90
CA ASN D 60 8.06 -10.16 -9.20
C ASN D 60 6.73 -9.64 -9.78
N GLN D 61 6.57 -8.32 -9.92
CA GLN D 61 5.28 -7.77 -10.39
C GLN D 61 5.22 -7.86 -11.93
N GLN D 62 4.15 -8.47 -12.41
CA GLN D 62 3.91 -8.62 -13.79
C GLN D 62 3.16 -7.37 -14.28
N PHE D 63 3.58 -6.80 -15.40
CA PHE D 63 2.76 -5.80 -16.10
C PHE D 63 2.34 -6.28 -17.49
N GLU D 64 1.20 -5.79 -17.93
CA GLU D 64 0.61 -6.10 -19.20
C GLU D 64 0.55 -4.87 -20.06
N LEU D 65 0.31 -5.12 -21.33
CA LEU D 65 0.10 -4.07 -22.32
C LEU D 65 -1.18 -3.29 -22.01
N ILE D 66 -1.09 -1.97 -22.05
CA ILE D 66 -2.28 -1.15 -21.98
C ILE D 66 -2.45 -0.27 -23.22
N ASP D 67 -1.52 -0.49 -24.12
CA ASP D 67 -1.27 0.23 -25.31
C ASP D 67 -1.21 -0.69 -26.50
N ASN D 68 -1.21 -0.15 -27.72
CA ASN D 68 -1.18 -0.94 -28.93
C ASN D 68 -0.25 -0.32 -30.00
N GLU D 69 0.82 -1.05 -30.30
CA GLU D 69 1.84 -0.70 -31.27
C GLU D 69 1.42 -0.87 -32.74
N PHE D 70 0.40 -1.66 -33.02
CA PHE D 70 -0.03 -1.90 -34.42
C PHE D 70 -1.23 -1.06 -34.79
N ASN D 71 -2.14 -0.89 -33.85
CA ASN D 71 -3.38 -0.18 -34.08
C ASN D 71 -3.56 0.82 -32.92
N GLU D 72 -3.25 2.06 -33.17
CA GLU D 72 -3.13 3.07 -32.10
C GLU D 72 -4.43 3.24 -31.27
N VAL D 73 -4.32 3.24 -29.95
CA VAL D 73 -5.48 3.51 -29.15
C VAL D 73 -6.04 4.95 -29.39
N GLU D 74 -7.25 5.16 -28.90
CA GLU D 74 -7.97 6.44 -29.01
C GLU D 74 -7.04 7.51 -28.39
N LYS D 75 -7.03 8.68 -29.00
CA LYS D 75 -6.01 9.70 -28.64
C LYS D 75 -6.08 10.26 -27.24
N GLN D 76 -7.29 10.46 -26.70
CA GLN D 76 -7.38 10.95 -25.34
C GLN D 76 -6.74 9.98 -24.32
N ILE D 77 -7.21 8.71 -24.32
CA ILE D 77 -6.68 7.74 -23.39
C ILE D 77 -5.17 7.51 -23.70
N GLY D 78 -4.77 7.61 -24.98
CA GLY D 78 -3.35 7.37 -25.34
C GLY D 78 -2.46 8.41 -24.72
N ASN D 79 -2.92 9.65 -24.74
CA ASN D 79 -2.14 10.73 -24.13
C ASN D 79 -2.09 10.59 -22.64
N VAL D 80 -3.20 10.19 -22.00
CA VAL D 80 -3.07 9.95 -20.52
C VAL D 80 -2.06 8.86 -20.17
N ILE D 81 -2.15 7.76 -20.88
CA ILE D 81 -1.22 6.63 -20.70
C ILE D 81 0.23 7.08 -20.91
N ASN D 82 0.50 7.82 -21.99
CA ASN D 82 1.86 8.31 -22.22
C ASN D 82 2.34 9.29 -21.22
N TRP D 83 1.45 10.19 -20.80
CA TRP D 83 1.86 11.11 -19.73
C TRP D 83 2.23 10.31 -18.43
N THR D 84 1.41 9.28 -18.14
CA THR D 84 1.63 8.54 -16.92
C THR D 84 2.93 7.78 -17.06
N ARG D 85 3.13 7.18 -18.23
CA ARG D 85 4.34 6.36 -18.45
C ARG D 85 5.59 7.20 -18.35
N ASP D 86 5.57 8.37 -18.99
CA ASP D 86 6.72 9.27 -18.90
C ASP D 86 6.97 9.80 -17.49
N SER D 87 5.90 10.02 -16.70
CA SER D 87 6.14 10.44 -15.34
C SER D 87 6.82 9.34 -14.53
N ILE D 88 6.36 8.07 -14.68
CA ILE D 88 6.91 6.94 -14.00
C ILE D 88 8.41 6.76 -14.41
N THR D 89 8.69 6.86 -15.71
CA THR D 89 10.05 6.81 -16.18
C THR D 89 10.95 7.90 -15.54
N GLU D 90 10.42 9.11 -15.36
CA GLU D 90 11.21 10.16 -14.70
C GLU D 90 11.56 9.69 -13.28
N VAL D 91 10.60 9.12 -12.57
CA VAL D 91 10.80 8.66 -11.21
C VAL D 91 11.89 7.59 -11.15
N TRP D 92 11.76 6.56 -11.96
CA TRP D 92 12.78 5.48 -11.96
C TRP D 92 14.15 5.92 -12.43
N SER D 93 14.22 6.80 -13.43
CA SER D 93 15.51 7.32 -13.84
C SER D 93 16.18 8.09 -12.72
N TYR D 94 15.40 8.84 -12.00
CA TYR D 94 15.94 9.59 -10.83
C TYR D 94 16.37 8.64 -9.73
N ASN D 95 15.55 7.61 -9.45
CA ASN D 95 15.88 6.67 -8.39
C ASN D 95 17.17 5.92 -8.76
N ALA D 96 17.30 5.49 -9.99
CA ALA D 96 18.46 4.75 -10.41
C ALA D 96 19.76 5.54 -10.29
N GLU D 97 19.76 6.79 -10.73
CA GLU D 97 20.89 7.65 -10.60
C GLU D 97 21.25 7.86 -9.19
N LEU D 98 20.25 8.14 -8.37
CA LEU D 98 20.52 8.33 -6.94
C LEU D 98 21.02 7.05 -6.23
N LEU D 99 20.37 5.94 -6.51
CA LEU D 99 20.76 4.72 -5.88
C LEU D 99 22.27 4.48 -6.12
N VAL D 100 22.71 4.64 -7.36
CA VAL D 100 24.06 4.31 -7.67
C VAL D 100 25.05 5.34 -7.08
N ALA D 101 24.73 6.63 -7.17
CA ALA D 101 25.59 7.59 -6.60
C ALA D 101 25.72 7.40 -5.06
N MET D 102 24.60 7.14 -4.37
CA MET D 102 24.60 6.91 -2.93
C MET D 102 25.31 5.60 -2.53
N GLU D 103 25.08 4.56 -3.29
CA GLU D 103 25.78 3.29 -2.99
C GLU D 103 27.28 3.34 -3.27
N ASN D 104 27.70 4.06 -4.30
CA ASN D 104 29.13 4.18 -4.61
C ASN D 104 29.87 5.01 -3.58
N GLN D 105 29.24 6.10 -3.13
CA GLN D 105 29.77 6.83 -2.00
C GLN D 105 29.95 5.93 -0.80
N HIS D 106 28.94 5.14 -0.49
CA HIS D 106 29.02 4.27 0.70
C HIS D 106 30.09 3.17 0.55
N THR D 107 30.16 2.59 -0.62
CA THR D 107 31.14 1.57 -0.94
C THR D 107 32.54 2.08 -0.78
N ILE D 108 32.80 3.23 -1.33
CA ILE D 108 34.13 3.86 -1.16
C ILE D 108 34.46 4.16 0.29
N ASP D 109 33.51 4.72 1.05
CA ASP D 109 33.79 5.09 2.46
C ASP D 109 33.98 3.81 3.31
N LEU D 110 33.19 2.82 3.03
CA LEU D 110 33.30 1.54 3.73
C LEU D 110 34.67 0.85 3.50
N ALA D 111 35.17 0.92 2.29
CA ALA D 111 36.46 0.31 1.98
C ALA D 111 37.63 1.00 2.70
N ASP D 112 37.60 2.34 2.72
CA ASP D 112 38.56 3.12 3.49
C ASP D 112 38.47 2.89 4.99
N SER D 113 37.27 2.81 5.48
CA SER D 113 37.05 2.47 6.88
C SER D 113 37.61 1.06 7.24
N GLU D 114 37.49 0.05 6.38
CA GLU D 114 38.11 -1.22 6.71
C GLU D 114 39.67 -1.06 6.76
N MET D 115 40.22 -0.23 5.90
CA MET D 115 41.72 0.05 5.93
C MET D 115 42.09 0.68 7.27
N ASP D 116 41.33 1.68 7.71
CA ASP D 116 41.60 2.36 8.99
C ASP D 116 41.48 1.43 10.15
N LYS D 117 40.49 0.54 10.11
CA LYS D 117 40.34 -0.43 11.22
C LYS D 117 41.58 -1.31 11.33
N LEU D 118 42.09 -1.79 10.19
CA LEU D 118 43.27 -2.69 10.25
C LEU D 118 44.46 -1.93 10.81
N TYR D 119 44.66 -0.73 10.30
CA TYR D 119 45.76 0.11 10.74
C TYR D 119 45.73 0.38 12.23
N GLU D 120 44.54 0.73 12.71
CA GLU D 120 44.33 1.03 14.14
C GLU D 120 44.56 -0.20 15.00
N ARG D 121 44.13 -1.36 14.54
CA ARG D 121 44.41 -2.60 15.22
C ARG D 121 45.98 -2.85 15.37
N VAL D 122 46.72 -2.69 14.29
CA VAL D 122 48.14 -2.90 14.35
C VAL D 122 48.81 -1.87 15.27
N LYS D 123 48.43 -0.61 15.17
CA LYS D 123 48.89 0.37 16.12
C LYS D 123 48.73 -0.06 17.57
N ARG D 124 47.58 -0.60 17.91
CA ARG D 124 47.33 -1.04 19.28
C ARG D 124 48.06 -2.29 19.68
N GLN D 125 48.28 -3.22 18.75
CA GLN D 125 49.20 -4.35 19.03
C GLN D 125 50.63 -3.87 19.37
N LEU D 126 51.10 -2.86 18.65
CA LEU D 126 52.50 -2.40 18.77
C LEU D 126 52.72 -1.49 19.95
N ARG D 127 51.68 -0.86 20.47
CA ARG D 127 51.77 -0.17 21.79
C ARG D 127 52.91 0.83 21.75
N GLU D 128 53.88 0.72 22.67
CA GLU D 128 54.94 1.67 22.81
C GLU D 128 56.22 1.26 22.06
N ASN D 129 56.14 0.19 21.28
CA ASN D 129 57.32 -0.30 20.58
C ASN D 129 57.54 0.26 19.16
N ALA D 130 56.62 1.08 18.67
CA ALA D 130 56.68 1.65 17.32
C ALA D 130 56.13 3.07 17.27
N GLU D 131 56.44 3.80 16.19
CA GLU D 131 55.85 5.09 15.95
C GLU D 131 55.31 5.10 14.55
N GLU D 132 54.28 5.87 14.35
CA GLU D 132 53.74 6.17 13.00
C GLU D 132 54.66 7.06 12.17
N ASP D 133 54.89 6.72 10.91
CA ASP D 133 55.78 7.59 10.06
C ASP D 133 54.96 8.58 9.25
N GLY D 134 53.63 8.49 9.32
CA GLY D 134 52.75 9.32 8.50
C GLY D 134 52.44 8.87 7.07
N THR D 135 52.94 7.72 6.61
CA THR D 135 52.54 7.24 5.30
C THR D 135 51.66 6.00 5.40
N GLY D 136 51.36 5.60 6.61
CA GLY D 136 50.66 4.34 6.83
C GLY D 136 51.57 3.23 7.27
N CYS D 137 52.78 3.57 7.71
CA CYS D 137 53.70 2.59 8.26
C CYS D 137 54.11 2.89 9.67
N PHE D 138 54.64 1.88 10.31
CA PHE D 138 55.13 1.98 11.68
C PHE D 138 56.61 1.72 11.61
N GLU D 139 57.40 2.62 12.20
CA GLU D 139 58.84 2.35 12.46
C GLU D 139 58.90 1.61 13.75
N ILE D 140 59.42 0.40 13.70
CA ILE D 140 59.46 -0.51 14.83
C ILE D 140 60.86 -0.30 15.46
N PHE D 141 60.92 -0.03 16.75
CA PHE D 141 62.19 0.34 17.41
C PHE D 141 62.87 -0.88 18.10
N HIS D 142 62.79 -2.04 17.47
CA HIS D 142 63.52 -3.21 17.85
C HIS D 142 63.73 -4.05 16.59
N LYS D 143 64.61 -5.04 16.63
CA LYS D 143 64.78 -5.95 15.51
C LYS D 143 63.58 -6.85 15.41
N CYS D 144 63.02 -6.95 14.23
CA CYS D 144 61.80 -7.65 14.03
C CYS D 144 61.97 -8.51 12.81
N ASP D 145 62.33 -9.77 13.04
CA ASP D 145 62.64 -10.70 11.97
C ASP D 145 61.37 -11.30 11.40
N ASP D 146 61.49 -12.27 10.49
CA ASP D 146 60.33 -12.68 9.68
C ASP D 146 59.26 -13.31 10.58
N ASP D 147 59.70 -14.03 11.60
CA ASP D 147 58.77 -14.56 12.61
C ASP D 147 58.07 -13.50 13.39
N CYS D 148 58.83 -12.51 13.86
CA CYS D 148 58.20 -11.38 14.48
C CYS D 148 57.15 -10.64 13.57
N MET D 149 57.49 -10.34 12.33
CA MET D 149 56.61 -9.73 11.39
C MET D 149 55.32 -10.58 11.21
N ALA D 150 55.47 -11.88 11.01
CA ALA D 150 54.32 -12.80 11.00
C ALA D 150 53.45 -12.69 12.26
N SER D 151 54.04 -12.60 13.44
CA SER D 151 53.28 -12.46 14.68
C SER D 151 52.47 -11.13 14.70
N ILE D 152 52.95 -10.08 14.00
CA ILE D 152 52.19 -8.87 13.94
C ILE D 152 51.02 -9.11 12.99
N ARG D 153 51.28 -9.69 11.84
CA ARG D 153 50.22 -10.00 10.91
C ARG D 153 49.13 -10.92 11.49
N ASN D 154 49.48 -11.92 12.27
CA ASN D 154 48.41 -12.86 12.74
C ASN D 154 47.95 -12.57 14.17
N ASN D 155 48.28 -11.39 14.69
CA ASN D 155 47.71 -10.87 15.90
C ASN D 155 48.19 -11.55 17.20
N THR D 156 49.41 -12.08 17.22
CA THR D 156 49.98 -12.73 18.40
C THR D 156 51.26 -12.01 18.87
N TYR D 157 51.62 -10.89 18.26
CA TYR D 157 52.75 -10.09 18.73
C TYR D 157 52.53 -9.67 20.15
N ASP D 158 53.50 -9.91 21.00
CA ASP D 158 53.40 -9.59 22.40
C ASP D 158 54.33 -8.42 22.67
N HIS D 159 53.74 -7.25 22.88
CA HIS D 159 54.56 -6.06 23.01
C HIS D 159 55.53 -6.12 24.18
N SER D 160 55.13 -6.82 25.25
CA SER D 160 55.92 -6.89 26.49
C SER D 160 57.26 -7.46 26.27
N LYS D 161 57.34 -8.42 25.36
CA LYS D 161 58.58 -9.06 25.08
C LYS D 161 59.66 -8.09 24.56
N TYR D 162 59.26 -7.06 23.82
CA TYR D 162 60.26 -6.17 23.22
C TYR D 162 60.31 -4.77 23.87
N ARG D 163 59.46 -4.51 24.86
CA ARG D 163 59.20 -3.15 25.29
C ARG D 163 60.45 -2.47 25.84
N GLU D 164 61.17 -3.20 26.64
CA GLU D 164 62.38 -2.70 27.28
C GLU D 164 63.32 -2.15 26.19
N GLU D 165 63.66 -3.00 25.21
CA GLU D 165 64.55 -2.66 24.12
C GLU D 165 64.02 -1.49 23.29
N ALA D 166 62.72 -1.54 22.97
CA ALA D 166 62.12 -0.56 22.11
C ALA D 166 62.08 0.82 22.77
N MET D 167 61.65 0.89 24.04
CA MET D 167 61.53 2.17 24.73
C MET D 167 62.86 2.86 24.90
N GLN D 168 63.90 2.07 25.13
CA GLN D 168 65.26 2.56 25.20
C GLN D 168 65.72 3.14 23.85
N ASN D 169 65.43 2.42 22.76
CA ASN D 169 65.75 2.90 21.42
C ASN D 169 64.95 4.13 21.05
N ARG D 170 63.74 4.29 21.56
CA ARG D 170 63.01 5.51 21.25
C ARG D 170 63.63 6.73 21.95
N ILE D 171 64.53 6.51 22.90
CA ILE D 171 65.48 7.56 23.44
C ILE D 171 66.96 7.10 23.44
N ASP E 5 54.65 26.50 23.66
CA ASP E 5 54.13 26.93 22.32
C ASP E 5 53.08 25.96 21.74
N LYS E 6 52.23 26.46 20.91
CA LYS E 6 51.15 25.61 20.47
C LYS E 6 50.60 25.97 19.14
N ILE E 7 50.05 24.96 18.50
CA ILE E 7 49.34 25.15 17.26
C ILE E 7 47.98 24.41 17.30
N CYS E 8 46.95 25.06 16.80
CA CYS E 8 45.57 24.57 16.83
C CYS E 8 45.04 24.43 15.40
N LEU E 9 44.22 23.43 15.19
CA LEU E 9 43.48 23.26 13.98
C LEU E 9 42.08 23.63 14.23
N GLY E 10 41.49 24.35 13.30
CA GLY E 10 40.13 24.82 13.49
C GLY E 10 39.44 24.98 12.18
N HIS E 11 38.17 25.38 12.24
CA HIS E 11 37.39 25.59 11.04
C HIS E 11 36.59 26.82 11.22
N HIS E 12 36.10 27.38 10.13
CA HIS E 12 35.35 28.63 10.23
C HIS E 12 33.97 28.51 10.80
N ALA E 13 33.42 29.68 11.15
CA ALA E 13 32.06 29.81 11.65
C ALA E 13 31.59 31.20 11.38
N VAL E 14 30.29 31.42 11.40
CA VAL E 14 29.72 32.73 11.19
C VAL E 14 28.70 32.99 12.26
N SER E 15 28.34 34.27 12.44
CA SER E 15 27.29 34.57 13.39
C SER E 15 25.91 34.36 12.69
N ASN E 16 25.79 34.69 11.40
CA ASN E 16 24.54 34.47 10.59
C ASN E 16 24.43 33.04 10.02
N GLY E 17 24.19 32.03 10.87
CA GLY E 17 24.06 30.64 10.38
C GLY E 17 22.69 30.40 9.73
N THR E 18 22.53 29.31 8.95
CA THR E 18 21.20 29.00 8.36
C THR E 18 20.76 27.57 8.75
N LYS E 19 19.49 27.42 9.13
CA LYS E 19 18.99 26.18 9.63
C LYS E 19 18.57 25.26 8.51
N VAL E 20 18.86 23.99 8.63
CA VAL E 20 18.53 23.02 7.59
C VAL E 20 18.16 21.72 8.39
N ASN E 21 17.68 20.72 7.68
CA ASN E 21 17.26 19.48 8.24
C ASN E 21 18.17 18.39 7.76
N THR E 22 18.39 17.42 8.62
CA THR E 22 19.22 16.29 8.32
C THR E 22 18.41 15.08 8.65
N LEU E 23 18.98 13.91 8.44
CA LEU E 23 18.31 12.63 8.83
C LEU E 23 17.98 12.54 10.32
N THR E 24 18.78 13.20 11.16
CA THR E 24 18.63 13.04 12.62
C THR E 24 18.20 14.29 13.37
N GLU E 25 18.14 15.43 12.69
CA GLU E 25 17.84 16.69 13.38
C GLU E 25 17.12 17.65 12.49
N ARG E 26 16.13 18.33 13.06
CA ARG E 26 15.48 19.45 12.40
C ARG E 26 16.20 20.73 12.82
N GLY E 27 16.53 21.59 11.87
CA GLY E 27 17.04 22.90 12.23
C GLY E 27 18.47 22.91 12.77
N VAL E 28 19.35 22.06 12.27
CA VAL E 28 20.77 22.23 12.57
C VAL E 28 21.35 23.39 11.74
N GLU E 29 22.14 24.24 12.36
CA GLU E 29 22.67 25.43 11.70
C GLU E 29 23.93 25.11 10.88
N VAL E 30 23.97 25.56 9.62
CA VAL E 30 25.16 25.41 8.79
C VAL E 30 25.64 26.79 8.36
N VAL E 31 26.87 26.82 7.91
CA VAL E 31 27.54 28.04 7.52
C VAL E 31 26.89 28.65 6.32
N ASN E 32 26.39 27.80 5.42
CA ASN E 32 25.73 28.28 4.19
C ASN E 32 24.80 27.22 3.60
N ALA E 33 23.79 27.68 2.86
CA ALA E 33 22.76 26.81 2.34
C ALA E 33 22.11 27.42 1.12
N THR E 34 21.43 26.61 0.32
CA THR E 34 20.74 27.13 -0.92
C THR E 34 19.37 26.45 -1.10
N GLU E 35 18.46 27.18 -1.70
CA GLU E 35 17.07 26.77 -1.90
C GLU E 35 17.04 25.70 -3.00
N THR E 36 16.18 24.75 -2.84
CA THR E 36 16.05 23.65 -3.80
C THR E 36 14.67 23.68 -4.48
N VAL E 37 13.75 24.45 -3.89
CA VAL E 37 12.37 24.57 -4.37
C VAL E 37 12.12 25.97 -4.88
N GLU E 38 11.89 26.07 -6.19
CA GLU E 38 11.61 27.34 -6.83
C GLU E 38 10.24 27.87 -6.48
N ARG E 39 10.23 29.11 -5.99
CA ARG E 39 9.01 29.89 -5.74
C ARG E 39 8.90 31.16 -6.57
N THR E 40 9.92 31.51 -7.30
CA THR E 40 9.85 32.82 -8.00
C THR E 40 9.28 32.61 -9.40
N ASN E 41 8.19 33.31 -9.69
CA ASN E 41 7.57 33.28 -10.96
C ASN E 41 7.91 34.52 -11.77
N ILE E 42 7.97 34.43 -13.09
CA ILE E 42 7.95 35.66 -13.92
C ILE E 42 6.55 35.76 -14.55
N PRO E 43 5.79 36.85 -14.26
CA PRO E 43 4.40 36.92 -14.69
C PRO E 43 4.26 37.30 -16.18
N ARG E 44 5.04 36.65 -17.05
CA ARG E 44 4.95 36.83 -18.47
C ARG E 44 5.23 35.49 -19.14
N ILE E 45 4.82 35.37 -20.41
CA ILE E 45 5.24 34.26 -21.22
C ILE E 45 6.52 34.62 -21.98
N CYS E 46 7.63 34.08 -21.48
CA CYS E 46 8.96 34.32 -22.06
C CYS E 46 9.18 33.56 -23.33
N SER E 47 9.01 34.24 -24.43
CA SER E 47 8.92 33.63 -25.74
C SER E 47 10.14 33.81 -26.62
N LYS E 48 11.23 34.33 -26.08
CA LYS E 48 12.42 34.63 -26.91
C LYS E 48 12.89 33.35 -27.57
N GLY E 49 13.21 33.43 -28.86
CA GLY E 49 13.76 32.34 -29.62
C GLY E 49 12.68 31.40 -30.16
N LYS E 50 11.39 31.79 -30.02
CA LYS E 50 10.29 30.93 -30.46
C LYS E 50 9.25 31.66 -31.28
N ARG E 51 8.84 31.12 -32.41
CA ARG E 51 7.75 31.71 -33.19
C ARG E 51 6.48 31.49 -32.38
N THR E 52 5.91 32.57 -31.92
CA THR E 52 4.82 32.51 -30.94
C THR E 52 3.54 33.02 -31.52
N VAL E 53 2.44 32.25 -31.38
CA VAL E 53 1.11 32.70 -31.82
C VAL E 53 0.22 32.86 -30.62
N ASP E 54 -0.24 34.08 -30.42
CA ASP E 54 -1.17 34.42 -29.34
C ASP E 54 -2.60 34.42 -29.94
N LEU E 55 -3.38 33.37 -29.66
CA LEU E 55 -4.64 33.18 -30.36
C LEU E 55 -5.73 34.20 -30.00
N GLY E 56 -5.64 34.83 -28.86
CA GLY E 56 -6.58 35.94 -28.53
C GLY E 56 -8.01 35.40 -28.51
N GLN E 57 -8.91 36.02 -29.25
CA GLN E 57 -10.31 35.59 -29.35
C GLN E 57 -10.53 34.35 -30.15
N CYS E 58 -9.53 33.90 -30.85
CA CYS E 58 -9.64 32.69 -31.63
C CYS E 58 -9.44 31.47 -30.73
N GLY E 59 -10.40 30.57 -30.69
CA GLY E 59 -10.20 29.27 -30.02
C GLY E 59 -9.41 28.39 -30.92
N LEU E 60 -8.56 27.61 -30.32
CA LEU E 60 -7.63 26.75 -31.04
C LEU E 60 -8.34 25.85 -32.08
N LEU E 61 -9.48 25.23 -31.69
CA LEU E 61 -10.18 24.38 -32.62
C LEU E 61 -10.76 25.20 -33.81
N GLY E 62 -10.98 26.51 -33.60
CA GLY E 62 -11.49 27.43 -34.69
C GLY E 62 -10.56 27.63 -35.81
N THR E 63 -9.26 27.39 -35.58
CA THR E 63 -8.32 27.54 -36.63
C THR E 63 -8.62 26.56 -37.72
N ILE E 64 -9.29 25.47 -37.39
CA ILE E 64 -9.59 24.42 -38.35
C ILE E 64 -10.85 24.72 -39.12
N THR E 65 -11.89 25.19 -38.42
CA THR E 65 -13.21 25.39 -39.07
C THR E 65 -13.30 26.84 -39.64
N GLY E 66 -12.69 27.82 -38.96
CA GLY E 66 -12.65 29.24 -39.44
C GLY E 66 -13.82 30.19 -39.15
N PRO E 67 -14.24 30.30 -37.89
CA PRO E 67 -15.20 31.38 -37.61
C PRO E 67 -14.42 32.70 -37.75
N PRO E 68 -15.12 33.85 -37.77
CA PRO E 68 -14.46 35.13 -38.14
C PRO E 68 -13.29 35.56 -37.23
N GLN E 69 -13.36 35.30 -35.91
CA GLN E 69 -12.26 35.57 -34.99
C GLN E 69 -10.95 34.82 -35.39
N CYS E 70 -11.05 33.79 -36.21
CA CYS E 70 -9.89 32.94 -36.49
C CYS E 70 -9.34 33.16 -37.88
N ASP E 71 -9.91 34.14 -38.59
CA ASP E 71 -9.58 34.34 -40.00
C ASP E 71 -8.06 34.53 -40.22
N GLN E 72 -7.34 35.16 -39.29
CA GLN E 72 -5.91 35.34 -39.43
C GLN E 72 -5.09 34.12 -39.12
N PHE E 73 -5.66 33.02 -38.65
CA PHE E 73 -4.89 31.87 -38.20
C PHE E 73 -5.19 30.57 -38.95
N LEU E 74 -5.84 30.70 -40.13
CA LEU E 74 -6.33 29.50 -40.83
C LEU E 74 -5.21 28.59 -41.24
N GLU E 75 -4.02 29.14 -41.39
CA GLU E 75 -2.87 28.34 -41.78
C GLU E 75 -1.65 28.75 -40.90
N PHE E 76 -1.88 28.96 -39.62
CA PHE E 76 -0.83 29.44 -38.76
C PHE E 76 0.36 28.47 -38.63
N SER E 77 1.47 29.07 -38.25
CA SER E 77 2.77 28.41 -38.02
C SER E 77 3.34 28.85 -36.69
N ALA E 78 3.78 27.91 -35.84
CA ALA E 78 4.37 28.31 -34.55
C ALA E 78 5.17 27.27 -33.86
N ASP E 79 6.04 27.70 -32.95
CA ASP E 79 6.73 26.84 -31.99
C ASP E 79 5.98 26.84 -30.66
N LEU E 80 5.35 27.95 -30.35
CA LEU E 80 4.69 28.15 -29.09
C LEU E 80 3.30 28.69 -29.36
N ILE E 81 2.28 27.99 -28.90
CA ILE E 81 0.88 28.42 -29.14
C ILE E 81 0.24 28.77 -27.81
N ILE E 82 -0.34 29.93 -27.72
CA ILE E 82 -0.99 30.35 -26.52
C ILE E 82 -2.51 30.49 -26.69
N GLU E 83 -3.28 29.75 -25.90
CA GLU E 83 -4.70 29.93 -25.83
C GLU E 83 -5.06 30.83 -24.68
N ARG E 84 -6.15 31.55 -24.88
CA ARG E 84 -6.66 32.56 -23.98
C ARG E 84 -8.10 32.25 -23.60
N ARG E 85 -8.50 32.71 -22.42
CA ARG E 85 -9.85 32.41 -21.91
C ARG E 85 -10.96 33.01 -22.78
N GLU E 86 -10.72 34.17 -23.39
CA GLU E 86 -11.67 34.79 -24.30
C GLU E 86 -11.75 34.05 -25.62
N GLY E 87 -10.89 33.02 -25.87
CA GLY E 87 -10.94 32.28 -27.14
C GLY E 87 -12.26 31.46 -27.33
N SER E 88 -12.92 31.60 -28.48
CA SER E 88 -14.07 30.73 -28.82
C SER E 88 -13.80 30.05 -30.15
N ASP E 89 -14.08 28.76 -30.18
CA ASP E 89 -13.95 27.89 -31.34
C ASP E 89 -15.10 28.09 -32.32
N VAL E 90 -16.11 28.83 -31.93
CA VAL E 90 -17.39 28.76 -32.59
C VAL E 90 -17.95 30.15 -32.95
N CYS E 91 -18.83 30.22 -33.93
CA CYS E 91 -19.62 31.43 -34.14
C CYS E 91 -21.12 31.06 -34.04
N TYR E 92 -21.61 30.22 -34.92
CA TYR E 92 -22.85 29.56 -34.68
C TYR E 92 -22.69 28.66 -33.48
N PRO E 93 -23.70 28.61 -32.58
CA PRO E 93 -23.56 27.81 -31.37
C PRO E 93 -23.35 26.33 -31.64
N GLY E 94 -22.58 25.75 -30.76
CA GLY E 94 -22.31 24.32 -30.78
C GLY E 94 -20.94 24.09 -30.15
N LYS E 95 -20.32 22.97 -30.46
CA LYS E 95 -19.01 22.62 -29.97
C LYS E 95 -18.41 21.46 -30.80
N PHE E 96 -17.13 21.20 -30.59
CA PHE E 96 -16.51 20.00 -31.04
C PHE E 96 -16.73 18.80 -30.12
N VAL E 97 -17.00 17.68 -30.71
CA VAL E 97 -17.01 16.39 -30.01
C VAL E 97 -15.59 15.85 -29.92
N ASN E 98 -15.26 15.27 -28.78
CA ASN E 98 -13.90 14.79 -28.51
C ASN E 98 -12.91 15.91 -28.56
N GLU E 99 -13.29 16.99 -27.90
CA GLU E 99 -12.62 18.29 -28.13
C GLU E 99 -11.20 18.32 -27.53
N GLU E 100 -10.99 17.66 -26.41
CA GLU E 100 -9.72 17.80 -25.71
C GLU E 100 -8.59 17.01 -26.37
N ALA E 101 -8.86 15.83 -26.88
CA ALA E 101 -7.93 15.12 -27.72
C ALA E 101 -7.49 15.97 -28.91
N LEU E 102 -8.42 16.62 -29.58
CA LEU E 102 -8.07 17.48 -30.70
C LEU E 102 -7.24 18.69 -30.26
N ARG E 103 -7.57 19.29 -29.13
CA ARG E 103 -6.75 20.34 -28.70
C ARG E 103 -5.30 19.88 -28.48
N GLN E 104 -5.14 18.68 -27.94
CA GLN E 104 -3.87 18.13 -27.60
C GLN E 104 -3.09 17.84 -28.86
N ILE E 105 -3.78 17.39 -29.89
CA ILE E 105 -3.15 17.19 -31.22
C ILE E 105 -2.68 18.49 -31.85
N LEU E 106 -3.51 19.51 -31.72
CA LEU E 106 -3.13 20.82 -32.31
C LEU E 106 -2.05 21.56 -31.54
N ARG E 107 -2.05 21.46 -30.22
CA ARG E 107 -1.09 22.22 -29.41
C ARG E 107 0.33 21.83 -29.78
N GLU E 108 0.54 20.55 -30.12
CA GLU E 108 1.88 20.06 -30.48
C GLU E 108 2.13 20.08 -31.97
N SER E 109 1.26 20.68 -32.77
CA SER E 109 1.30 20.48 -34.23
C SER E 109 2.38 21.24 -35.03
N GLY E 110 2.90 22.29 -34.47
CA GLY E 110 3.60 23.33 -35.29
C GLY E 110 2.69 24.25 -36.10
N GLY E 111 1.38 24.05 -36.01
CA GLY E 111 0.46 24.79 -36.84
C GLY E 111 -0.03 23.92 -37.93
N ILE E 112 -0.78 24.50 -38.86
CA ILE E 112 -1.50 23.71 -39.86
C ILE E 112 -1.37 24.35 -41.23
N ASP E 113 -1.32 23.49 -42.24
CA ASP E 113 -1.36 23.83 -43.63
C ASP E 113 -2.64 23.26 -44.18
N LYS E 114 -3.45 24.09 -44.80
CA LYS E 114 -4.74 23.64 -45.35
C LYS E 114 -4.67 23.23 -46.80
N GLU E 115 -5.41 22.18 -47.19
CA GLU E 115 -5.47 21.74 -48.61
C GLU E 115 -6.92 21.54 -49.06
N ALA E 116 -7.26 22.04 -50.24
CA ALA E 116 -8.60 21.91 -50.78
C ALA E 116 -9.00 20.42 -50.87
N MET E 117 -10.23 20.10 -50.54
CA MET E 117 -10.62 18.70 -50.62
C MET E 117 -11.28 18.38 -51.95
N GLY E 118 -11.65 19.42 -52.70
CA GLY E 118 -12.12 19.24 -54.09
C GLY E 118 -13.56 18.85 -54.23
N PHE E 119 -14.36 18.95 -53.17
CA PHE E 119 -15.81 18.59 -53.35
C PHE E 119 -16.57 19.62 -54.14
N THR E 120 -17.43 19.20 -55.06
CA THR E 120 -18.33 20.12 -55.75
C THR E 120 -19.71 19.47 -55.73
N TYR E 121 -20.73 20.27 -55.99
CA TYR E 121 -22.09 19.84 -55.71
C TYR E 121 -22.99 20.18 -56.84
N SER E 122 -24.02 19.38 -57.01
CA SER E 122 -25.11 19.77 -57.89
C SER E 122 -26.44 19.35 -57.29
N GLY E 123 -27.49 20.08 -57.64
CA GLY E 123 -28.83 19.78 -57.16
C GLY E 123 -29.12 20.31 -55.77
N ILE E 124 -28.19 21.09 -55.18
CA ILE E 124 -28.39 21.65 -53.84
C ILE E 124 -27.93 23.11 -53.76
N ARG E 125 -28.24 23.78 -52.64
CA ARG E 125 -27.65 25.05 -52.34
C ARG E 125 -26.46 24.78 -51.42
N THR E 126 -25.54 25.72 -51.45
CA THR E 126 -24.27 25.59 -50.79
C THR E 126 -24.02 26.83 -49.91
N ASN E 127 -24.98 27.76 -49.91
CA ASN E 127 -24.78 29.09 -49.34
C ASN E 127 -25.40 29.29 -47.94
N GLY E 128 -25.56 28.23 -47.13
CA GLY E 128 -26.16 28.46 -45.81
C GLY E 128 -25.28 29.48 -45.01
N ALA E 129 -25.92 30.46 -44.32
CA ALA E 129 -25.28 31.58 -43.68
C ALA E 129 -26.05 31.97 -42.44
N THR E 130 -25.43 32.73 -41.51
CA THR E 130 -26.07 33.06 -40.28
C THR E 130 -25.53 34.38 -39.75
N SER E 131 -26.40 35.12 -39.07
CA SER E 131 -26.03 36.35 -38.44
C SER E 131 -25.12 36.16 -37.26
N ALA E 132 -25.01 34.94 -36.76
CA ALA E 132 -24.04 34.66 -35.71
C ALA E 132 -22.57 34.67 -36.22
N CYS E 133 -22.33 34.57 -37.52
CA CYS E 133 -20.99 34.51 -38.07
C CYS E 133 -20.87 35.72 -38.95
N ARG E 134 -20.45 36.82 -38.34
CA ARG E 134 -20.54 38.11 -39.00
C ARG E 134 -19.23 38.43 -39.72
N ARG E 135 -19.33 38.68 -41.02
CA ARG E 135 -18.24 39.29 -41.78
C ARG E 135 -18.76 40.57 -42.48
N SER E 136 -19.04 40.52 -43.76
CA SER E 136 -19.72 41.70 -44.35
C SER E 136 -21.20 41.40 -44.42
N GLY E 137 -21.83 41.36 -43.24
CA GLY E 137 -23.15 40.74 -43.06
C GLY E 137 -23.04 39.25 -42.68
N SER E 138 -24.16 38.56 -42.82
CA SER E 138 -24.25 37.15 -42.51
C SER E 138 -23.21 36.34 -43.27
N SER E 139 -22.57 35.41 -42.59
CA SER E 139 -21.61 34.56 -43.24
C SER E 139 -21.58 33.21 -42.50
N PHE E 140 -20.46 32.52 -42.62
CA PHE E 140 -20.34 31.16 -42.11
C PHE E 140 -18.86 30.82 -41.86
N TYR E 141 -18.60 29.67 -41.29
CA TYR E 141 -17.25 29.16 -41.13
C TYR E 141 -16.50 29.19 -42.47
N ALA E 142 -15.31 29.82 -42.47
CA ALA E 142 -14.51 29.94 -43.69
C ALA E 142 -14.16 28.62 -44.33
N GLU E 143 -13.94 27.58 -43.55
CA GLU E 143 -13.50 26.29 -44.12
C GLU E 143 -14.62 25.26 -44.37
N MET E 144 -15.88 25.65 -44.24
CA MET E 144 -17.00 24.67 -44.30
C MET E 144 -18.09 25.15 -45.21
N LYS E 145 -19.01 24.28 -45.58
CA LYS E 145 -20.15 24.71 -46.40
C LYS E 145 -21.44 24.11 -45.86
N TRP E 146 -22.37 24.99 -45.60
CA TRP E 146 -23.67 24.64 -45.07
C TRP E 146 -24.50 24.29 -46.29
N LEU E 147 -24.61 22.98 -46.56
CA LEU E 147 -25.39 22.43 -47.64
C LEU E 147 -26.90 22.37 -47.29
N LEU E 148 -27.72 22.84 -48.23
CA LEU E 148 -29.15 22.98 -48.08
C LEU E 148 -29.84 22.34 -49.29
N SER E 149 -31.13 22.01 -49.14
CA SER E 149 -31.96 21.63 -50.29
C SER E 149 -32.10 22.80 -51.20
N ASN E 150 -32.34 22.48 -52.48
CA ASN E 150 -32.38 23.49 -53.52
C ASN E 150 -33.39 24.63 -53.25
N THR E 151 -34.47 24.27 -52.60
CA THR E 151 -35.49 25.22 -52.28
C THR E 151 -36.14 24.74 -51.00
N ASP E 152 -36.88 25.62 -50.35
CA ASP E 152 -37.48 25.31 -49.05
C ASP E 152 -38.30 24.05 -49.15
N ASN E 153 -38.10 23.15 -48.22
CA ASN E 153 -38.82 21.88 -48.15
C ASN E 153 -38.45 20.86 -49.21
N ALA E 154 -37.65 21.20 -50.19
CA ALA E 154 -37.44 20.22 -51.27
C ALA E 154 -36.54 19.09 -50.74
N ALA E 155 -36.59 17.96 -51.41
CA ALA E 155 -35.84 16.81 -51.00
C ALA E 155 -34.35 17.00 -51.26
N PHE E 156 -33.54 16.51 -50.36
CA PHE E 156 -32.11 16.70 -50.43
C PHE E 156 -31.59 15.39 -50.96
N PRO E 157 -30.96 15.39 -52.13
CA PRO E 157 -30.55 14.13 -52.77
C PRO E 157 -29.51 13.40 -51.94
N GLN E 158 -29.58 12.09 -51.98
CA GLN E 158 -28.63 11.27 -51.29
C GLN E 158 -27.28 11.49 -51.94
N MET E 159 -26.23 11.74 -51.17
CA MET E 159 -24.98 12.18 -51.79
C MET E 159 -23.85 11.46 -51.17
N THR E 160 -22.82 11.27 -51.95
CA THR E 160 -21.58 10.67 -51.52
C THR E 160 -20.38 11.51 -52.03
N LYS E 161 -19.42 11.79 -51.14
CA LYS E 161 -18.24 12.56 -51.49
C LYS E 161 -17.06 11.88 -50.81
N SER E 162 -15.97 11.75 -51.54
CA SER E 162 -14.81 11.05 -51.09
C SER E 162 -13.52 11.89 -51.30
N TYR E 163 -12.59 11.75 -50.38
CA TYR E 163 -11.35 12.46 -50.47
C TYR E 163 -10.28 11.52 -50.11
N LYS E 164 -9.24 11.49 -50.94
CA LYS E 164 -8.05 10.70 -50.64
C LYS E 164 -6.87 11.56 -50.19
N ASN E 165 -6.18 11.13 -49.14
CA ASN E 165 -4.96 11.82 -48.66
C ASN E 165 -3.72 11.33 -49.48
N THR E 166 -3.33 12.16 -50.46
CA THR E 166 -2.17 12.01 -51.28
C THR E 166 -0.86 12.31 -50.60
N ARG E 167 -0.88 12.94 -49.43
CA ARG E 167 0.36 13.35 -48.81
C ARG E 167 0.96 12.25 -47.95
N LYS E 168 2.11 12.52 -47.38
CA LYS E 168 2.89 11.54 -46.60
C LYS E 168 2.63 11.65 -45.11
N SER E 169 1.71 12.54 -44.73
CA SER E 169 1.37 12.88 -43.34
C SER E 169 -0.14 12.68 -43.09
N PRO E 170 -0.56 12.44 -41.84
CA PRO E 170 -2.03 12.21 -41.68
C PRO E 170 -2.82 13.51 -41.87
N ALA E 171 -3.95 13.45 -42.53
CA ALA E 171 -4.78 14.59 -42.70
C ALA E 171 -5.81 14.69 -41.59
N LEU E 172 -5.96 15.88 -41.02
CA LEU E 172 -7.07 16.17 -40.11
C LEU E 172 -8.31 16.56 -40.91
N ILE E 173 -9.34 15.75 -40.77
CA ILE E 173 -10.61 15.97 -41.45
C ILE E 173 -11.65 16.35 -40.43
N VAL E 174 -12.35 17.42 -40.69
CA VAL E 174 -13.47 17.89 -39.82
C VAL E 174 -14.74 18.05 -40.59
N TRP E 175 -15.89 17.74 -39.93
CA TRP E 175 -17.19 17.95 -40.51
C TRP E 175 -18.16 18.33 -39.38
N GLY E 176 -19.34 18.81 -39.77
CA GLY E 176 -20.35 19.22 -38.82
C GLY E 176 -21.69 18.54 -39.04
N ILE E 177 -22.50 18.54 -37.97
CA ILE E 177 -23.90 18.02 -38.02
C ILE E 177 -24.73 19.17 -37.47
N HIS E 178 -25.77 19.52 -38.20
CA HIS E 178 -26.63 20.57 -37.80
C HIS E 178 -27.87 20.00 -37.14
N HIS E 179 -28.09 20.46 -35.90
CA HIS E 179 -29.28 20.09 -35.09
C HIS E 179 -30.20 21.27 -35.07
N SER E 180 -31.24 21.20 -35.87
CA SER E 180 -32.20 22.27 -35.99
C SER E 180 -33.07 22.42 -34.72
N VAL E 181 -33.74 23.55 -34.62
CA VAL E 181 -34.59 23.88 -33.51
C VAL E 181 -35.84 22.99 -33.46
N SER E 182 -36.27 22.44 -34.58
CA SER E 182 -37.53 21.72 -34.70
C SER E 182 -37.51 20.88 -35.95
N THR E 183 -38.34 19.88 -35.98
CA THR E 183 -38.43 19.01 -37.17
C THR E 183 -39.00 19.80 -38.32
N ALA E 184 -39.86 20.77 -38.04
CA ALA E 184 -40.29 21.76 -39.06
C ALA E 184 -39.09 22.45 -39.77
N GLU E 185 -38.19 23.08 -39.00
CA GLU E 185 -37.00 23.79 -39.58
C GLU E 185 -36.11 22.78 -40.30
N GLN E 186 -35.94 21.59 -39.73
CA GLN E 186 -35.12 20.59 -40.39
C GLN E 186 -35.67 20.17 -41.74
N THR E 187 -36.99 20.15 -41.83
CA THR E 187 -37.69 19.98 -43.10
C THR E 187 -37.55 21.12 -44.06
N LYS E 188 -37.78 22.36 -43.61
CA LYS E 188 -37.53 23.48 -44.47
C LYS E 188 -36.09 23.39 -45.14
N LEU E 189 -35.05 23.10 -44.35
CA LEU E 189 -33.66 23.20 -44.82
C LEU E 189 -33.29 22.03 -45.68
N TYR E 190 -33.72 20.83 -45.29
CA TYR E 190 -33.18 19.62 -45.91
C TYR E 190 -34.26 18.69 -46.44
N GLY E 191 -35.51 19.10 -46.44
CA GLY E 191 -36.61 18.18 -46.87
C GLY E 191 -36.97 17.19 -45.74
N SER E 192 -38.21 16.69 -45.72
CA SER E 192 -38.68 15.89 -44.60
C SER E 192 -37.97 14.55 -44.61
N GLY E 193 -38.16 13.79 -43.55
CA GLY E 193 -37.70 12.39 -43.53
C GLY E 193 -36.45 12.27 -42.69
N ASN E 194 -35.99 11.04 -42.54
CA ASN E 194 -34.91 10.75 -41.62
C ASN E 194 -33.55 11.11 -42.23
N LYS E 195 -32.73 11.77 -41.43
CA LYS E 195 -31.52 12.34 -41.91
C LYS E 195 -30.41 11.56 -41.29
N LEU E 196 -29.42 11.29 -42.11
CA LEU E 196 -28.36 10.41 -41.74
C LEU E 196 -27.08 10.85 -42.43
N VAL E 197 -26.00 10.85 -41.66
CA VAL E 197 -24.70 11.15 -42.19
C VAL E 197 -23.79 10.01 -41.79
N THR E 198 -23.15 9.37 -42.76
CA THR E 198 -22.19 8.35 -42.48
C THR E 198 -20.80 8.71 -42.98
N VAL E 199 -19.81 8.33 -42.21
CA VAL E 199 -18.50 8.74 -42.47
C VAL E 199 -17.61 7.52 -42.29
N GLY E 200 -16.84 7.20 -43.31
CA GLY E 200 -16.01 6.01 -43.35
C GLY E 200 -14.65 6.19 -43.97
N SER E 201 -13.66 5.67 -43.26
CA SER E 201 -12.38 5.41 -43.88
C SER E 201 -12.07 3.89 -43.82
N SER E 202 -10.81 3.54 -44.04
CA SER E 202 -10.44 2.14 -43.90
C SER E 202 -10.34 1.75 -42.40
N ASN E 203 -10.22 2.73 -41.50
CA ASN E 203 -10.07 2.52 -40.04
C ASN E 203 -11.09 3.19 -39.14
N TYR E 204 -12.16 3.69 -39.73
CA TYR E 204 -13.12 4.45 -39.00
C TYR E 204 -14.44 4.25 -39.73
N GLN E 205 -15.53 4.03 -38.97
CA GLN E 205 -16.88 4.27 -39.48
C GLN E 205 -17.73 4.70 -38.30
N GLN E 206 -18.53 5.74 -38.54
CA GLN E 206 -19.48 6.23 -37.58
C GLN E 206 -20.61 6.88 -38.32
N SER E 207 -21.75 6.85 -37.66
CA SER E 207 -23.03 7.32 -38.17
C SER E 207 -23.43 8.54 -37.29
N PHE E 208 -24.09 9.53 -37.88
CA PHE E 208 -24.63 10.66 -37.13
C PHE E 208 -26.06 10.94 -37.58
N VAL E 209 -26.94 11.15 -36.60
CA VAL E 209 -28.31 11.50 -36.86
C VAL E 209 -28.49 12.83 -36.21
N PRO E 210 -28.92 13.85 -36.96
CA PRO E 210 -29.25 15.09 -36.24
C PRO E 210 -30.38 14.85 -35.22
N SER E 211 -30.44 15.67 -34.19
CA SER E 211 -31.56 15.62 -33.27
C SER E 211 -32.21 16.99 -33.12
N PRO E 212 -33.13 17.31 -33.99
CA PRO E 212 -33.84 18.55 -33.84
C PRO E 212 -34.72 18.67 -32.61
N GLY E 213 -34.88 19.90 -32.14
CA GLY E 213 -35.65 20.10 -30.93
C GLY E 213 -35.30 21.40 -30.24
N ALA E 214 -36.25 21.86 -29.44
CA ALA E 214 -36.12 23.13 -28.79
C ALA E 214 -35.13 23.08 -27.66
N ARG E 215 -34.43 24.20 -27.50
CA ARG E 215 -33.44 24.36 -26.50
C ARG E 215 -33.25 25.87 -26.37
N PRO E 216 -32.48 26.30 -25.35
CA PRO E 216 -32.25 27.71 -25.18
C PRO E 216 -31.50 28.41 -26.33
N GLN E 217 -31.84 29.66 -26.50
CA GLN E 217 -31.11 30.57 -27.37
C GLN E 217 -29.73 30.81 -26.88
N VAL E 218 -28.75 30.72 -27.77
CA VAL E 218 -27.38 31.16 -27.54
C VAL E 218 -27.12 32.15 -28.74
N ASN E 219 -26.76 33.40 -28.47
CA ASN E 219 -26.59 34.47 -29.52
C ASN E 219 -27.92 34.74 -30.22
N GLY E 220 -29.07 34.63 -29.51
CA GLY E 220 -30.42 34.57 -30.19
C GLY E 220 -30.81 33.28 -30.97
N LEU E 221 -29.94 32.26 -31.04
CA LEU E 221 -30.22 31.04 -31.84
C LEU E 221 -30.34 29.75 -31.05
N SER E 222 -31.29 28.93 -31.44
CA SER E 222 -31.55 27.69 -30.70
C SER E 222 -30.96 26.50 -31.40
N GLY E 223 -30.53 26.69 -32.65
CA GLY E 223 -29.91 25.62 -33.40
C GLY E 223 -28.46 25.43 -32.92
N ARG E 224 -27.88 24.29 -33.25
CA ARG E 224 -26.52 23.97 -32.89
C ARG E 224 -25.87 23.36 -34.10
N ILE E 225 -24.56 23.63 -34.24
CA ILE E 225 -23.69 22.87 -35.17
C ILE E 225 -22.56 22.28 -34.40
N ASP E 226 -22.56 20.96 -34.29
CA ASP E 226 -21.49 20.32 -33.64
C ASP E 226 -20.46 19.65 -34.60
N PHE E 227 -19.20 19.82 -34.23
CA PHE E 227 -18.11 19.40 -35.07
C PHE E 227 -17.48 18.06 -34.62
N HIS E 228 -17.09 17.23 -35.60
CA HIS E 228 -16.44 15.92 -35.41
C HIS E 228 -15.20 15.86 -36.29
N TRP E 229 -14.27 15.00 -35.92
CA TRP E 229 -13.03 14.91 -36.66
C TRP E 229 -12.51 13.48 -36.73
N LEU E 230 -11.60 13.24 -37.67
CA LEU E 230 -10.72 12.07 -37.67
C LEU E 230 -9.36 12.39 -38.36
N MET E 231 -8.40 11.51 -38.14
CA MET E 231 -7.06 11.54 -38.71
C MET E 231 -7.01 10.55 -39.85
N LEU E 232 -6.84 11.06 -41.08
CA LEU E 232 -6.89 10.20 -42.26
C LEU E 232 -5.43 9.87 -42.64
N ASN E 233 -5.08 8.59 -42.59
CA ASN E 233 -3.76 8.15 -42.98
C ASN E 233 -3.36 8.41 -44.42
N PRO E 234 -2.01 8.56 -44.67
CA PRO E 234 -1.44 8.66 -46.02
C PRO E 234 -1.94 7.56 -46.89
N ASN E 235 -2.38 7.91 -48.10
CA ASN E 235 -2.93 6.97 -49.06
C ASN E 235 -4.33 6.43 -48.73
N ASP E 236 -4.91 6.73 -47.56
CA ASP E 236 -6.30 6.29 -47.25
C ASP E 236 -7.35 7.32 -47.80
N THR E 237 -8.61 6.87 -47.90
CA THR E 237 -9.73 7.68 -48.36
C THR E 237 -10.80 7.80 -47.27
N VAL E 238 -11.39 9.00 -47.17
CA VAL E 238 -12.58 9.18 -46.34
C VAL E 238 -13.75 9.39 -47.26
N THR E 239 -14.88 8.80 -46.92
CA THR E 239 -16.11 8.95 -47.69
C THR E 239 -17.26 9.38 -46.78
N PHE E 240 -17.97 10.39 -47.23
CA PHE E 240 -19.08 10.96 -46.52
C PHE E 240 -20.30 10.59 -47.33
N SER E 241 -21.33 10.07 -46.67
CA SER E 241 -22.64 9.80 -47.31
C SER E 241 -23.73 10.46 -46.50
N PHE E 242 -24.64 11.19 -47.12
CA PHE E 242 -25.49 12.06 -46.35
C PHE E 242 -26.64 12.53 -47.20
N ASN E 243 -27.72 12.91 -46.52
CA ASN E 243 -28.92 13.42 -47.22
C ASN E 243 -29.42 14.65 -46.53
N GLY E 244 -28.52 15.33 -45.81
CA GLY E 244 -28.84 16.65 -45.17
C GLY E 244 -28.26 16.74 -43.79
N ALA E 245 -28.50 17.86 -43.14
CA ALA E 245 -27.93 18.20 -41.86
C ALA E 245 -26.43 18.10 -41.75
N PHE E 246 -25.75 18.28 -42.87
CA PHE E 246 -24.34 18.03 -42.97
C PHE E 246 -23.64 19.39 -43.30
N ILE E 247 -22.62 19.68 -42.51
CA ILE E 247 -21.79 20.83 -42.71
C ILE E 247 -20.49 20.23 -43.27
N ALA E 248 -20.27 20.46 -44.56
CA ALA E 248 -19.16 19.82 -45.27
C ALA E 248 -17.86 20.57 -45.20
N PRO E 249 -16.72 19.85 -45.04
CA PRO E 249 -15.45 20.48 -45.17
C PRO E 249 -15.12 20.90 -46.60
N ASP E 250 -14.50 22.07 -46.70
CA ASP E 250 -13.93 22.56 -47.97
C ASP E 250 -12.47 22.19 -48.02
N ARG E 251 -11.82 22.14 -46.87
CA ARG E 251 -10.37 21.87 -46.83
C ARG E 251 -9.95 20.94 -45.71
N ALA E 252 -8.89 20.20 -45.93
CA ALA E 252 -8.26 19.39 -44.89
C ALA E 252 -7.10 20.11 -44.30
N SER E 253 -6.70 19.72 -43.09
CA SER E 253 -5.52 20.31 -42.46
C SER E 253 -4.39 19.27 -42.26
N PHE E 254 -3.16 19.69 -42.48
CA PHE E 254 -1.96 18.89 -42.23
C PHE E 254 -1.13 19.61 -41.20
N LEU E 255 -0.57 18.85 -40.28
CA LEU E 255 0.19 19.41 -39.20
C LEU E 255 1.54 19.75 -39.73
N ARG E 256 2.14 20.85 -39.27
CA ARG E 256 3.38 21.32 -39.84
C ARG E 256 4.64 20.72 -39.27
N GLY E 257 4.67 20.43 -37.98
CA GLY E 257 5.93 20.03 -37.36
C GLY E 257 5.72 19.79 -35.89
N LYS E 258 6.30 20.64 -35.05
CA LYS E 258 6.31 20.45 -33.61
C LYS E 258 6.14 21.76 -32.91
N SER E 259 5.41 21.75 -31.81
CA SER E 259 5.21 22.95 -31.03
C SER E 259 4.86 22.54 -29.65
N MET E 260 4.76 23.52 -28.79
CA MET E 260 4.19 23.31 -27.48
C MET E 260 3.01 24.32 -27.37
N GLY E 261 1.96 23.91 -26.67
CA GLY E 261 0.83 24.80 -26.43
C GLY E 261 0.56 25.02 -24.97
N ILE E 262 0.21 26.24 -24.62
CA ILE E 262 -0.18 26.54 -23.24
C ILE E 262 -1.44 27.35 -23.16
N GLN E 263 -1.99 27.41 -21.95
CA GLN E 263 -3.12 28.23 -21.63
C GLN E 263 -2.66 29.29 -20.68
N SER E 264 -2.91 30.57 -20.99
CA SER E 264 -2.37 31.62 -20.17
C SER E 264 -3.16 32.90 -20.12
N GLY E 265 -3.02 33.59 -18.99
CA GLY E 265 -3.70 34.89 -18.75
C GLY E 265 -2.72 36.03 -18.59
N VAL E 266 -1.45 35.86 -18.94
CA VAL E 266 -0.51 36.99 -18.88
C VAL E 266 0.10 37.28 -20.23
N GLN E 267 0.71 38.44 -20.36
CA GLN E 267 1.33 38.85 -21.64
C GLN E 267 2.57 38.09 -22.05
N VAL E 268 2.82 38.14 -23.35
CA VAL E 268 3.97 37.58 -23.98
C VAL E 268 5.11 38.57 -23.78
N ASP E 269 6.33 38.05 -23.66
CA ASP E 269 7.54 38.89 -23.58
C ASP E 269 8.66 38.23 -24.39
N ALA E 270 8.90 38.78 -25.57
CA ALA E 270 9.83 38.19 -26.51
C ALA E 270 11.30 38.46 -26.12
N ASN E 271 11.53 39.21 -25.06
CA ASN E 271 12.89 39.50 -24.61
C ASN E 271 13.46 38.56 -23.56
N CYS E 272 12.64 37.74 -22.91
CA CYS E 272 13.12 36.73 -21.94
C CYS E 272 12.90 35.32 -22.50
N GLU E 273 13.84 34.42 -22.21
CA GLU E 273 13.81 33.09 -22.73
C GLU E 273 13.30 32.16 -21.64
N GLY E 274 12.60 31.12 -21.99
CA GLY E 274 12.17 30.17 -20.95
C GLY E 274 11.56 28.97 -21.58
N ASP E 275 11.40 27.91 -20.79
CA ASP E 275 10.93 26.62 -21.28
C ASP E 275 9.91 25.95 -20.35
N CYS E 276 9.62 26.55 -19.20
CA CYS E 276 8.61 25.98 -18.28
C CYS E 276 7.51 27.03 -18.08
N TYR E 277 6.25 26.67 -18.41
CA TYR E 277 5.19 27.64 -18.46
C TYR E 277 4.01 27.14 -17.66
N HIS E 278 3.30 28.09 -17.10
CA HIS E 278 1.96 27.78 -16.55
C HIS E 278 1.07 28.96 -16.83
N SER E 279 -0.18 28.93 -16.34
CA SER E 279 -1.08 29.98 -16.78
C SER E 279 -0.65 31.37 -16.33
N GLY E 280 0.06 31.43 -15.21
CA GLY E 280 0.43 32.73 -14.63
C GLY E 280 1.81 33.21 -15.06
N GLY E 281 2.47 32.52 -15.96
CA GLY E 281 3.81 32.93 -16.34
C GLY E 281 4.81 31.83 -16.61
N THR E 282 6.10 32.13 -16.36
CA THR E 282 7.22 31.33 -16.80
C THR E 282 8.12 31.10 -15.59
N ILE E 283 8.47 29.83 -15.37
CA ILE E 283 9.31 29.43 -14.25
C ILE E 283 10.71 29.32 -14.83
N ILE E 284 11.56 30.30 -14.59
CA ILE E 284 12.95 30.27 -15.05
C ILE E 284 13.81 29.85 -13.85
N SER E 285 14.42 28.66 -13.93
CA SER E 285 15.04 28.07 -12.78
C SER E 285 15.85 26.92 -13.21
N ASN E 286 16.94 26.70 -12.48
CA ASN E 286 17.66 25.41 -12.52
C ASN E 286 17.48 24.54 -11.30
N LEU E 287 16.67 24.99 -10.38
CA LEU E 287 16.39 24.16 -9.22
C LEU E 287 15.64 22.90 -9.62
N PRO E 288 15.81 21.83 -8.87
CA PRO E 288 15.14 20.60 -9.31
C PRO E 288 13.67 20.53 -8.97
N PHE E 289 13.20 21.37 -8.06
CA PHE E 289 11.83 21.31 -7.63
C PHE E 289 11.19 22.69 -7.71
N GLN E 290 9.85 22.72 -7.77
CA GLN E 290 9.11 23.97 -7.74
C GLN E 290 7.81 23.78 -7.01
N ASN E 291 7.34 24.85 -6.39
CA ASN E 291 6.09 24.84 -5.65
C ASN E 291 5.09 25.87 -6.21
N ILE E 292 5.20 26.19 -7.50
CA ILE E 292 4.46 27.31 -8.10
C ILE E 292 3.15 26.82 -8.70
N ASP E 293 3.20 25.78 -9.52
CA ASP E 293 2.00 25.23 -10.19
C ASP E 293 2.16 23.76 -10.62
N SER E 294 1.33 22.90 -10.10
CA SER E 294 1.42 21.45 -10.39
C SER E 294 1.03 21.11 -11.81
N ARG E 295 0.49 22.04 -12.54
CA ARG E 295 0.18 21.76 -13.93
C ARG E 295 1.09 22.51 -14.93
N ALA E 296 2.22 23.02 -14.45
CA ALA E 296 3.24 23.67 -15.32
C ALA E 296 3.66 22.74 -16.39
N VAL E 297 3.99 23.24 -17.58
CA VAL E 297 4.37 22.32 -18.68
C VAL E 297 5.56 22.86 -19.44
N GLY E 298 6.14 22.01 -20.28
CA GLY E 298 7.42 22.29 -20.95
C GLY E 298 8.45 21.43 -20.23
N LYS E 299 9.62 22.01 -20.02
CA LYS E 299 10.76 21.30 -19.33
C LYS E 299 10.90 22.00 -18.03
N CYS E 300 10.42 21.36 -16.98
CA CYS E 300 10.15 21.99 -15.71
C CYS E 300 10.89 21.26 -14.52
N PRO E 301 11.18 21.99 -13.45
CA PRO E 301 11.49 21.37 -12.16
C PRO E 301 10.27 20.59 -11.74
N ARG E 302 10.42 19.58 -10.89
CA ARG E 302 9.25 18.79 -10.52
C ARG E 302 8.48 19.50 -9.44
N TYR E 303 7.16 19.47 -9.58
CA TYR E 303 6.28 20.02 -8.58
C TYR E 303 6.33 19.27 -7.28
N VAL E 304 6.51 20.01 -6.19
CA VAL E 304 6.42 19.41 -4.83
C VAL E 304 5.48 20.25 -3.98
N LYS E 305 4.99 19.66 -2.93
CA LYS E 305 4.04 20.30 -2.00
C LYS E 305 4.73 21.29 -1.07
N GLN E 306 6.02 21.10 -0.77
CA GLN E 306 6.70 21.92 0.24
C GLN E 306 7.06 23.23 -0.42
N ARG E 307 7.00 24.31 0.35
CA ARG E 307 7.43 25.63 -0.12
C ARG E 307 8.95 25.80 -0.11
N SER E 308 9.64 25.06 0.79
CA SER E 308 11.07 25.28 0.88
C SER E 308 11.79 24.04 1.38
N LEU E 309 12.95 23.76 0.80
CA LEU E 309 13.83 22.69 1.30
C LEU E 309 15.28 23.13 1.08
N LEU E 310 15.98 23.46 2.16
CA LEU E 310 17.33 24.03 2.05
C LEU E 310 18.38 22.95 2.02
N LEU E 311 19.23 23.05 1.02
CA LEU E 311 20.35 22.19 0.85
C LEU E 311 21.63 22.85 1.45
N ALA E 312 22.33 22.15 2.37
CA ALA E 312 23.50 22.74 3.01
C ALA E 312 24.60 22.83 2.00
N THR E 313 25.23 23.99 1.91
CA THR E 313 26.43 24.16 1.06
C THR E 313 27.66 24.52 1.92
N GLY E 314 27.58 24.21 3.21
CA GLY E 314 28.72 24.47 4.11
C GLY E 314 28.63 23.57 5.30
N MET E 315 29.64 23.66 6.17
CA MET E 315 29.74 22.80 7.32
C MET E 315 28.78 23.26 8.43
N LYS E 316 28.63 22.43 9.45
CA LYS E 316 27.92 22.81 10.69
C LYS E 316 28.47 24.10 11.24
N ASN E 317 27.60 24.97 11.74
CA ASN E 317 28.03 26.25 12.23
C ASN E 317 28.12 26.22 13.72
N VAL E 318 29.34 26.37 14.25
CA VAL E 318 29.57 26.16 15.67
C VAL E 318 30.18 27.43 16.21
N PRO E 319 29.34 28.42 16.53
CA PRO E 319 29.93 29.70 16.97
C PRO E 319 30.47 29.60 18.39
N GLU E 320 31.25 30.56 18.85
CA GLU E 320 31.41 30.69 20.32
C GLU E 320 30.46 31.73 20.93
N ALA F 5 44.22 30.89 26.23
CA ALA F 5 43.15 31.61 25.51
C ALA F 5 42.87 30.90 24.18
N ILE F 6 43.85 30.24 23.56
CA ILE F 6 43.67 29.75 22.14
C ILE F 6 43.11 28.30 22.15
N ALA F 7 42.14 27.96 21.28
CA ALA F 7 41.61 26.60 21.21
C ALA F 7 41.18 26.19 19.79
N GLY F 8 40.97 24.89 19.60
CA GLY F 8 40.76 24.32 18.29
C GLY F 8 39.32 23.84 18.08
N PHE F 9 39.16 23.02 17.06
CA PHE F 9 37.85 22.67 16.53
C PHE F 9 37.01 21.85 17.51
N ILE F 10 37.61 21.17 18.49
CA ILE F 10 36.78 20.37 19.41
C ILE F 10 35.87 21.25 20.24
N GLU F 11 36.28 22.48 20.54
CA GLU F 11 35.46 23.42 21.31
C GLU F 11 34.45 24.10 20.42
N ASN F 12 34.94 24.73 19.36
CA ASN F 12 34.06 25.44 18.46
C ASN F 12 34.78 25.94 17.21
N GLY F 13 34.04 26.56 16.33
CA GLY F 13 34.61 27.16 15.10
C GLY F 13 35.06 28.58 15.39
N TRP F 14 35.79 29.16 14.44
CA TRP F 14 36.40 30.45 14.53
C TRP F 14 35.72 31.43 13.63
N GLU F 15 35.04 32.41 14.22
CA GLU F 15 34.40 33.47 13.39
C GLU F 15 35.39 34.31 12.66
N GLY F 16 36.59 34.42 13.20
CA GLY F 16 37.65 35.26 12.58
C GLY F 16 38.36 34.60 11.41
N LEU F 17 38.15 33.31 11.17
CA LEU F 17 38.72 32.66 10.00
C LEU F 17 37.84 32.94 8.76
N ILE F 18 38.22 33.90 7.94
CA ILE F 18 37.43 34.41 6.85
C ILE F 18 38.02 34.11 5.46
N ASP F 19 39.27 33.65 5.41
CA ASP F 19 40.01 33.29 4.19
C ASP F 19 39.90 31.78 3.82
N GLY F 20 39.11 30.98 4.54
CA GLY F 20 39.10 29.55 4.28
C GLY F 20 38.11 28.84 5.19
N TRP F 21 37.93 27.54 4.95
CA TRP F 21 37.07 26.72 5.80
C TRP F 21 37.79 26.12 6.97
N TYR F 22 39.06 25.78 6.76
CA TYR F 22 39.89 25.19 7.80
C TYR F 22 41.17 26.00 7.92
N GLY F 23 41.82 25.91 9.06
CA GLY F 23 43.03 26.67 9.29
C GLY F 23 43.79 26.33 10.55
N PHE F 24 44.90 27.04 10.73
CA PHE F 24 45.85 26.88 11.81
C PHE F 24 45.90 28.18 12.61
N ARG F 25 45.87 28.05 13.93
CA ARG F 25 46.03 29.16 14.82
C ARG F 25 47.16 28.78 15.80
N HIS F 26 48.12 29.65 15.94
CA HIS F 26 49.35 29.33 16.74
C HIS F 26 49.59 30.38 17.77
N GLN F 27 50.38 30.02 18.78
CA GLN F 27 50.80 30.93 19.82
C GLN F 27 52.27 30.55 20.14
N ASN F 28 53.13 31.56 20.07
CA ASN F 28 54.54 31.43 20.40
C ASN F 28 54.99 32.77 20.96
N ALA F 29 56.29 32.92 21.21
CA ALA F 29 56.85 34.16 21.76
C ALA F 29 56.50 35.38 20.92
N GLN F 30 56.42 35.22 19.59
CA GLN F 30 56.11 36.36 18.72
C GLN F 30 54.61 36.68 18.63
N GLY F 31 53.76 35.87 19.22
CA GLY F 31 52.37 36.25 19.40
C GLY F 31 51.47 35.18 18.86
N GLU F 32 50.29 35.60 18.45
CA GLU F 32 49.28 34.66 18.00
C GLU F 32 49.10 34.97 16.51
N GLY F 33 48.72 33.96 15.75
CA GLY F 33 48.33 34.18 14.34
C GLY F 33 47.52 33.03 13.81
N THR F 34 46.83 33.31 12.71
CA THR F 34 45.85 32.39 12.10
C THR F 34 46.00 32.43 10.59
N ALA F 35 46.10 31.27 10.00
CA ALA F 35 46.17 31.18 8.51
C ALA F 35 45.29 30.02 8.02
N ALA F 36 44.62 30.23 6.90
CA ALA F 36 43.82 29.22 6.26
C ALA F 36 44.67 28.15 5.65
N ASP F 37 44.16 26.92 5.63
CA ASP F 37 44.74 25.83 4.86
C ASP F 37 43.98 25.71 3.51
N TYR F 38 44.71 25.88 2.42
CA TYR F 38 44.14 26.05 1.12
C TYR F 38 43.67 24.71 0.58
N LYS F 39 44.50 23.69 0.74
CA LYS F 39 44.21 22.37 0.26
C LYS F 39 42.94 21.74 0.85
N SER F 40 42.82 21.66 2.17
CA SER F 40 41.66 21.09 2.78
C SER F 40 40.40 21.91 2.43
N THR F 41 40.54 23.23 2.41
CA THR F 41 39.45 24.12 2.06
C THR F 41 38.91 23.79 0.66
N GLN F 42 39.82 23.59 -0.27
CA GLN F 42 39.47 23.39 -1.64
C GLN F 42 38.90 22.01 -1.86
N SER F 43 39.44 21.02 -1.17
CA SER F 43 38.90 19.69 -1.20
C SER F 43 37.43 19.68 -0.73
N ALA F 44 37.08 20.43 0.31
CA ALA F 44 35.71 20.48 0.75
C ALA F 44 34.82 21.20 -0.25
N ILE F 45 35.27 22.36 -0.73
CA ILE F 45 34.48 23.13 -1.66
C ILE F 45 34.19 22.30 -2.88
N ASP F 46 35.19 21.56 -3.37
CA ASP F 46 35.03 20.77 -4.59
C ASP F 46 33.99 19.67 -4.42
N GLN F 47 33.96 19.02 -3.25
CA GLN F 47 32.92 18.06 -2.95
C GLN F 47 31.48 18.68 -2.91
N ILE F 48 31.32 19.85 -2.34
CA ILE F 48 30.07 20.55 -2.35
C ILE F 48 29.66 20.98 -3.79
N THR F 49 30.61 21.52 -4.53
CA THR F 49 30.39 21.88 -5.93
C THR F 49 29.95 20.62 -6.72
N GLY F 50 30.57 19.48 -6.44
CA GLY F 50 30.18 18.17 -7.07
C GLY F 50 28.75 17.80 -6.78
N LYS F 51 28.33 17.97 -5.51
CA LYS F 51 26.89 17.83 -5.17
C LYS F 51 25.99 18.76 -5.94
N LEU F 52 26.36 20.01 -5.97
CA LEU F 52 25.51 21.00 -6.62
C LEU F 52 25.33 20.73 -8.10
N ASN F 53 26.42 20.31 -8.75
CA ASN F 53 26.36 19.94 -10.15
C ASN F 53 25.36 18.81 -10.39
N ARG F 54 25.37 17.81 -9.53
CA ARG F 54 24.43 16.72 -9.63
C ARG F 54 22.98 17.17 -9.29
N LEU F 55 22.77 18.06 -8.30
CA LEU F 55 21.40 18.35 -7.81
C LEU F 55 20.72 19.51 -8.51
N ILE F 56 21.50 20.44 -9.05
CA ILE F 56 21.00 21.58 -9.85
C ILE F 56 20.72 21.23 -11.33
N GLU F 57 20.31 19.99 -11.57
CA GLU F 57 20.06 19.48 -12.90
C GLU F 57 18.64 19.92 -13.30
N LYS F 58 18.45 19.99 -14.61
CA LYS F 58 17.16 20.23 -15.27
C LYS F 58 16.71 18.87 -15.75
N THR F 59 15.44 18.51 -15.63
CA THR F 59 14.99 17.40 -16.49
C THR F 59 15.01 17.86 -17.94
N ASN F 60 15.37 16.96 -18.86
CA ASN F 60 15.21 17.24 -20.29
C ASN F 60 13.86 16.74 -20.84
N GLN F 61 13.04 16.13 -19.98
CA GLN F 61 11.79 15.53 -20.45
C GLN F 61 10.76 16.65 -20.53
N GLN F 62 10.12 16.74 -21.68
CA GLN F 62 9.03 17.69 -21.94
C GLN F 62 7.69 17.03 -21.60
N PHE F 63 6.85 17.71 -20.83
CA PHE F 63 5.50 17.28 -20.59
C PHE F 63 4.51 18.28 -21.17
N GLU F 64 3.36 17.76 -21.58
CA GLU F 64 2.28 18.50 -22.15
C GLU F 64 1.08 18.47 -21.29
N LEU F 65 0.18 19.40 -21.57
CA LEU F 65 -1.17 19.41 -20.94
C LEU F 65 -2.01 18.19 -21.25
N ILE F 66 -2.63 17.60 -20.24
CA ILE F 66 -3.60 16.54 -20.43
C ILE F 66 -4.95 16.93 -19.87
N ASP F 67 -4.94 18.13 -19.34
CA ASP F 67 -6.00 18.75 -18.62
C ASP F 67 -6.37 20.12 -19.17
N ASN F 68 -7.49 20.71 -18.71
CA ASN F 68 -7.97 21.96 -19.28
C ASN F 68 -8.51 22.88 -18.20
N GLU F 69 -7.82 24.00 -18.03
CA GLU F 69 -8.09 24.99 -17.02
C GLU F 69 -9.28 25.92 -17.38
N PHE F 70 -9.65 26.02 -18.66
CA PHE F 70 -10.72 26.92 -19.08
C PHE F 70 -12.04 26.17 -19.25
N ASN F 71 -11.96 24.96 -19.78
CA ASN F 71 -13.10 24.12 -20.06
C ASN F 71 -12.79 22.73 -19.48
N GLU F 72 -13.37 22.44 -18.33
CA GLU F 72 -13.07 21.22 -17.62
C GLU F 72 -13.29 19.93 -18.46
N VAL F 73 -12.30 19.03 -18.48
CA VAL F 73 -12.51 17.72 -19.06
C VAL F 73 -13.70 16.91 -18.36
N GLU F 74 -14.13 15.88 -19.04
CA GLU F 74 -15.13 14.91 -18.61
C GLU F 74 -14.70 14.36 -17.22
N LYS F 75 -15.68 14.21 -16.36
CA LYS F 75 -15.35 13.97 -14.96
C LYS F 75 -14.62 12.67 -14.68
N GLN F 76 -14.96 11.60 -15.37
CA GLN F 76 -14.38 10.28 -15.00
C GLN F 76 -12.84 10.32 -15.30
N ILE F 77 -12.53 10.77 -16.53
CA ILE F 77 -11.14 10.90 -16.93
C ILE F 77 -10.44 11.97 -16.03
N GLY F 78 -11.16 13.03 -15.67
CA GLY F 78 -10.55 14.09 -14.84
C GLY F 78 -10.11 13.52 -13.51
N ASN F 79 -10.95 12.70 -12.90
CA ASN F 79 -10.63 12.12 -11.63
C ASN F 79 -9.45 11.18 -11.77
N VAL F 80 -9.33 10.46 -12.88
CA VAL F 80 -8.16 9.54 -13.03
C VAL F 80 -6.87 10.35 -13.14
N ILE F 81 -6.93 11.38 -13.97
CA ILE F 81 -5.82 12.34 -14.13
C ILE F 81 -5.41 12.97 -12.83
N ASN F 82 -6.39 13.44 -12.04
CA ASN F 82 -6.05 14.03 -10.75
C ASN F 82 -5.50 13.07 -9.74
N TRP F 83 -6.05 11.86 -9.70
CA TRP F 83 -5.50 10.86 -8.80
C TRP F 83 -4.04 10.59 -9.21
N THR F 84 -3.81 10.50 -10.50
CA THR F 84 -2.47 10.11 -10.95
C THR F 84 -1.52 11.27 -10.62
N ARG F 85 -1.96 12.50 -10.90
CA ARG F 85 -1.12 13.67 -10.62
C ARG F 85 -0.81 13.81 -9.15
N ASP F 86 -1.83 13.70 -8.30
CA ASP F 86 -1.55 13.74 -6.84
C ASP F 86 -0.63 12.59 -6.35
N SER F 87 -0.72 11.43 -6.96
CA SER F 87 0.12 10.35 -6.51
C SER F 87 1.54 10.66 -6.87
N ILE F 88 1.74 11.21 -8.09
CA ILE F 88 3.11 11.64 -8.56
C ILE F 88 3.66 12.72 -7.68
N THR F 89 2.82 13.70 -7.39
CA THR F 89 3.24 14.75 -6.41
C THR F 89 3.66 14.22 -5.03
N GLU F 90 2.94 13.20 -4.51
CA GLU F 90 3.37 12.58 -3.27
C GLU F 90 4.74 11.97 -3.41
N VAL F 91 5.00 11.32 -4.51
CA VAL F 91 6.29 10.67 -4.73
C VAL F 91 7.41 11.67 -4.77
N TRP F 92 7.25 12.72 -5.59
CA TRP F 92 8.29 13.81 -5.62
C TRP F 92 8.49 14.57 -4.33
N SER F 93 7.43 14.85 -3.62
CA SER F 93 7.59 15.58 -2.37
C SER F 93 8.38 14.76 -1.37
N TYR F 94 8.12 13.45 -1.39
CA TYR F 94 8.85 12.55 -0.50
C TYR F 94 10.30 12.45 -0.91
N ASN F 95 10.55 12.34 -2.23
CA ASN F 95 11.90 12.22 -2.69
C ASN F 95 12.69 13.51 -2.44
N ALA F 96 12.07 14.65 -2.66
CA ALA F 96 12.75 15.91 -2.38
C ALA F 96 13.14 16.08 -0.90
N GLU F 97 12.25 15.77 0.04
CA GLU F 97 12.56 15.89 1.47
C GLU F 97 13.67 14.95 1.88
N LEU F 98 13.60 13.72 1.39
CA LEU F 98 14.64 12.75 1.69
C LEU F 98 15.98 13.13 1.05
N LEU F 99 15.95 13.54 -0.21
CA LEU F 99 17.18 13.92 -0.85
C LEU F 99 17.93 15.03 -0.06
N VAL F 100 17.20 16.03 0.39
CA VAL F 100 17.84 17.11 1.10
C VAL F 100 18.31 16.68 2.51
N ALA F 101 17.51 15.89 3.20
CA ALA F 101 17.94 15.47 4.51
C ALA F 101 19.19 14.58 4.43
N MET F 102 19.19 13.65 3.49
CA MET F 102 20.28 12.78 3.28
C MET F 102 21.56 13.52 2.83
N GLU F 103 21.42 14.37 1.84
CA GLU F 103 22.59 15.16 1.41
C GLU F 103 23.16 16.10 2.47
N ASN F 104 22.30 16.71 3.29
CA ASN F 104 22.78 17.58 4.32
C ASN F 104 23.55 16.84 5.42
N GLN F 105 23.04 15.65 5.80
CA GLN F 105 23.76 14.79 6.72
C GLN F 105 25.13 14.44 6.16
N HIS F 106 25.19 14.07 4.89
CA HIS F 106 26.46 13.73 4.26
C HIS F 106 27.41 14.95 4.17
N THR F 107 26.86 16.12 3.81
CA THR F 107 27.66 17.34 3.72
C THR F 107 28.29 17.71 5.05
N ILE F 108 27.48 17.70 6.08
CA ILE F 108 28.02 17.90 7.42
C ILE F 108 29.13 16.91 7.84
N ASP F 109 28.94 15.62 7.59
CA ASP F 109 29.87 14.58 8.04
C ASP F 109 31.16 14.65 7.23
N LEU F 110 30.99 14.98 5.96
CA LEU F 110 32.13 15.17 5.08
C LEU F 110 33.01 16.38 5.48
N ALA F 111 32.36 17.46 5.92
CA ALA F 111 33.14 18.66 6.35
C ALA F 111 33.95 18.39 7.64
N ASP F 112 33.36 17.65 8.60
CA ASP F 112 34.04 17.21 9.82
C ASP F 112 35.17 16.26 9.51
N SER F 113 34.93 15.38 8.57
CA SER F 113 35.93 14.39 8.18
C SER F 113 37.14 15.07 7.49
N GLU F 114 36.94 16.14 6.73
CA GLU F 114 38.08 16.92 6.25
C GLU F 114 38.85 17.57 7.38
N MET F 115 38.15 18.03 8.42
CA MET F 115 38.84 18.60 9.62
C MET F 115 39.71 17.54 10.29
N ASP F 116 39.16 16.36 10.48
CA ASP F 116 39.89 15.26 11.14
C ASP F 116 41.09 14.85 10.36
N LYS F 117 40.95 14.80 9.06
CA LYS F 117 42.11 14.47 8.22
C LYS F 117 43.23 15.47 8.43
N LEU F 118 42.92 16.76 8.46
CA LEU F 118 43.99 17.76 8.58
C LEU F 118 44.67 17.57 9.97
N TYR F 119 43.85 17.44 10.98
CA TYR F 119 44.35 17.27 12.33
C TYR F 119 45.26 16.07 12.47
N GLU F 120 44.83 14.97 11.89
CA GLU F 120 45.60 13.72 11.93
C GLU F 120 46.91 13.85 11.18
N ARG F 121 46.89 14.57 10.07
CA ARG F 121 48.13 14.86 9.31
C ARG F 121 49.16 15.68 10.16
N VAL F 122 48.72 16.75 10.82
CA VAL F 122 49.56 17.51 11.67
C VAL F 122 50.08 16.69 12.83
N LYS F 123 49.21 15.92 13.49
CA LYS F 123 49.67 14.99 14.50
C LYS F 123 50.86 14.15 14.05
N ARG F 124 50.76 13.59 12.86
CA ARG F 124 51.79 12.72 12.36
C ARG F 124 53.06 13.44 11.93
N GLN F 125 52.96 14.65 11.40
CA GLN F 125 54.13 15.48 11.21
C GLN F 125 54.90 15.71 12.53
N LEU F 126 54.17 15.97 13.60
CA LEU F 126 54.77 16.36 14.90
C LEU F 126 55.36 15.18 15.65
N ARG F 127 54.89 13.97 15.38
CA ARG F 127 55.51 12.75 15.96
C ARG F 127 55.60 12.81 17.47
N GLU F 128 56.83 12.68 18.02
CA GLU F 128 57.08 12.69 19.46
C GLU F 128 57.37 14.08 20.04
N ASN F 129 57.26 15.12 19.25
CA ASN F 129 57.59 16.45 19.70
C ASN F 129 56.45 17.29 20.31
N ALA F 130 55.24 16.73 20.34
CA ALA F 130 54.03 17.45 20.78
C ALA F 130 53.00 16.49 21.41
N GLU F 131 52.09 17.03 22.20
CA GLU F 131 50.99 16.24 22.76
C GLU F 131 49.69 16.98 22.48
N GLU F 132 48.64 16.22 22.32
CA GLU F 132 47.30 16.75 22.17
C GLU F 132 46.80 17.38 23.46
N ASP F 133 46.17 18.55 23.39
CA ASP F 133 45.62 19.14 24.63
C ASP F 133 44.16 18.81 24.80
N GLY F 134 43.54 18.16 23.82
CA GLY F 134 42.10 17.82 23.88
C GLY F 134 41.13 18.90 23.37
N THR F 135 41.61 20.03 22.87
CA THR F 135 40.68 21.00 22.29
C THR F 135 40.86 21.11 20.78
N GLY F 136 41.73 20.29 20.23
CA GLY F 136 42.11 20.38 18.85
C GLY F 136 43.47 21.07 18.65
N CYS F 137 44.25 21.20 19.72
CA CYS F 137 45.59 21.80 19.61
C CYS F 137 46.67 20.82 20.04
N PHE F 138 47.88 21.16 19.65
CA PHE F 138 49.09 20.47 20.02
C PHE F 138 49.93 21.40 20.87
N GLU F 139 50.32 20.93 22.06
CA GLU F 139 51.37 21.61 22.84
C GLU F 139 52.66 21.08 22.29
N ILE F 140 53.49 22.00 21.83
CA ILE F 140 54.72 21.68 21.15
C ILE F 140 55.81 21.86 22.19
N PHE F 141 56.64 20.84 22.38
CA PHE F 141 57.56 20.82 23.55
C PHE F 141 58.95 21.30 23.16
N HIS F 142 58.98 22.31 22.30
CA HIS F 142 60.25 23.00 21.94
C HIS F 142 59.85 24.39 21.48
N LYS F 143 60.80 25.28 21.37
CA LYS F 143 60.50 26.62 20.84
C LYS F 143 60.16 26.50 19.38
N CYS F 144 59.06 27.09 18.99
CA CYS F 144 58.65 26.98 17.61
C CYS F 144 58.29 28.37 17.14
N ASP F 145 59.23 29.03 16.49
CA ASP F 145 59.04 30.43 16.06
C ASP F 145 58.25 30.51 14.78
N ASP F 146 58.15 31.69 14.17
CA ASP F 146 57.19 31.87 13.09
C ASP F 146 57.54 31.02 11.88
N ASP F 147 58.84 30.88 11.62
CA ASP F 147 59.31 30.04 10.57
C ASP F 147 59.07 28.53 10.84
N CYS F 148 59.32 28.07 12.04
CA CYS F 148 58.88 26.75 12.45
C CYS F 148 57.33 26.49 12.28
N MET F 149 56.49 27.40 12.77
CA MET F 149 55.03 27.30 12.59
C MET F 149 54.65 27.21 11.12
N ALA F 150 55.23 28.08 10.29
CA ALA F 150 55.05 27.96 8.84
C ALA F 150 55.46 26.57 8.28
N SER F 151 56.54 25.98 8.78
CA SER F 151 56.96 24.67 8.29
C SER F 151 55.95 23.59 8.67
N ILE F 152 55.22 23.79 9.77
CA ILE F 152 54.16 22.87 10.11
C ILE F 152 53.00 23.04 9.14
N ARG F 153 52.60 24.29 8.91
CA ARG F 153 51.54 24.57 7.96
C ARG F 153 51.82 24.05 6.56
N ASN F 154 53.04 24.21 6.02
CA ASN F 154 53.27 23.80 4.63
C ASN F 154 53.87 22.40 4.52
N ASN F 155 53.88 21.64 5.61
CA ASN F 155 54.20 20.24 5.54
C ASN F 155 55.69 19.93 5.29
N THR F 156 56.57 20.79 5.77
CA THR F 156 58.01 20.56 5.68
C THR F 156 58.68 20.46 7.04
N TYR F 157 57.91 20.52 8.13
CA TYR F 157 58.45 20.39 9.46
C TYR F 157 59.15 19.05 9.57
N ASP F 158 60.37 19.07 10.08
CA ASP F 158 61.16 17.86 10.18
C ASP F 158 61.31 17.54 11.67
N HIS F 159 60.57 16.54 12.13
CA HIS F 159 60.53 16.25 13.55
C HIS F 159 61.90 15.88 14.13
N SER F 160 62.76 15.29 13.33
CA SER F 160 64.16 14.91 13.78
C SER F 160 64.95 16.05 14.26
N LYS F 161 64.76 17.22 13.66
CA LYS F 161 65.53 18.39 14.06
C LYS F 161 65.27 18.80 15.53
N TYR F 162 64.05 18.60 16.03
CA TYR F 162 63.72 19.08 17.38
C TYR F 162 63.52 17.96 18.38
N ARG F 163 63.69 16.71 17.96
CA ARG F 163 63.27 15.54 18.79
C ARG F 163 64.00 15.43 20.10
N GLU F 164 65.32 15.62 20.05
CA GLU F 164 66.17 15.57 21.23
C GLU F 164 65.68 16.53 22.30
N GLU F 165 65.58 17.79 21.95
CA GLU F 165 65.05 18.85 22.82
C GLU F 165 63.61 18.54 23.33
N ALA F 166 62.73 18.11 22.40
CA ALA F 166 61.31 17.96 22.74
C ALA F 166 61.10 16.78 23.69
N MET F 167 61.73 15.63 23.39
CA MET F 167 61.60 14.42 24.23
C MET F 167 62.09 14.59 25.64
N GLN F 168 63.17 15.35 25.77
CA GLN F 168 63.68 15.74 27.07
C GLN F 168 62.67 16.61 27.83
N ASN F 169 62.12 17.62 27.16
CA ASN F 169 61.11 18.48 27.78
C ASN F 169 59.85 17.74 28.16
N ARG F 170 59.49 16.69 27.42
CA ARG F 170 58.30 15.92 27.80
C ARG F 170 58.52 15.11 29.09
N ILE F 171 59.77 14.97 29.52
CA ILE F 171 60.11 14.52 30.91
C ILE F 171 61.06 15.44 31.69
N ASP G 5 1.43 13.69 64.38
CA ASP G 5 2.01 13.91 63.00
C ASP G 5 1.30 14.90 62.10
N LYS G 6 1.97 15.40 61.07
CA LYS G 6 1.34 16.41 60.27
C LYS G 6 1.83 16.52 58.88
N ILE G 7 0.93 16.99 58.02
CA ILE G 7 1.27 17.28 56.61
C ILE G 7 0.69 18.63 56.20
N CYS G 8 1.48 19.40 55.48
CA CYS G 8 1.22 20.78 55.10
C CYS G 8 1.23 20.92 53.59
N LEU G 9 0.35 21.76 53.06
CA LEU G 9 0.30 22.04 51.66
C LEU G 9 0.88 23.43 51.45
N GLY G 10 1.64 23.60 50.42
CA GLY G 10 2.35 24.85 50.20
C GLY G 10 2.55 25.10 48.73
N HIS G 11 3.13 26.26 48.42
CA HIS G 11 3.50 26.60 47.10
C HIS G 11 4.87 27.27 47.12
N HIS G 12 5.51 27.38 45.95
CA HIS G 12 6.84 27.89 45.88
C HIS G 12 6.92 29.40 46.03
N ALA G 13 8.14 29.85 46.27
CA ALA G 13 8.44 31.26 46.37
C ALA G 13 9.94 31.41 46.01
N VAL G 14 10.34 32.61 45.62
CA VAL G 14 11.74 32.91 45.33
C VAL G 14 12.14 34.17 46.12
N SER G 15 13.43 34.40 46.30
CA SER G 15 13.87 35.63 46.92
C SER G 15 13.87 36.80 45.88
N ASN G 16 14.26 36.52 44.62
CA ASN G 16 14.25 37.53 43.51
C ASN G 16 12.87 37.65 42.77
N GLY G 17 11.88 38.22 43.41
CA GLY G 17 10.55 38.36 42.81
C GLY G 17 10.48 39.48 41.78
N THR G 18 9.44 39.53 40.94
CA THR G 18 9.32 40.64 39.94
C THR G 18 7.96 41.36 40.09
N LYS G 19 8.00 42.68 40.06
CA LYS G 19 6.82 43.48 40.30
C LYS G 19 6.00 43.64 39.05
N VAL G 20 4.68 43.58 39.18
CA VAL G 20 3.75 43.73 38.04
C VAL G 20 2.54 44.48 38.60
N ASN G 21 1.65 44.90 37.71
CA ASN G 21 0.47 45.63 38.09
C ASN G 21 -0.77 44.76 37.85
N THR G 22 -1.75 44.94 38.72
CA THR G 22 -2.98 44.21 38.64
C THR G 22 -4.07 45.25 38.71
N LEU G 23 -5.31 44.81 38.66
CA LEU G 23 -6.47 45.70 38.77
C LEU G 23 -6.54 46.47 40.08
N THR G 24 -6.00 45.89 41.15
CA THR G 24 -6.14 46.47 42.48
C THR G 24 -4.85 46.95 43.08
N GLU G 25 -3.71 46.65 42.45
CA GLU G 25 -2.41 47.02 43.07
C GLU G 25 -1.34 47.28 42.06
N ARG G 26 -0.54 48.29 42.31
CA ARG G 26 0.65 48.53 41.53
C ARG G 26 1.78 47.79 42.20
N GLY G 27 2.60 47.07 41.46
CA GLY G 27 3.87 46.58 42.03
C GLY G 27 3.70 45.36 42.95
N VAL G 28 2.75 44.49 42.69
CA VAL G 28 2.67 43.21 43.44
C VAL G 28 3.75 42.26 42.89
N GLU G 29 4.42 41.55 43.78
CA GLU G 29 5.56 40.70 43.36
C GLU G 29 5.09 39.32 42.93
N VAL G 30 5.54 38.86 41.77
CA VAL G 30 5.21 37.55 41.30
C VAL G 30 6.51 36.76 41.09
N VAL G 31 6.36 35.45 41.01
CA VAL G 31 7.48 34.54 40.94
C VAL G 31 8.22 34.77 39.62
N ASN G 32 7.47 35.08 38.58
CA ASN G 32 8.04 35.27 37.28
C ASN G 32 7.13 36.15 36.40
N ALA G 33 7.72 36.80 35.41
CA ALA G 33 7.01 37.67 34.51
C ALA G 33 7.74 37.81 33.17
N THR G 34 7.04 38.30 32.12
CA THR G 34 7.63 38.47 30.80
C THR G 34 7.15 39.77 30.13
N GLU G 35 8.00 40.32 29.28
CA GLU G 35 7.78 41.65 28.67
C GLU G 35 6.69 41.52 27.59
N THR G 36 5.90 42.53 27.44
CA THR G 36 4.89 42.55 26.43
C THR G 36 5.13 43.66 25.37
N VAL G 37 6.03 44.59 25.70
CA VAL G 37 6.34 45.71 24.85
C VAL G 37 7.76 45.57 24.34
N GLU G 38 7.89 45.46 23.03
CA GLU G 38 9.19 45.38 22.36
C GLU G 38 9.93 46.70 22.35
N ARG G 39 11.17 46.65 22.83
CA ARG G 39 12.13 47.74 22.76
C ARG G 39 13.38 47.45 21.97
N THR G 40 13.59 46.20 21.58
CA THR G 40 14.86 45.87 20.93
C THR G 40 14.73 46.07 19.43
N ASN G 41 15.56 46.94 18.91
CA ASN G 41 15.62 47.25 17.47
C ASN G 41 16.79 46.54 16.85
N ILE G 42 16.68 46.09 15.61
CA ILE G 42 17.88 45.76 14.84
C ILE G 42 18.15 46.93 13.85
N PRO G 43 19.31 47.61 13.97
CA PRO G 43 19.57 48.81 13.18
C PRO G 43 19.98 48.52 11.72
N ARG G 44 19.26 47.60 11.08
CA ARG G 44 19.49 47.24 9.69
C ARG G 44 18.14 46.92 9.06
N ILE G 45 18.09 46.93 7.74
CA ILE G 45 16.91 46.47 7.02
C ILE G 45 17.09 45.03 6.67
N CYS G 46 16.39 44.18 7.41
CA CYS G 46 16.43 42.75 7.23
C CYS G 46 15.64 42.31 6.01
N SER G 47 16.37 42.08 4.92
CA SER G 47 15.78 41.87 3.59
C SER G 47 15.79 40.44 3.09
N LYS G 48 16.17 39.49 3.94
CA LYS G 48 16.31 38.10 3.47
C LYS G 48 14.97 37.63 2.91
N GLY G 49 15.03 36.98 1.75
CA GLY G 49 13.85 36.39 1.07
C GLY G 49 13.06 37.37 0.23
N LYS G 50 13.58 38.58 0.05
CA LYS G 50 12.84 39.64 -0.69
C LYS G 50 13.71 40.30 -1.70
N ARG G 51 13.21 40.45 -2.92
CA ARG G 51 13.98 41.16 -3.94
C ARG G 51 13.94 42.62 -3.52
N THR G 52 15.11 43.14 -3.18
CA THR G 52 15.23 44.45 -2.54
C THR G 52 15.95 45.45 -3.46
N VAL G 53 15.38 46.61 -3.64
CA VAL G 53 16.00 47.67 -4.39
C VAL G 53 16.28 48.85 -3.46
N ASP G 54 17.57 49.17 -3.33
CA ASP G 54 18.03 50.30 -2.53
C ASP G 54 18.27 51.45 -3.49
N LEU G 55 17.36 52.42 -3.52
CA LEU G 55 17.42 53.45 -4.51
C LEU G 55 18.61 54.41 -4.38
N GLY G 56 19.19 54.56 -3.22
CA GLY G 56 20.43 55.39 -3.10
C GLY G 56 20.15 56.83 -3.49
N GLN G 57 20.91 57.35 -4.46
CA GLN G 57 20.73 58.71 -4.94
C GLN G 57 19.56 58.87 -5.87
N CYS G 58 18.94 57.78 -6.28
CA CYS G 58 17.78 57.87 -7.11
C CYS G 58 16.48 58.14 -6.29
N GLY G 59 15.76 59.21 -6.58
CA GLY G 59 14.48 59.41 -5.98
C GLY G 59 13.45 58.55 -6.67
N LEU G 60 12.47 58.10 -5.92
CA LEU G 60 11.49 57.13 -6.42
C LEU G 60 10.77 57.63 -7.65
N LEU G 61 10.41 58.90 -7.68
CA LEU G 61 9.71 59.45 -8.88
C LEU G 61 10.64 59.57 -10.09
N GLY G 62 11.94 59.60 -9.84
CA GLY G 62 13.01 59.57 -10.91
C GLY G 62 13.11 58.28 -11.68
N THR G 63 12.64 57.17 -11.11
CA THR G 63 12.58 55.92 -11.85
C THR G 63 11.65 56.02 -13.03
N ILE G 64 10.71 56.95 -12.98
CA ILE G 64 9.76 57.15 -14.08
C ILE G 64 10.27 58.12 -15.16
N THR G 65 10.88 59.24 -14.75
CA THR G 65 11.37 60.21 -15.72
C THR G 65 12.80 59.94 -16.17
N GLY G 66 13.63 59.41 -15.28
CA GLY G 66 15.01 59.02 -15.63
C GLY G 66 16.13 60.07 -15.62
N PRO G 67 16.27 60.85 -14.56
CA PRO G 67 17.55 61.55 -14.42
C PRO G 67 18.71 60.57 -14.24
N PRO G 68 19.97 61.01 -14.42
CA PRO G 68 21.11 60.05 -14.49
C PRO G 68 21.30 59.18 -13.26
N GLN G 69 21.06 59.72 -12.05
CA GLN G 69 21.07 58.93 -10.80
C GLN G 69 20.13 57.73 -10.85
N CYS G 70 19.17 57.70 -11.75
CA CYS G 70 18.13 56.64 -11.76
C CYS G 70 18.29 55.68 -12.94
N ASP G 71 19.38 55.79 -13.69
CA ASP G 71 19.57 55.02 -14.90
C ASP G 71 19.52 53.54 -14.69
N GLN G 72 19.97 53.04 -13.56
CA GLN G 72 19.88 51.59 -13.28
C GLN G 72 18.50 51.10 -12.81
N PHE G 73 17.52 51.98 -12.60
CA PHE G 73 16.23 51.60 -12.03
C PHE G 73 15.05 51.95 -12.95
N LEU G 74 15.31 52.18 -14.23
CA LEU G 74 14.26 52.59 -15.15
C LEU G 74 13.18 51.55 -15.31
N GLU G 75 13.52 50.30 -15.11
CA GLU G 75 12.53 49.21 -15.22
C GLU G 75 12.72 48.25 -14.03
N PHE G 76 12.92 48.80 -12.85
CA PHE G 76 13.21 47.96 -11.70
C PHE G 76 12.04 47.07 -11.32
N SER G 77 12.43 46.01 -10.62
CA SER G 77 11.53 44.98 -10.13
C SER G 77 11.85 44.76 -8.67
N ALA G 78 10.86 44.76 -7.79
CA ALA G 78 11.17 44.48 -6.37
C ALA G 78 9.99 44.06 -5.57
N ASP G 79 10.27 43.41 -4.44
CA ASP G 79 9.33 43.20 -3.34
C ASP G 79 9.47 44.27 -2.29
N LEU G 80 10.69 44.76 -2.09
CA LEU G 80 10.95 45.74 -1.04
C LEU G 80 11.67 46.89 -1.67
N ILE G 81 11.13 48.11 -1.54
CA ILE G 81 11.80 49.32 -2.11
C ILE G 81 12.26 50.23 -0.99
N ILE G 82 13.53 50.61 -0.99
CA ILE G 82 14.01 51.48 0.03
C ILE G 82 14.36 52.86 -0.54
N GLU G 83 13.75 53.92 -0.02
CA GLU G 83 14.16 55.29 -0.36
C GLU G 83 15.12 55.84 0.70
N ARG G 84 16.03 56.71 0.24
CA ARG G 84 17.05 57.29 1.07
C ARG G 84 16.97 58.78 1.02
N ARG G 85 17.48 59.41 2.04
CA ARG G 85 17.43 60.89 2.13
C ARG G 85 18.21 61.61 1.00
N GLU G 86 19.33 61.04 0.57
CA GLU G 86 20.10 61.60 -0.51
C GLU G 86 19.37 61.44 -1.85
N GLY G 87 18.23 60.74 -1.93
CA GLY G 87 17.54 60.53 -3.20
C GLY G 87 17.00 61.85 -3.80
N SER G 88 17.24 62.10 -5.10
CA SER G 88 16.58 63.17 -5.82
C SER G 88 15.86 62.63 -7.04
N ASP G 89 14.65 63.12 -7.24
CA ASP G 89 13.77 62.82 -8.41
C ASP G 89 14.17 63.56 -9.68
N VAL G 90 15.14 64.46 -9.58
CA VAL G 90 15.25 65.50 -10.56
C VAL G 90 16.72 65.74 -10.97
N CYS G 91 16.92 66.25 -12.18
CA CYS G 91 18.20 66.74 -12.59
C CYS G 91 17.99 68.20 -12.98
N TYR G 92 17.30 68.47 -14.04
CA TYR G 92 16.79 69.81 -14.25
C TYR G 92 15.71 70.13 -13.18
N PRO G 93 15.76 71.30 -12.59
CA PRO G 93 14.99 71.51 -11.41
C PRO G 93 13.55 71.51 -11.69
N GLY G 94 12.78 71.13 -10.70
CA GLY G 94 11.35 71.23 -10.76
C GLY G 94 10.78 70.20 -9.81
N LYS G 95 9.51 69.88 -10.02
CA LYS G 95 8.93 68.87 -9.16
C LYS G 95 7.66 68.32 -9.79
N PHE G 96 7.24 67.20 -9.23
CA PHE G 96 6.00 66.57 -9.61
C PHE G 96 4.82 67.20 -8.90
N VAL G 97 3.78 67.48 -9.66
CA VAL G 97 2.49 67.82 -9.18
C VAL G 97 1.76 66.54 -8.71
N ASN G 98 1.09 66.68 -7.57
CA ASN G 98 0.52 65.54 -6.88
C ASN G 98 1.48 64.44 -6.52
N GLU G 99 2.60 64.84 -5.98
CA GLU G 99 3.74 63.96 -5.84
C GLU G 99 3.54 62.80 -4.86
N GLU G 100 2.87 63.03 -3.74
CA GLU G 100 2.87 62.00 -2.69
C GLU G 100 1.97 60.83 -3.10
N ALA G 101 0.86 61.14 -3.74
CA ALA G 101 0.00 60.09 -4.25
C ALA G 101 0.83 59.19 -5.18
N LEU G 102 1.60 59.80 -6.08
CA LEU G 102 2.39 59.01 -6.99
C LEU G 102 3.44 58.19 -6.22
N ARG G 103 4.08 58.75 -5.21
CA ARG G 103 5.03 57.92 -4.49
C ARG G 103 4.36 56.72 -3.89
N GLN G 104 3.16 56.92 -3.34
CA GLN G 104 2.42 55.85 -2.73
C GLN G 104 2.04 54.79 -3.73
N ILE G 105 1.62 55.19 -4.93
CA ILE G 105 1.37 54.24 -6.01
C ILE G 105 2.62 53.40 -6.34
N LEU G 106 3.80 54.05 -6.40
CA LEU G 106 4.98 53.36 -6.79
C LEU G 106 5.56 52.46 -5.68
N ARG G 107 5.47 52.86 -4.43
CA ARG G 107 6.00 52.07 -3.33
C ARG G 107 5.39 50.64 -3.27
N GLU G 108 4.14 50.52 -3.70
CA GLU G 108 3.47 49.21 -3.64
C GLU G 108 3.44 48.53 -5.01
N SER G 109 4.16 49.07 -6.00
CA SER G 109 3.89 48.70 -7.43
C SER G 109 4.52 47.34 -7.84
N GLY G 110 5.47 46.82 -7.10
CA GLY G 110 6.33 45.70 -7.59
C GLY G 110 7.41 46.22 -8.55
N GLY G 111 7.43 47.52 -8.82
CA GLY G 111 8.33 48.06 -9.84
C GLY G 111 7.56 48.35 -11.10
N ILE G 112 8.30 48.69 -12.17
CA ILE G 112 7.69 49.18 -13.36
C ILE G 112 8.35 48.54 -14.55
N ASP G 113 7.53 48.31 -15.56
CA ASP G 113 7.95 47.91 -16.92
C ASP G 113 7.64 49.10 -17.84
N LYS G 114 8.61 49.54 -18.61
CA LYS G 114 8.41 50.66 -19.52
C LYS G 114 8.08 50.23 -20.93
N GLU G 115 7.26 50.97 -21.64
CA GLU G 115 6.92 50.68 -23.02
C GLU G 115 7.03 51.95 -23.89
N ALA G 116 7.68 51.85 -25.05
CA ALA G 116 7.80 52.93 -25.99
C ALA G 116 6.45 53.47 -26.42
N MET G 117 6.32 54.78 -26.48
CA MET G 117 5.04 55.37 -26.80
C MET G 117 4.93 55.65 -28.26
N GLY G 118 6.05 55.61 -28.96
CA GLY G 118 6.05 55.63 -30.43
C GLY G 118 6.00 57.01 -31.08
N PHE G 119 6.24 58.05 -30.31
CA PHE G 119 6.18 59.38 -30.92
C PHE G 119 7.40 59.60 -31.77
N THR G 120 7.21 60.20 -32.94
CA THR G 120 8.35 60.68 -33.75
C THR G 120 8.02 62.10 -34.22
N TYR G 121 9.02 62.84 -34.68
CA TYR G 121 8.84 64.27 -34.84
C TYR G 121 9.47 64.74 -36.11
N SER G 122 8.88 65.72 -36.72
CA SER G 122 9.58 66.40 -37.81
C SER G 122 9.36 67.90 -37.69
N GLY G 123 10.31 68.66 -38.24
CA GLY G 123 10.25 70.14 -38.20
C GLY G 123 10.70 70.76 -36.89
N ILE G 124 11.19 69.94 -35.95
CA ILE G 124 11.67 70.43 -34.68
C ILE G 124 12.96 69.69 -34.25
N ARG G 125 13.63 70.21 -33.23
CA ARG G 125 14.73 69.52 -32.63
C ARG G 125 14.12 68.76 -31.46
N THR G 126 14.84 67.73 -31.10
CA THR G 126 14.44 66.78 -30.11
C THR G 126 15.55 66.60 -29.07
N ASN G 127 16.65 67.29 -29.30
CA ASN G 127 17.89 67.10 -28.57
C ASN G 127 18.14 68.17 -27.48
N GLY G 128 17.10 68.74 -26.87
CA GLY G 128 17.35 69.67 -25.76
C GLY G 128 18.11 68.94 -24.66
N ALA G 129 19.08 69.62 -24.09
CA ALA G 129 20.03 69.02 -23.18
C ALA G 129 20.48 70.09 -22.22
N THR G 130 20.98 69.69 -21.06
CA THR G 130 21.40 70.65 -20.03
C THR G 130 22.53 70.07 -19.23
N SER G 131 23.42 70.94 -18.77
CA SER G 131 24.54 70.54 -17.91
C SER G 131 24.05 70.07 -16.53
N ALA G 132 22.79 70.34 -16.18
CA ALA G 132 22.25 69.80 -14.97
C ALA G 132 22.06 68.27 -15.01
N CYS G 133 21.99 67.70 -16.20
CA CYS G 133 21.71 66.28 -16.34
C CYS G 133 22.94 65.72 -17.04
N ARG G 134 23.92 65.34 -16.25
CA ARG G 134 25.20 64.94 -16.77
C ARG G 134 25.26 63.44 -17.07
N ARG G 135 25.56 63.07 -18.31
CA ARG G 135 25.98 61.70 -18.66
C ARG G 135 27.33 61.72 -19.36
N SER G 136 27.39 61.61 -20.65
CA SER G 136 28.68 61.84 -21.31
C SER G 136 28.66 63.25 -21.85
N GLY G 137 28.72 64.20 -20.93
CA GLY G 137 28.41 65.61 -21.22
C GLY G 137 26.94 65.91 -20.94
N SER G 138 26.47 67.03 -21.45
CA SER G 138 25.11 67.49 -21.26
C SER G 138 24.11 66.51 -21.79
N SER G 139 23.03 66.32 -21.08
CA SER G 139 22.04 65.33 -21.46
C SER G 139 20.69 65.70 -20.90
N PHE G 140 19.81 64.74 -20.80
CA PHE G 140 18.43 65.01 -20.33
C PHE G 140 17.81 63.78 -19.70
N TYR G 141 16.63 63.95 -19.09
CA TYR G 141 15.89 62.77 -18.58
C TYR G 141 15.84 61.68 -19.61
N ALA G 142 16.14 60.46 -19.20
CA ALA G 142 16.14 59.31 -20.13
C ALA G 142 14.83 59.00 -20.74
N GLU G 143 13.75 59.30 -20.04
CA GLU G 143 12.45 58.91 -20.54
C GLU G 143 11.66 60.04 -21.16
N MET G 144 12.29 61.18 -21.44
CA MET G 144 11.60 62.36 -21.91
C MET G 144 12.36 62.98 -23.04
N LYS G 145 11.70 63.86 -23.78
CA LYS G 145 12.40 64.64 -24.80
C LYS G 145 12.06 66.07 -24.66
N TRP G 146 13.11 66.88 -24.63
CA TRP G 146 13.03 68.33 -24.58
C TRP G 146 12.94 68.83 -26.01
N LEU G 147 11.71 69.12 -26.43
CA LEU G 147 11.42 69.51 -27.80
C LEU G 147 11.66 71.05 -27.98
N LEU G 148 12.36 71.40 -29.04
CA LEU G 148 12.83 72.73 -29.30
C LEU G 148 12.48 73.08 -30.71
N SER G 149 12.40 74.38 -30.99
CA SER G 149 12.26 74.84 -32.34
C SER G 149 13.48 74.43 -33.11
N ASN G 150 13.32 74.35 -34.41
CA ASN G 150 14.37 73.92 -35.29
C ASN G 150 15.68 74.70 -35.19
N THR G 151 15.55 75.99 -34.91
CA THR G 151 16.69 76.84 -34.74
C THR G 151 16.31 77.93 -33.71
N ASP G 152 17.31 78.59 -33.13
CA ASP G 152 17.06 79.62 -32.12
C ASP G 152 16.07 80.65 -32.61
N ASN G 153 15.07 80.94 -31.78
CA ASN G 153 14.00 81.87 -32.14
C ASN G 153 13.01 81.44 -33.20
N ALA G 154 13.23 80.31 -33.87
CA ALA G 154 12.28 79.96 -34.93
C ALA G 154 10.94 79.53 -34.36
N ALA G 155 9.89 79.63 -35.18
CA ALA G 155 8.54 79.24 -34.75
C ALA G 155 8.42 77.69 -34.56
N PHE G 156 7.67 77.29 -33.56
CA PHE G 156 7.52 75.90 -33.18
C PHE G 156 6.17 75.52 -33.69
N PRO G 157 6.12 74.50 -34.57
CA PRO G 157 4.85 74.15 -35.23
C PRO G 157 3.87 73.59 -34.24
N GLN G 158 2.61 73.89 -34.44
CA GLN G 158 1.56 73.34 -33.64
C GLN G 158 1.62 71.83 -33.87
N MET G 159 1.58 71.04 -32.82
CA MET G 159 1.70 69.57 -32.98
C MET G 159 0.70 68.82 -32.17
N THR G 160 0.38 67.61 -32.62
CA THR G 160 -0.47 66.68 -31.88
C THR G 160 0.15 65.27 -31.90
N LYS G 161 0.14 64.60 -30.77
CA LYS G 161 0.66 63.23 -30.66
C LYS G 161 -0.27 62.48 -29.74
N SER G 162 -0.49 61.22 -30.07
CA SER G 162 -1.45 60.38 -29.36
C SER G 162 -0.90 59.00 -29.07
N TYR G 163 -1.24 58.46 -27.92
CA TYR G 163 -0.77 57.12 -27.55
C TYR G 163 -1.92 56.38 -26.95
N LYS G 164 -2.12 55.16 -27.44
CA LYS G 164 -3.17 54.28 -26.95
C LYS G 164 -2.63 53.17 -26.09
N ASN G 165 -3.26 52.91 -24.94
CA ASN G 165 -2.82 51.84 -24.05
C ASN G 165 -3.46 50.49 -24.50
N THR G 166 -2.67 49.69 -25.19
CA THR G 166 -2.99 48.36 -25.72
C THR G 166 -2.99 47.29 -24.64
N ARG G 167 -2.49 47.59 -23.45
CA ARG G 167 -2.37 46.57 -22.43
C ARG G 167 -3.62 46.48 -21.56
N LYS G 168 -3.63 45.54 -20.62
CA LYS G 168 -4.81 45.20 -19.82
C LYS G 168 -4.77 45.88 -18.49
N SER G 169 -3.76 46.70 -18.28
CA SER G 169 -3.46 47.37 -17.02
C SER G 169 -3.38 48.90 -17.25
N PRO G 170 -3.62 49.70 -16.21
CA PRO G 170 -3.52 51.16 -16.49
C PRO G 170 -2.07 51.60 -16.73
N ALA G 171 -1.86 52.46 -17.71
CA ALA G 171 -0.54 52.97 -17.99
C ALA G 171 -0.30 54.28 -17.23
N LEU G 172 0.84 54.39 -16.56
CA LEU G 172 1.28 55.67 -15.96
C LEU G 172 1.96 56.54 -17.04
N ILE G 173 1.35 57.68 -17.33
CA ILE G 173 1.78 58.65 -18.32
C ILE G 173 2.28 59.93 -17.63
N VAL G 174 3.47 60.35 -17.95
CA VAL G 174 4.09 61.51 -17.33
C VAL G 174 4.53 62.43 -18.43
N TRP G 175 4.34 63.73 -18.21
CA TRP G 175 4.84 64.76 -19.14
C TRP G 175 5.21 65.99 -18.32
N GLY G 176 5.88 66.92 -19.00
CA GLY G 176 6.44 68.08 -18.33
C GLY G 176 6.05 69.37 -19.03
N ILE G 177 6.00 70.44 -18.25
CA ILE G 177 5.85 71.83 -18.77
C ILE G 177 7.05 72.65 -18.35
N HIS G 178 7.67 73.33 -19.30
CA HIS G 178 8.92 74.03 -19.04
C HIS G 178 8.57 75.49 -18.85
N HIS G 179 8.95 75.97 -17.69
CA HIS G 179 8.84 77.37 -17.31
C HIS G 179 10.21 77.93 -17.43
N SER G 180 10.46 78.69 -18.50
CA SER G 180 11.73 79.32 -18.69
C SER G 180 11.99 80.45 -17.67
N VAL G 181 13.27 80.78 -17.52
CA VAL G 181 13.69 81.88 -16.66
C VAL G 181 13.13 83.26 -17.06
N SER G 182 12.90 83.48 -18.36
CA SER G 182 12.44 84.75 -18.92
C SER G 182 11.71 84.53 -20.24
N THR G 183 10.96 85.52 -20.67
CA THR G 183 10.26 85.44 -21.97
C THR G 183 11.30 85.44 -23.09
N ALA G 184 12.42 86.11 -22.89
CA ALA G 184 13.58 86.03 -23.85
C ALA G 184 14.09 84.57 -24.11
N GLU G 185 14.39 83.82 -23.05
CA GLU G 185 14.79 82.40 -23.17
C GLU G 185 13.65 81.60 -23.78
N GLN G 186 12.42 81.81 -23.37
CA GLN G 186 11.33 81.06 -23.93
C GLN G 186 11.24 81.20 -25.44
N THR G 187 11.52 82.41 -25.92
CA THR G 187 11.53 82.73 -27.29
C THR G 187 12.69 82.09 -28.02
N LYS G 188 13.87 82.18 -27.47
CA LYS G 188 15.00 81.45 -28.05
C LYS G 188 14.65 79.95 -28.26
N LEU G 189 14.06 79.31 -27.26
CA LEU G 189 13.80 77.85 -27.34
C LEU G 189 12.67 77.48 -28.23
N TYR G 190 11.55 78.20 -28.12
CA TYR G 190 10.31 77.75 -28.75
C TYR G 190 9.69 78.77 -29.72
N GLY G 191 10.38 79.87 -29.99
CA GLY G 191 9.80 80.93 -30.82
C GLY G 191 8.92 81.81 -29.96
N SER G 192 8.78 83.07 -30.36
CA SER G 192 7.95 84.01 -29.60
C SER G 192 6.47 83.63 -29.69
N GLY G 193 5.66 84.29 -28.89
CA GLY G 193 4.21 84.09 -28.93
C GLY G 193 3.75 83.25 -27.77
N ASN G 194 2.43 83.17 -27.65
CA ASN G 194 1.83 82.48 -26.52
C ASN G 194 1.95 80.96 -26.67
N LYS G 195 2.31 80.32 -25.57
CA LYS G 195 2.52 78.88 -25.59
C LYS G 195 1.40 78.18 -24.85
N LEU G 196 0.98 77.03 -25.37
CA LEU G 196 -0.12 76.25 -24.81
C LEU G 196 0.09 74.75 -25.00
N VAL G 197 -0.19 73.98 -23.96
CA VAL G 197 -0.10 72.52 -24.00
C VAL G 197 -1.44 71.97 -23.50
N THR G 198 -2.12 71.18 -24.34
CA THR G 198 -3.38 70.56 -23.93
C THR G 198 -3.25 69.01 -23.94
N VAL G 199 -3.82 68.40 -22.95
CA VAL G 199 -3.64 67.00 -22.71
C VAL G 199 -5.02 66.49 -22.49
N GLY G 200 -5.40 65.50 -23.29
CA GLY G 200 -6.72 64.87 -23.16
C GLY G 200 -6.77 63.34 -23.28
N SER G 201 -7.50 62.73 -22.37
CA SER G 201 -7.96 61.39 -22.56
C SER G 201 -9.53 61.38 -22.58
N SER G 202 -10.10 60.19 -22.44
CA SER G 202 -11.53 60.12 -22.37
C SER G 202 -12.02 60.61 -21.01
N ASN G 203 -11.14 60.65 -20.00
CA ASN G 203 -11.49 61.03 -18.60
C ASN G 203 -10.73 62.19 -18.01
N TYR G 204 -9.95 62.90 -18.83
CA TYR G 204 -9.03 63.93 -18.35
C TYR G 204 -8.88 64.93 -19.50
N GLN G 205 -8.96 66.20 -19.19
CA GLN G 205 -8.48 67.26 -20.07
C GLN G 205 -8.05 68.44 -19.19
N GLN G 206 -6.87 68.96 -19.53
CA GLN G 206 -6.29 70.05 -18.82
C GLN G 206 -5.39 70.76 -19.78
N SER G 207 -5.31 72.05 -19.54
CA SER G 207 -4.56 73.00 -20.31
C SER G 207 -3.40 73.50 -19.43
N PHE G 208 -2.26 73.79 -20.04
CA PHE G 208 -1.09 74.28 -19.31
C PHE G 208 -0.51 75.40 -20.11
N VAL G 209 -0.22 76.52 -19.44
CA VAL G 209 0.47 77.65 -20.03
C VAL G 209 1.76 77.84 -19.24
N PRO G 210 2.89 77.86 -19.93
CA PRO G 210 4.10 78.02 -19.16
C PRO G 210 4.11 79.44 -18.58
N SER G 211 4.82 79.64 -17.48
CA SER G 211 4.90 80.98 -16.89
C SER G 211 6.35 81.35 -16.63
N PRO G 212 6.95 82.00 -17.59
CA PRO G 212 8.36 82.25 -17.46
C PRO G 212 8.58 83.24 -16.33
N GLY G 213 9.75 83.21 -15.73
CA GLY G 213 10.08 84.18 -14.70
C GLY G 213 11.18 83.67 -13.83
N ALA G 214 11.82 84.57 -13.13
CA ALA G 214 13.01 84.25 -12.39
C ALA G 214 12.60 83.53 -11.11
N ARG G 215 13.43 82.60 -10.71
CA ARG G 215 13.36 81.99 -9.38
C ARG G 215 14.75 81.48 -9.06
N PRO G 216 14.97 80.99 -7.81
CA PRO G 216 16.33 80.85 -7.30
C PRO G 216 17.03 79.78 -8.07
N GLN G 217 18.32 79.96 -8.27
CA GLN G 217 19.14 79.01 -9.00
C GLN G 217 19.16 77.74 -8.22
N VAL G 218 18.82 76.64 -8.87
CA VAL G 218 18.98 75.29 -8.30
C VAL G 218 19.86 74.58 -9.32
N ASN G 219 21.02 74.11 -8.89
CA ASN G 219 22.06 73.60 -9.80
C ASN G 219 22.50 74.66 -10.83
N GLY G 220 22.66 75.91 -10.43
CA GLY G 220 22.95 77.00 -11.36
C GLY G 220 21.84 77.38 -12.34
N LEU G 221 20.67 76.72 -12.28
CA LEU G 221 19.52 77.05 -13.17
C LEU G 221 18.24 77.61 -12.54
N SER G 222 17.68 78.60 -13.21
CA SER G 222 16.55 79.34 -12.69
C SER G 222 15.25 78.99 -13.38
N GLY G 223 15.32 78.22 -14.44
CA GLY G 223 14.14 77.60 -15.00
C GLY G 223 13.58 76.48 -14.10
N ARG G 224 12.37 76.01 -14.43
CA ARG G 224 11.78 74.83 -13.81
C ARG G 224 11.01 73.96 -14.80
N ILE G 225 11.04 72.66 -14.59
CA ILE G 225 10.26 71.74 -15.38
C ILE G 225 9.40 71.07 -14.39
N ASP G 226 8.11 71.33 -14.45
CA ASP G 226 7.19 70.59 -13.61
C ASP G 226 6.39 69.44 -14.28
N PHE G 227 6.29 68.36 -13.54
CA PHE G 227 5.91 67.10 -14.06
C PHE G 227 4.51 66.79 -13.59
N HIS G 228 3.71 66.32 -14.54
CA HIS G 228 2.35 65.97 -14.32
C HIS G 228 2.17 64.51 -14.74
N TRP G 229 1.21 63.84 -14.13
CA TRP G 229 0.93 62.45 -14.48
C TRP G 229 -0.55 62.18 -14.57
N LEU G 230 -0.89 61.09 -15.27
CA LEU G 230 -2.24 60.49 -15.20
C LEU G 230 -2.12 58.97 -15.44
N MET G 231 -3.17 58.28 -15.05
CA MET G 231 -3.32 56.84 -15.20
C MET G 231 -4.23 56.64 -16.40
N LEU G 232 -3.71 56.04 -17.46
CA LEU G 232 -4.49 55.89 -18.70
C LEU G 232 -5.06 54.48 -18.70
N ASN G 233 -6.39 54.39 -18.77
CA ASN G 233 -7.08 53.09 -18.78
C ASN G 233 -6.81 52.23 -19.98
N PRO G 234 -6.87 50.88 -19.79
CA PRO G 234 -6.79 49.94 -20.92
C PRO G 234 -7.69 50.36 -22.04
N ASN G 235 -7.18 50.34 -23.27
CA ASN G 235 -7.90 50.71 -24.46
C ASN G 235 -8.12 52.24 -24.64
N ASP G 236 -7.78 53.08 -23.65
CA ASP G 236 -8.00 54.52 -23.80
C ASP G 236 -6.76 55.14 -24.50
N THR G 237 -6.94 56.33 -25.01
CA THR G 237 -5.89 57.11 -25.68
C THR G 237 -5.67 58.44 -24.94
N VAL G 238 -4.38 58.83 -24.86
CA VAL G 238 -4.00 60.13 -24.38
C VAL G 238 -3.42 60.92 -25.55
N THR G 239 -3.86 62.19 -25.68
CA THR G 239 -3.49 63.04 -26.80
C THR G 239 -2.92 64.34 -26.25
N PHE G 240 -1.76 64.71 -26.80
CA PHE G 240 -1.05 65.84 -26.38
C PHE G 240 -1.10 66.82 -27.56
N SER G 241 -1.43 68.08 -27.30
CA SER G 241 -1.40 69.13 -28.34
C SER G 241 -0.60 70.31 -27.83
N PHE G 242 0.35 70.85 -28.62
CA PHE G 242 1.28 71.76 -28.03
C PHE G 242 2.05 72.52 -29.09
N ASN G 243 2.55 73.71 -28.74
CA ASN G 243 3.41 74.49 -29.66
C ASN G 243 4.68 74.96 -28.97
N GLY G 244 5.06 74.24 -27.92
CA GLY G 244 6.34 74.50 -27.24
C GLY G 244 6.15 74.40 -25.74
N ALA G 245 7.26 74.58 -25.04
CA ALA G 245 7.33 74.40 -23.60
C ALA G 245 6.84 73.02 -23.09
N PHE G 246 7.01 72.00 -23.92
CA PHE G 246 6.50 70.68 -23.65
C PHE G 246 7.65 69.72 -23.58
N ILE G 247 7.66 68.98 -22.48
CA ILE G 247 8.66 67.96 -22.26
C ILE G 247 7.88 66.68 -22.49
N ALA G 248 8.16 66.06 -23.63
CA ALA G 248 7.35 64.88 -24.08
C ALA G 248 7.85 63.57 -23.50
N PRO G 249 6.94 62.68 -23.16
CA PRO G 249 7.35 61.30 -22.76
C PRO G 249 7.78 60.47 -23.97
N ASP G 250 8.78 59.66 -23.77
CA ASP G 250 9.22 58.67 -24.73
C ASP G 250 8.55 57.33 -24.40
N ARG G 251 8.28 57.10 -23.12
CA ARG G 251 7.76 55.82 -22.68
C ARG G 251 6.71 55.90 -21.58
N ALA G 252 5.79 54.94 -21.59
CA ALA G 252 4.82 54.75 -20.51
C ALA G 252 5.28 53.66 -19.57
N SER G 253 4.79 53.71 -18.33
CA SER G 253 5.14 52.75 -17.33
C SER G 253 3.93 51.93 -16.92
N PHE G 254 4.14 50.63 -16.71
CA PHE G 254 3.12 49.72 -16.21
C PHE G 254 3.64 49.10 -14.92
N LEU G 255 2.79 49.04 -13.91
CA LEU G 255 3.18 48.52 -12.58
C LEU G 255 3.26 46.98 -12.65
N ARG G 256 4.20 46.36 -11.95
CA ARG G 256 4.48 44.96 -12.12
C ARG G 256 3.63 44.05 -11.26
N GLY G 257 3.35 44.40 -10.02
CA GLY G 257 2.75 43.44 -9.09
C GLY G 257 2.53 44.05 -7.75
N LYS G 258 3.33 43.64 -6.78
CA LYS G 258 3.15 44.06 -5.41
C LYS G 258 4.48 44.27 -4.75
N SER G 259 4.56 45.26 -3.88
CA SER G 259 5.77 45.50 -3.07
C SER G 259 5.39 46.31 -1.85
N MET G 260 6.35 46.55 -1.01
CA MET G 260 6.21 47.42 0.09
C MET G 260 7.37 48.43 -0.05
N GLY G 261 7.13 49.69 0.32
CA GLY G 261 8.18 50.73 0.24
C GLY G 261 8.45 51.32 1.58
N ILE G 262 9.74 51.47 1.93
CA ILE G 262 10.05 52.17 3.15
C ILE G 262 11.05 53.28 2.91
N GLN G 263 11.19 54.13 3.92
CA GLN G 263 12.19 55.19 3.95
C GLN G 263 13.15 54.86 5.06
N SER G 264 14.46 54.88 4.79
CA SER G 264 15.38 54.45 5.80
C SER G 264 16.76 55.12 5.72
N GLY G 265 17.41 55.19 6.88
CA GLY G 265 18.82 55.65 6.97
C GLY G 265 19.83 54.57 7.40
N VAL G 266 19.49 53.29 7.41
CA VAL G 266 20.46 52.25 7.80
C VAL G 266 20.65 51.25 6.68
N GLN G 267 21.76 50.51 6.76
CA GLN G 267 22.08 49.49 5.74
C GLN G 267 21.15 48.30 5.65
N VAL G 268 21.20 47.66 4.48
CA VAL G 268 20.45 46.46 4.18
C VAL G 268 21.24 45.32 4.74
N ASP G 269 20.54 44.28 5.16
CA ASP G 269 21.15 43.06 5.60
C ASP G 269 20.34 41.88 5.08
N ALA G 270 20.87 41.24 4.05
CA ALA G 270 20.18 40.17 3.36
C ALA G 270 20.25 38.85 4.15
N ASN G 271 20.94 38.84 5.29
CA ASN G 271 21.02 37.63 6.12
C ASN G 271 19.97 37.50 7.21
N CYS G 272 19.28 38.60 7.56
CA CYS G 272 18.22 38.55 8.55
C CYS G 272 16.85 38.75 7.87
N GLU G 273 15.85 38.04 8.34
CA GLU G 273 14.52 38.10 7.79
C GLU G 273 13.66 38.99 8.68
N GLY G 274 12.72 39.71 8.10
CA GLY G 274 11.86 40.54 8.93
C GLY G 274 10.74 41.12 8.12
N ASP G 275 9.72 41.63 8.81
CA ASP G 275 8.49 42.15 8.19
C ASP G 275 8.02 43.46 8.75
N CYS G 276 8.71 44.02 9.75
CA CYS G 276 8.30 45.26 10.38
C CYS G 276 9.47 46.19 10.30
N TYR G 277 9.27 47.31 9.60
CA TYR G 277 10.37 48.23 9.33
C TYR G 277 10.07 49.64 9.76
N HIS G 278 11.11 50.35 10.15
CA HIS G 278 11.01 51.80 10.31
C HIS G 278 12.31 52.39 9.84
N SER G 279 12.47 53.71 9.95
CA SER G 279 13.63 54.30 9.31
C SER G 279 14.93 53.85 9.96
N GLY G 280 14.90 53.51 11.24
CA GLY G 280 16.07 53.10 11.98
C GLY G 280 16.32 51.60 11.97
N GLY G 281 15.54 50.80 11.24
CA GLY G 281 15.80 49.37 11.22
C GLY G 281 14.59 48.48 11.15
N THR G 282 14.70 47.30 11.78
CA THR G 282 13.75 46.23 11.65
C THR G 282 13.38 45.77 13.11
N ILE G 283 12.09 45.66 13.37
CA ILE G 283 11.59 45.21 14.61
C ILE G 283 11.24 43.72 14.40
N ILE G 284 12.07 42.85 14.94
CA ILE G 284 11.84 41.41 14.89
C ILE G 284 11.32 41.02 16.27
N SER G 285 10.07 40.62 16.33
CA SER G 285 9.39 40.39 17.60
C SER G 285 8.12 39.67 17.40
N ASN G 286 7.76 38.85 18.39
CA ASN G 286 6.42 38.30 18.52
C ASN G 286 5.56 38.98 19.60
N LEU G 287 6.11 39.99 20.25
CA LEU G 287 5.33 40.67 21.27
C LEU G 287 4.19 41.40 20.61
N PRO G 288 3.10 41.56 21.34
CA PRO G 288 1.97 42.26 20.73
C PRO G 288 2.11 43.77 20.66
N PHE G 289 3.04 44.34 21.43
CA PHE G 289 3.23 45.80 21.41
C PHE G 289 4.66 46.18 21.14
N GLN G 290 4.88 47.42 20.72
CA GLN G 290 6.25 47.96 20.60
C GLN G 290 6.28 49.45 20.94
N ASN G 291 7.41 49.90 21.48
CA ASN G 291 7.59 51.29 21.84
C ASN G 291 8.76 51.96 21.06
N ILE G 292 9.05 51.46 19.86
CA ILE G 292 10.24 51.86 19.13
C ILE G 292 9.90 53.01 18.17
N ASP G 293 8.86 52.84 17.35
CA ASP G 293 8.53 53.87 16.30
C ASP G 293 7.09 53.82 15.90
N SER G 294 6.38 54.90 16.13
CA SER G 294 4.94 54.92 15.86
C SER G 294 4.64 54.90 14.37
N ARG G 295 5.66 55.02 13.51
CA ARG G 295 5.39 55.02 12.06
C ARG G 295 5.90 53.74 11.40
N ALA G 296 6.19 52.71 12.20
CA ALA G 296 6.72 51.45 11.68
C ALA G 296 5.73 50.91 10.71
N VAL G 297 6.18 50.22 9.66
CA VAL G 297 5.24 49.71 8.67
C VAL G 297 5.56 48.24 8.35
N GLY G 298 4.63 47.59 7.66
CA GLY G 298 4.70 46.15 7.38
C GLY G 298 3.71 45.50 8.33
N LYS G 299 4.11 44.39 8.88
CA LYS G 299 3.28 43.62 9.83
C LYS G 299 3.95 43.71 11.17
N CYS G 300 3.35 44.51 12.05
CA CYS G 300 4.03 45.08 13.19
C CYS G 300 3.23 44.86 14.52
N PRO G 301 3.93 44.72 15.66
CA PRO G 301 3.29 44.88 16.95
C PRO G 301 2.70 46.27 16.98
N ARG G 302 1.65 46.51 17.79
CA ARG G 302 1.07 47.82 17.81
C ARG G 302 1.86 48.76 18.68
N TYR G 303 1.98 49.98 18.21
CA TYR G 303 2.76 51.01 18.90
C TYR G 303 2.04 51.45 20.15
N VAL G 304 2.76 51.45 21.28
CA VAL G 304 2.21 52.00 22.51
C VAL G 304 3.16 53.01 23.09
N LYS G 305 2.63 53.86 23.97
CA LYS G 305 3.43 54.90 24.62
C LYS G 305 4.34 54.38 25.71
N GLN G 306 3.96 53.26 26.34
CA GLN G 306 4.69 52.81 27.54
C GLN G 306 5.91 52.09 27.08
N ARG G 307 7.00 52.22 27.83
CA ARG G 307 8.22 51.48 27.52
C ARG G 307 8.14 50.00 27.96
N SER G 308 7.33 49.69 28.97
CA SER G 308 7.33 48.33 29.50
C SER G 308 6.03 47.98 30.19
N LEU G 309 5.53 46.78 29.93
CA LEU G 309 4.33 46.26 30.62
C LEU G 309 4.55 44.79 30.86
N LEU G 310 4.75 44.40 32.11
CA LEU G 310 5.09 43.05 32.43
C LEU G 310 3.84 42.18 32.69
N LEU G 311 3.87 41.02 32.07
CA LEU G 311 2.81 40.07 32.13
C LEU G 311 3.25 38.92 33.06
N ALA G 312 2.51 38.69 34.12
CA ALA G 312 2.90 37.70 35.11
C ALA G 312 2.84 36.37 34.44
N THR G 313 3.87 35.57 34.66
CA THR G 313 3.88 34.17 34.23
C THR G 313 4.07 33.24 35.44
N GLY G 314 3.77 33.74 36.63
CA GLY G 314 3.85 32.91 37.83
C GLY G 314 2.99 33.45 38.89
N MET G 315 2.92 32.73 40.01
CA MET G 315 2.03 33.10 41.10
C MET G 315 2.56 34.27 41.90
N LYS G 316 1.72 34.85 42.75
CA LYS G 316 2.17 35.82 43.76
C LYS G 316 3.37 35.30 44.53
N ASN G 317 4.31 36.17 44.82
CA ASN G 317 5.54 35.73 45.49
C ASN G 317 5.44 36.12 46.93
N VAL G 318 5.45 35.13 47.82
CA VAL G 318 5.22 35.35 49.23
C VAL G 318 6.37 34.76 50.06
N PRO G 319 7.48 35.51 50.20
CA PRO G 319 8.66 34.92 50.81
C PRO G 319 8.50 34.95 52.32
N GLU G 320 9.33 34.23 53.06
CA GLU G 320 9.46 34.54 54.48
C GLU G 320 10.67 35.43 54.72
N PHE H 3 13.43 26.70 63.95
CA PHE H 3 12.95 25.89 65.08
C PHE H 3 12.68 24.42 64.71
N GLY H 4 12.91 24.04 63.46
CA GLY H 4 12.61 22.71 62.96
C GLY H 4 11.12 22.50 62.79
N ALA H 5 10.32 23.58 62.81
CA ALA H 5 8.87 23.50 62.66
C ALA H 5 8.46 23.66 61.18
N ILE H 6 7.18 23.48 60.96
CA ILE H 6 6.63 23.40 59.64
C ILE H 6 5.27 24.08 59.51
N ALA H 7 5.03 24.79 58.43
CA ALA H 7 3.72 25.46 58.15
C ALA H 7 3.40 25.47 56.66
N GLY H 8 2.14 25.77 56.34
CA GLY H 8 1.67 25.72 54.99
C GLY H 8 1.41 27.08 54.33
N PHE H 9 0.60 27.06 53.27
CA PHE H 9 0.46 28.19 52.35
C PHE H 9 -0.24 29.38 52.98
N ILE H 10 -0.98 29.18 54.07
CA ILE H 10 -1.67 30.34 54.63
C ILE H 10 -0.66 31.33 55.22
N GLU H 11 0.48 30.86 55.72
CA GLU H 11 1.51 31.73 56.26
C GLU H 11 2.38 32.35 55.17
N ASN H 12 2.98 31.49 54.34
CA ASN H 12 3.84 31.96 53.27
C ASN H 12 4.24 30.84 52.32
N GLY H 13 4.98 31.20 51.31
CA GLY H 13 5.46 30.25 50.34
C GLY H 13 6.75 29.67 50.77
N TRP H 14 7.17 28.62 50.09
CA TRP H 14 8.39 27.86 50.41
C TRP H 14 9.48 28.09 49.40
N GLU H 15 10.56 28.78 49.79
CA GLU H 15 11.69 28.99 48.89
C GLU H 15 12.43 27.70 48.56
N GLY H 16 12.36 26.71 49.43
CA GLY H 16 12.99 25.40 49.20
C GLY H 16 12.23 24.48 48.28
N LEU H 17 10.99 24.80 47.91
CA LEU H 17 10.28 24.00 46.90
C LEU H 17 10.74 24.45 45.47
N ILE H 18 11.69 23.72 44.88
CA ILE H 18 12.28 24.09 43.60
C ILE H 18 11.89 23.17 42.44
N ASP H 19 11.27 22.02 42.72
CA ASP H 19 10.83 21.02 41.75
C ASP H 19 9.38 21.25 41.28
N GLY H 20 8.70 22.32 41.70
CA GLY H 20 7.27 22.46 41.35
C GLY H 20 6.66 23.72 41.92
N TRP H 21 5.41 23.97 41.59
CA TRP H 21 4.74 25.16 42.06
C TRP H 21 4.02 24.91 43.38
N TYR H 22 3.50 23.69 43.55
CA TYR H 22 2.78 23.28 44.72
C TYR H 22 3.37 21.99 45.24
N GLY H 23 3.23 21.77 46.54
CA GLY H 23 3.78 20.58 47.16
C GLY H 23 3.31 20.25 48.57
N PHE H 24 3.88 19.18 49.09
CA PHE H 24 3.58 18.64 50.41
C PHE H 24 4.83 18.68 51.27
N ARG H 25 4.68 19.09 52.53
CA ARG H 25 5.73 19.01 53.52
C ARG H 25 5.18 18.30 54.75
N HIS H 26 5.87 17.28 55.20
CA HIS H 26 5.38 16.46 56.32
C HIS H 26 6.36 16.39 57.47
N GLN H 27 5.85 15.98 58.64
CA GLN H 27 6.64 15.76 59.82
C GLN H 27 6.06 14.55 60.57
N ASN H 28 6.90 13.62 60.87
CA ASN H 28 6.58 12.42 61.60
C ASN H 28 7.83 12.00 62.40
N ALA H 29 7.75 10.86 63.06
CA ALA H 29 8.85 10.31 63.84
C ALA H 29 10.14 10.19 63.05
N GLN H 30 10.07 9.85 61.77
CA GLN H 30 11.29 9.71 60.97
C GLN H 30 11.91 11.00 60.57
N GLY H 31 11.18 12.12 60.66
CA GLY H 31 11.71 13.42 60.25
C GLY H 31 10.76 14.25 59.41
N GLU H 32 11.32 15.09 58.57
CA GLU H 32 10.61 16.06 57.80
C GLU H 32 10.94 15.73 56.35
N GLY H 33 10.04 16.08 55.42
CA GLY H 33 10.35 16.02 53.99
C GLY H 33 9.37 16.85 53.18
N THR H 34 9.78 17.16 51.97
CA THR H 34 9.01 17.95 51.02
C THR H 34 9.02 17.23 49.68
N ALA H 35 7.87 17.19 49.03
CA ALA H 35 7.80 16.77 47.60
C ALA H 35 6.81 17.64 46.79
N ALA H 36 7.15 17.93 45.55
CA ALA H 36 6.28 18.62 44.60
C ALA H 36 5.09 17.75 44.17
N ASP H 37 3.91 18.38 43.95
CA ASP H 37 2.76 17.73 43.33
C ASP H 37 2.72 18.07 41.82
N TYR H 38 2.83 17.04 41.00
CA TYR H 38 3.10 17.19 39.58
C TYR H 38 1.84 17.70 38.91
N LYS H 39 0.71 17.10 39.26
CA LYS H 39 -0.56 17.41 38.61
C LYS H 39 -1.01 18.86 38.77
N SER H 40 -1.04 19.38 39.99
CA SER H 40 -1.45 20.77 40.20
C SER H 40 -0.44 21.73 39.54
N THR H 41 0.84 21.40 39.64
CA THR H 41 1.87 22.22 39.06
C THR H 41 1.64 22.34 37.57
N GLN H 42 1.33 21.21 36.94
CA GLN H 42 1.19 21.16 35.48
C GLN H 42 -0.08 21.87 35.04
N SER H 43 -1.16 21.69 35.80
CA SER H 43 -2.39 22.36 35.52
C SER H 43 -2.20 23.90 35.54
N ALA H 44 -1.42 24.43 36.49
CA ALA H 44 -1.15 25.86 36.52
C ALA H 44 -0.25 26.30 35.35
N ILE H 45 0.82 25.57 35.10
CA ILE H 45 1.69 25.94 34.00
C ILE H 45 0.90 25.95 32.68
N ASP H 46 0.04 24.97 32.48
CA ASP H 46 -0.70 24.90 31.23
C ASP H 46 -1.64 26.09 31.01
N GLN H 47 -2.25 26.58 32.07
CA GLN H 47 -3.07 27.76 31.97
C GLN H 47 -2.28 29.01 31.65
N ILE H 48 -1.09 29.16 32.22
CA ILE H 48 -0.17 30.27 31.85
C ILE H 48 0.31 30.15 30.40
N THR H 49 0.71 28.96 30.00
CA THR H 49 1.08 28.71 28.62
C THR H 49 -0.07 29.08 27.68
N GLY H 50 -1.29 28.74 28.05
CA GLY H 50 -2.50 29.05 27.25
C GLY H 50 -2.66 30.56 27.08
N LYS H 51 -2.45 31.31 28.18
CA LYS H 51 -2.42 32.78 28.09
C LYS H 51 -1.37 33.30 27.12
N LEU H 52 -0.16 32.78 27.29
CA LEU H 52 0.96 33.25 26.45
C LEU H 52 0.71 32.99 24.96
N ASN H 53 0.18 31.82 24.63
CA ASN H 53 -0.16 31.50 23.25
C ASN H 53 -1.13 32.51 22.68
N ARG H 54 -2.13 32.91 23.47
CA ARG H 54 -3.09 33.90 23.03
C ARG H 54 -2.46 35.31 22.94
N LEU H 55 -1.59 35.67 23.88
CA LEU H 55 -1.11 37.08 23.94
C LEU H 55 0.15 37.37 23.15
N ILE H 56 0.95 36.34 22.89
CA ILE H 56 2.15 36.43 22.01
C ILE H 56 1.84 36.32 20.49
N GLU H 57 0.69 36.85 20.09
CA GLU H 57 0.20 36.78 18.71
C GLU H 57 0.86 37.95 17.94
N LYS H 58 0.92 37.75 16.62
CA LYS H 58 1.33 38.74 15.61
C LYS H 58 0.05 39.22 14.92
N THR H 59 -0.09 40.51 14.60
CA THR H 59 -1.11 40.84 13.57
C THR H 59 -0.63 40.33 12.21
N ASN H 60 -1.56 39.88 11.37
CA ASN H 60 -1.23 39.62 9.98
C ASN H 60 -1.51 40.81 9.04
N GLN H 61 -2.06 41.91 9.58
CA GLN H 61 -2.46 43.05 8.76
C GLN H 61 -1.22 43.90 8.44
N GLN H 62 -1.06 44.17 7.16
CA GLN H 62 0.04 45.00 6.67
C GLN H 62 -0.40 46.45 6.61
N PHE H 63 0.41 47.37 7.11
CA PHE H 63 0.17 48.77 6.90
C PHE H 63 1.30 49.37 6.10
N GLU H 64 0.97 50.40 5.37
CA GLU H 64 1.91 51.12 4.53
C GLU H 64 2.10 52.54 5.03
N LEU H 65 3.10 53.20 4.49
CA LEU H 65 3.32 54.60 4.74
C LEU H 65 2.20 55.51 4.13
N ILE H 66 1.74 56.46 4.88
CA ILE H 66 0.81 57.43 4.40
C ILE H 66 1.39 58.80 4.57
N ASP H 67 2.60 58.79 5.09
CA ASP H 67 3.36 59.93 5.50
C ASP H 67 4.70 59.95 4.83
N ASN H 68 5.44 61.06 4.94
CA ASN H 68 6.77 61.17 4.35
C ASN H 68 7.77 61.90 5.30
N GLU H 69 8.77 61.18 5.74
CA GLU H 69 9.81 61.64 6.65
C GLU H 69 10.87 62.51 5.97
N PHE H 70 10.99 62.46 4.64
CA PHE H 70 12.06 63.23 3.93
C PHE H 70 11.50 64.46 3.27
N ASN H 71 10.29 64.35 2.74
CA ASN H 71 9.66 65.44 2.06
C ASN H 71 8.24 65.58 2.64
N GLU H 72 8.07 66.52 3.56
CA GLU H 72 6.87 66.58 4.35
C GLU H 72 5.56 66.68 3.49
N VAL H 73 4.55 65.88 3.80
CA VAL H 73 3.24 66.09 3.17
C VAL H 73 2.62 67.46 3.48
N GLU H 74 1.64 67.80 2.70
CA GLU H 74 0.86 69.04 2.82
C GLU H 74 0.31 69.13 4.24
N LYS H 75 0.34 70.32 4.80
CA LYS H 75 0.07 70.44 6.22
C LYS H 75 -1.31 70.00 6.68
N GLN H 76 -2.36 70.31 5.91
CA GLN H 76 -3.69 69.98 6.37
C GLN H 76 -3.88 68.45 6.52
N ILE H 77 -3.53 67.71 5.48
CA ILE H 77 -3.58 66.28 5.53
C ILE H 77 -2.61 65.70 6.57
N GLY H 78 -1.45 66.32 6.73
CA GLY H 78 -0.46 65.84 7.70
C GLY H 78 -1.01 65.92 9.11
N ASN H 79 -1.69 67.03 9.40
CA ASN H 79 -2.29 67.17 10.71
C ASN H 79 -3.42 66.15 10.92
N VAL H 80 -4.22 65.88 9.89
CA VAL H 80 -5.29 64.90 10.05
C VAL H 80 -4.69 63.51 10.36
N ILE H 81 -3.69 63.17 9.58
CA ILE H 81 -2.94 61.90 9.80
C ILE H 81 -2.37 61.79 11.22
N ASN H 82 -1.69 62.84 11.66
CA ASN H 82 -1.09 62.80 13.01
C ASN H 82 -2.15 62.75 14.11
N TRP H 83 -3.24 63.49 13.95
CA TRP H 83 -4.34 63.38 14.94
C TRP H 83 -4.93 61.97 14.97
N THR H 84 -5.08 61.38 13.81
CA THR H 84 -5.63 60.01 13.74
C THR H 84 -4.62 59.03 14.34
N ARG H 85 -3.36 59.16 13.99
CA ARG H 85 -2.34 58.28 14.55
C ARG H 85 -2.27 58.37 16.06
N ASP H 86 -2.23 59.58 16.59
CA ASP H 86 -2.18 59.75 18.05
C ASP H 86 -3.45 59.24 18.74
N SER H 87 -4.61 59.33 18.10
CA SER H 87 -5.82 58.79 18.69
C SER H 87 -5.74 57.26 18.78
N ILE H 88 -5.26 56.62 17.71
CA ILE H 88 -4.99 55.20 17.67
C ILE H 88 -3.98 54.77 18.72
N THR H 89 -2.92 55.52 18.86
CA THR H 89 -1.90 55.22 19.93
C THR H 89 -2.49 55.30 21.35
N GLU H 90 -3.41 56.22 21.58
CA GLU H 90 -4.09 56.27 22.88
C GLU H 90 -4.90 55.04 23.11
N VAL H 91 -5.65 54.61 22.10
CA VAL H 91 -6.43 53.36 22.20
C VAL H 91 -5.55 52.17 22.57
N TRP H 92 -4.50 51.98 21.81
CA TRP H 92 -3.63 50.81 22.05
C TRP H 92 -2.86 50.87 23.35
N SER H 93 -2.41 52.06 23.74
CA SER H 93 -1.72 52.19 25.03
C SER H 93 -2.68 51.83 26.18
N TYR H 94 -3.94 52.21 26.04
CA TYR H 94 -4.94 51.91 27.05
C TYR H 94 -5.26 50.42 27.06
N ASN H 95 -5.41 49.83 25.89
CA ASN H 95 -5.72 48.42 25.80
C ASN H 95 -4.59 47.60 26.35
N ALA H 96 -3.36 47.97 26.04
CA ALA H 96 -2.19 47.22 26.54
C ALA H 96 -2.06 47.26 28.06
N GLU H 97 -2.25 48.44 28.66
CA GLU H 97 -2.22 48.55 30.11
C GLU H 97 -3.36 47.72 30.80
N LEU H 98 -4.56 47.77 30.22
CA LEU H 98 -5.67 47.04 30.75
C LEU H 98 -5.54 45.53 30.54
N LEU H 99 -5.10 45.13 29.37
CA LEU H 99 -4.85 43.74 29.15
C LEU H 99 -3.90 43.15 30.23
N VAL H 100 -2.80 43.83 30.51
CA VAL H 100 -1.84 43.27 31.40
C VAL H 100 -2.36 43.30 32.88
N ALA H 101 -2.95 44.39 33.30
CA ALA H 101 -3.49 44.47 34.63
C ALA H 101 -4.57 43.42 34.86
N MET H 102 -5.44 43.26 33.88
CA MET H 102 -6.49 42.23 33.99
C MET H 102 -5.96 40.82 33.96
N GLU H 103 -5.11 40.52 33.02
CA GLU H 103 -4.52 39.17 32.98
C GLU H 103 -3.70 38.85 34.22
N ASN H 104 -2.98 39.83 34.79
CA ASN H 104 -2.17 39.55 35.97
C ASN H 104 -3.05 39.25 37.17
N GLN H 105 -4.15 40.01 37.31
CA GLN H 105 -5.16 39.70 38.34
C GLN H 105 -5.66 38.28 38.21
N HIS H 106 -5.97 37.89 36.98
CA HIS H 106 -6.49 36.58 36.73
C HIS H 106 -5.45 35.49 36.99
N THR H 107 -4.23 35.72 36.56
CA THR H 107 -3.14 34.79 36.79
C THR H 107 -2.94 34.53 38.29
N ILE H 108 -2.90 35.61 39.05
CA ILE H 108 -2.70 35.49 40.47
C ILE H 108 -3.81 34.74 41.17
N ASP H 109 -5.06 35.04 40.82
CA ASP H 109 -6.20 34.36 41.44
C ASP H 109 -6.21 32.87 41.05
N LEU H 110 -5.90 32.60 39.82
CA LEU H 110 -5.90 31.26 39.33
C LEU H 110 -4.84 30.37 40.04
N ALA H 111 -3.69 30.96 40.32
CA ALA H 111 -2.65 30.20 41.01
C ALA H 111 -3.04 29.86 42.44
N ASP H 112 -3.65 30.81 43.14
CA ASP H 112 -4.21 30.57 44.48
C ASP H 112 -5.34 29.52 44.48
N SER H 113 -6.19 29.58 43.47
CA SER H 113 -7.30 28.65 43.35
C SER H 113 -6.77 27.21 43.06
N GLU H 114 -5.68 27.05 42.34
CA GLU H 114 -5.05 25.72 42.26
C GLU H 114 -4.52 25.20 43.62
N MET H 115 -3.97 26.09 44.44
CA MET H 115 -3.53 25.75 45.79
C MET H 115 -4.72 25.29 46.63
N ASP H 116 -5.81 26.03 46.59
CA ASP H 116 -7.04 25.65 47.36
C ASP H 116 -7.58 24.31 46.92
N LYS H 117 -7.56 24.03 45.62
CA LYS H 117 -8.06 22.76 45.12
C LYS H 117 -7.24 21.60 45.66
N LEU H 118 -5.94 21.76 45.70
CA LEU H 118 -5.10 20.69 46.20
C LEU H 118 -5.40 20.46 47.69
N TYR H 119 -5.42 21.56 48.42
CA TYR H 119 -5.67 21.47 49.86
C TYR H 119 -7.02 20.77 50.15
N GLU H 120 -8.06 21.15 49.40
CA GLU H 120 -9.40 20.63 49.59
C GLU H 120 -9.41 19.12 49.27
N ARG H 121 -8.66 18.73 48.26
CA ARG H 121 -8.55 17.32 47.91
C ARG H 121 -7.94 16.53 49.07
N VAL H 122 -6.85 17.03 49.65
CA VAL H 122 -6.23 16.32 50.71
C VAL H 122 -7.18 16.25 51.91
N LYS H 123 -7.83 17.38 52.22
CA LYS H 123 -8.82 17.40 53.28
C LYS H 123 -9.85 16.27 53.14
N ARG H 124 -10.33 16.09 51.92
CA ARG H 124 -11.33 15.05 51.66
C ARG H 124 -10.75 13.64 51.72
N GLN H 125 -9.50 13.42 51.32
CA GLN H 125 -8.87 12.09 51.50
C GLN H 125 -8.79 11.74 52.96
N LEU H 126 -8.46 12.73 53.79
CA LEU H 126 -8.21 12.47 55.20
C LEU H 126 -9.46 12.29 56.01
N ARG H 127 -10.59 12.83 55.55
CA ARG H 127 -11.89 12.57 56.18
C ARG H 127 -11.88 12.90 57.67
N GLU H 128 -12.15 11.92 58.53
CA GLU H 128 -12.24 12.16 59.95
C GLU H 128 -10.93 11.92 60.68
N ASN H 129 -9.86 11.64 59.96
CA ASN H 129 -8.63 11.25 60.64
C ASN H 129 -7.67 12.39 60.94
N ALA H 130 -8.03 13.61 60.55
CA ALA H 130 -7.16 14.78 60.68
C ALA H 130 -7.98 16.03 60.93
N GLU H 131 -7.32 17.08 61.45
CA GLU H 131 -7.96 18.41 61.61
C GLU H 131 -7.05 19.46 60.99
N GLU H 132 -7.67 20.51 60.50
CA GLU H 132 -6.97 21.69 60.00
C GLU H 132 -6.34 22.48 61.13
N ASP H 133 -5.10 22.86 61.01
CA ASP H 133 -4.46 23.68 62.06
C ASP H 133 -4.58 25.17 61.77
N GLY H 134 -5.10 25.52 60.62
CA GLY H 134 -5.17 26.95 60.22
C GLY H 134 -3.94 27.59 59.58
N THR H 135 -2.86 26.85 59.36
CA THR H 135 -1.76 27.41 58.58
C THR H 135 -1.65 26.81 57.18
N GLY H 136 -2.55 25.91 56.86
CA GLY H 136 -2.46 25.11 55.65
C GLY H 136 -1.95 23.71 55.89
N CYS H 137 -1.98 23.26 57.14
CA CYS H 137 -1.59 21.89 57.49
C CYS H 137 -2.73 21.10 58.11
N PHE H 138 -2.55 19.78 58.13
CA PHE H 138 -3.48 18.84 58.80
C PHE H 138 -2.73 18.18 59.91
N GLU H 139 -3.31 18.21 61.10
CA GLU H 139 -2.78 17.42 62.23
C GLU H 139 -3.43 16.07 62.07
N ILE H 140 -2.62 15.05 61.87
CA ILE H 140 -3.11 13.70 61.55
C ILE H 140 -3.15 12.96 62.90
N PHE H 141 -4.29 12.38 63.25
CA PHE H 141 -4.45 11.83 64.61
C PHE H 141 -4.10 10.36 64.72
N HIS H 142 -3.07 9.95 63.99
CA HIS H 142 -2.61 8.58 64.03
C HIS H 142 -1.15 8.66 63.56
N LYS H 143 -0.39 7.61 63.82
CA LYS H 143 0.97 7.55 63.33
C LYS H 143 0.94 7.39 61.83
N CYS H 144 1.70 8.22 61.14
CA CYS H 144 1.69 8.24 59.71
C CYS H 144 3.14 8.29 59.23
N ASP H 145 3.71 7.12 58.98
CA ASP H 145 5.12 6.98 58.63
C ASP H 145 5.36 7.36 57.19
N ASP H 146 6.58 7.14 56.69
CA ASP H 146 6.92 7.73 55.39
C ASP H 146 6.08 7.15 54.28
N ASP H 147 5.75 5.88 54.41
CA ASP H 147 4.91 5.21 53.44
C ASP H 147 3.47 5.75 53.50
N CYS H 148 2.94 5.90 54.69
CA CYS H 148 1.61 6.51 54.85
C CYS H 148 1.57 7.95 54.26
N MET H 149 2.58 8.77 54.56
CA MET H 149 2.68 10.11 53.92
C MET H 149 2.66 10.02 52.38
N ALA H 150 3.46 9.11 51.82
CA ALA H 150 3.45 8.90 50.35
C ALA H 150 2.09 8.49 49.84
N SER H 151 1.35 7.67 50.59
CA SER H 151 -0.02 7.32 50.16
C SER H 151 -0.93 8.57 50.12
N ILE H 152 -0.63 9.58 50.94
CA ILE H 152 -1.48 10.76 50.95
C ILE H 152 -1.13 11.54 49.67
N ARG H 153 0.15 11.70 49.40
CA ARG H 153 0.59 12.41 48.24
C ARG H 153 0.09 11.78 46.95
N ASN H 154 0.07 10.43 46.83
CA ASN H 154 -0.30 9.83 45.54
C ASN H 154 -1.78 9.39 45.51
N ASN H 155 -2.57 9.82 46.49
CA ASN H 155 -4.01 9.69 46.44
C ASN H 155 -4.50 8.26 46.63
N THR H 156 -3.77 7.46 47.39
CA THR H 156 -4.19 6.08 47.73
C THR H 156 -4.39 5.87 49.23
N TYR H 157 -4.25 6.93 50.02
CA TYR H 157 -4.52 6.84 51.45
C TYR H 157 -5.94 6.38 51.64
N ASP H 158 -6.10 5.38 52.46
CA ASP H 158 -7.40 4.84 52.71
C ASP H 158 -7.76 5.19 54.13
N HIS H 159 -8.67 6.14 54.26
CA HIS H 159 -9.05 6.62 55.59
C HIS H 159 -9.62 5.56 56.52
N SER H 160 -10.26 4.55 55.96
CA SER H 160 -10.85 3.46 56.74
C SER H 160 -9.87 2.71 57.55
N LYS H 161 -8.67 2.57 57.03
CA LYS H 161 -7.65 1.80 57.69
C LYS H 161 -7.24 2.41 59.01
N TYR H 162 -7.27 3.73 59.13
CA TYR H 162 -6.82 4.37 60.38
C TYR H 162 -7.95 5.02 61.20
N ARG H 163 -9.19 4.92 60.75
CA ARG H 163 -10.30 5.72 61.33
C ARG H 163 -10.55 5.42 62.79
N GLU H 164 -10.53 4.11 63.13
CA GLU H 164 -10.78 3.64 64.48
C GLU H 164 -9.79 4.28 65.45
N GLU H 165 -8.51 4.12 65.17
CA GLU H 165 -7.44 4.77 65.94
C GLU H 165 -7.56 6.35 65.98
N ALA H 166 -7.81 6.96 64.82
CA ALA H 166 -7.79 8.41 64.72
C ALA H 166 -8.96 9.03 65.47
N MET H 167 -10.17 8.48 65.30
CA MET H 167 -11.35 9.02 65.96
C MET H 167 -11.26 8.96 67.46
N GLN H 168 -10.66 7.86 67.94
CA GLN H 168 -10.43 7.68 69.36
C GLN H 168 -9.43 8.72 69.89
N ASN H 169 -8.35 8.93 69.15
CA ASN H 169 -7.43 10.00 69.51
C ASN H 169 -8.01 11.40 69.46
N ARG H 170 -8.92 11.68 68.55
CA ARG H 170 -9.50 13.00 68.51
C ARG H 170 -10.40 13.23 69.75
N ILE H 171 -10.75 12.15 70.45
CA ILE H 171 -11.29 12.25 71.86
C ILE H 171 -10.55 11.43 72.95
N ASP I 5 33.49 -51.29 -34.33
CA ASP I 5 31.98 -51.41 -34.14
C ASP I 5 31.45 -51.31 -32.69
N LYS I 6 30.18 -50.99 -32.50
CA LYS I 6 29.71 -50.77 -31.15
C LYS I 6 28.24 -50.90 -30.99
N ILE I 7 27.85 -51.27 -29.78
CA ILE I 7 26.42 -51.37 -29.38
C ILE I 7 26.22 -50.74 -28.01
N CYS I 8 25.16 -49.93 -27.91
CA CYS I 8 24.83 -49.15 -26.74
C CYS I 8 23.52 -49.61 -26.19
N LEU I 9 23.42 -49.60 -24.88
CA LEU I 9 22.13 -49.81 -24.21
C LEU I 9 21.65 -48.49 -23.76
N GLY I 10 20.35 -48.29 -23.82
CA GLY I 10 19.78 -47.03 -23.39
C GLY I 10 18.31 -47.16 -23.03
N HIS I 11 17.69 -46.08 -22.63
CA HIS I 11 16.30 -46.08 -22.24
C HIS I 11 15.63 -44.89 -22.85
N HIS I 12 14.28 -44.90 -22.86
CA HIS I 12 13.58 -43.78 -23.45
C HIS I 12 13.58 -42.50 -22.64
N ALA I 13 13.18 -41.44 -23.33
CA ALA I 13 12.97 -40.12 -22.74
C ALA I 13 11.99 -39.33 -23.60
N VAL I 14 11.37 -38.32 -23.04
CA VAL I 14 10.44 -37.49 -23.75
C VAL I 14 10.88 -36.04 -23.54
N SER I 15 10.40 -35.14 -24.37
CA SER I 15 10.65 -33.71 -24.13
C SER I 15 9.63 -33.17 -23.11
N ASN I 16 8.39 -33.64 -23.16
CA ASN I 16 7.33 -33.24 -22.19
C ASN I 16 7.31 -34.11 -20.91
N GLY I 17 8.29 -33.94 -20.03
CA GLY I 17 8.35 -34.71 -18.75
C GLY I 17 7.35 -34.23 -17.71
N THR I 18 7.06 -35.02 -16.67
CA THR I 18 6.14 -34.55 -15.57
C THR I 18 6.83 -34.62 -14.20
N LYS I 19 6.69 -33.55 -13.42
CA LYS I 19 7.39 -33.44 -12.14
C LYS I 19 6.64 -34.20 -11.03
N VAL I 20 7.37 -34.91 -10.18
CA VAL I 20 6.79 -35.63 -9.04
C VAL I 20 7.78 -35.47 -7.87
N ASN I 21 7.38 -35.91 -6.68
CA ASN I 21 8.19 -35.82 -5.51
C ASN I 21 8.61 -37.22 -5.09
N THR I 22 9.82 -37.31 -4.54
CA THR I 22 10.34 -38.57 -4.07
C THR I 22 10.80 -38.30 -2.66
N LEU I 23 11.35 -39.31 -2.01
CA LEU I 23 11.91 -39.15 -0.66
C LEU I 23 13.07 -38.14 -0.57
N THR I 24 13.80 -37.97 -1.66
CA THR I 24 15.02 -37.16 -1.64
C THR I 24 14.97 -35.94 -2.51
N GLU I 25 13.90 -35.77 -3.30
CA GLU I 25 13.80 -34.60 -4.18
C GLU I 25 12.40 -34.17 -4.44
N ARG I 26 12.19 -32.87 -4.46
CA ARG I 26 10.93 -32.28 -4.94
C ARG I 26 11.02 -32.02 -6.45
N GLY I 27 10.03 -32.43 -7.24
CA GLY I 27 9.99 -32.02 -8.64
C GLY I 27 11.00 -32.72 -9.55
N VAL I 28 11.31 -33.98 -9.30
CA VAL I 28 12.07 -34.76 -10.27
C VAL I 28 11.16 -35.11 -11.46
N GLU I 29 11.69 -35.02 -12.69
CA GLU I 29 10.89 -35.25 -13.87
C GLU I 29 10.83 -36.72 -14.22
N VAL I 30 9.64 -37.23 -14.46
CA VAL I 30 9.49 -38.60 -14.92
C VAL I 30 8.77 -38.64 -16.25
N VAL I 31 8.86 -39.77 -16.94
CA VAL I 31 8.37 -39.93 -18.28
C VAL I 31 6.85 -39.88 -18.27
N ASN I 32 6.25 -40.38 -17.21
CA ASN I 32 4.79 -40.39 -17.08
C ASN I 32 4.36 -40.51 -15.62
N ALA I 33 3.16 -39.99 -15.33
CA ALA I 33 2.66 -39.94 -13.94
C ALA I 33 1.15 -39.93 -13.96
N THR I 34 0.53 -40.21 -12.83
CA THR I 34 -0.94 -40.20 -12.72
C THR I 34 -1.38 -39.60 -11.38
N GLU I 35 -2.57 -39.03 -11.37
CA GLU I 35 -3.14 -38.37 -10.20
C GLU I 35 -3.57 -39.41 -9.16
N THR I 36 -3.42 -39.07 -7.90
CA THR I 36 -3.88 -39.92 -6.83
C THR I 36 -5.03 -39.27 -5.98
N VAL I 37 -5.21 -37.98 -6.17
CA VAL I 37 -6.19 -37.23 -5.44
C VAL I 37 -7.29 -36.80 -6.39
N GLU I 38 -8.50 -37.30 -6.13
CA GLU I 38 -9.69 -36.91 -6.91
C GLU I 38 -10.16 -35.51 -6.65
N ARG I 39 -10.34 -34.75 -7.73
CA ARG I 39 -10.93 -33.40 -7.69
C ARG I 39 -12.21 -33.25 -8.50
N THR I 40 -12.54 -34.23 -9.29
CA THR I 40 -13.64 -34.05 -10.20
C THR I 40 -14.93 -34.49 -9.52
N ASN I 41 -15.85 -33.57 -9.44
CA ASN I 41 -17.17 -33.81 -8.86
C ASN I 41 -18.22 -33.99 -9.95
N ILE I 42 -19.22 -34.84 -9.74
CA ILE I 42 -20.42 -34.77 -10.56
C ILE I 42 -21.52 -34.06 -9.73
N PRO I 43 -21.96 -32.86 -10.17
CA PRO I 43 -22.93 -32.08 -9.41
C PRO I 43 -24.38 -32.64 -9.43
N ARG I 44 -24.53 -33.95 -9.24
CA ARG I 44 -25.83 -34.60 -9.18
C ARG I 44 -25.72 -35.75 -8.20
N ILE I 45 -26.87 -36.23 -7.73
CA ILE I 45 -26.91 -37.44 -6.91
C ILE I 45 -27.16 -38.63 -7.79
N CYS I 46 -26.10 -39.40 -8.03
CA CYS I 46 -26.15 -40.56 -8.88
C CYS I 46 -26.81 -41.71 -8.19
N SER I 47 -28.09 -41.92 -8.52
CA SER I 47 -28.95 -42.84 -7.82
C SER I 47 -29.31 -44.11 -8.59
N LYS I 48 -28.64 -44.39 -9.70
CA LYS I 48 -28.95 -45.58 -10.46
C LYS I 48 -28.79 -46.83 -9.60
N GLY I 49 -29.79 -47.71 -9.67
CA GLY I 49 -29.75 -49.01 -8.98
C GLY I 49 -30.25 -48.97 -7.55
N LYS I 50 -30.74 -47.80 -7.13
CA LYS I 50 -31.12 -47.61 -5.72
C LYS I 50 -32.50 -47.01 -5.60
N ARG I 51 -33.32 -47.57 -4.73
CA ARG I 51 -34.63 -47.00 -4.49
C ARG I 51 -34.35 -45.73 -3.71
N THR I 52 -34.63 -44.61 -4.35
CA THR I 52 -34.26 -43.29 -3.85
C THR I 52 -35.48 -42.46 -3.47
N VAL I 53 -35.48 -41.92 -2.25
CA VAL I 53 -36.58 -41.06 -1.79
C VAL I 53 -35.99 -39.66 -1.61
N ASP I 54 -36.50 -38.72 -2.39
CA ASP I 54 -36.15 -37.31 -2.25
C ASP I 54 -37.22 -36.62 -1.39
N LEU I 55 -36.89 -36.30 -0.16
CA LEU I 55 -37.88 -35.85 0.77
C LEU I 55 -38.43 -34.43 0.49
N GLY I 56 -37.72 -33.59 -0.24
CA GLY I 56 -38.27 -32.29 -0.64
C GLY I 56 -38.62 -31.42 0.54
N GLN I 57 -39.87 -30.98 0.63
CA GLN I 57 -40.39 -30.20 1.77
C GLN I 57 -40.69 -31.03 3.02
N CYS I 58 -40.62 -32.35 2.94
CA CYS I 58 -40.77 -33.18 4.14
C CYS I 58 -39.43 -33.27 4.90
N GLY I 59 -39.39 -32.88 6.16
CA GLY I 59 -38.20 -33.17 7.01
C GLY I 59 -38.27 -34.62 7.46
N LEU I 60 -37.12 -35.22 7.59
CA LEU I 60 -36.98 -36.63 7.88
C LEU I 60 -37.72 -37.04 9.12
N LEU I 61 -37.64 -36.24 10.17
CA LEU I 61 -38.35 -36.58 11.39
C LEU I 61 -39.93 -36.46 11.23
N GLY I 62 -40.39 -35.67 10.29
CA GLY I 62 -41.78 -35.58 9.89
C GLY I 62 -42.39 -36.86 9.34
N THR I 63 -41.57 -37.74 8.82
CA THR I 63 -42.11 -38.99 8.33
C THR I 63 -42.69 -39.81 9.47
N ILE I 64 -42.27 -39.53 10.69
CA ILE I 64 -42.72 -40.24 11.87
C ILE I 64 -44.00 -39.64 12.43
N THR I 65 -44.09 -38.32 12.46
CA THR I 65 -45.22 -37.67 13.07
C THR I 65 -46.31 -37.34 12.06
N GLY I 66 -45.91 -36.98 10.85
CA GLY I 66 -46.86 -36.73 9.76
C GLY I 66 -47.48 -35.36 9.57
N PRO I 67 -46.67 -34.29 9.56
CA PRO I 67 -47.28 -33.03 9.08
C PRO I 67 -47.60 -33.15 7.59
N PRO I 68 -48.39 -32.22 7.00
CA PRO I 68 -49.01 -32.46 5.66
C PRO I 68 -47.99 -32.59 4.54
N GLN I 69 -46.85 -31.87 4.64
CA GLN I 69 -45.70 -32.04 3.67
C GLN I 69 -45.21 -33.47 3.63
N CYS I 70 -45.50 -34.29 4.63
CA CYS I 70 -44.87 -35.64 4.70
C CYS I 70 -45.87 -36.75 4.39
N ASP I 71 -47.09 -36.36 3.97
CA ASP I 71 -48.16 -37.33 3.82
C ASP I 71 -47.84 -38.48 2.90
N GLN I 72 -47.08 -38.23 1.85
CA GLN I 72 -46.64 -39.29 0.97
C GLN I 72 -45.53 -40.20 1.50
N PHE I 73 -44.95 -39.92 2.68
CA PHE I 73 -43.75 -40.67 3.10
C PHE I 73 -43.96 -41.37 4.44
N LEU I 74 -45.20 -41.49 4.87
CA LEU I 74 -45.49 -42.02 6.22
C LEU I 74 -45.00 -43.47 6.42
N GLU I 75 -44.88 -44.22 5.35
CA GLU I 75 -44.42 -45.59 5.41
C GLU I 75 -43.42 -45.79 4.30
N PHE I 76 -42.57 -44.80 4.05
CA PHE I 76 -41.63 -44.90 2.94
C PHE I 76 -40.65 -46.08 3.06
N SER I 77 -40.18 -46.45 1.89
CA SER I 77 -39.17 -47.51 1.69
C SER I 77 -38.04 -47.01 0.85
N ALA I 78 -36.77 -47.23 1.23
CA ALA I 78 -35.68 -46.72 0.37
C ALA I 78 -34.33 -47.34 0.68
N ASP I 79 -33.44 -47.30 -0.31
CA ASP I 79 -32.01 -47.61 -0.15
C ASP I 79 -31.22 -46.29 0.06
N LEU I 80 -31.69 -45.19 -0.54
CA LEU I 80 -31.01 -43.90 -0.47
C LEU I 80 -32.01 -42.84 -0.12
N ILE I 81 -31.76 -42.11 0.97
CA ILE I 81 -32.68 -41.08 1.44
C ILE I 81 -32.01 -39.72 1.31
N ILE I 82 -32.68 -38.77 0.65
CA ILE I 82 -32.09 -37.46 0.49
C ILE I 82 -32.87 -36.38 1.24
N GLU I 83 -32.24 -35.73 2.22
CA GLU I 83 -32.85 -34.57 2.87
C GLU I 83 -32.46 -33.29 2.18
N ARG I 84 -33.39 -32.34 2.23
CA ARG I 84 -33.24 -31.01 1.55
C ARG I 84 -33.35 -29.91 2.55
N ARG I 85 -32.73 -28.80 2.24
CA ARG I 85 -32.78 -27.63 3.13
C ARG I 85 -34.22 -27.06 3.39
N GLU I 86 -35.09 -27.12 2.42
CA GLU I 86 -36.48 -26.67 2.59
C GLU I 86 -37.29 -27.64 3.43
N GLY I 87 -36.75 -28.81 3.77
CA GLY I 87 -37.49 -29.78 4.58
C GLY I 87 -37.83 -29.25 5.99
N SER I 88 -39.08 -29.41 6.42
CA SER I 88 -39.50 -29.12 7.80
C SER I 88 -40.16 -30.35 8.39
N ASP I 89 -39.76 -30.64 9.62
CA ASP I 89 -40.28 -31.74 10.44
C ASP I 89 -41.66 -31.41 11.03
N VAL I 90 -42.08 -30.19 10.89
CA VAL I 90 -43.11 -29.67 11.76
C VAL I 90 -44.21 -28.95 10.97
N CYS I 91 -45.42 -28.82 11.56
CA CYS I 91 -46.42 -27.90 11.04
C CYS I 91 -46.80 -26.89 12.14
N TYR I 92 -47.37 -27.40 13.23
CA TYR I 92 -47.40 -26.61 14.46
C TYR I 92 -45.97 -26.41 14.96
N PRO I 93 -45.65 -25.23 15.46
CA PRO I 93 -44.23 -24.94 15.76
C PRO I 93 -43.76 -25.81 16.89
N GLY I 94 -42.49 -26.14 16.84
CA GLY I 94 -41.82 -26.83 17.89
C GLY I 94 -40.64 -27.59 17.28
N LYS I 95 -40.20 -28.63 17.96
CA LYS I 95 -39.09 -29.44 17.44
C LYS I 95 -39.01 -30.76 18.16
N PHE I 96 -38.21 -31.68 17.61
CA PHE I 96 -37.82 -32.87 18.33
C PHE I 96 -36.72 -32.63 19.33
N VAL I 97 -36.85 -33.23 20.51
CA VAL I 97 -35.77 -33.38 21.44
C VAL I 97 -34.89 -34.58 21.06
N ASN I 98 -33.58 -34.42 21.24
CA ASN I 98 -32.63 -35.40 20.81
C ASN I 98 -32.74 -35.70 19.33
N GLU I 99 -32.76 -34.66 18.56
CA GLU I 99 -33.16 -34.74 17.20
C GLU I 99 -32.12 -35.37 16.29
N GLU I 100 -30.85 -35.13 16.55
CA GLU I 100 -29.84 -35.64 15.60
C GLU I 100 -29.66 -37.14 15.70
N ALA I 101 -29.70 -37.68 16.89
CA ALA I 101 -29.63 -39.12 17.06
C ALA I 101 -30.78 -39.78 16.28
N LEU I 102 -31.98 -39.21 16.34
CA LEU I 102 -33.09 -39.80 15.64
C LEU I 102 -32.90 -39.69 14.15
N ARG I 103 -32.35 -38.56 13.66
CA ARG I 103 -32.10 -38.47 12.26
C ARG I 103 -31.14 -39.54 11.82
N GLN I 104 -30.13 -39.81 12.64
CA GLN I 104 -29.12 -40.77 12.28
C GLN I 104 -29.72 -42.20 12.25
N ILE I 105 -30.59 -42.50 13.18
CA ILE I 105 -31.28 -43.78 13.20
C ILE I 105 -32.14 -43.93 11.92
N LEU I 106 -32.85 -42.86 11.53
CA LEU I 106 -33.74 -42.93 10.35
C LEU I 106 -33.04 -42.92 9.02
N ARG I 107 -31.92 -42.22 8.91
CA ARG I 107 -31.15 -42.25 7.67
C ARG I 107 -30.71 -43.67 7.23
N GLU I 108 -30.39 -44.53 8.18
CA GLU I 108 -29.90 -45.89 7.87
C GLU I 108 -31.04 -46.92 7.95
N SER I 109 -32.30 -46.48 8.05
CA SER I 109 -33.40 -47.39 8.46
C SER I 109 -33.97 -48.29 7.37
N GLY I 110 -33.73 -47.96 6.10
CA GLY I 110 -34.45 -48.56 5.00
C GLY I 110 -35.85 -47.97 4.86
N GLY I 111 -36.23 -47.07 5.73
CA GLY I 111 -37.62 -46.57 5.78
C GLY I 111 -38.35 -47.18 6.94
N ILE I 112 -39.66 -46.88 7.03
CA ILE I 112 -40.42 -47.24 8.22
C ILE I 112 -41.72 -47.87 7.78
N ASP I 113 -42.16 -48.84 8.58
CA ASP I 113 -43.49 -49.46 8.50
C ASP I 113 -44.22 -49.04 9.76
N LYS I 114 -45.41 -48.47 9.62
CA LYS I 114 -46.14 -48.02 10.76
C LYS I 114 -47.14 -49.06 11.27
N GLU I 115 -47.40 -49.10 12.57
CA GLU I 115 -48.41 -50.01 13.14
C GLU I 115 -49.27 -49.28 14.14
N ALA I 116 -50.59 -49.47 14.09
CA ALA I 116 -51.54 -48.87 15.01
C ALA I 116 -51.20 -49.27 16.44
N MET I 117 -51.28 -48.31 17.37
CA MET I 117 -50.93 -48.61 18.75
C MET I 117 -52.17 -49.01 19.53
N GLY I 118 -53.37 -48.77 18.97
CA GLY I 118 -54.59 -49.26 19.55
C GLY I 118 -55.15 -48.45 20.68
N PHE I 119 -54.68 -47.22 20.87
CA PHE I 119 -55.28 -46.41 21.94
C PHE I 119 -56.62 -45.93 21.52
N THR I 120 -57.58 -45.97 22.46
CA THR I 120 -58.87 -45.32 22.27
C THR I 120 -59.17 -44.54 23.56
N TYR I 121 -60.12 -43.62 23.49
CA TYR I 121 -60.28 -42.68 24.54
C TYR I 121 -61.73 -42.51 24.87
N SER I 122 -62.02 -42.24 26.12
CA SER I 122 -63.38 -41.77 26.45
C SER I 122 -63.25 -40.64 27.49
N GLY I 123 -64.25 -39.78 27.52
CA GLY I 123 -64.26 -38.64 28.44
C GLY I 123 -63.41 -37.47 28.00
N ILE I 124 -62.83 -37.55 26.79
CA ILE I 124 -62.05 -36.42 26.25
C ILE I 124 -62.29 -36.25 24.75
N ARG I 125 -61.84 -35.12 24.20
CA ARG I 125 -61.91 -34.90 22.76
C ARG I 125 -60.55 -35.37 22.27
N THR I 126 -60.54 -35.68 20.98
CA THR I 126 -59.44 -36.23 20.32
C THR I 126 -59.13 -35.41 19.01
N ASN I 127 -59.91 -34.39 18.76
CA ASN I 127 -59.95 -33.69 17.49
C ASN I 127 -59.25 -32.33 17.51
N GLY I 128 -58.26 -32.14 18.37
CA GLY I 128 -57.53 -30.87 18.34
C GLY I 128 -56.97 -30.68 16.96
N ALA I 129 -57.00 -29.44 16.49
CA ALA I 129 -56.61 -29.11 15.12
C ALA I 129 -56.07 -27.69 15.09
N THR I 130 -55.37 -27.31 14.02
CA THR I 130 -54.81 -25.98 13.94
C THR I 130 -54.68 -25.58 12.50
N SER I 131 -54.74 -24.28 12.27
CA SER I 131 -54.54 -23.73 10.96
C SER I 131 -53.10 -23.83 10.49
N ALA I 132 -52.16 -24.11 11.39
CA ALA I 132 -50.77 -24.31 10.98
C ALA I 132 -50.56 -25.66 10.27
N CYS I 133 -51.50 -26.60 10.38
CA CYS I 133 -51.37 -27.94 9.74
C CYS I 133 -52.58 -28.02 8.77
N ARG I 134 -52.36 -27.55 7.56
CA ARG I 134 -53.42 -27.39 6.60
C ARG I 134 -53.57 -28.63 5.72
N ARG I 135 -54.78 -29.21 5.72
CA ARG I 135 -55.18 -30.22 4.74
C ARG I 135 -56.46 -29.79 4.05
N SER I 136 -57.58 -30.32 4.43
CA SER I 136 -58.82 -29.71 3.90
C SER I 136 -59.40 -28.81 4.97
N GLY I 137 -58.70 -27.71 5.20
CA GLY I 137 -58.88 -26.86 6.37
C GLY I 137 -57.94 -27.25 7.50
N SER I 138 -58.21 -26.77 8.69
CA SER I 138 -57.43 -27.04 9.86
C SER I 138 -57.32 -28.53 10.12
N SER I 139 -56.14 -28.96 10.51
CA SER I 139 -55.92 -30.38 10.75
C SER I 139 -54.79 -30.54 11.76
N PHE I 140 -54.14 -31.70 11.73
CA PHE I 140 -53.11 -31.98 12.66
C PHE I 140 -52.16 -33.07 12.15
N TYR I 141 -51.07 -33.33 12.88
CA TYR I 141 -50.14 -34.42 12.49
C TYR I 141 -50.91 -35.71 12.23
N ALA I 142 -50.64 -36.36 11.11
CA ALA I 142 -51.33 -37.59 10.74
C ALA I 142 -51.14 -38.73 11.69
N GLU I 143 -50.00 -38.79 12.39
CA GLU I 143 -49.72 -39.89 13.29
C GLU I 143 -49.95 -39.60 14.76
N MET I 144 -50.56 -38.48 15.11
CA MET I 144 -50.71 -38.07 16.51
C MET I 144 -52.13 -37.60 16.77
N LYS I 145 -52.48 -37.49 18.02
CA LYS I 145 -53.76 -36.92 18.37
C LYS I 145 -53.57 -35.89 19.45
N TRP I 146 -54.16 -34.73 19.22
CA TRP I 146 -54.17 -33.64 20.16
C TRP I 146 -55.36 -33.84 21.05
N LEU I 147 -55.09 -34.40 22.24
CA LEU I 147 -56.11 -34.70 23.24
C LEU I 147 -56.49 -33.46 24.05
N LEU I 148 -57.78 -33.23 24.20
CA LEU I 148 -58.34 -32.01 24.77
C LEU I 148 -59.38 -32.45 25.78
N SER I 149 -59.65 -31.59 26.73
CA SER I 149 -60.76 -31.78 27.65
C SER I 149 -62.04 -31.72 26.83
N ASN I 150 -63.02 -32.42 27.35
CA ASN I 150 -64.29 -32.57 26.68
C ASN I 150 -64.96 -31.27 26.22
N THR I 151 -64.76 -30.24 26.98
CA THR I 151 -65.28 -28.95 26.65
C THR I 151 -64.29 -27.89 27.18
N ASP I 152 -64.41 -26.65 26.74
CA ASP I 152 -63.51 -25.58 27.16
C ASP I 152 -63.47 -25.52 28.66
N ASN I 153 -62.27 -25.49 29.23
CA ASN I 153 -62.08 -25.41 30.66
C ASN I 153 -62.36 -26.64 31.48
N ALA I 154 -62.95 -27.66 30.90
CA ALA I 154 -63.33 -28.81 31.74
C ALA I 154 -62.13 -29.62 32.16
N ALA I 155 -62.29 -30.34 33.26
CA ALA I 155 -61.14 -31.12 33.80
C ALA I 155 -60.78 -32.30 32.87
N PHE I 156 -59.50 -32.59 32.79
CA PHE I 156 -58.98 -33.59 31.92
C PHE I 156 -58.66 -34.75 32.83
N PRO I 157 -59.28 -35.92 32.59
CA PRO I 157 -59.17 -37.00 33.53
C PRO I 157 -57.74 -37.53 33.51
N GLN I 158 -57.28 -37.98 34.66
CA GLN I 158 -56.02 -38.68 34.74
C GLN I 158 -56.10 -39.95 33.92
N MET I 159 -55.12 -40.22 33.05
CA MET I 159 -55.26 -41.33 32.08
C MET I 159 -53.99 -42.11 32.03
N THR I 160 -54.12 -43.37 31.69
CA THR I 160 -53.00 -44.26 31.43
C THR I 160 -53.24 -45.10 30.16
N LYS I 161 -52.23 -45.21 29.32
CA LYS I 161 -52.37 -45.96 28.09
C LYS I 161 -51.05 -46.70 27.96
N SER I 162 -51.14 -47.96 27.53
CA SER I 162 -49.98 -48.83 27.37
C SER I 162 -49.99 -49.52 26.03
N TYR I 163 -48.82 -49.72 25.49
CA TYR I 163 -48.66 -50.40 24.25
C TYR I 163 -47.49 -51.36 24.38
N LYS I 164 -47.70 -52.58 23.93
CA LYS I 164 -46.66 -53.60 23.90
C LYS I 164 -46.15 -53.86 22.50
N ASN I 165 -44.85 -53.93 22.35
CA ASN I 165 -44.22 -54.30 21.07
C ASN I 165 -44.17 -55.85 20.89
N THR I 166 -45.13 -56.36 20.11
CA THR I 166 -45.30 -57.77 19.74
C THR I 166 -44.29 -58.20 18.71
N ARG I 167 -43.62 -57.28 18.04
CA ARG I 167 -42.74 -57.65 16.93
C ARG I 167 -41.34 -58.04 17.41
N LYS I 168 -40.50 -58.46 16.49
CA LYS I 168 -39.17 -58.98 16.79
C LYS I 168 -38.11 -57.94 16.64
N SER I 169 -38.53 -56.70 16.35
CA SER I 169 -37.68 -55.55 16.09
C SER I 169 -38.01 -54.38 17.06
N PRO I 170 -37.07 -53.42 17.31
CA PRO I 170 -37.42 -52.40 18.27
C PRO I 170 -38.41 -51.45 17.65
N ALA I 171 -39.39 -51.04 18.40
CA ALA I 171 -40.39 -50.06 17.92
C ALA I 171 -39.94 -48.62 18.25
N LEU I 172 -39.99 -47.75 17.26
CA LEU I 172 -39.83 -46.29 17.51
C LEU I 172 -41.16 -45.68 17.98
N ILE I 173 -41.17 -45.22 19.22
CA ILE I 173 -42.31 -44.57 19.84
C ILE I 173 -42.09 -43.09 20.00
N VAL I 174 -43.03 -42.28 19.54
CA VAL I 174 -42.88 -40.83 19.61
C VAL I 174 -44.11 -40.23 20.26
N TRP I 175 -43.94 -39.18 21.06
CA TRP I 175 -45.07 -38.44 21.67
C TRP I 175 -44.68 -36.96 21.75
N GLY I 176 -45.64 -36.13 22.12
CA GLY I 176 -45.47 -34.68 22.15
C GLY I 176 -45.94 -34.09 23.44
N ILE I 177 -45.37 -32.93 23.76
CA ILE I 177 -45.78 -32.16 24.94
C ILE I 177 -46.16 -30.83 24.40
N HIS I 178 -47.37 -30.35 24.77
CA HIS I 178 -47.83 -29.04 24.34
C HIS I 178 -47.59 -27.95 25.40
N HIS I 179 -46.85 -26.94 24.99
CA HIS I 179 -46.47 -25.77 25.80
C HIS I 179 -47.28 -24.63 25.30
N SER I 180 -48.36 -24.34 26.00
CA SER I 180 -49.30 -23.29 25.58
C SER I 180 -48.63 -21.90 25.72
N VAL I 181 -49.24 -20.93 25.06
CA VAL I 181 -48.81 -19.55 25.20
C VAL I 181 -48.97 -18.95 26.62
N SER I 182 -49.93 -19.44 27.39
CA SER I 182 -50.30 -18.85 28.68
C SER I 182 -51.05 -19.90 29.52
N THR I 183 -51.06 -19.69 30.82
CA THR I 183 -51.78 -20.60 31.70
C THR I 183 -53.30 -20.49 31.43
N ALA I 184 -53.78 -19.34 31.01
CA ALA I 184 -55.14 -19.20 30.51
C ALA I 184 -55.51 -20.18 29.35
N GLU I 185 -54.74 -20.18 28.26
CA GLU I 185 -54.95 -21.12 27.15
C GLU I 185 -54.81 -22.55 27.65
N GLN I 186 -53.79 -22.85 28.45
CA GLN I 186 -53.60 -24.21 28.93
C GLN I 186 -54.87 -24.70 29.66
N THR I 187 -55.50 -23.79 30.37
CA THR I 187 -56.73 -24.05 31.10
C THR I 187 -57.90 -24.27 30.19
N LYS I 188 -58.10 -23.38 29.23
CA LYS I 188 -59.11 -23.62 28.19
C LYS I 188 -59.00 -25.07 27.58
N LEU I 189 -57.80 -25.51 27.21
CA LEU I 189 -57.61 -26.78 26.51
C LEU I 189 -57.70 -28.00 27.42
N TYR I 190 -57.17 -27.94 28.61
CA TYR I 190 -56.96 -29.15 29.44
C TYR I 190 -57.49 -29.02 30.86
N GLY I 191 -58.15 -27.92 31.18
CA GLY I 191 -58.61 -27.69 32.54
C GLY I 191 -57.48 -27.10 33.37
N SER I 192 -57.83 -26.35 34.41
CA SER I 192 -56.82 -25.73 35.24
C SER I 192 -56.02 -26.79 36.04
N GLY I 193 -54.95 -26.34 36.67
CA GLY I 193 -54.17 -27.21 37.56
C GLY I 193 -52.87 -27.64 36.92
N ASN I 194 -52.02 -28.26 37.72
CA ASN I 194 -50.71 -28.68 37.26
C ASN I 194 -50.77 -29.90 36.33
N LYS I 195 -50.02 -29.83 35.24
CA LYS I 195 -50.07 -30.83 34.23
C LYS I 195 -48.78 -31.66 34.25
N LEU I 196 -48.93 -32.97 34.09
CA LEU I 196 -47.82 -33.90 34.19
C LEU I 196 -47.99 -35.05 33.21
N VAL I 197 -46.89 -35.40 32.53
CA VAL I 197 -46.88 -36.55 31.62
C VAL I 197 -45.71 -37.44 31.99
N THR I 198 -46.00 -38.70 32.31
CA THR I 198 -44.97 -39.65 32.63
C THR I 198 -44.96 -40.78 31.61
N VAL I 199 -43.74 -41.22 31.27
CA VAL I 199 -43.55 -42.17 30.25
C VAL I 199 -42.57 -43.18 30.75
N GLY I 200 -42.93 -44.45 30.70
CA GLY I 200 -42.15 -45.52 31.24
C GLY I 200 -42.15 -46.76 30.39
N SER I 201 -40.97 -47.32 30.26
CA SER I 201 -40.85 -48.70 29.86
C SER I 201 -40.06 -49.47 30.93
N SER I 202 -39.59 -50.66 30.57
CA SER I 202 -38.76 -51.38 31.50
C SER I 202 -37.35 -50.76 31.58
N ASN I 203 -36.95 -49.95 30.58
CA ASN I 203 -35.59 -49.33 30.49
C ASN I 203 -35.55 -47.82 30.37
N TYR I 204 -36.68 -47.17 30.62
CA TYR I 204 -36.78 -45.76 30.40
C TYR I 204 -37.86 -45.29 31.37
N GLN I 205 -37.60 -44.19 32.07
CA GLN I 205 -38.69 -43.39 32.69
C GLN I 205 -38.24 -41.96 32.67
N GLN I 206 -39.19 -41.11 32.34
CA GLN I 206 -38.99 -39.69 32.34
C GLN I 206 -40.34 -39.04 32.55
N SER I 207 -40.27 -37.85 33.13
CA SER I 207 -41.42 -36.99 33.47
C SER I 207 -41.34 -35.72 32.60
N PHE I 208 -42.48 -35.15 32.22
CA PHE I 208 -42.53 -33.92 31.45
C PHE I 208 -43.60 -33.02 32.04
N VAL I 209 -43.26 -31.77 32.22
CA VAL I 209 -44.22 -30.77 32.69
C VAL I 209 -44.29 -29.73 31.60
N PRO I 210 -45.48 -29.47 31.06
CA PRO I 210 -45.49 -28.36 30.11
C PRO I 210 -45.06 -27.05 30.80
N SER I 211 -44.53 -26.12 30.04
CA SER I 211 -44.23 -24.81 30.59
C SER I 211 -44.87 -23.67 29.75
N PRO I 212 -46.09 -23.27 30.09
CA PRO I 212 -46.76 -22.27 29.31
C PRO I 212 -46.09 -20.92 29.47
N GLY I 213 -46.22 -20.07 28.46
CA GLY I 213 -45.57 -18.76 28.55
C GLY I 213 -45.28 -18.17 27.20
N ALA I 214 -45.20 -16.85 27.19
CA ALA I 214 -45.21 -16.10 25.96
C ALA I 214 -43.84 -16.24 25.29
N ARG I 215 -43.90 -16.30 23.97
CA ARG I 215 -42.71 -16.38 23.13
C ARG I 215 -43.14 -15.87 21.80
N PRO I 216 -42.19 -15.71 20.87
CA PRO I 216 -42.53 -15.16 19.56
C PRO I 216 -43.48 -16.07 18.76
N GLN I 217 -44.33 -15.41 17.99
CA GLN I 217 -45.17 -16.07 17.00
C GLN I 217 -44.30 -16.73 15.95
N VAL I 218 -44.59 -17.99 15.66
CA VAL I 218 -44.07 -18.67 14.49
C VAL I 218 -45.36 -19.13 13.76
N ASN I 219 -45.53 -18.72 12.49
CA ASN I 219 -46.76 -19.05 11.71
C ASN I 219 -47.98 -18.42 12.36
N GLY I 220 -47.84 -17.23 12.94
CA GLY I 220 -48.85 -16.64 13.80
C GLY I 220 -49.08 -17.26 15.18
N LEU I 221 -48.36 -18.32 15.56
CA LEU I 221 -48.64 -19.04 16.83
C LEU I 221 -47.49 -18.98 17.82
N SER I 222 -47.86 -18.77 19.07
CA SER I 222 -46.88 -18.66 20.12
C SER I 222 -46.74 -19.93 20.94
N GLY I 223 -47.65 -20.88 20.76
CA GLY I 223 -47.49 -22.19 21.35
C GLY I 223 -46.41 -23.02 20.70
N ARG I 224 -45.98 -24.06 21.39
CA ARG I 224 -45.03 -25.03 20.83
C ARG I 224 -45.49 -26.45 21.15
N ILE I 225 -45.25 -27.39 20.23
CA ILE I 225 -45.33 -28.82 20.53
C ILE I 225 -43.95 -29.44 20.30
N ASP I 226 -43.34 -29.87 21.36
CA ASP I 226 -42.09 -30.58 21.21
C ASP I 226 -42.21 -32.14 21.35
N PHE I 227 -41.48 -32.80 20.48
CA PHE I 227 -41.56 -34.24 20.30
C PHE I 227 -40.38 -34.99 20.91
N HIS I 228 -40.70 -36.12 21.57
CA HIS I 228 -39.77 -36.96 22.29
C HIS I 228 -39.94 -38.42 21.81
N TRP I 229 -38.88 -39.21 21.91
CA TRP I 229 -38.91 -40.54 21.35
C TRP I 229 -38.15 -41.53 22.18
N LEU I 230 -38.46 -42.79 21.97
CA LEU I 230 -37.65 -43.89 22.53
C LEU I 230 -37.78 -45.12 21.63
N MET I 231 -36.86 -46.04 21.81
CA MET I 231 -36.81 -47.34 21.15
C MET I 231 -37.37 -48.36 22.13
N LEU I 232 -38.50 -48.96 21.79
CA LEU I 232 -39.12 -49.95 22.67
C LEU I 232 -38.68 -51.35 22.20
N ASN I 233 -37.99 -52.06 23.08
CA ASN I 233 -37.59 -53.43 22.80
C ASN I 233 -38.72 -54.45 22.54
N PRO I 234 -38.44 -55.44 21.67
CA PRO I 234 -39.36 -56.60 21.50
C PRO I 234 -39.82 -57.15 22.80
N ASN I 235 -41.14 -57.34 22.93
CA ASN I 235 -41.76 -57.85 24.12
C ASN I 235 -41.87 -56.86 25.28
N ASP I 236 -41.27 -55.69 25.17
CA ASP I 236 -41.44 -54.68 26.23
C ASP I 236 -42.74 -53.84 26.01
N THR I 237 -43.18 -53.17 27.08
CA THR I 237 -44.31 -52.28 27.06
C THR I 237 -43.86 -50.84 27.38
N VAL I 238 -44.53 -49.89 26.73
CA VAL I 238 -44.44 -48.49 27.12
C VAL I 238 -45.80 -48.05 27.69
N THR I 239 -45.75 -47.26 28.76
CA THR I 239 -46.92 -46.74 29.39
C THR I 239 -46.81 -45.23 29.52
N PHE I 240 -47.88 -44.57 29.15
CA PHE I 240 -47.99 -43.14 29.22
C PHE I 240 -49.03 -42.83 30.28
N SER I 241 -48.70 -41.92 31.20
CA SER I 241 -49.66 -41.46 32.21
C SER I 241 -49.74 -39.94 32.17
N PHE I 242 -50.90 -39.35 32.12
CA PHE I 242 -50.99 -37.94 31.75
C PHE I 242 -52.36 -37.39 32.09
N ASN I 243 -52.41 -36.06 32.33
CA ASN I 243 -53.67 -35.36 32.59
C ASN I 243 -53.83 -34.12 31.73
N GLY I 244 -53.13 -34.12 30.60
CA GLY I 244 -53.25 -33.03 29.61
C GLY I 244 -51.90 -32.66 29.06
N ALA I 245 -51.92 -31.70 28.13
CA ALA I 245 -50.76 -31.25 27.41
C ALA I 245 -49.96 -32.37 26.75
N PHE I 246 -50.65 -33.42 26.40
CA PHE I 246 -50.10 -34.62 25.78
C PHE I 246 -50.59 -34.81 24.36
N ILE I 247 -49.64 -34.95 23.43
CA ILE I 247 -49.93 -35.20 22.05
C ILE I 247 -49.61 -36.68 21.88
N ALA I 248 -50.63 -37.50 21.69
CA ALA I 248 -50.50 -38.98 21.78
C ALA I 248 -50.23 -39.60 20.45
N PRO I 249 -49.40 -40.64 20.42
CA PRO I 249 -49.19 -41.37 19.19
C PRO I 249 -50.36 -42.24 18.83
N ASP I 250 -50.62 -42.32 17.54
CA ASP I 250 -51.59 -43.22 16.98
C ASP I 250 -50.90 -44.47 16.50
N ARG I 251 -49.65 -44.33 16.06
CA ARG I 251 -48.93 -45.45 15.49
C ARG I 251 -47.47 -45.50 15.90
N ALA I 252 -46.94 -46.71 15.96
CA ALA I 252 -45.47 -46.91 16.18
C ALA I 252 -44.82 -47.16 14.84
N SER I 253 -43.53 -46.95 14.79
CA SER I 253 -42.79 -47.17 13.59
C SER I 253 -41.73 -48.28 13.77
N PHE I 254 -41.57 -49.13 12.74
CA PHE I 254 -40.56 -50.18 12.71
C PHE I 254 -39.67 -49.92 11.52
N LEU I 255 -38.37 -50.07 11.73
CA LEU I 255 -37.39 -49.81 10.70
C LEU I 255 -37.35 -50.96 9.73
N ARG I 256 -37.20 -50.68 8.43
CA ARG I 256 -37.41 -51.71 7.42
C ARG I 256 -36.18 -52.57 7.15
N GLY I 257 -35.00 -52.00 7.18
CA GLY I 257 -33.83 -52.72 6.72
C GLY I 257 -32.62 -51.83 6.78
N LYS I 258 -32.10 -51.43 5.62
CA LYS I 258 -30.85 -50.71 5.54
C LYS I 258 -30.91 -49.66 4.47
N SER I 259 -30.31 -48.52 4.72
CA SER I 259 -30.23 -47.46 3.74
C SER I 259 -29.07 -46.58 4.11
N MET I 260 -28.86 -45.61 3.27
CA MET I 260 -27.92 -44.57 3.54
C MET I 260 -28.70 -43.24 3.35
N GLY I 261 -28.40 -42.24 4.17
CA GLY I 261 -29.04 -40.96 4.07
C GLY I 261 -28.07 -39.84 3.87
N ILE I 262 -28.43 -38.91 3.02
CA ILE I 262 -27.57 -37.75 2.80
C ILE I 262 -28.34 -36.49 2.82
N GLN I 263 -27.58 -35.38 2.88
CA GLN I 263 -28.12 -34.06 2.79
C GLN I 263 -27.60 -33.42 1.55
N SER I 264 -28.47 -32.87 0.72
CA SER I 264 -28.00 -32.37 -0.56
C SER I 264 -28.78 -31.23 -1.12
N GLY I 265 -28.10 -30.41 -1.92
CA GLY I 265 -28.70 -29.32 -2.64
C GLY I 265 -28.67 -29.45 -4.18
N VAL I 266 -28.38 -30.63 -4.72
CA VAL I 266 -28.42 -30.84 -6.19
C VAL I 266 -29.42 -31.90 -6.59
N GLN I 267 -29.80 -31.91 -7.87
CA GLN I 267 -30.74 -32.91 -8.39
C GLN I 267 -30.27 -34.36 -8.40
N VAL I 268 -31.26 -35.25 -8.42
CA VAL I 268 -31.07 -36.69 -8.51
C VAL I 268 -30.82 -37.00 -9.98
N ASP I 269 -30.02 -38.02 -10.25
CA ASP I 269 -29.81 -38.51 -11.62
C ASP I 269 -29.78 -40.01 -11.60
N ALA I 270 -30.89 -40.62 -12.03
CA ALA I 270 -31.07 -42.05 -11.96
C ALA I 270 -30.29 -42.79 -13.06
N ASN I 271 -29.62 -42.05 -13.93
CA ASN I 271 -28.84 -42.65 -15.01
C ASN I 271 -27.38 -42.91 -14.69
N CYS I 272 -26.83 -42.27 -13.65
CA CYS I 272 -25.43 -42.50 -13.23
C CYS I 272 -25.42 -43.26 -11.91
N GLU I 273 -24.46 -44.16 -11.77
CA GLU I 273 -24.33 -44.99 -10.57
C GLU I 273 -23.24 -44.40 -9.69
N GLY I 274 -23.37 -44.51 -8.39
CA GLY I 274 -22.31 -44.00 -7.52
C GLY I 274 -22.54 -44.42 -6.11
N ASP I 275 -21.50 -44.29 -5.29
CA ASP I 275 -21.52 -44.73 -3.87
C ASP I 275 -20.94 -43.72 -2.88
N CYS I 276 -20.40 -42.61 -3.37
CA CYS I 276 -19.79 -41.61 -2.51
C CYS I 276 -20.47 -40.32 -2.75
N TYR I 277 -21.12 -39.77 -1.71
CA TYR I 277 -21.94 -38.59 -1.85
C TYR I 277 -21.50 -37.47 -0.92
N HIS I 278 -21.67 -36.24 -1.38
CA HIS I 278 -21.67 -35.11 -0.46
C HIS I 278 -22.79 -34.14 -0.86
N SER I 279 -22.89 -32.98 -0.19
CA SER I 279 -24.01 -32.12 -0.49
C SER I 279 -24.04 -31.56 -1.89
N GLY I 280 -22.88 -31.44 -2.48
CA GLY I 280 -22.78 -30.89 -3.85
C GLY I 280 -22.76 -31.94 -4.93
N GLY I 281 -22.97 -33.22 -4.63
CA GLY I 281 -22.93 -34.23 -5.68
C GLY I 281 -22.35 -35.60 -5.34
N THR I 282 -21.81 -36.27 -6.36
CA THR I 282 -21.31 -37.64 -6.27
C THR I 282 -19.84 -37.66 -6.71
N ILE I 283 -19.02 -38.35 -5.94
CA ILE I 283 -17.61 -38.50 -6.24
C ILE I 283 -17.48 -39.91 -6.86
N ILE I 284 -17.31 -39.99 -8.18
CA ILE I 284 -17.12 -41.23 -8.86
C ILE I 284 -15.64 -41.36 -9.16
N SER I 285 -14.97 -42.33 -8.51
CA SER I 285 -13.52 -42.39 -8.54
C SER I 285 -13.04 -43.70 -7.99
N ASN I 286 -11.95 -44.20 -8.55
CA ASN I 286 -11.17 -45.24 -7.92
C ASN I 286 -9.90 -44.74 -7.26
N LEU I 287 -9.69 -43.43 -7.26
CA LEU I 287 -8.45 -42.93 -6.66
C LEU I 287 -8.57 -43.13 -5.18
N PRO I 288 -7.44 -43.35 -4.51
CA PRO I 288 -7.54 -43.63 -3.10
C PRO I 288 -7.85 -42.41 -2.27
N PHE I 289 -7.67 -41.22 -2.85
CA PHE I 289 -7.81 -39.98 -2.07
C PHE I 289 -8.72 -39.01 -2.79
N GLN I 290 -9.31 -38.07 -2.05
CA GLN I 290 -10.10 -36.99 -2.64
C GLN I 290 -9.94 -35.69 -1.85
N ASN I 291 -10.05 -34.55 -2.56
CA ASN I 291 -9.90 -33.23 -1.95
C ASN I 291 -11.21 -32.40 -2.17
N ILE I 292 -12.34 -33.08 -2.27
CA ILE I 292 -13.60 -32.42 -2.64
C ILE I 292 -14.43 -31.98 -1.42
N ASP I 293 -14.67 -32.90 -0.50
CA ASP I 293 -15.47 -32.62 0.68
C ASP I 293 -15.13 -33.55 1.83
N SER I 294 -14.67 -33.00 2.93
CA SER I 294 -14.24 -33.81 4.05
C SER I 294 -15.42 -34.51 4.73
N ARG I 295 -16.64 -34.19 4.35
CA ARG I 295 -17.80 -34.81 5.02
C ARG I 295 -18.55 -35.71 4.05
N ALA I 296 -17.93 -36.06 2.94
CA ALA I 296 -18.48 -37.01 2.00
C ALA I 296 -18.81 -38.30 2.72
N VAL I 297 -19.87 -39.00 2.31
CA VAL I 297 -20.23 -40.23 2.95
C VAL I 297 -20.54 -41.32 1.97
N GLY I 298 -20.63 -42.56 2.47
CA GLY I 298 -20.83 -43.73 1.62
C GLY I 298 -19.48 -44.44 1.62
N LYS I 299 -19.08 -44.95 0.47
CA LYS I 299 -17.81 -45.68 0.33
C LYS I 299 -16.93 -44.79 -0.52
N CYS I 300 -15.98 -44.12 0.12
CA CYS I 300 -15.33 -42.95 -0.42
C CYS I 300 -13.78 -43.11 -0.42
N PRO I 301 -13.09 -42.44 -1.37
CA PRO I 301 -11.67 -42.18 -1.23
C PRO I 301 -11.51 -41.40 0.05
N ARG I 302 -10.33 -41.46 0.67
CA ARG I 302 -10.17 -40.72 1.91
C ARG I 302 -9.86 -39.27 1.61
N TYR I 303 -10.41 -38.40 2.43
CA TYR I 303 -10.22 -36.98 2.28
C TYR I 303 -8.80 -36.59 2.63
N VAL I 304 -8.16 -35.83 1.76
CA VAL I 304 -6.85 -35.25 2.12
C VAL I 304 -6.86 -33.76 1.83
N LYS I 305 -5.93 -33.04 2.46
CA LYS I 305 -5.85 -31.61 2.35
C LYS I 305 -5.24 -31.19 1.03
N GLN I 306 -4.43 -32.04 0.44
CA GLN I 306 -3.64 -31.61 -0.73
C GLN I 306 -4.58 -31.71 -1.92
N ARG I 307 -4.42 -30.81 -2.88
CA ARG I 307 -5.21 -30.86 -4.11
C ARG I 307 -4.67 -31.88 -5.11
N SER I 308 -3.37 -32.19 -5.04
CA SER I 308 -2.76 -33.06 -6.03
C SER I 308 -1.55 -33.78 -5.51
N LEU I 309 -1.44 -35.07 -5.81
CA LEU I 309 -0.24 -35.86 -5.50
C LEU I 309 0.00 -36.85 -6.62
N LEU I 310 1.04 -36.61 -7.39
CA LEU I 310 1.28 -37.40 -8.56
C LEU I 310 2.11 -38.60 -8.28
N LEU I 311 1.63 -39.71 -8.79
CA LEU I 311 2.28 -40.99 -8.67
C LEU I 311 3.01 -41.31 -9.98
N ALA I 312 4.31 -41.53 -9.93
CA ALA I 312 5.07 -41.78 -11.14
C ALA I 312 4.64 -43.11 -11.72
N THR I 313 4.45 -43.15 -13.04
CA THR I 313 4.17 -44.40 -13.76
C THR I 313 5.24 -44.67 -14.81
N GLY I 314 6.35 -43.94 -14.72
CA GLY I 314 7.42 -44.13 -15.68
C GLY I 314 8.73 -43.84 -15.01
N MET I 315 9.81 -44.07 -15.77
CA MET I 315 11.14 -43.85 -15.30
C MET I 315 11.53 -42.39 -15.27
N LYS I 316 12.64 -42.09 -14.59
CA LYS I 316 13.18 -40.73 -14.61
C LYS I 316 13.31 -40.27 -16.01
N ASN I 317 13.03 -39.00 -16.25
CA ASN I 317 13.17 -38.46 -17.58
C ASN I 317 14.48 -37.73 -17.72
N VAL I 318 15.33 -38.19 -18.64
CA VAL I 318 16.64 -37.63 -18.79
C VAL I 318 16.84 -37.24 -20.25
N PRO I 319 16.37 -36.05 -20.65
CA PRO I 319 16.51 -35.66 -22.03
C PRO I 319 17.95 -35.24 -22.38
N GLU I 320 18.29 -35.14 -23.66
CA GLU I 320 19.51 -34.40 -24.02
C GLU I 320 19.17 -32.99 -24.50
N PHE J 3 27.12 -35.00 -34.28
CA PHE J 3 28.38 -35.60 -34.82
C PHE J 3 28.20 -37.01 -35.41
N GLY J 4 26.99 -37.52 -35.47
CA GLY J 4 26.70 -38.85 -35.93
C GLY J 4 27.27 -39.89 -34.99
N ALA J 5 27.60 -39.50 -33.76
CA ALA J 5 28.08 -40.45 -32.73
C ALA J 5 26.91 -41.05 -31.90
N ILE J 6 27.27 -42.00 -31.10
CA ILE J 6 26.29 -42.76 -30.36
C ILE J 6 26.71 -43.02 -28.91
N ALA J 7 25.74 -42.94 -27.98
CA ALA J 7 26.02 -43.15 -26.56
C ALA J 7 24.83 -43.76 -25.82
N GLY J 8 25.12 -44.29 -24.65
CA GLY J 8 24.15 -45.08 -23.90
C GLY J 8 23.55 -44.39 -22.71
N PHE J 9 22.98 -45.20 -21.81
CA PHE J 9 22.18 -44.68 -20.72
C PHE J 9 22.96 -43.89 -19.67
N ILE J 10 24.28 -44.06 -19.55
CA ILE J 10 25.00 -43.31 -18.52
C ILE J 10 24.98 -41.81 -18.84
N GLU J 11 24.94 -41.41 -20.11
CA GLU J 11 24.81 -40.00 -20.50
C GLU J 11 23.40 -39.47 -20.40
N ASN J 12 22.46 -40.12 -21.09
CA ASN J 12 21.09 -39.68 -21.07
C ASN J 12 20.16 -40.69 -21.72
N GLY J 13 18.89 -40.36 -21.72
CA GLY J 13 17.85 -41.20 -22.37
C GLY J 13 17.68 -40.76 -23.81
N TRP J 14 17.00 -41.62 -24.58
CA TRP J 14 16.87 -41.45 -26.02
C TRP J 14 15.42 -41.03 -26.32
N GLU J 15 15.22 -39.79 -26.80
CA GLU J 15 13.88 -39.33 -27.18
C GLU J 15 13.37 -40.09 -28.39
N GLY J 16 14.27 -40.63 -29.21
CA GLY J 16 13.88 -41.39 -30.39
C GLY J 16 13.46 -42.82 -30.15
N LEU J 17 13.68 -43.36 -28.95
CA LEU J 17 13.22 -44.69 -28.65
C LEU J 17 11.72 -44.59 -28.26
N ILE J 18 10.82 -44.86 -29.20
CA ILE J 18 9.38 -44.71 -28.99
C ILE J 18 8.61 -46.06 -28.94
N ASP J 19 9.27 -47.18 -29.25
CA ASP J 19 8.70 -48.53 -29.25
C ASP J 19 8.89 -49.28 -27.92
N GLY J 20 9.45 -48.65 -26.90
CA GLY J 20 9.81 -49.40 -25.68
C GLY J 20 10.53 -48.52 -24.67
N TRP J 21 10.80 -49.09 -23.49
CA TRP J 21 11.41 -48.33 -22.42
C TRP J 21 12.92 -48.43 -22.50
N TYR J 22 13.40 -49.60 -22.93
CA TYR J 22 14.83 -49.90 -23.00
C TYR J 22 15.11 -50.40 -24.38
N GLY J 23 16.35 -50.27 -24.82
CA GLY J 23 16.72 -50.67 -26.14
C GLY J 23 18.22 -50.69 -26.48
N PHE J 24 18.50 -51.06 -27.72
CA PHE J 24 19.86 -51.22 -28.23
C PHE J 24 20.06 -50.27 -29.40
N ARG J 25 21.19 -49.59 -29.42
CA ARG J 25 21.53 -48.72 -30.54
C ARG J 25 22.94 -49.16 -30.98
N HIS J 26 23.13 -49.41 -32.25
CA HIS J 26 24.42 -49.92 -32.78
C HIS J 26 24.96 -49.07 -33.89
N GLN J 27 26.25 -49.22 -34.14
CA GLN J 27 26.94 -48.54 -35.20
C GLN J 27 27.99 -49.51 -35.78
N ASN J 28 27.94 -49.70 -37.08
CA ASN J 28 28.87 -50.60 -37.81
C ASN J 28 29.09 -50.01 -39.19
N ALA J 29 29.76 -50.76 -40.07
CA ALA J 29 29.98 -50.35 -41.45
C ALA J 29 28.66 -50.05 -42.21
N GLN J 30 27.60 -50.80 -41.97
CA GLN J 30 26.34 -50.55 -42.66
C GLN J 30 25.56 -49.34 -42.15
N GLY J 31 25.92 -48.79 -40.98
CA GLY J 31 25.26 -47.58 -40.43
C GLY J 31 24.88 -47.71 -38.97
N GLU J 32 23.76 -47.09 -38.61
CA GLU J 32 23.32 -46.98 -37.24
C GLU J 32 21.90 -47.57 -37.24
N GLY J 33 21.49 -48.09 -36.10
CA GLY J 33 20.09 -48.50 -35.89
C GLY J 33 19.77 -48.65 -34.43
N THR J 34 18.47 -48.60 -34.13
CA THR J 34 17.94 -48.69 -32.76
C THR J 34 16.75 -49.65 -32.75
N ALA J 35 16.71 -50.51 -31.73
CA ALA J 35 15.57 -51.39 -31.53
C ALA J 35 15.29 -51.54 -30.03
N ALA J 36 14.00 -51.60 -29.71
CA ALA J 36 13.53 -51.81 -28.36
C ALA J 36 13.79 -53.22 -27.89
N ASP J 37 13.99 -53.39 -26.59
CA ASP J 37 14.02 -54.72 -25.95
C ASP J 37 12.65 -54.93 -25.29
N TYR J 38 11.94 -55.96 -25.77
CA TYR J 38 10.59 -56.27 -25.37
C TYR J 38 10.55 -56.80 -23.95
N LYS J 39 11.46 -57.72 -23.62
CA LYS J 39 11.44 -58.35 -22.28
C LYS J 39 11.67 -57.37 -21.12
N SER J 40 12.73 -56.57 -21.16
CA SER J 40 12.99 -55.62 -20.07
C SER J 40 11.88 -54.55 -19.98
N THR J 41 11.42 -54.09 -21.15
CA THR J 41 10.32 -53.17 -21.21
C THR J 41 9.07 -53.70 -20.47
N GLN J 42 8.76 -54.97 -20.73
CA GLN J 42 7.57 -55.59 -20.21
C GLN J 42 7.73 -55.83 -18.72
N SER J 43 8.90 -56.23 -18.32
CA SER J 43 9.17 -56.47 -16.89
C SER J 43 8.97 -55.19 -16.10
N ALA J 44 9.44 -54.04 -16.62
CA ALA J 44 9.18 -52.77 -15.94
C ALA J 44 7.69 -52.38 -15.92
N ILE J 45 7.03 -52.49 -17.07
CA ILE J 45 5.62 -52.12 -17.12
C ILE J 45 4.81 -52.97 -16.15
N ASP J 46 5.11 -54.26 -16.07
CA ASP J 46 4.36 -55.14 -15.19
C ASP J 46 4.52 -54.74 -13.70
N GLN J 47 5.72 -54.31 -13.30
CA GLN J 47 5.91 -53.83 -11.95
C GLN J 47 5.14 -52.56 -11.63
N ILE J 48 5.07 -51.63 -12.58
CA ILE J 48 4.25 -50.41 -12.42
C ILE J 48 2.75 -50.73 -12.35
N THR J 49 2.31 -51.60 -13.25
CA THR J 49 0.92 -52.08 -13.23
C THR J 49 0.60 -52.74 -11.88
N GLY J 50 1.53 -53.52 -11.34
CA GLY J 50 1.36 -54.12 -9.99
C GLY J 50 1.17 -53.08 -8.91
N LYS J 51 1.97 -52.00 -8.94
CA LYS J 51 1.76 -50.85 -8.04
C LYS J 51 0.38 -50.23 -8.17
N LEU J 52 0.01 -49.95 -9.41
CA LEU J 52 -1.27 -49.31 -9.65
C LEU J 52 -2.44 -50.17 -9.13
N ASN J 53 -2.36 -51.46 -9.34
CA ASN J 53 -3.41 -52.38 -8.84
C ASN J 53 -3.56 -52.27 -7.33
N ARG J 54 -2.44 -52.22 -6.63
CA ARG J 54 -2.46 -52.04 -5.19
C ARG J 54 -2.92 -50.64 -4.76
N LEU J 55 -2.53 -49.59 -5.48
CA LEU J 55 -2.82 -48.21 -4.97
C LEU J 55 -4.13 -47.62 -5.44
N ILE J 56 -4.64 -48.12 -6.57
CA ILE J 56 -5.97 -47.71 -7.10
C ILE J 56 -7.18 -48.44 -6.44
N GLU J 57 -7.03 -48.75 -5.15
CA GLU J 57 -8.02 -49.51 -4.41
C GLU J 57 -9.09 -48.51 -3.94
N LYS J 58 -10.27 -49.08 -3.68
CA LYS J 58 -11.42 -48.40 -3.07
C LYS J 58 -11.46 -48.89 -1.63
N THR J 59 -11.79 -48.04 -0.66
CA THR J 59 -12.21 -48.64 0.64
C THR J 59 -13.57 -49.32 0.46
N ASN J 60 -13.78 -50.44 1.16
CA ASN J 60 -15.11 -51.04 1.23
C ASN J 60 -15.91 -50.55 2.44
N GLN J 61 -15.31 -49.72 3.28
CA GLN J 61 -15.97 -49.33 4.53
C GLN J 61 -16.92 -48.15 4.24
N GLN J 62 -18.16 -48.31 4.68
CA GLN J 62 -19.16 -47.29 4.59
C GLN J 62 -19.08 -46.41 5.82
N PHE J 63 -19.12 -45.11 5.62
CA PHE J 63 -19.33 -44.19 6.72
C PHE J 63 -20.66 -43.43 6.56
N GLU J 64 -21.21 -43.01 7.69
CA GLU J 64 -22.41 -42.22 7.74
C GLU J 64 -22.16 -40.83 8.29
N LEU J 65 -23.15 -39.96 8.09
CA LEU J 65 -23.13 -38.59 8.67
C LEU J 65 -23.19 -38.66 10.19
N ILE J 66 -22.34 -37.88 10.87
CA ILE J 66 -22.48 -37.72 12.33
C ILE J 66 -22.75 -36.29 12.67
N ASP J 67 -22.83 -35.51 11.61
CA ASP J 67 -22.91 -34.09 11.62
C ASP J 67 -24.10 -33.59 10.82
N ASN J 68 -24.41 -32.30 10.88
CA ASN J 68 -25.55 -31.74 10.17
C ASN J 68 -25.25 -30.33 9.57
N GLU J 69 -25.25 -30.27 8.26
CA GLU J 69 -25.00 -29.09 7.44
C GLU J 69 -26.14 -28.07 7.41
N PHE J 70 -27.35 -28.47 7.76
CA PHE J 70 -28.51 -27.57 7.69
C PHE J 70 -28.88 -27.02 9.06
N ASN J 71 -28.77 -27.87 10.07
CA ASN J 71 -29.17 -27.55 11.42
C ASN J 71 -28.01 -27.97 12.31
N GLU J 72 -27.17 -27.00 12.66
CA GLU J 72 -25.93 -27.29 13.34
C GLU J 72 -26.17 -28.16 14.63
N VAL J 73 -25.38 -29.22 14.81
CA VAL J 73 -25.41 -29.94 16.13
C VAL J 73 -25.02 -29.03 17.35
N GLU J 74 -25.30 -29.50 18.53
CA GLU J 74 -24.91 -28.91 19.78
C GLU J 74 -23.37 -28.68 19.82
N LYS J 75 -22.95 -27.58 20.39
CA LYS J 75 -21.57 -27.10 20.17
C LYS J 75 -20.50 -27.94 20.78
N GLN J 76 -20.75 -28.50 21.94
CA GLN J 76 -19.72 -29.33 22.58
C GLN J 76 -19.42 -30.56 21.73
N ILE J 77 -20.48 -31.29 21.36
CA ILE J 77 -20.32 -32.54 20.56
C ILE J 77 -19.81 -32.18 19.15
N GLY J 78 -20.24 -31.03 18.63
CA GLY J 78 -19.72 -30.53 17.37
C GLY J 78 -18.22 -30.32 17.38
N ASN J 79 -17.70 -29.71 18.46
CA ASN J 79 -16.24 -29.47 18.56
C ASN J 79 -15.50 -30.77 18.71
N VAL J 80 -16.03 -31.73 19.47
CA VAL J 80 -15.37 -33.02 19.54
C VAL J 80 -15.26 -33.69 18.16
N ILE J 81 -16.39 -33.76 17.49
CA ILE J 81 -16.44 -34.28 16.12
C ILE J 81 -15.43 -33.60 15.20
N ASN J 82 -15.39 -32.28 15.22
CA ASN J 82 -14.50 -31.56 14.32
C ASN J 82 -13.05 -31.79 14.67
N TRP J 83 -12.73 -31.80 15.93
CA TRP J 83 -11.36 -32.07 16.31
C TRP J 83 -10.98 -33.49 15.84
N THR J 84 -11.91 -34.44 15.95
CA THR J 84 -11.60 -35.83 15.55
C THR J 84 -11.44 -35.88 14.07
N ARG J 85 -12.35 -35.23 13.35
CA ARG J 85 -12.26 -35.22 11.88
C ARG J 85 -10.97 -34.57 11.39
N ASP J 86 -10.60 -33.44 11.95
CA ASP J 86 -9.35 -32.80 11.51
C ASP J 86 -8.15 -33.66 11.88
N SER J 87 -8.20 -34.39 12.98
CA SER J 87 -7.06 -35.22 13.33
C SER J 87 -6.92 -36.34 12.32
N ILE J 88 -8.04 -36.96 11.94
CA ILE J 88 -8.04 -38.06 10.92
C ILE J 88 -7.56 -37.53 9.55
N THR J 89 -8.07 -36.38 9.15
CA THR J 89 -7.55 -35.70 7.95
C THR J 89 -6.03 -35.42 7.94
N GLU J 90 -5.47 -35.05 9.08
CA GLU J 90 -4.02 -34.94 9.21
C GLU J 90 -3.31 -36.23 8.95
N VAL J 91 -3.79 -37.29 9.56
CA VAL J 91 -3.26 -38.63 9.32
C VAL J 91 -3.26 -39.05 7.86
N TRP J 92 -4.43 -38.95 7.21
CA TRP J 92 -4.52 -39.34 5.83
C TRP J 92 -3.74 -38.42 4.89
N SER J 93 -3.71 -37.14 5.14
CA SER J 93 -2.86 -36.27 4.31
C SER J 93 -1.37 -36.61 4.40
N TYR J 94 -0.93 -36.96 5.60
CA TYR J 94 0.44 -37.37 5.81
C TYR J 94 0.71 -38.71 5.18
N ASN J 95 -0.24 -39.65 5.31
CA ASN J 95 -0.03 -40.99 4.68
C ASN J 95 0.01 -40.85 3.17
N ALA J 96 -0.86 -40.04 2.60
CA ALA J 96 -0.89 -39.90 1.15
C ALA J 96 0.41 -39.28 0.60
N GLU J 97 0.93 -38.25 1.24
CA GLU J 97 2.18 -37.64 0.79
C GLU J 97 3.32 -38.64 0.88
N LEU J 98 3.38 -39.39 1.97
CA LEU J 98 4.43 -40.35 2.18
C LEU J 98 4.32 -41.53 1.22
N LEU J 99 3.10 -42.00 1.03
CA LEU J 99 2.89 -43.10 0.07
C LEU J 99 3.47 -42.73 -1.31
N VAL J 100 3.19 -41.54 -1.76
CA VAL J 100 3.59 -41.18 -3.10
C VAL J 100 5.13 -40.90 -3.20
N ALA J 101 5.70 -40.24 -2.20
CA ALA J 101 7.09 -39.97 -2.22
C ALA J 101 7.88 -41.28 -2.14
N MET J 102 7.43 -42.18 -1.30
CA MET J 102 8.07 -43.49 -1.21
C MET J 102 7.90 -44.32 -2.50
N GLU J 103 6.67 -44.37 -3.02
CA GLU J 103 6.47 -45.20 -4.21
C GLU J 103 7.22 -44.64 -5.42
N ASN J 104 7.32 -43.32 -5.52
CA ASN J 104 8.00 -42.73 -6.63
C ASN J 104 9.48 -43.02 -6.57
N GLN J 105 10.04 -42.97 -5.36
CA GLN J 105 11.44 -43.31 -5.17
C GLN J 105 11.66 -44.72 -5.64
N HIS J 106 10.76 -45.61 -5.27
CA HIS J 106 10.91 -47.02 -5.60
C HIS J 106 10.72 -47.30 -7.10
N THR J 107 9.74 -46.66 -7.70
CA THR J 107 9.53 -46.73 -9.12
C THR J 107 10.77 -46.29 -9.93
N ILE J 108 11.32 -45.14 -9.57
CA ILE J 108 12.51 -44.67 -10.23
C ILE J 108 13.71 -45.61 -10.07
N ASP J 109 13.96 -46.11 -8.89
CA ASP J 109 15.10 -47.01 -8.65
C ASP J 109 14.89 -48.35 -9.39
N LEU J 110 13.66 -48.79 -9.39
CA LEU J 110 13.33 -50.08 -10.07
C LEU J 110 13.50 -50.01 -11.62
N ALA J 111 13.14 -48.88 -12.17
CA ALA J 111 13.39 -48.65 -13.61
C ALA J 111 14.91 -48.64 -13.98
N ASP J 112 15.72 -47.96 -13.21
CA ASP J 112 17.19 -47.94 -13.39
C ASP J 112 17.80 -49.34 -13.21
N SER J 113 17.30 -50.06 -12.24
CA SER J 113 17.76 -51.41 -11.99
C SER J 113 17.39 -52.35 -13.18
N GLU J 114 16.26 -52.15 -13.85
CA GLU J 114 16.02 -52.93 -15.07
C GLU J 114 17.03 -52.59 -16.18
N MET J 115 17.43 -51.33 -16.25
CA MET J 115 18.46 -50.89 -17.25
C MET J 115 19.78 -51.57 -16.94
N ASP J 116 20.20 -51.58 -15.67
CA ASP J 116 21.43 -52.27 -15.28
C ASP J 116 21.41 -53.75 -15.57
N LYS J 117 20.28 -54.39 -15.35
CA LYS J 117 20.17 -55.82 -15.61
C LYS J 117 20.34 -56.15 -17.07
N LEU J 118 19.74 -55.33 -17.93
CA LEU J 118 19.94 -55.54 -19.38
C LEU J 118 21.42 -55.34 -19.79
N TYR J 119 22.00 -54.27 -19.31
CA TYR J 119 23.36 -53.96 -19.61
C TYR J 119 24.31 -55.12 -19.17
N GLU J 120 24.08 -55.61 -17.97
CA GLU J 120 24.91 -56.66 -17.39
C GLU J 120 24.74 -57.93 -18.18
N ARG J 121 23.52 -58.21 -18.63
CA ARG J 121 23.29 -59.37 -19.48
C ARG J 121 24.08 -59.32 -20.80
N VAL J 122 24.04 -58.16 -21.48
CA VAL J 122 24.80 -58.00 -22.70
C VAL J 122 26.32 -58.14 -22.41
N LYS J 123 26.82 -57.49 -21.37
CA LYS J 123 28.19 -57.63 -20.98
C LYS J 123 28.60 -59.08 -20.89
N ARG J 124 27.75 -59.88 -20.28
CA ARG J 124 28.08 -61.31 -20.12
C ARG J 124 27.97 -62.12 -21.41
N GLN J 125 27.02 -61.83 -22.29
CA GLN J 125 27.02 -62.42 -23.62
C GLN J 125 28.33 -62.12 -24.37
N LEU J 126 28.80 -60.89 -24.27
CA LEU J 126 29.98 -60.51 -25.04
C LEU J 126 31.25 -61.07 -24.49
N ARG J 127 31.31 -61.39 -23.22
CA ARG J 127 32.51 -62.03 -22.61
C ARG J 127 33.77 -61.21 -22.93
N GLU J 128 34.76 -61.82 -23.59
CA GLU J 128 36.07 -61.21 -23.83
C GLU J 128 36.15 -60.50 -25.16
N ASN J 129 35.03 -60.37 -25.86
CA ASN J 129 35.08 -59.80 -27.18
C ASN J 129 34.82 -58.30 -27.28
N ALA J 130 34.53 -57.68 -26.17
CA ALA J 130 34.17 -56.28 -26.10
C ALA J 130 34.69 -55.64 -24.83
N GLU J 131 34.77 -54.32 -24.81
CA GLU J 131 35.06 -53.57 -23.59
C GLU J 131 34.04 -52.45 -23.40
N GLU J 132 33.80 -52.08 -22.16
CA GLU J 132 32.92 -50.98 -21.78
C GLU J 132 33.54 -49.63 -22.11
N ASP J 133 32.81 -48.72 -22.72
CA ASP J 133 33.39 -47.39 -23.02
C ASP J 133 33.07 -46.37 -21.94
N GLY J 134 32.27 -46.76 -20.97
CA GLY J 134 31.84 -45.83 -19.92
C GLY J 134 30.62 -44.94 -20.20
N THR J 135 29.96 -45.04 -21.35
CA THR J 135 28.74 -44.27 -21.56
C THR J 135 27.52 -45.19 -21.62
N GLY J 136 27.73 -46.47 -21.40
CA GLY J 136 26.70 -47.47 -21.55
C GLY J 136 26.81 -48.25 -22.84
N CYS J 137 27.97 -48.21 -23.47
CA CYS J 137 28.21 -48.95 -24.69
C CYS J 137 29.31 -49.93 -24.54
N PHE J 138 29.34 -50.85 -25.49
CA PHE J 138 30.42 -51.78 -25.65
C PHE J 138 31.14 -51.49 -26.98
N GLU J 139 32.46 -51.38 -26.93
CA GLU J 139 33.31 -51.41 -28.14
C GLU J 139 33.55 -52.87 -28.42
N ILE J 140 33.08 -53.34 -29.60
CA ILE J 140 33.17 -54.72 -29.99
C ILE J 140 34.43 -54.87 -30.83
N PHE J 141 35.30 -55.81 -30.50
CA PHE J 141 36.64 -55.87 -31.12
C PHE J 141 36.70 -56.89 -32.28
N HIS J 142 35.62 -56.95 -33.04
CA HIS J 142 35.54 -57.68 -34.27
C HIS J 142 34.49 -57.02 -35.13
N LYS J 143 34.45 -57.35 -36.41
CA LYS J 143 33.40 -56.83 -37.25
C LYS J 143 32.07 -57.42 -36.84
N CYS J 144 31.08 -56.59 -36.63
CA CYS J 144 29.82 -57.09 -36.20
C CYS J 144 28.76 -56.44 -37.10
N ASP J 145 28.36 -57.17 -38.16
CA ASP J 145 27.39 -56.66 -39.16
C ASP J 145 25.95 -56.72 -38.61
N ASP J 146 24.96 -56.44 -39.44
CA ASP J 146 23.63 -56.22 -38.92
C ASP J 146 23.07 -57.53 -38.34
N ASP J 147 23.41 -58.64 -38.96
CA ASP J 147 23.01 -59.96 -38.44
C ASP J 147 23.70 -60.31 -37.11
N CYS J 148 24.99 -60.02 -36.99
CA CYS J 148 25.68 -60.13 -35.71
C CYS J 148 25.08 -59.24 -34.60
N MET J 149 24.84 -57.96 -34.91
CA MET J 149 24.11 -57.08 -33.99
C MET J 149 22.73 -57.67 -33.53
N ALA J 150 21.92 -58.15 -34.49
CA ALA J 150 20.69 -58.86 -34.15
C ALA J 150 20.89 -60.06 -33.22
N SER J 151 21.95 -60.83 -33.40
CA SER J 151 22.21 -61.98 -32.50
C SER J 151 22.52 -61.52 -31.08
N ILE J 152 23.08 -60.32 -30.93
CA ILE J 152 23.34 -59.79 -29.58
C ILE J 152 21.96 -59.44 -28.97
N ARG J 153 21.14 -58.74 -29.75
CA ARG J 153 19.83 -58.36 -29.26
C ARG J 153 18.94 -59.55 -28.87
N ASN J 154 18.96 -60.65 -29.62
CA ASN J 154 18.05 -61.75 -29.33
C ASN J 154 18.73 -62.88 -28.54
N ASN J 155 19.92 -62.62 -28.01
CA ASN J 155 20.55 -63.48 -27.03
C ASN J 155 21.04 -64.80 -27.60
N THR J 156 21.47 -64.80 -28.86
CA THR J 156 22.05 -65.98 -29.50
C THR J 156 23.51 -65.73 -29.96
N TYR J 157 24.07 -64.56 -29.65
CA TYR J 157 25.43 -64.30 -29.97
C TYR J 157 26.31 -65.31 -29.26
N ASP J 158 27.22 -65.91 -30.01
CA ASP J 158 28.06 -66.93 -29.48
C ASP J 158 29.46 -66.35 -29.48
N HIS J 159 29.93 -66.02 -28.28
CA HIS J 159 31.23 -65.37 -28.14
C HIS J 159 32.40 -66.21 -28.68
N SER J 160 32.31 -67.54 -28.62
CA SER J 160 33.36 -68.44 -29.10
C SER J 160 33.65 -68.25 -30.54
N LYS J 161 32.65 -67.92 -31.34
CA LYS J 161 32.82 -67.73 -32.76
C LYS J 161 33.75 -66.57 -33.11
N TYR J 162 33.78 -65.54 -32.29
CA TYR J 162 34.62 -64.36 -32.60
C TYR J 162 35.80 -64.17 -31.65
N ARG J 163 35.99 -65.06 -30.68
CA ARG J 163 36.93 -64.81 -29.57
C ARG J 163 38.39 -64.69 -30.03
N GLU J 164 38.80 -65.57 -30.92
CA GLU J 164 40.14 -65.60 -31.47
C GLU J 164 40.49 -64.24 -32.08
N GLU J 165 39.67 -63.78 -33.01
CA GLU J 165 39.82 -62.48 -33.67
C GLU J 165 39.78 -61.30 -32.66
N ALA J 166 38.80 -61.33 -31.74
CA ALA J 166 38.58 -60.23 -30.84
C ALA J 166 39.74 -60.08 -29.85
N MET J 167 40.16 -61.19 -29.23
CA MET J 167 41.24 -61.15 -28.25
C MET J 167 42.54 -60.64 -28.83
N GLN J 168 42.82 -61.03 -30.07
CA GLN J 168 43.96 -60.57 -30.77
C GLN J 168 43.86 -59.05 -31.00
N ASN J 169 42.67 -58.58 -31.39
CA ASN J 169 42.49 -57.15 -31.60
C ASN J 169 42.60 -56.37 -30.33
N ARG J 170 42.22 -56.94 -29.20
CA ARG J 170 42.34 -56.20 -27.95
C ARG J 170 43.83 -56.05 -27.57
N ILE J 171 44.71 -56.82 -28.20
CA ILE J 171 46.16 -56.50 -28.18
C ILE J 171 46.72 -56.36 -29.58
N ASP K 5 51.93 -49.09 -8.76
CA ASP K 5 51.12 -47.93 -8.28
C ASP K 5 49.64 -48.22 -8.01
N LYS K 6 49.00 -47.40 -7.22
CA LYS K 6 47.61 -47.69 -6.93
C LYS K 6 46.79 -46.51 -6.55
N ILE K 7 45.49 -46.66 -6.77
CA ILE K 7 44.50 -45.66 -6.35
C ILE K 7 43.31 -46.32 -5.73
N CYS K 8 42.88 -45.78 -4.58
CA CYS K 8 41.80 -46.34 -3.75
C CYS K 8 40.67 -45.33 -3.64
N LEU K 9 39.46 -45.85 -3.64
CA LEU K 9 38.25 -45.05 -3.40
C LEU K 9 37.78 -45.33 -2.01
N GLY K 10 37.39 -44.29 -1.31
CA GLY K 10 36.97 -44.44 0.05
C GLY K 10 35.96 -43.41 0.40
N HIS K 11 35.49 -43.50 1.65
CA HIS K 11 34.52 -42.58 2.20
C HIS K 11 34.93 -42.21 3.59
N HIS K 12 34.38 -41.10 4.11
CA HIS K 12 34.75 -40.65 5.40
C HIS K 12 34.15 -41.44 6.55
N ALA K 13 34.73 -41.21 7.71
CA ALA K 13 34.33 -41.82 8.99
C ALA K 13 34.77 -40.92 10.12
N VAL K 14 34.17 -41.06 11.31
CA VAL K 14 34.53 -40.29 12.46
C VAL K 14 34.71 -41.27 13.60
N SER K 15 35.38 -40.85 14.67
CA SER K 15 35.46 -41.69 15.87
C SER K 15 34.16 -41.56 16.71
N ASN K 16 33.58 -40.35 16.81
CA ASN K 16 32.34 -40.09 17.57
C ASN K 16 31.07 -40.33 16.73
N GLY K 17 30.75 -41.59 16.45
CA GLY K 17 29.57 -41.91 15.64
C GLY K 17 28.26 -41.75 16.43
N THR K 18 27.11 -41.75 15.77
CA THR K 18 25.80 -41.66 16.50
C THR K 18 24.84 -42.81 16.09
N LYS K 19 24.25 -43.45 17.06
CA LYS K 19 23.47 -44.61 16.84
C LYS K 19 22.07 -44.27 16.39
N VAL K 20 21.55 -44.98 15.42
CA VAL K 20 20.20 -44.74 14.94
C VAL K 20 19.60 -46.15 14.68
N ASN K 21 18.31 -46.16 14.36
CA ASN K 21 17.61 -47.39 14.07
C ASN K 21 17.24 -47.41 12.60
N THR K 22 17.28 -48.60 12.02
CA THR K 22 16.88 -48.81 10.66
C THR K 22 15.84 -49.90 10.68
N LEU K 23 15.34 -50.25 9.51
CA LEU K 23 14.40 -51.38 9.37
C LEU K 23 14.93 -52.75 9.86
N THR K 24 16.25 -52.92 9.82
CA THR K 24 16.84 -54.22 10.11
C THR K 24 17.77 -54.24 11.30
N GLU K 25 18.07 -53.08 11.85
CA GLU K 25 18.99 -53.05 12.99
C GLU K 25 18.69 -51.96 13.92
N ARG K 26 18.81 -52.26 15.21
CA ARG K 26 18.78 -51.21 16.24
C ARG K 26 20.21 -50.70 16.46
N GLY K 27 20.41 -49.39 16.53
CA GLY K 27 21.72 -48.88 17.01
C GLY K 27 22.86 -49.01 16.01
N VAL K 28 22.57 -48.90 14.73
CA VAL K 28 23.67 -48.83 13.76
C VAL K 28 24.28 -47.41 13.82
N GLU K 29 25.62 -47.31 13.76
CA GLU K 29 26.29 -46.05 13.93
C GLU K 29 26.40 -45.28 12.61
N VAL K 30 26.00 -44.02 12.60
CA VAL K 30 26.11 -43.19 11.42
C VAL K 30 26.98 -41.99 11.73
N VAL K 31 27.49 -41.38 10.66
CA VAL K 31 28.44 -40.28 10.78
C VAL K 31 27.78 -39.10 11.45
N ASN K 32 26.50 -38.92 11.17
CA ASN K 32 25.76 -37.79 11.74
C ASN K 32 24.24 -38.08 11.77
N ALA K 33 23.54 -37.43 12.68
CA ALA K 33 22.11 -37.61 12.85
C ALA K 33 21.48 -36.39 13.46
N THR K 34 20.17 -36.27 13.40
CA THR K 34 19.46 -35.13 13.98
C THR K 34 18.13 -35.57 14.60
N GLU K 35 17.69 -34.84 15.61
CA GLU K 35 16.55 -35.19 16.40
C GLU K 35 15.26 -34.86 15.61
N THR K 36 14.23 -35.66 15.81
CA THR K 36 12.98 -35.49 15.11
C THR K 36 11.84 -35.22 16.09
N VAL K 37 12.11 -35.47 17.37
CA VAL K 37 11.17 -35.26 18.43
C VAL K 37 11.60 -34.13 19.30
N GLU K 38 10.79 -33.07 19.33
CA GLU K 38 11.06 -31.86 20.16
C GLU K 38 10.83 -32.12 21.62
N ARG K 39 11.84 -31.79 22.43
CA ARG K 39 11.77 -31.84 23.89
C ARG K 39 12.02 -30.49 24.57
N THR K 40 12.47 -29.51 23.82
CA THR K 40 12.84 -28.23 24.44
C THR K 40 11.62 -27.32 24.51
N ASN K 41 11.25 -26.96 25.72
CA ASN K 41 10.13 -26.09 25.99
C ASN K 41 10.62 -24.68 26.28
N ILE K 42 9.89 -23.65 25.90
CA ILE K 42 10.13 -22.31 26.47
C ILE K 42 9.05 -22.04 27.52
N PRO K 43 9.44 -21.86 28.81
CA PRO K 43 8.44 -21.74 29.87
C PRO K 43 7.77 -20.35 29.95
N ARG K 44 7.37 -19.84 28.80
CA ARG K 44 6.69 -18.61 28.69
C ARG K 44 5.65 -18.70 27.57
N ILE K 45 4.69 -17.80 27.57
CA ILE K 45 3.73 -17.69 26.46
C ILE K 45 4.19 -16.63 25.48
N CYS K 46 4.73 -17.09 24.37
CA CYS K 46 5.33 -16.22 23.38
C CYS K 46 4.24 -15.57 22.56
N SER K 47 3.94 -14.34 22.90
CA SER K 47 2.80 -13.60 22.36
C SER K 47 3.14 -12.52 21.33
N LYS K 48 4.39 -12.46 20.87
CA LYS K 48 4.75 -11.42 19.92
C LYS K 48 3.86 -11.49 18.68
N GLY K 49 3.34 -10.33 18.26
CA GLY K 49 2.54 -10.20 17.05
C GLY K 49 1.07 -10.50 17.25
N LYS K 50 0.65 -10.67 18.51
CA LYS K 50 -0.74 -11.02 18.79
C LYS K 50 -1.30 -10.17 19.89
N ARG K 51 -2.49 -9.67 19.70
CA ARG K 51 -3.18 -8.95 20.79
C ARG K 51 -3.58 -9.97 21.83
N THR K 52 -2.97 -9.87 22.99
CA THR K 52 -3.05 -10.88 24.02
C THR K 52 -3.77 -10.37 25.24
N VAL K 53 -4.75 -11.10 25.71
CA VAL K 53 -5.44 -10.75 26.94
C VAL K 53 -5.12 -11.84 27.97
N ASP K 54 -4.45 -11.45 29.05
CA ASP K 54 -4.20 -12.30 30.19
C ASP K 54 -5.31 -12.09 31.23
N LEU K 55 -6.22 -13.02 31.34
CA LEU K 55 -7.42 -12.80 32.16
C LEU K 55 -7.16 -12.75 33.65
N GLY K 56 -6.06 -13.30 34.13
CA GLY K 56 -5.71 -13.16 35.56
C GLY K 56 -6.82 -13.75 36.44
N GLN K 57 -7.33 -12.97 37.38
CA GLN K 57 -8.42 -13.37 38.23
C GLN K 57 -9.79 -13.41 37.56
N CYS K 58 -9.90 -12.92 36.34
CA CYS K 58 -11.16 -12.96 35.65
C CYS K 58 -11.39 -14.31 34.93
N GLY K 59 -12.43 -15.02 35.24
CA GLY K 59 -12.75 -16.27 34.57
C GLY K 59 -13.45 -15.89 33.27
N LEU K 60 -13.20 -16.70 32.25
CA LEU K 60 -13.58 -16.36 30.88
C LEU K 60 -15.14 -16.11 30.76
N LEU K 61 -15.92 -16.91 31.44
CA LEU K 61 -17.37 -16.70 31.43
C LEU K 61 -17.77 -15.39 32.15
N GLY K 62 -16.95 -14.93 33.09
CA GLY K 62 -17.19 -13.69 33.81
C GLY K 62 -17.11 -12.45 32.93
N THR K 63 -16.44 -12.55 31.78
CA THR K 63 -16.41 -11.41 30.88
C THR K 63 -17.84 -11.08 30.40
N ILE K 64 -18.74 -12.05 30.44
CA ILE K 64 -20.09 -11.89 29.94
C ILE K 64 -21.00 -11.34 31.01
N THR K 65 -20.87 -11.80 32.25
CA THR K 65 -21.76 -11.39 33.34
C THR K 65 -21.20 -10.21 34.13
N GLY K 66 -19.88 -10.15 34.27
CA GLY K 66 -19.21 -8.98 34.88
C GLY K 66 -19.03 -8.90 36.40
N PRO K 67 -18.53 -9.98 37.05
CA PRO K 67 -18.17 -9.79 38.45
C PRO K 67 -17.00 -8.81 38.49
N PRO K 68 -16.70 -8.23 39.64
CA PRO K 68 -15.66 -7.12 39.74
C PRO K 68 -14.28 -7.46 39.18
N GLN K 69 -13.84 -8.70 39.32
CA GLN K 69 -12.50 -9.15 38.74
C GLN K 69 -12.49 -9.01 37.25
N CYS K 70 -13.63 -8.89 36.61
CA CYS K 70 -13.69 -8.88 35.14
C CYS K 70 -13.99 -7.51 34.57
N ASP K 71 -13.99 -6.49 35.41
CA ASP K 71 -14.47 -5.16 35.00
C ASP K 71 -13.68 -4.60 33.82
N GLN K 72 -12.39 -4.90 33.75
CA GLN K 72 -11.56 -4.44 32.63
C GLN K 72 -11.75 -5.24 31.34
N PHE K 73 -12.53 -6.34 31.32
CA PHE K 73 -12.60 -7.18 30.14
C PHE K 73 -14.02 -7.30 29.56
N LEU K 74 -14.92 -6.39 29.92
CA LEU K 74 -16.33 -6.56 29.55
C LEU K 74 -16.55 -6.53 28.06
N GLU K 75 -15.66 -5.89 27.35
CA GLU K 75 -15.74 -5.75 25.90
C GLU K 75 -14.42 -6.05 25.28
N PHE K 76 -13.72 -7.03 25.82
CA PHE K 76 -12.34 -7.29 25.36
C PHE K 76 -12.24 -7.72 23.94
N SER K 77 -11.05 -7.46 23.42
CA SER K 77 -10.66 -7.74 22.06
C SER K 77 -9.36 -8.51 22.08
N ALA K 78 -9.25 -9.64 21.37
CA ALA K 78 -7.95 -10.31 21.38
C ALA K 78 -7.79 -11.29 20.25
N ASP K 79 -6.51 -11.59 19.91
CA ASP K 79 -6.13 -12.73 19.08
C ASP K 79 -5.80 -13.98 19.96
N LEU K 80 -5.27 -13.76 21.14
CA LEU K 80 -4.82 -14.81 22.05
C LEU K 80 -5.40 -14.53 23.43
N ILE K 81 -6.20 -15.46 23.96
CA ILE K 81 -6.81 -15.31 25.29
C ILE K 81 -6.21 -16.35 26.24
N ILE K 82 -5.68 -15.88 27.37
CA ILE K 82 -5.07 -16.76 28.35
C ILE K 82 -5.89 -16.86 29.66
N GLU K 83 -6.37 -18.05 29.97
CA GLU K 83 -7.04 -18.28 31.22
C GLU K 83 -6.05 -18.76 32.25
N ARG K 84 -6.32 -18.39 33.51
CA ARG K 84 -5.44 -18.73 34.65
C ARG K 84 -6.20 -19.49 35.71
N ARG K 85 -5.49 -20.29 36.48
CA ARG K 85 -6.11 -21.12 37.53
C ARG K 85 -6.86 -20.31 38.61
N GLU K 86 -6.32 -19.14 38.99
CA GLU K 86 -6.98 -18.25 39.90
C GLU K 86 -8.25 -17.59 39.30
N GLY K 87 -8.54 -17.73 38.01
CA GLY K 87 -9.71 -17.13 37.40
C GLY K 87 -11.03 -17.65 37.99
N SER K 88 -11.91 -16.75 38.37
CA SER K 88 -13.27 -17.11 38.76
C SER K 88 -14.28 -16.35 37.91
N ASP K 89 -15.28 -17.09 37.44
CA ASP K 89 -16.42 -16.55 36.67
C ASP K 89 -17.44 -15.84 37.52
N VAL K 90 -17.28 -15.91 38.82
CA VAL K 90 -18.37 -15.62 39.70
C VAL K 90 -17.97 -14.67 40.81
N CYS K 91 -18.93 -13.99 41.42
CA CYS K 91 -18.70 -13.32 42.68
C CYS K 91 -19.70 -13.89 43.70
N TYR K 92 -20.99 -13.63 43.50
CA TYR K 92 -22.01 -14.42 44.23
C TYR K 92 -21.84 -15.88 43.79
N PRO K 93 -21.98 -16.84 44.71
CA PRO K 93 -21.68 -18.23 44.35
C PRO K 93 -22.66 -18.76 43.37
N GLY K 94 -22.19 -19.66 42.55
CA GLY K 94 -22.99 -20.33 41.57
C GLY K 94 -22.08 -20.74 40.41
N LYS K 95 -22.68 -21.01 39.27
CA LYS K 95 -21.93 -21.41 38.09
C LYS K 95 -22.82 -21.25 36.84
N PHE K 96 -22.19 -21.28 35.69
CA PHE K 96 -22.86 -21.46 34.42
C PHE K 96 -23.26 -22.89 34.14
N VAL K 97 -24.48 -23.06 33.67
CA VAL K 97 -24.93 -24.29 33.08
C VAL K 97 -24.40 -24.40 31.66
N ASN K 98 -24.04 -25.61 31.28
CA ASN K 98 -23.47 -25.86 29.94
C ASN K 98 -22.23 -24.98 29.72
N GLU K 99 -21.41 -24.97 30.74
CA GLU K 99 -20.30 -24.07 30.84
C GLU K 99 -19.20 -24.34 29.81
N GLU K 100 -18.89 -25.60 29.51
CA GLU K 100 -17.67 -25.82 28.68
C GLU K 100 -17.92 -25.48 27.19
N ALA K 101 -19.11 -25.79 26.68
CA ALA K 101 -19.47 -25.30 25.37
C ALA K 101 -19.29 -23.79 25.28
N LEU K 102 -19.79 -23.06 26.25
CA LEU K 102 -19.65 -21.60 26.21
C LEU K 102 -18.20 -21.20 26.27
N ARG K 103 -17.38 -21.86 27.07
CA ARG K 103 -15.96 -21.47 27.06
C ARG K 103 -15.37 -21.65 25.70
N GLN K 104 -15.74 -22.74 25.04
CA GLN K 104 -15.18 -23.06 23.72
C GLN K 104 -15.65 -22.02 22.66
N ILE K 105 -16.89 -21.58 22.74
CA ILE K 105 -17.38 -20.47 21.93
C ILE K 105 -16.58 -19.19 22.17
N LEU K 106 -16.30 -18.88 23.43
CA LEU K 106 -15.59 -17.64 23.73
C LEU K 106 -14.09 -17.65 23.47
N ARG K 107 -13.41 -18.78 23.65
CA ARG K 107 -12.01 -18.87 23.39
C ARG K 107 -11.63 -18.51 21.95
N GLU K 108 -12.52 -18.84 21.01
CA GLU K 108 -12.26 -18.59 19.59
C GLU K 108 -12.93 -17.29 19.11
N SER K 109 -13.48 -16.48 20.01
CA SER K 109 -14.43 -15.43 19.62
C SER K 109 -13.80 -14.16 19.03
N GLY K 110 -12.51 -13.92 19.28
CA GLY K 110 -11.93 -12.57 19.08
C GLY K 110 -12.31 -11.59 20.14
N GLY K 111 -13.09 -12.02 21.14
CA GLY K 111 -13.57 -11.11 22.15
C GLY K 111 -15.02 -10.79 21.88
N ILE K 112 -15.57 -9.87 22.67
CA ILE K 112 -17.00 -9.61 22.61
C ILE K 112 -17.23 -8.07 22.58
N ASP K 113 -18.30 -7.71 21.91
CA ASP K 113 -18.84 -6.36 21.90
C ASP K 113 -20.19 -6.46 22.59
N LYS K 114 -20.42 -5.66 23.61
CA LYS K 114 -21.69 -5.68 24.30
C LYS K 114 -22.70 -4.68 23.77
N GLU K 115 -24.00 -4.98 23.86
CA GLU K 115 -25.07 -4.03 23.44
C GLU K 115 -26.19 -4.00 24.45
N ALA K 116 -26.64 -2.80 24.84
CA ALA K 116 -27.76 -2.62 25.76
C ALA K 116 -29.01 -3.30 25.25
N MET K 117 -29.72 -4.00 26.13
CA MET K 117 -30.88 -4.74 25.71
C MET K 117 -32.14 -3.88 25.84
N GLY K 118 -32.06 -2.80 26.59
CA GLY K 118 -33.13 -1.83 26.66
C GLY K 118 -34.20 -2.06 27.72
N PHE K 119 -33.98 -2.97 28.65
CA PHE K 119 -35.05 -3.26 29.57
C PHE K 119 -35.13 -2.16 30.61
N THR K 120 -36.35 -1.75 30.99
CA THR K 120 -36.58 -0.87 32.11
C THR K 120 -37.73 -1.46 32.94
N TYR K 121 -37.84 -1.02 34.19
CA TYR K 121 -38.72 -1.67 35.12
C TYR K 121 -39.52 -0.68 35.91
N SER K 122 -40.72 -1.05 36.27
CA SER K 122 -41.49 -0.25 37.24
C SER K 122 -42.25 -1.18 38.19
N GLY K 123 -42.47 -0.69 39.40
CA GLY K 123 -43.14 -1.49 40.47
C GLY K 123 -42.21 -2.42 41.24
N ILE K 124 -40.93 -2.40 40.91
CA ILE K 124 -39.98 -3.29 41.59
C ILE K 124 -38.67 -2.55 41.90
N ARG K 125 -37.82 -3.15 42.71
CA ARG K 125 -36.49 -2.60 42.91
C ARG K 125 -35.59 -3.36 41.92
N THR K 126 -34.48 -2.73 41.64
CA THR K 126 -33.54 -3.16 40.66
C THR K 126 -32.10 -3.20 41.26
N ASN K 127 -32.01 -2.83 42.51
CA ASN K 127 -30.75 -2.57 43.21
C ASN K 127 -30.33 -3.70 44.14
N GLY K 128 -30.69 -4.93 43.85
CA GLY K 128 -30.14 -6.06 44.64
C GLY K 128 -28.61 -6.01 44.59
N ALA K 129 -28.03 -6.23 45.74
CA ALA K 129 -26.57 -6.15 45.89
C ALA K 129 -26.11 -7.17 46.94
N THR K 130 -24.81 -7.50 46.96
CA THR K 130 -24.29 -8.46 47.94
C THR K 130 -22.87 -8.11 48.28
N SER K 131 -22.51 -8.38 49.50
CA SER K 131 -21.13 -8.26 49.95
C SER K 131 -20.19 -9.20 49.27
N ALA K 132 -20.67 -10.24 48.60
CA ALA K 132 -19.75 -11.12 47.83
C ALA K 132 -19.22 -10.44 46.54
N CYS K 133 -19.85 -9.38 46.07
CA CYS K 133 -19.47 -8.73 44.83
C CYS K 133 -19.07 -7.31 45.23
N ARG K 134 -17.82 -7.17 45.59
CA ARG K 134 -17.33 -5.95 46.21
C ARG K 134 -16.80 -4.97 45.18
N ARG K 135 -17.35 -3.75 45.18
CA ARG K 135 -16.78 -2.61 44.45
C ARG K 135 -16.57 -1.46 45.42
N SER K 136 -17.44 -0.46 45.42
CA SER K 136 -17.30 0.55 46.49
C SER K 136 -18.32 0.23 47.53
N GLY K 137 -18.08 -0.89 48.22
CA GLY K 137 -19.10 -1.57 49.03
C GLY K 137 -19.85 -2.63 48.23
N SER K 138 -20.97 -3.07 48.78
CA SER K 138 -21.77 -4.13 48.16
C SER K 138 -22.19 -3.76 46.77
N SER K 139 -22.14 -4.70 45.86
CA SER K 139 -22.53 -4.43 44.48
C SER K 139 -23.03 -5.71 43.83
N PHE K 140 -22.95 -5.79 42.51
CA PHE K 140 -23.45 -6.94 41.76
C PHE K 140 -22.76 -7.10 40.42
N TYR K 141 -23.04 -8.20 39.72
CA TYR K 141 -22.58 -8.35 38.35
C TYR K 141 -22.86 -7.12 37.48
N ALA K 142 -21.85 -6.63 36.79
CA ALA K 142 -21.97 -5.39 36.01
C ALA K 142 -22.99 -5.50 34.90
N GLU K 143 -23.20 -6.70 34.37
CA GLU K 143 -24.05 -6.85 33.19
C GLU K 143 -25.46 -7.35 33.54
N MET K 144 -25.80 -7.41 34.82
CA MET K 144 -27.07 -8.05 35.24
C MET K 144 -27.77 -7.20 36.26
N LYS K 145 -29.05 -7.45 36.50
CA LYS K 145 -29.74 -6.76 37.55
C LYS K 145 -30.46 -7.79 38.39
N TRP K 146 -30.27 -7.64 39.70
CA TRP K 146 -30.93 -8.42 40.69
C TRP K 146 -32.25 -7.69 40.99
N LEU K 147 -33.32 -8.19 40.38
CA LEU K 147 -34.68 -7.66 40.56
C LEU K 147 -35.32 -8.18 41.85
N LEU K 148 -35.88 -7.25 42.63
CA LEU K 148 -36.44 -7.51 43.93
C LEU K 148 -37.84 -6.88 44.01
N SER K 149 -38.66 -7.37 44.90
CA SER K 149 -39.93 -6.76 45.20
C SER K 149 -39.69 -5.42 45.78
N ASN K 150 -40.69 -4.56 45.63
CA ASN K 150 -40.58 -3.16 46.00
C ASN K 150 -40.20 -2.92 47.44
N THR K 151 -40.62 -3.82 48.30
CA THR K 151 -40.29 -3.77 49.70
C THR K 151 -40.23 -5.22 50.23
N ASP K 152 -39.63 -5.42 51.40
CA ASP K 152 -39.46 -6.78 51.95
C ASP K 152 -40.79 -7.46 51.99
N ASN K 153 -40.84 -8.68 51.51
CA ASN K 153 -42.08 -9.45 51.52
C ASN K 153 -43.19 -9.05 50.58
N ALA K 154 -43.07 -7.93 49.92
CA ALA K 154 -44.13 -7.54 49.02
C ALA K 154 -44.18 -8.42 47.75
N ALA K 155 -45.35 -8.50 47.14
CA ALA K 155 -45.55 -9.32 45.97
C ALA K 155 -44.78 -8.75 44.79
N PHE K 156 -44.25 -9.64 43.99
CA PHE K 156 -43.48 -9.26 42.84
C PHE K 156 -44.44 -9.41 41.66
N PRO K 157 -44.73 -8.31 40.94
CA PRO K 157 -45.63 -8.37 39.79
C PRO K 157 -45.12 -9.26 38.66
N GLN K 158 -46.05 -9.95 38.02
CA GLN K 158 -45.74 -10.80 36.91
C GLN K 158 -45.22 -9.92 35.84
N MET K 159 -44.10 -10.26 35.22
CA MET K 159 -43.49 -9.35 34.23
C MET K 159 -43.06 -10.08 32.99
N THR K 160 -43.02 -9.33 31.89
CA THR K 160 -42.55 -9.81 30.61
C THR K 160 -41.63 -8.77 29.97
N LYS K 161 -40.49 -9.22 29.46
CA LYS K 161 -39.52 -8.34 28.79
C LYS K 161 -39.02 -9.08 27.57
N SER K 162 -38.86 -8.35 26.47
CA SER K 162 -38.44 -8.93 25.19
C SER K 162 -37.31 -8.14 24.56
N TYR K 163 -36.42 -8.83 23.88
CA TYR K 163 -35.33 -8.18 23.19
C TYR K 163 -35.20 -8.83 21.86
N LYS K 164 -35.12 -8.00 20.84
CA LYS K 164 -34.90 -8.48 19.48
C LYS K 164 -33.48 -8.25 19.03
N ASN K 165 -32.89 -9.24 18.36
CA ASN K 165 -31.56 -9.08 17.78
C ASN K 165 -31.63 -8.46 16.38
N THR K 166 -31.34 -7.16 16.33
CA THR K 166 -31.25 -6.34 15.12
C THR K 166 -30.00 -6.57 14.31
N ARG K 167 -28.99 -7.25 14.85
CA ARG K 167 -27.71 -7.37 14.13
C ARG K 167 -27.70 -8.57 13.20
N LYS K 168 -26.60 -8.74 12.47
CA LYS K 168 -26.47 -9.75 11.44
C LYS K 168 -25.80 -11.00 11.96
N SER K 169 -25.52 -11.01 13.26
CA SER K 169 -24.75 -12.04 13.93
C SER K 169 -25.54 -12.59 15.10
N PRO K 170 -25.25 -13.82 15.55
CA PRO K 170 -26.08 -14.28 16.66
C PRO K 170 -25.71 -13.52 17.93
N ALA K 171 -26.69 -13.15 18.73
CA ALA K 171 -26.45 -12.55 20.03
C ALA K 171 -26.35 -13.62 21.16
N LEU K 172 -25.33 -13.49 21.99
CA LEU K 172 -25.21 -14.31 23.20
C LEU K 172 -26.04 -13.66 24.27
N ILE K 173 -27.06 -14.38 24.74
CA ILE K 173 -27.95 -13.92 25.78
C ILE K 173 -27.76 -14.76 27.04
N VAL K 174 -27.60 -14.10 28.17
CA VAL K 174 -27.35 -14.77 29.44
C VAL K 174 -28.36 -14.24 30.44
N TRP K 175 -28.85 -15.10 31.31
CA TRP K 175 -29.66 -14.74 32.43
C TRP K 175 -29.38 -15.67 33.58
N GLY K 176 -29.89 -15.29 34.74
CA GLY K 176 -29.64 -16.00 35.97
C GLY K 176 -30.89 -16.36 36.72
N ILE K 177 -30.80 -17.45 37.50
CA ILE K 177 -31.90 -17.89 38.44
C ILE K 177 -31.31 -17.90 39.82
N HIS K 178 -32.00 -17.28 40.77
CA HIS K 178 -31.54 -17.20 42.13
C HIS K 178 -32.23 -18.28 42.98
N HIS K 179 -31.41 -19.08 43.62
CA HIS K 179 -31.82 -20.12 44.52
C HIS K 179 -31.46 -19.68 45.88
N SER K 180 -32.45 -19.24 46.62
CA SER K 180 -32.23 -18.74 47.95
C SER K 180 -31.86 -19.88 48.91
N VAL K 181 -31.31 -19.50 50.04
CA VAL K 181 -31.06 -20.43 51.13
C VAL K 181 -32.30 -21.11 51.72
N SER K 182 -33.43 -20.41 51.73
CA SER K 182 -34.65 -20.88 52.42
C SER K 182 -35.87 -20.22 51.79
N THR K 183 -37.01 -20.82 51.97
CA THR K 183 -38.26 -20.24 51.45
C THR K 183 -38.54 -18.92 52.18
N ALA K 184 -38.15 -18.82 53.44
CA ALA K 184 -38.18 -17.52 54.15
C ALA K 184 -37.44 -16.36 53.43
N GLU K 185 -36.17 -16.57 53.06
CA GLU K 185 -35.39 -15.56 52.31
C GLU K 185 -36.04 -15.30 50.95
N GLN K 186 -36.45 -16.35 50.25
CA GLN K 186 -37.04 -16.16 48.97
C GLN K 186 -38.29 -15.24 49.06
N THR K 187 -39.04 -15.39 50.14
CA THR K 187 -40.22 -14.56 50.41
C THR K 187 -39.84 -13.13 50.71
N LYS K 188 -38.83 -12.94 51.54
CA LYS K 188 -38.35 -11.60 51.81
C LYS K 188 -38.02 -10.88 50.49
N LEU K 189 -37.32 -11.55 49.59
CA LEU K 189 -36.84 -10.90 48.36
C LEU K 189 -37.94 -10.69 47.33
N TYR K 190 -38.78 -11.70 47.14
CA TYR K 190 -39.65 -11.70 45.96
C TYR K 190 -41.14 -11.81 46.30
N GLY K 191 -41.46 -11.86 47.58
CA GLY K 191 -42.84 -12.17 47.99
C GLY K 191 -43.12 -13.67 47.97
N SER K 192 -44.04 -14.11 48.80
CA SER K 192 -44.28 -15.59 48.95
C SER K 192 -44.90 -16.15 47.67
N GLY K 193 -45.02 -17.46 47.61
CA GLY K 193 -45.72 -18.11 46.49
C GLY K 193 -44.74 -18.71 45.52
N ASN K 194 -45.26 -19.49 44.58
CA ASN K 194 -44.44 -20.18 43.60
C ASN K 194 -43.82 -19.20 42.62
N LYS K 195 -42.53 -19.42 42.36
CA LYS K 195 -41.79 -18.57 41.47
C LYS K 195 -41.48 -19.36 40.20
N LEU K 196 -41.58 -18.66 39.08
CA LEU K 196 -41.40 -19.26 37.80
C LEU K 196 -40.74 -18.23 36.84
N VAL K 197 -39.78 -18.70 36.09
CA VAL K 197 -39.16 -17.93 35.03
C VAL K 197 -39.26 -18.74 33.74
N THR K 198 -39.85 -18.13 32.71
CA THR K 198 -39.93 -18.75 31.39
C THR K 198 -39.16 -17.89 30.40
N VAL K 199 -38.46 -18.58 29.52
CA VAL K 199 -37.64 -17.93 28.57
C VAL K 199 -38.00 -18.56 27.26
N GLY K 200 -38.34 -17.71 26.29
CA GLY K 200 -38.70 -18.19 24.97
C GLY K 200 -38.13 -17.37 23.79
N SER K 201 -37.66 -18.10 22.79
CA SER K 201 -37.47 -17.49 21.49
C SER K 201 -38.32 -18.24 20.45
N SER K 202 -37.99 -18.09 19.17
CA SER K 202 -38.67 -18.85 18.16
C SER K 202 -38.21 -20.33 18.19
N ASN K 203 -37.03 -20.63 18.78
CA ASN K 203 -36.39 -21.97 18.75
C ASN K 203 -36.04 -22.59 20.11
N TYR K 204 -36.49 -21.94 21.18
CA TYR K 204 -36.06 -22.27 22.51
C TYR K 204 -37.24 -21.88 23.40
N GLN K 205 -37.68 -22.81 24.26
CA GLN K 205 -38.50 -22.47 25.41
C GLN K 205 -38.16 -23.41 26.55
N GLN K 206 -37.99 -22.81 27.72
CA GLN K 206 -37.61 -23.53 28.90
C GLN K 206 -38.18 -22.78 30.05
N SER K 207 -38.44 -23.54 31.10
CA SER K 207 -38.96 -23.09 32.35
C SER K 207 -37.92 -23.29 33.46
N PHE K 208 -37.89 -22.39 34.45
CA PHE K 208 -36.95 -22.51 35.58
C PHE K 208 -37.69 -22.19 36.83
N VAL K 209 -37.52 -23.05 37.84
CA VAL K 209 -38.17 -22.85 39.12
C VAL K 209 -37.01 -22.74 40.05
N PRO K 210 -36.89 -21.62 40.79
CA PRO K 210 -35.85 -21.63 41.78
C PRO K 210 -36.10 -22.76 42.81
N SER K 211 -35.05 -23.26 43.40
CA SER K 211 -35.20 -24.26 44.42
C SER K 211 -34.45 -23.80 45.63
N PRO K 212 -35.15 -23.09 46.50
CA PRO K 212 -34.51 -22.71 47.75
C PRO K 212 -34.15 -23.91 48.64
N GLY K 213 -33.16 -23.73 49.51
CA GLY K 213 -32.79 -24.79 50.40
C GLY K 213 -31.37 -24.69 50.84
N ALA K 214 -31.13 -25.28 52.00
CA ALA K 214 -29.88 -25.08 52.69
C ALA K 214 -28.80 -25.89 51.99
N ARG K 215 -27.60 -25.28 51.97
CA ARG K 215 -26.43 -25.86 51.38
C ARG K 215 -25.28 -25.14 52.03
N PRO K 216 -24.05 -25.59 51.74
CA PRO K 216 -22.89 -25.02 52.41
C PRO K 216 -22.65 -23.56 52.01
N GLN K 217 -22.13 -22.81 52.97
CA GLN K 217 -21.66 -21.47 52.75
C GLN K 217 -20.49 -21.48 51.81
N VAL K 218 -20.55 -20.62 50.80
CA VAL K 218 -19.41 -20.30 49.97
C VAL K 218 -19.32 -18.76 50.11
N ASN K 219 -18.18 -18.24 50.55
CA ASN K 219 -18.01 -16.79 50.78
C ASN K 219 -18.98 -16.32 51.84
N GLY K 220 -19.23 -17.14 52.85
CA GLY K 220 -20.26 -16.87 53.84
C GLY K 220 -21.70 -16.94 53.35
N LEU K 221 -21.94 -17.28 52.08
CA LEU K 221 -23.32 -17.36 51.55
C LEU K 221 -23.78 -18.76 51.11
N SER K 222 -25.02 -19.06 51.44
CA SER K 222 -25.58 -20.33 51.12
C SER K 222 -26.48 -20.29 49.90
N GLY K 223 -26.81 -19.10 49.42
CA GLY K 223 -27.54 -18.92 48.17
C GLY K 223 -26.68 -19.17 46.96
N ARG K 224 -27.31 -19.41 45.81
CA ARG K 224 -26.61 -19.63 44.55
C ARG K 224 -27.32 -18.83 43.47
N ILE K 225 -26.55 -18.35 42.51
CA ILE K 225 -27.08 -17.83 41.25
C ILE K 225 -26.49 -18.58 40.15
N ASP K 226 -27.30 -19.35 39.46
CA ASP K 226 -26.81 -20.02 38.29
C ASP K 226 -27.20 -19.35 36.93
N PHE K 227 -26.23 -19.37 36.02
CA PHE K 227 -26.33 -18.71 34.79
C PHE K 227 -26.61 -19.66 33.64
N HIS K 228 -27.50 -19.22 32.75
CA HIS K 228 -27.92 -19.93 31.55
C HIS K 228 -27.77 -19.05 30.35
N TRP K 229 -27.55 -19.66 29.20
CA TRP K 229 -27.30 -18.87 27.98
C TRP K 229 -27.99 -19.49 26.77
N LEU K 230 -28.17 -18.68 25.74
CA LEU K 230 -28.61 -19.13 24.41
C LEU K 230 -28.04 -18.15 23.37
N MET K 231 -28.01 -18.63 22.15
CA MET K 231 -27.56 -17.90 20.96
C MET K 231 -28.83 -17.45 20.24
N LEU K 232 -29.08 -16.15 20.18
CA LEU K 232 -30.32 -15.61 19.59
C LEU K 232 -29.99 -15.23 18.16
N ASN K 233 -30.68 -15.88 17.22
CA ASN K 233 -30.49 -15.63 15.80
C ASN K 233 -30.84 -14.21 15.35
N PRO K 234 -30.11 -13.71 14.33
CA PRO K 234 -30.48 -12.42 13.69
C PRO K 234 -31.97 -12.35 13.42
N ASN K 235 -32.57 -11.23 13.77
CA ASN K 235 -33.97 -10.97 13.59
C ASN K 235 -34.92 -11.71 14.56
N ASP K 236 -34.40 -12.63 15.40
CA ASP K 236 -35.26 -13.36 16.35
C ASP K 236 -35.37 -12.53 17.64
N THR K 237 -36.40 -12.86 18.42
CA THR K 237 -36.68 -12.22 19.71
C THR K 237 -36.63 -13.24 20.85
N VAL K 238 -36.09 -12.80 21.99
CA VAL K 238 -36.12 -13.59 23.20
C VAL K 238 -37.04 -12.87 24.17
N THR K 239 -37.85 -13.63 24.88
CA THR K 239 -38.83 -13.10 25.80
C THR K 239 -38.73 -13.79 27.13
N PHE K 240 -38.63 -12.97 28.17
CA PHE K 240 -38.46 -13.48 29.52
C PHE K 240 -39.75 -13.17 30.24
N SER K 241 -40.31 -14.16 30.94
CA SER K 241 -41.50 -13.94 31.74
C SER K 241 -41.23 -14.45 33.17
N PHE K 242 -41.55 -13.68 34.20
CA PHE K 242 -41.06 -14.02 35.51
C PHE K 242 -41.77 -13.27 36.60
N ASN K 243 -41.81 -13.83 37.80
CA ASN K 243 -42.38 -13.16 38.95
C ASN K 243 -41.41 -13.16 40.13
N GLY K 244 -40.11 -13.31 39.84
CA GLY K 244 -39.10 -13.25 40.85
C GLY K 244 -37.99 -14.26 40.58
N ALA K 245 -36.99 -14.24 41.45
CA ALA K 245 -35.81 -15.10 41.37
C ALA K 245 -35.04 -15.04 40.07
N PHE K 246 -35.17 -13.90 39.41
CA PHE K 246 -34.68 -13.70 38.08
C PHE K 246 -33.60 -12.64 38.11
N ILE K 247 -32.46 -12.98 37.52
CA ILE K 247 -31.33 -12.11 37.42
C ILE K 247 -31.25 -11.73 35.96
N ALA K 248 -31.65 -10.49 35.67
CA ALA K 248 -31.93 -10.08 34.31
C ALA K 248 -30.70 -9.54 33.64
N PRO K 249 -30.47 -9.87 32.36
CA PRO K 249 -29.39 -9.25 31.62
C PRO K 249 -29.69 -7.74 31.33
N ASP K 250 -28.62 -6.94 31.39
CA ASP K 250 -28.58 -5.55 30.92
C ASP K 250 -28.16 -5.48 29.49
N ARG K 251 -27.29 -6.39 29.09
CA ARG K 251 -26.69 -6.34 27.80
C ARG K 251 -26.51 -7.68 27.12
N ALA K 252 -26.56 -7.68 25.77
CA ALA K 252 -26.22 -8.85 24.99
C ALA K 252 -24.79 -8.77 24.49
N SER K 253 -24.21 -9.91 24.17
CA SER K 253 -22.86 -9.95 23.65
C SER K 253 -22.83 -10.45 22.21
N PHE K 254 -21.96 -9.88 21.38
CA PHE K 254 -21.69 -10.33 20.02
C PHE K 254 -20.21 -10.63 19.91
N LEU K 255 -19.87 -11.69 19.19
CA LEU K 255 -18.50 -12.13 19.05
C LEU K 255 -17.79 -11.25 18.00
N ARG K 256 -16.51 -10.97 18.16
CA ARG K 256 -15.84 -10.02 17.32
C ARG K 256 -15.21 -10.60 16.07
N GLY K 257 -14.61 -11.78 16.14
CA GLY K 257 -13.84 -12.29 15.00
C GLY K 257 -13.28 -13.65 15.29
N LYS K 258 -11.97 -13.72 15.48
CA LYS K 258 -11.28 -15.00 15.61
C LYS K 258 -10.17 -14.89 16.64
N SER K 259 -9.99 -15.93 17.43
CA SER K 259 -8.91 -15.96 18.40
C SER K 259 -8.61 -17.38 18.71
N MET K 260 -7.58 -17.56 19.49
CA MET K 260 -7.26 -18.87 20.06
C MET K 260 -7.19 -18.68 21.60
N GLY K 261 -7.65 -19.67 22.38
CA GLY K 261 -7.63 -19.57 23.80
C GLY K 261 -6.82 -20.67 24.42
N ILE K 262 -6.02 -20.32 25.43
CA ILE K 262 -5.29 -21.34 26.13
C ILE K 262 -5.45 -21.22 27.63
N GLN K 263 -5.03 -22.28 28.32
CA GLN K 263 -4.97 -22.30 29.74
C GLN K 263 -3.53 -22.39 30.12
N SER K 264 -3.04 -21.53 30.99
CA SER K 264 -1.59 -21.54 31.29
C SER K 264 -1.22 -21.06 32.69
N GLY K 265 -0.11 -21.59 33.20
CA GLY K 265 0.44 -21.17 34.49
C GLY K 265 1.78 -20.43 34.37
N VAL K 266 2.23 -20.00 33.18
CA VAL K 266 3.50 -19.24 33.08
C VAL K 266 3.26 -17.84 32.52
N GLN K 267 4.25 -16.97 32.67
CA GLN K 267 4.17 -15.59 32.18
C GLN K 267 4.16 -15.43 30.68
N VAL K 268 3.62 -14.28 30.27
CA VAL K 268 3.55 -13.87 28.89
C VAL K 268 4.93 -13.31 28.56
N ASP K 269 5.34 -13.46 27.31
CA ASP K 269 6.54 -12.83 26.82
C ASP K 269 6.30 -12.28 25.42
N ALA K 270 6.10 -10.97 25.35
CA ALA K 270 5.73 -10.31 24.09
C ALA K 270 6.92 -10.16 23.14
N ASN K 271 8.11 -10.59 23.57
CA ASN K 271 9.29 -10.52 22.74
C ASN K 271 9.61 -11.76 21.89
N CYS K 272 9.01 -12.91 22.21
CA CYS K 272 9.19 -14.14 21.44
C CYS K 272 7.91 -14.48 20.70
N GLU K 273 8.05 -14.99 19.47
CA GLU K 273 6.91 -15.34 18.64
C GLU K 273 6.67 -16.85 18.70
N GLY K 274 5.43 -17.28 18.59
CA GLY K 274 5.18 -18.72 18.63
C GLY K 274 3.74 -18.99 18.29
N ASP K 275 3.45 -20.26 18.00
CA ASP K 275 2.13 -20.71 17.58
C ASP K 275 1.64 -21.98 18.25
N CYS K 276 2.47 -22.63 19.08
CA CYS K 276 2.12 -23.93 19.70
C CYS K 276 2.26 -23.76 21.19
N TYR K 277 1.13 -23.86 21.89
CA TYR K 277 1.11 -23.55 23.29
C TYR K 277 0.61 -24.69 24.12
N HIS K 278 1.12 -24.79 25.33
CA HIS K 278 0.49 -25.67 26.30
C HIS K 278 0.54 -24.97 27.64
N SER K 279 0.06 -25.61 28.71
CA SER K 279 -0.03 -24.85 29.96
C SER K 279 1.35 -24.38 30.48
N GLY K 280 2.40 -25.13 30.17
CA GLY K 280 3.73 -24.88 30.69
C GLY K 280 4.56 -24.01 29.74
N GLY K 281 4.00 -23.52 28.65
CA GLY K 281 4.80 -22.66 27.75
C GLY K 281 4.51 -22.77 26.27
N THR K 282 5.55 -22.60 25.47
CA THR K 282 5.45 -22.48 24.03
C THR K 282 6.47 -23.43 23.44
N ILE K 283 6.02 -24.20 22.44
CA ILE K 283 6.89 -25.12 21.76
C ILE K 283 7.29 -24.47 20.46
N ILE K 284 8.53 -23.95 20.39
CA ILE K 284 9.05 -23.33 19.18
C ILE K 284 9.94 -24.36 18.50
N SER K 285 9.53 -24.84 17.34
CA SER K 285 10.16 -25.96 16.72
C SER K 285 9.69 -26.06 15.33
N ASN K 286 10.58 -26.55 14.47
CA ASN K 286 10.16 -27.10 13.16
C ASN K 286 10.12 -28.63 13.07
N LEU K 287 10.39 -29.31 14.17
CA LEU K 287 10.43 -30.75 14.12
C LEU K 287 9.04 -31.23 13.88
N PRO K 288 8.91 -32.38 13.21
CA PRO K 288 7.54 -32.88 12.98
C PRO K 288 6.87 -33.48 14.19
N PHE K 289 7.65 -33.80 15.22
CA PHE K 289 7.07 -34.46 16.41
C PHE K 289 7.46 -33.76 17.68
N GLN K 290 6.68 -33.98 18.76
CA GLN K 290 7.04 -33.45 20.08
C GLN K 290 6.61 -34.41 21.18
N ASN K 291 7.40 -34.44 22.26
CA ASN K 291 7.10 -35.29 23.41
C ASN K 291 6.91 -34.45 24.71
N ILE K 292 6.41 -33.21 24.56
CA ILE K 292 6.29 -32.28 25.68
C ILE K 292 4.90 -32.36 26.34
N ASP K 293 3.83 -32.24 25.54
CA ASP K 293 2.47 -32.18 26.08
C ASP K 293 1.46 -32.62 25.03
N SER K 294 0.76 -33.71 25.30
CA SER K 294 -0.20 -34.25 24.34
C SER K 294 -1.39 -33.35 24.17
N ARG K 295 -1.53 -32.30 24.98
CA ARG K 295 -2.75 -31.46 24.80
C ARG K 295 -2.36 -30.09 24.25
N ALA K 296 -1.14 -29.97 23.74
CA ALA K 296 -0.65 -28.71 23.18
C ALA K 296 -1.60 -28.25 22.11
N VAL K 297 -1.78 -26.95 21.91
CA VAL K 297 -2.71 -26.46 20.91
C VAL K 297 -2.15 -25.35 20.10
N GLY K 298 -2.80 -25.05 18.99
CA GLY K 298 -2.32 -24.08 17.99
C GLY K 298 -1.84 -24.92 16.81
N LYS K 299 -0.69 -24.52 16.23
CA LYS K 299 -0.10 -25.25 15.07
C LYS K 299 1.18 -25.89 15.59
N CYS K 300 1.13 -27.20 15.77
CA CYS K 300 2.03 -27.92 16.61
C CYS K 300 2.66 -29.11 15.86
N PRO K 301 3.93 -29.45 16.15
CA PRO K 301 4.38 -30.82 15.87
C PRO K 301 3.40 -31.85 16.47
N ARG K 302 3.34 -33.06 15.94
CA ARG K 302 2.41 -34.07 16.53
C ARG K 302 3.00 -34.73 17.73
N TYR K 303 2.18 -34.91 18.73
CA TYR K 303 2.60 -35.52 19.95
C TYR K 303 2.92 -37.01 19.72
N VAL K 304 4.07 -37.46 20.22
CA VAL K 304 4.37 -38.87 20.22
C VAL K 304 4.83 -39.28 21.59
N LYS K 305 4.77 -40.56 21.85
CA LYS K 305 5.14 -41.15 23.14
C LYS K 305 6.66 -41.23 23.36
N GLN K 306 7.42 -41.29 22.27
CA GLN K 306 8.86 -41.55 22.40
C GLN K 306 9.53 -40.21 22.70
N ARG K 307 10.56 -40.25 23.53
CA ARG K 307 11.32 -39.06 23.85
C ARG K 307 12.28 -38.67 22.72
N SER K 308 12.72 -39.63 21.93
CA SER K 308 13.74 -39.36 20.93
C SER K 308 13.68 -40.31 19.77
N LEU K 309 13.79 -39.79 18.54
CA LEU K 309 13.90 -40.59 17.35
C LEU K 309 14.88 -39.93 16.37
N LEU K 310 16.06 -40.52 16.21
CA LEU K 310 17.11 -39.87 15.46
C LEU K 310 17.04 -40.21 14.01
N LEU K 311 17.14 -39.16 13.22
CA LEU K 311 17.16 -39.29 11.80
C LEU K 311 18.61 -39.20 11.31
N ALA K 312 19.05 -40.18 10.53
CA ALA K 312 20.44 -40.16 10.04
C ALA K 312 20.60 -39.07 9.03
N THR K 313 21.64 -38.28 9.19
CA THR K 313 22.00 -37.25 8.19
C THR K 313 23.39 -37.53 7.62
N GLY K 314 23.84 -38.76 7.77
CA GLY K 314 25.13 -39.16 7.13
C GLY K 314 25.13 -40.65 6.89
N MET K 315 26.23 -41.14 6.31
CA MET K 315 26.41 -42.49 5.97
C MET K 315 26.74 -43.34 7.19
N LYS K 316 26.68 -44.65 7.01
CA LYS K 316 27.13 -45.62 8.04
C LYS K 316 28.53 -45.27 8.45
N ASN K 317 28.82 -45.37 9.76
CA ASN K 317 30.11 -45.00 10.23
C ASN K 317 30.89 -46.28 10.38
N VAL K 318 32.01 -46.37 9.65
CA VAL K 318 32.82 -47.57 9.68
C VAL K 318 34.26 -47.21 10.03
N PRO K 319 34.57 -47.11 11.33
CA PRO K 319 35.92 -46.65 11.71
C PRO K 319 36.96 -47.77 11.56
N GLU K 320 38.24 -47.45 11.61
CA GLU K 320 39.23 -48.50 11.95
C GLU K 320 39.67 -48.40 13.41
N PHE L 3 51.54 -49.22 9.04
CA PHE L 3 52.42 -49.88 8.03
C PHE L 3 52.65 -49.07 6.75
N GLY L 4 52.11 -47.85 6.68
CA GLY L 4 52.19 -46.99 5.51
C GLY L 4 51.37 -47.54 4.35
N ALA L 5 50.50 -48.51 4.62
CA ALA L 5 49.73 -49.15 3.53
C ALA L 5 48.42 -48.39 3.33
N ILE L 6 47.74 -48.80 2.28
CA ILE L 6 46.55 -48.13 1.83
C ILE L 6 45.43 -49.08 1.41
N ALA L 7 44.20 -48.76 1.76
CA ALA L 7 43.04 -49.58 1.39
C ALA L 7 41.77 -48.73 1.24
N GLY L 8 40.78 -49.31 0.56
CA GLY L 8 39.59 -48.60 0.16
C GLY L 8 38.37 -48.94 0.94
N PHE L 9 37.23 -48.57 0.40
CA PHE L 9 35.98 -48.60 1.12
C PHE L 9 35.53 -49.99 1.52
N ILE L 10 35.98 -51.03 0.84
CA ILE L 10 35.49 -52.37 1.21
C ILE L 10 35.94 -52.76 2.61
N GLU L 11 37.10 -52.28 3.04
CA GLU L 11 37.61 -52.53 4.41
C GLU L 11 36.98 -51.62 5.44
N ASN L 12 37.09 -50.30 5.23
CA ASN L 12 36.51 -49.37 6.17
C ASN L 12 36.52 -47.95 5.64
N GLY L 13 35.99 -47.03 6.42
CA GLY L 13 35.98 -45.59 6.08
C GLY L 13 37.31 -44.98 6.55
N TRP L 14 37.55 -43.75 6.12
CA TRP L 14 38.75 -43.02 6.40
C TRP L 14 38.46 -41.84 7.35
N GLU L 15 38.97 -41.91 8.58
CA GLU L 15 38.82 -40.80 9.54
C GLU L 15 39.55 -39.55 9.08
N GLY L 16 40.61 -39.72 8.28
CA GLY L 16 41.38 -38.59 7.81
C GLY L 16 40.77 -37.83 6.66
N LEU L 17 39.70 -38.35 6.04
CA LEU L 17 39.03 -37.64 4.97
C LEU L 17 38.04 -36.63 5.56
N ILE L 18 38.45 -35.37 5.67
CA ILE L 18 37.68 -34.37 6.42
C ILE L 18 37.08 -33.30 5.51
N ASP L 19 37.48 -33.29 4.24
CA ASP L 19 37.03 -32.30 3.21
C ASP L 19 35.84 -32.78 2.42
N GLY L 20 35.27 -33.95 2.74
CA GLY L 20 34.27 -34.54 1.85
C GLY L 20 33.79 -35.92 2.33
N TRP L 21 32.80 -36.45 1.63
CA TRP L 21 32.21 -37.75 2.04
C TRP L 21 32.85 -38.89 1.36
N TYR L 22 33.28 -38.67 0.14
CA TYR L 22 33.96 -39.63 -0.67
C TYR L 22 35.24 -39.05 -1.22
N GLY L 23 36.20 -39.93 -1.53
CA GLY L 23 37.49 -39.48 -2.01
C GLY L 23 38.43 -40.54 -2.57
N PHE L 24 39.61 -40.08 -2.97
CA PHE L 24 40.66 -40.87 -3.63
C PHE L 24 41.93 -40.81 -2.81
N ARG L 25 42.54 -41.96 -2.60
CA ARG L 25 43.79 -42.06 -1.91
C ARG L 25 44.73 -42.86 -2.79
N HIS L 26 45.92 -42.35 -3.01
CA HIS L 26 46.82 -42.94 -3.98
C HIS L 26 48.19 -43.18 -3.36
N GLN L 27 48.98 -44.01 -4.03
CA GLN L 27 50.32 -44.34 -3.64
C GLN L 27 51.07 -44.54 -4.94
N ASN L 28 52.19 -43.82 -5.06
CA ASN L 28 53.10 -43.92 -6.16
C ASN L 28 54.51 -43.66 -5.65
N ALA L 29 55.47 -43.55 -6.56
CA ALA L 29 56.87 -43.34 -6.20
C ALA L 29 57.03 -42.01 -5.40
N GLN L 30 56.26 -40.99 -5.72
CA GLN L 30 56.34 -39.74 -4.96
C GLN L 30 55.72 -39.76 -3.56
N GLY L 31 54.93 -40.78 -3.25
CA GLY L 31 54.33 -40.91 -1.90
C GLY L 31 52.85 -41.23 -1.93
N GLU L 32 52.14 -40.77 -0.91
CA GLU L 32 50.75 -41.05 -0.72
C GLU L 32 50.05 -39.68 -0.77
N GLY L 33 48.77 -39.68 -1.14
CA GLY L 33 47.93 -38.50 -0.93
C GLY L 33 46.46 -38.85 -1.02
N THR L 34 45.64 -37.93 -0.48
CA THR L 34 44.18 -38.10 -0.39
C THR L 34 43.51 -36.82 -0.82
N ALA L 35 42.45 -36.94 -1.64
CA ALA L 35 41.63 -35.81 -2.01
C ALA L 35 40.17 -36.19 -2.09
N ALA L 36 39.32 -35.27 -1.68
CA ALA L 36 37.85 -35.45 -1.73
C ALA L 36 37.37 -35.37 -3.15
N ASP L 37 36.32 -36.11 -3.47
CA ASP L 37 35.57 -35.94 -4.71
C ASP L 37 34.34 -35.05 -4.44
N TYR L 38 34.32 -33.88 -5.10
CA TYR L 38 33.39 -32.85 -4.78
C TYR L 38 32.00 -33.25 -5.29
N LYS L 39 31.94 -33.79 -6.51
CA LYS L 39 30.68 -34.14 -7.14
C LYS L 39 29.87 -35.21 -6.38
N SER L 40 30.48 -36.35 -6.05
CA SER L 40 29.76 -37.43 -5.35
C SER L 40 29.37 -36.95 -3.95
N THR L 41 30.24 -36.17 -3.33
CA THR L 41 29.96 -35.63 -2.02
C THR L 41 28.69 -34.78 -2.08
N GLN L 42 28.60 -33.94 -3.12
CA GLN L 42 27.55 -32.94 -3.20
C GLN L 42 26.25 -33.58 -3.59
N SER L 43 26.33 -34.58 -4.48
CA SER L 43 25.18 -35.39 -4.78
C SER L 43 24.58 -36.05 -3.53
N ALA L 44 25.41 -36.62 -2.64
CA ALA L 44 24.88 -37.22 -1.41
C ALA L 44 24.29 -36.16 -0.45
N ILE L 45 25.04 -35.07 -0.23
CA ILE L 45 24.52 -34.04 0.65
C ILE L 45 23.16 -33.53 0.15
N ASP L 46 23.03 -33.34 -1.15
CA ASP L 46 21.79 -32.79 -1.70
C ASP L 46 20.58 -33.70 -1.49
N GLN L 47 20.81 -35.02 -1.57
CA GLN L 47 19.76 -35.95 -1.26
C GLN L 47 19.34 -35.95 0.19
N ILE L 48 20.29 -35.79 1.10
CA ILE L 48 19.99 -35.65 2.55
C ILE L 48 19.24 -34.35 2.84
N THR L 49 19.71 -33.26 2.24
CA THR L 49 19.06 -31.97 2.36
C THR L 49 17.61 -32.06 1.86
N GLY L 50 17.41 -32.79 0.75
CA GLY L 50 16.05 -33.02 0.20
C GLY L 50 15.14 -33.73 1.19
N LYS L 51 15.68 -34.79 1.84
CA LYS L 51 14.95 -35.46 2.93
C LYS L 51 14.58 -34.51 4.06
N LEU L 52 15.56 -33.75 4.50
CA LEU L 52 15.32 -32.86 5.62
C LEU L 52 14.23 -31.81 5.29
N ASN L 53 14.27 -31.27 4.07
CA ASN L 53 13.26 -30.31 3.64
C ASN L 53 11.86 -30.92 3.74
N ARG L 54 11.71 -32.16 3.31
CA ARG L 54 10.43 -32.85 3.43
C ARG L 54 10.06 -33.18 4.88
N LEU L 55 11.03 -33.57 5.71
CA LEU L 55 10.67 -34.07 7.07
C LEU L 55 10.62 -33.01 8.17
N ILE L 56 11.32 -31.90 7.97
CA ILE L 56 11.30 -30.74 8.88
C ILE L 56 10.13 -29.77 8.62
N GLU L 57 8.99 -30.33 8.25
CA GLU L 57 7.80 -29.57 7.91
C GLU L 57 7.07 -29.24 9.22
N LYS L 58 6.25 -28.20 9.13
CA LYS L 58 5.29 -27.77 10.16
C LYS L 58 3.92 -28.19 9.65
N THR L 59 3.03 -28.70 10.51
CA THR L 59 1.62 -28.71 10.07
C THR L 59 1.10 -27.27 10.01
N ASN L 60 0.21 -26.99 9.06
CA ASN L 60 -0.52 -25.72 9.06
C ASN L 60 -1.89 -25.82 9.75
N GLN L 61 -2.24 -27.01 10.24
CA GLN L 61 -3.58 -27.20 10.82
C GLN L 61 -3.56 -26.72 12.25
N GLN L 62 -4.55 -25.90 12.58
CA GLN L 62 -4.72 -25.39 13.93
C GLN L 62 -5.66 -26.30 14.70
N PHE L 63 -5.31 -26.63 15.93
CA PHE L 63 -6.24 -27.33 16.82
C PHE L 63 -6.52 -26.52 18.06
N GLU L 64 -7.72 -26.69 18.59
CA GLU L 64 -8.20 -25.98 19.75
C GLU L 64 -8.43 -26.92 20.89
N LEU L 65 -8.58 -26.33 22.07
CA LEU L 65 -8.90 -27.09 23.25
C LEU L 65 -10.28 -27.72 23.13
N ILE L 66 -10.39 -28.99 23.47
CA ILE L 66 -11.70 -29.61 23.61
C ILE L 66 -11.92 -30.10 25.02
N ASP L 67 -10.90 -29.82 25.83
CA ASP L 67 -10.73 -30.27 27.18
C ASP L 67 -10.48 -29.12 28.12
N ASN L 68 -10.48 -29.37 29.43
CA ASN L 68 -10.24 -28.31 30.47
C ASN L 68 -9.39 -28.81 31.65
N GLU L 69 -8.18 -28.26 31.74
CA GLU L 69 -7.17 -28.63 32.71
C GLU L 69 -7.46 -28.06 34.11
N PHE L 70 -8.31 -27.07 34.21
CA PHE L 70 -8.58 -26.41 35.50
C PHE L 70 -9.90 -26.87 36.09
N ASN L 71 -10.88 -27.06 35.23
CA ASN L 71 -12.24 -27.45 35.66
C ASN L 71 -12.71 -28.63 34.78
N GLU L 72 -12.60 -29.84 35.31
CA GLU L 72 -12.67 -31.05 34.49
C GLU L 72 -14.03 -31.12 33.71
N VAL L 73 -13.99 -31.45 32.43
CA VAL L 73 -15.26 -31.76 31.71
C VAL L 73 -16.04 -32.99 32.31
N GLU L 74 -17.29 -33.11 31.92
CA GLU L 74 -18.16 -34.21 32.27
C GLU L 74 -17.49 -35.53 31.90
N LYS L 75 -17.63 -36.52 32.74
CA LYS L 75 -16.78 -37.70 32.67
C LYS L 75 -17.00 -38.54 31.42
N GLN L 76 -18.23 -38.66 30.95
CA GLN L 76 -18.48 -39.48 29.77
C GLN L 76 -17.79 -38.88 28.54
N ILE L 77 -18.05 -37.61 28.28
CA ILE L 77 -17.39 -36.96 27.13
C ILE L 77 -15.87 -36.95 27.35
N GLY L 78 -15.41 -36.77 28.59
CA GLY L 78 -13.94 -36.73 28.89
C GLY L 78 -13.30 -38.04 28.54
N ASN L 79 -13.97 -39.16 28.86
CA ASN L 79 -13.43 -40.50 28.48
C ASN L 79 -13.42 -40.70 26.98
N VAL L 80 -14.45 -40.23 26.27
CA VAL L 80 -14.41 -40.33 24.82
C VAL L 80 -13.24 -39.55 24.20
N ILE L 81 -13.07 -38.34 24.68
CA ILE L 81 -11.98 -37.50 24.24
C ILE L 81 -10.64 -38.18 24.49
N ASN L 82 -10.45 -38.71 25.69
CA ASN L 82 -9.15 -39.29 26.04
C ASN L 82 -8.90 -40.55 25.26
N TRP L 83 -9.94 -41.35 25.02
CA TRP L 83 -9.75 -42.56 24.18
C TRP L 83 -9.37 -42.15 22.77
N THR L 84 -10.05 -41.14 22.27
CA THR L 84 -9.70 -40.66 20.91
C THR L 84 -8.27 -40.10 20.88
N ARG L 85 -7.92 -39.25 21.86
CA ARG L 85 -6.58 -38.64 21.88
C ARG L 85 -5.48 -39.72 21.97
N ASP L 86 -5.66 -40.71 22.83
CA ASP L 86 -4.70 -41.81 22.95
C ASP L 86 -4.65 -42.68 21.72
N SER L 87 -5.75 -42.83 20.99
CA SER L 87 -5.68 -43.60 19.75
C SER L 87 -4.90 -42.88 18.71
N ILE L 88 -5.09 -41.55 18.60
CA ILE L 88 -4.31 -40.71 17.69
C ILE L 88 -2.85 -40.75 18.04
N THR L 89 -2.53 -40.54 19.30
CA THR L 89 -1.16 -40.67 19.72
C THR L 89 -0.49 -42.03 19.35
N GLU L 90 -1.22 -43.15 19.46
CA GLU L 90 -0.67 -44.45 19.00
C GLU L 90 -0.34 -44.42 17.52
N VAL L 91 -1.23 -43.86 16.72
CA VAL L 91 -0.98 -43.72 15.31
C VAL L 91 0.26 -42.91 14.99
N TRP L 92 0.36 -41.71 15.55
CA TRP L 92 1.52 -40.89 15.32
C TRP L 92 2.81 -41.46 15.86
N SER L 93 2.79 -42.07 17.00
CA SER L 93 4.00 -42.73 17.50
C SER L 93 4.50 -43.85 16.58
N TYR L 94 3.57 -44.63 16.05
CA TYR L 94 3.89 -45.68 15.11
C TYR L 94 4.39 -45.11 13.80
N ASN L 95 3.75 -44.06 13.30
CA ASN L 95 4.21 -43.43 12.05
C ASN L 95 5.60 -42.82 12.24
N ALA L 96 5.84 -42.16 13.35
CA ALA L 96 7.13 -41.53 13.59
C ALA L 96 8.28 -42.56 13.69
N GLU L 97 8.07 -43.64 14.42
CA GLU L 97 9.07 -44.73 14.47
C GLU L 97 9.35 -45.33 13.09
N LEU L 98 8.28 -45.58 12.34
CA LEU L 98 8.43 -46.15 11.02
C LEU L 98 9.09 -45.18 10.01
N LEU L 99 8.68 -43.92 10.07
CA LEU L 99 9.28 -42.93 9.21
C LEU L 99 10.80 -42.90 9.37
N VAL L 100 11.26 -42.89 10.61
CA VAL L 100 12.68 -42.75 10.83
C VAL L 100 13.44 -44.05 10.48
N ALA L 101 12.88 -45.20 10.82
CA ALA L 101 13.57 -46.44 10.51
C ALA L 101 13.68 -46.61 8.99
N MET L 102 12.61 -46.29 8.28
CA MET L 102 12.59 -46.39 6.84
C MET L 102 13.56 -45.37 6.19
N GLU L 103 13.50 -44.13 6.63
CA GLU L 103 14.37 -43.13 6.06
C GLU L 103 15.82 -43.41 6.32
N ASN L 104 16.13 -43.93 7.50
CA ASN L 104 17.51 -44.23 7.84
C ASN L 104 18.04 -45.37 7.00
N GLN L 105 17.23 -46.40 6.79
CA GLN L 105 17.60 -47.49 5.89
C GLN L 105 17.89 -46.94 4.49
N HIS L 106 17.05 -46.06 4.00
CA HIS L 106 17.24 -45.48 2.68
C HIS L 106 18.50 -44.58 2.59
N THR L 107 18.70 -43.74 3.59
CA THR L 107 19.84 -42.89 3.68
C THR L 107 21.17 -43.67 3.64
N ILE L 108 21.26 -44.70 4.46
CA ILE L 108 22.42 -45.57 4.44
C ILE L 108 22.65 -46.25 3.11
N ASP L 109 21.61 -46.77 2.48
CA ASP L 109 21.73 -47.47 1.19
C ASP L 109 22.09 -46.50 0.06
N LEU L 110 21.52 -45.34 0.14
CA LEU L 110 21.85 -44.29 -0.83
C LEU L 110 23.32 -43.83 -0.76
N ALA L 111 23.85 -43.72 0.45
CA ALA L 111 25.22 -43.28 0.60
C ALA L 111 26.22 -44.32 0.02
N ASP L 112 25.96 -45.59 0.28
CA ASP L 112 26.73 -46.71 -0.27
C ASP L 112 26.64 -46.79 -1.79
N SER L 113 25.46 -46.55 -2.31
CA SER L 113 25.27 -46.54 -3.71
C SER L 113 26.05 -45.36 -4.39
N GLU L 114 26.16 -44.20 -3.77
CA GLU L 114 27.01 -43.17 -4.31
C GLU L 114 28.51 -43.61 -4.32
N MET L 115 28.95 -44.33 -3.31
CA MET L 115 30.33 -44.87 -3.26
C MET L 115 30.53 -45.86 -4.41
N ASP L 116 29.57 -46.77 -4.63
CA ASP L 116 29.68 -47.70 -5.77
C ASP L 116 29.71 -47.03 -7.13
N LYS L 117 28.91 -45.99 -7.30
CA LYS L 117 28.90 -45.25 -8.55
C LYS L 117 30.28 -44.63 -8.83
N LEU L 118 30.90 -44.04 -7.82
CA LEU L 118 32.22 -43.43 -8.04
C LEU L 118 33.28 -44.49 -8.40
N TYR L 119 33.27 -45.56 -7.65
CA TYR L 119 34.15 -46.69 -7.92
C TYR L 119 34.00 -47.24 -9.32
N GLU L 120 32.76 -47.41 -9.77
CA GLU L 120 32.45 -47.94 -11.10
C GLU L 120 32.87 -46.97 -12.19
N ARG L 121 32.67 -45.68 -11.96
CA ARG L 121 33.17 -44.66 -12.87
C ARG L 121 34.73 -44.71 -13.06
N VAL L 122 35.47 -44.80 -11.97
CA VAL L 122 36.92 -44.92 -12.06
C VAL L 122 37.33 -46.22 -12.76
N LYS L 123 36.75 -47.34 -12.40
CA LYS L 123 37.00 -48.58 -13.12
C LYS L 123 36.90 -48.40 -14.60
N ARG L 124 35.84 -47.71 -15.06
CA ARG L 124 35.63 -47.57 -16.50
C ARG L 124 36.57 -46.56 -17.14
N GLN L 125 36.98 -45.51 -16.45
CA GLN L 125 38.11 -44.68 -16.93
C GLN L 125 39.38 -45.49 -17.15
N LEU L 126 39.68 -46.38 -16.22
CA LEU L 126 40.95 -47.12 -16.27
C LEU L 126 40.95 -48.21 -17.30
N ARG L 127 39.77 -48.72 -17.69
CA ARG L 127 39.68 -49.71 -18.77
C ARG L 127 40.64 -50.90 -18.49
N GLU L 128 41.56 -51.17 -19.42
CA GLU L 128 42.44 -52.34 -19.35
C GLU L 128 43.77 -52.04 -18.68
N ASN L 129 43.92 -50.85 -18.12
CA ASN L 129 45.20 -50.50 -17.51
C ASN L 129 45.36 -50.79 -16.05
N ALA L 130 44.32 -51.27 -15.38
CA ALA L 130 44.33 -51.55 -13.95
C ALA L 130 43.51 -52.80 -13.63
N GLU L 131 43.74 -53.38 -12.45
CA GLU L 131 42.88 -54.45 -11.92
C GLU L 131 42.41 -54.11 -10.52
N GLU L 132 41.25 -54.60 -10.15
CA GLU L 132 40.75 -54.48 -8.78
C GLU L 132 41.55 -55.33 -7.79
N ASP L 133 41.94 -54.79 -6.63
CA ASP L 133 42.60 -55.61 -5.60
C ASP L 133 41.61 -56.22 -4.57
N GLY L 134 40.33 -55.90 -4.66
CA GLY L 134 39.34 -56.37 -3.72
C GLY L 134 39.17 -55.62 -2.39
N THR L 135 39.90 -54.52 -2.18
CA THR L 135 39.65 -53.70 -0.99
C THR L 135 39.03 -52.34 -1.37
N GLY L 136 38.77 -52.15 -2.66
CA GLY L 136 38.32 -50.87 -3.14
C GLY L 136 39.41 -50.04 -3.80
N CYS L 137 40.50 -50.72 -4.17
CA CYS L 137 41.55 -50.09 -4.90
C CYS L 137 41.77 -50.71 -6.25
N PHE L 138 42.48 -49.95 -7.10
CA PHE L 138 42.94 -50.40 -8.39
C PHE L 138 44.48 -50.45 -8.39
N GLU L 139 45.03 -51.60 -8.78
CA GLU L 139 46.48 -51.75 -9.05
C GLU L 139 46.66 -51.29 -10.48
N ILE L 140 47.38 -50.18 -10.66
CA ILE L 140 47.55 -49.56 -11.93
C ILE L 140 48.84 -50.13 -12.52
N PHE L 141 48.80 -50.67 -13.73
CA PHE L 141 49.92 -51.45 -14.26
C PHE L 141 50.86 -50.60 -15.15
N HIS L 142 51.03 -49.34 -14.76
CA HIS L 142 51.96 -48.42 -15.41
C HIS L 142 52.34 -47.41 -14.35
N LYS L 143 53.42 -46.68 -14.58
CA LYS L 143 53.77 -45.62 -13.67
C LYS L 143 52.73 -44.52 -13.73
N CYS L 144 52.25 -44.08 -12.60
CA CYS L 144 51.18 -43.10 -12.56
C CYS L 144 51.53 -42.04 -11.54
N ASP L 145 52.22 -40.99 -12.00
CA ASP L 145 52.80 -40.01 -11.12
C ASP L 145 51.71 -39.07 -10.68
N ASP L 146 52.07 -37.96 -10.04
CA ASP L 146 51.07 -37.17 -9.37
C ASP L 146 50.12 -36.55 -10.37
N ASP L 147 50.65 -36.18 -11.51
CA ASP L 147 49.83 -35.56 -12.55
C ASP L 147 48.89 -36.61 -13.13
N CYS L 148 49.40 -37.80 -13.38
CA CYS L 148 48.53 -38.90 -13.83
C CYS L 148 47.39 -39.22 -12.82
N MET L 149 47.72 -39.28 -11.52
CA MET L 149 46.73 -39.46 -10.49
C MET L 149 45.64 -38.36 -10.55
N ALA L 150 46.08 -37.10 -10.63
CA ALA L 150 45.14 -35.98 -10.77
C ALA L 150 44.22 -36.13 -12.00
N SER L 151 44.74 -36.61 -13.12
CA SER L 151 43.91 -36.83 -14.30
C SER L 151 42.82 -37.92 -14.03
N ILE L 152 43.11 -38.89 -13.14
CA ILE L 152 42.11 -39.90 -12.80
C ILE L 152 41.05 -39.23 -11.97
N ARG L 153 41.45 -38.46 -10.98
CA ARG L 153 40.50 -37.75 -10.16
C ARG L 153 39.59 -36.78 -10.93
N ASN L 154 40.10 -36.03 -11.91
CA ASN L 154 39.27 -35.05 -12.58
C ASN L 154 38.76 -35.54 -13.95
N ASN L 155 38.87 -36.83 -14.21
CA ASN L 155 38.14 -37.48 -15.27
C ASN L 155 38.66 -37.16 -16.65
N THR L 156 39.96 -36.88 -16.75
CA THR L 156 40.61 -36.65 -18.01
C THR L 156 41.69 -37.71 -18.32
N TYR L 157 41.80 -38.75 -17.49
CA TYR L 157 42.78 -39.83 -17.75
C TYR L 157 42.42 -40.48 -19.06
N ASP L 158 43.39 -40.62 -19.93
CA ASP L 158 43.18 -41.18 -21.22
C ASP L 158 43.86 -42.52 -21.25
N HIS L 159 43.04 -43.57 -21.18
CA HIS L 159 43.56 -44.90 -21.10
C HIS L 159 44.44 -45.31 -22.28
N SER L 160 44.17 -44.78 -23.46
CA SER L 160 44.91 -45.08 -24.69
C SER L 160 46.39 -44.76 -24.54
N LYS L 161 46.71 -43.72 -23.79
CA LYS L 161 48.07 -43.28 -23.66
C LYS L 161 48.92 -44.32 -22.97
N TYR L 162 48.34 -45.07 -22.06
CA TYR L 162 49.16 -46.03 -21.29
C TYR L 162 48.89 -47.49 -21.62
N ARG L 163 48.00 -47.77 -22.55
CA ARG L 163 47.46 -49.13 -22.72
C ARG L 163 48.48 -50.13 -23.14
N GLU L 164 49.32 -49.73 -24.08
CA GLU L 164 50.41 -50.57 -24.60
C GLU L 164 51.29 -51.05 -23.46
N GLU L 165 51.81 -50.12 -22.67
CA GLU L 165 52.63 -50.44 -21.49
C GLU L 165 51.85 -51.32 -20.46
N ALA L 166 50.61 -50.95 -20.18
CA ALA L 166 49.92 -51.56 -19.10
C ALA L 166 49.61 -53.01 -19.46
N MET L 167 49.09 -53.23 -20.67
CA MET L 167 48.66 -54.56 -21.07
C MET L 167 49.82 -55.54 -21.06
N GLN L 168 50.98 -55.04 -21.46
CA GLN L 168 52.18 -55.82 -21.45
C GLN L 168 52.53 -56.19 -20.02
N ASN L 169 52.47 -55.21 -19.11
CA ASN L 169 52.74 -55.49 -17.70
C ASN L 169 51.74 -56.44 -17.08
N ARG L 170 50.50 -56.43 -17.52
CA ARG L 170 49.56 -57.38 -16.97
C ARG L 170 49.88 -58.82 -17.39
N ILE L 171 50.73 -58.99 -18.41
CA ILE L 171 51.42 -60.29 -18.68
C ILE L 171 52.97 -60.21 -18.79
#